data_3PCE
#
_entry.id   3PCE
#
_cell.length_a   196.570
_cell.length_b   127.770
_cell.length_c   134.630
_cell.angle_alpha   90.00
_cell.angle_beta   97.70
_cell.angle_gamma   90.00
#
_symmetry.space_group_name_H-M   'I 1 2 1'
#
loop_
_entity.id
_entity.type
_entity.pdbx_description
1 polymer 'PROTOCATECHUATE 3,4-DIOXYGENASE'
2 polymer 'PROTOCATECHUATE 3,4-DIOXYGENASE'
3 non-polymer 'FE (III) ION'
4 non-polymer BETA-MERCAPTOETHANOL
5 non-polymer 3-HYDROXYPHENYLACETATE
6 water water
#
loop_
_entity_poly.entity_id
_entity_poly.type
_entity_poly.pdbx_seq_one_letter_code
_entity_poly.pdbx_strand_id
1 'polypeptide(L)'
;PIELLPETPSQTAGPYVHIGLALEAAGNPTRDQEIWNRLAKPDAPGEHILLLGQVYDGNGHLVRDSFLEVWQADANGEYQ
DAYNLENAFNSFGRTATTFDAGEWTLHTVKPGVVNNAAGVPMAPHINISLFARGINIHLHTRLYFDDEAQANAKCPVLNL
IEQPQRRETLIAKRCEVDGKTAYRFDIRIQGEGETVFFDF
;
A,B,C,D,E,F
2 'polypeptide(L)'
;PAQDNSRFVIRDRNWHPKALTPDYKTSIARSPRQALVSIPQSISETTGPNFSHLGFGAHDHDLLLNFNNGGLPIGERIIV
AGRVVDQYGKPVPNTLVEMWQANAGGRYRHKNDRYLAPLDPNFGGVGRCLTDSDGYYSFRTIKPGPYPWRNGPNDWRPAH
IHFGISGPSIATKLITQLYFEGDPLIPMCPIVKSIANPEAVQQLIAKLDMNNANPMDCLAYRFDIVLRGQRKTHFENC
;
M,N,O,P,Q,R
#
loop_
_chem_comp.id
_chem_comp.type
_chem_comp.name
_chem_comp.formula
3HP non-polymer 3-HYDROXYPHENYLACETATE 'C8 H8 O3'
BME non-polymer BETA-MERCAPTOETHANOL 'C2 H6 O S'
FE non-polymer 'FE (III) ION' 'Fe 3'
#
# COMPACT_ATOMS: atom_id res chain seq x y z
N PRO A 1 10.06 13.18 -26.75
CA PRO A 1 10.95 12.24 -27.39
C PRO A 1 10.42 10.82 -27.22
N ILE A 2 11.16 9.89 -27.77
CA ILE A 2 10.87 8.46 -27.67
C ILE A 2 11.53 7.97 -26.35
N GLU A 3 10.81 7.16 -25.66
CA GLU A 3 11.36 6.61 -24.35
C GLU A 3 11.15 5.09 -24.40
N LEU A 4 12.21 4.34 -24.19
CA LEU A 4 12.08 2.85 -24.21
C LEU A 4 11.72 2.43 -22.77
N LEU A 5 11.65 1.12 -22.57
CA LEU A 5 11.44 0.59 -21.19
C LEU A 5 12.78 0.99 -20.49
N PRO A 6 12.67 1.37 -19.24
CA PRO A 6 13.84 1.74 -18.45
C PRO A 6 14.53 0.41 -17.99
N GLU A 7 15.85 0.52 -17.93
CA GLU A 7 16.74 -0.58 -17.53
C GLU A 7 16.51 -0.81 -16.00
N THR A 8 16.54 -2.06 -15.63
CA THR A 8 16.44 -2.44 -14.21
C THR A 8 17.61 -1.75 -13.47
N PRO A 9 17.29 -1.07 -12.36
CA PRO A 9 18.29 -0.37 -11.57
C PRO A 9 19.31 -1.32 -10.91
N SER A 10 20.57 -0.89 -10.91
CA SER A 10 21.66 -1.64 -10.24
C SER A 10 21.53 -1.46 -8.71
N GLN A 11 22.13 -2.36 -7.96
CA GLN A 11 22.25 -2.40 -6.53
C GLN A 11 23.66 -3.03 -6.24
N THR A 12 24.18 -2.62 -5.11
CA THR A 12 25.50 -3.11 -4.67
C THR A 12 25.39 -4.65 -4.60
N ALA A 13 26.54 -5.26 -4.87
CA ALA A 13 26.65 -6.71 -4.80
C ALA A 13 26.61 -7.14 -3.31
N GLY A 14 26.98 -6.21 -2.45
CA GLY A 14 27.01 -6.45 -0.99
C GLY A 14 28.24 -7.26 -0.58
N PRO A 15 28.43 -7.37 0.74
CA PRO A 15 29.53 -8.11 1.34
C PRO A 15 29.60 -9.59 1.07
N TYR A 16 28.50 -10.25 0.78
CA TYR A 16 28.39 -11.67 0.56
C TYR A 16 28.33 -12.14 -0.86
N VAL A 17 28.79 -11.29 -1.76
CA VAL A 17 28.81 -11.65 -3.18
C VAL A 17 29.47 -13.00 -3.43
N HIS A 18 30.51 -13.31 -2.69
CA HIS A 18 31.27 -14.55 -2.83
C HIS A 18 30.42 -15.80 -2.79
N ILE A 19 29.38 -15.79 -1.96
CA ILE A 19 28.54 -16.99 -1.90
C ILE A 19 27.90 -17.31 -3.22
N GLY A 20 27.54 -16.28 -3.98
CA GLY A 20 26.89 -16.48 -5.27
C GLY A 20 27.85 -16.56 -6.43
N LEU A 21 28.93 -15.77 -6.38
CA LEU A 21 29.86 -15.72 -7.51
C LEU A 21 31.30 -16.16 -7.32
N ALA A 22 31.73 -16.51 -6.15
CA ALA A 22 33.08 -16.93 -5.80
C ALA A 22 32.97 -17.92 -4.62
N LEU A 23 32.29 -19.02 -4.92
CA LEU A 23 32.00 -20.07 -3.95
C LEU A 23 33.21 -20.42 -3.10
N GLU A 24 34.28 -20.80 -3.77
CA GLU A 24 35.54 -21.16 -3.11
C GLU A 24 35.92 -20.13 -2.06
N ALA A 25 35.85 -18.84 -2.41
CA ALA A 25 36.19 -17.75 -1.52
C ALA A 25 35.17 -17.56 -0.43
N ALA A 26 33.91 -17.84 -0.68
CA ALA A 26 32.86 -17.72 0.36
C ALA A 26 33.12 -18.82 1.43
N GLY A 27 34.08 -19.65 1.03
CA GLY A 27 34.42 -20.82 1.86
C GLY A 27 33.26 -21.83 1.80
N ASN A 28 32.67 -22.04 0.63
CA ASN A 28 31.57 -22.99 0.45
C ASN A 28 31.94 -23.99 -0.66
N PRO A 29 31.36 -25.18 -0.56
CA PRO A 29 31.58 -26.23 -1.56
C PRO A 29 31.21 -25.65 -2.93
N THR A 30 32.01 -26.02 -3.91
CA THR A 30 31.74 -25.53 -5.30
C THR A 30 31.00 -26.61 -6.07
N ARG A 31 30.53 -26.22 -7.25
CA ARG A 31 29.81 -27.06 -8.19
C ARG A 31 30.81 -27.67 -9.18
N ASP A 32 30.33 -28.58 -9.99
CA ASP A 32 31.15 -29.26 -10.99
C ASP A 32 31.91 -28.25 -11.86
N GLN A 33 31.21 -27.23 -12.31
CA GLN A 33 31.83 -26.21 -13.22
C GLN A 33 31.62 -24.81 -12.63
N GLU A 34 32.71 -24.08 -12.51
CA GLU A 34 32.73 -22.73 -11.96
C GLU A 34 33.51 -21.82 -12.91
N ILE A 35 33.15 -20.58 -12.87
CA ILE A 35 33.78 -19.51 -13.70
C ILE A 35 34.82 -18.93 -12.74
N TRP A 36 36.08 -19.16 -13.06
CA TRP A 36 37.15 -18.65 -12.14
C TRP A 36 38.24 -17.88 -12.82
N ASN A 37 39.40 -17.73 -12.19
CA ASN A 37 40.54 -16.94 -12.56
C ASN A 37 41.67 -17.51 -13.40
N ARG A 38 41.38 -18.53 -14.15
CA ARG A 38 42.30 -19.25 -15.03
C ARG A 38 41.69 -19.25 -16.44
N LEU A 39 41.99 -18.18 -17.18
CA LEU A 39 41.48 -18.02 -18.54
C LEU A 39 42.16 -18.94 -19.55
N ALA A 40 43.43 -19.22 -19.32
CA ALA A 40 44.21 -20.06 -20.23
C ALA A 40 44.83 -21.28 -19.58
N LYS A 41 44.65 -22.38 -20.31
CA LYS A 41 45.28 -23.68 -19.93
C LYS A 41 46.76 -23.51 -20.41
N PRO A 42 47.63 -24.23 -19.75
CA PRO A 42 49.07 -24.19 -20.07
C PRO A 42 49.34 -24.38 -21.55
N ASP A 43 48.48 -25.12 -22.23
CA ASP A 43 48.68 -25.37 -23.66
C ASP A 43 48.09 -24.30 -24.53
N ALA A 44 47.78 -23.15 -23.96
CA ALA A 44 47.17 -22.05 -24.77
C ALA A 44 48.25 -21.22 -25.46
N PRO A 45 48.03 -20.97 -26.74
CA PRO A 45 48.93 -20.10 -27.52
C PRO A 45 48.96 -18.68 -26.93
N GLY A 46 50.12 -18.07 -26.99
CA GLY A 46 50.37 -16.71 -26.51
C GLY A 46 51.31 -16.71 -25.32
N GLU A 47 51.67 -15.52 -24.88
CA GLU A 47 52.55 -15.34 -23.74
C GLU A 47 51.73 -15.46 -22.45
N HIS A 48 52.01 -16.50 -21.71
CA HIS A 48 51.36 -16.79 -20.44
C HIS A 48 51.89 -15.81 -19.39
N ILE A 49 50.92 -15.15 -18.75
CA ILE A 49 51.20 -14.15 -17.73
C ILE A 49 50.28 -14.32 -16.52
N LEU A 50 50.75 -13.73 -15.45
CA LEU A 50 50.08 -13.66 -14.18
C LEU A 50 49.77 -12.17 -13.87
N LEU A 51 48.50 -11.95 -13.56
CA LEU A 51 48.02 -10.62 -13.17
C LEU A 51 47.68 -10.64 -11.67
N LEU A 52 48.05 -9.52 -11.05
CA LEU A 52 47.74 -9.41 -9.59
C LEU A 52 47.57 -7.94 -9.20
N GLY A 53 46.83 -7.72 -8.14
CA GLY A 53 46.59 -6.39 -7.61
C GLY A 53 45.80 -6.37 -6.30
N GLN A 54 45.76 -5.14 -5.79
CA GLN A 54 45.03 -4.72 -4.60
C GLN A 54 44.07 -3.58 -5.00
N VAL A 55 43.02 -3.46 -4.19
CA VAL A 55 41.98 -2.42 -4.37
C VAL A 55 41.99 -1.54 -3.12
N TYR A 56 42.09 -0.24 -3.26
CA TYR A 56 42.12 0.71 -2.15
C TYR A 56 40.89 1.65 -2.17
N ASP A 57 40.44 2.02 -1.01
CA ASP A 57 39.31 2.95 -0.83
C ASP A 57 39.91 4.36 -0.74
N GLY A 58 39.10 5.39 -0.59
CA GLY A 58 39.47 6.76 -0.48
C GLY A 58 40.32 7.07 0.75
N ASN A 59 40.39 6.17 1.70
CA ASN A 59 41.19 6.36 2.91
C ASN A 59 42.59 5.74 2.76
N GLY A 60 42.78 5.00 1.70
CA GLY A 60 44.00 4.32 1.36
C GLY A 60 43.97 2.92 1.99
N HIS A 61 42.79 2.47 2.34
CA HIS A 61 42.62 1.15 2.97
C HIS A 61 42.18 0.08 1.96
N LEU A 62 42.69 -1.12 2.21
CA LEU A 62 42.41 -2.30 1.37
C LEU A 62 40.92 -2.67 1.43
N VAL A 63 40.40 -2.93 0.26
CA VAL A 63 39.02 -3.37 0.04
C VAL A 63 39.16 -4.91 -0.10
N ARG A 64 38.94 -5.59 1.02
CA ARG A 64 39.05 -7.03 1.05
C ARG A 64 37.85 -7.80 0.58
N ASP A 65 36.80 -7.17 0.09
CA ASP A 65 35.61 -7.93 -0.33
C ASP A 65 35.23 -7.68 -1.77
N SER A 66 36.24 -7.23 -2.53
CA SER A 66 35.95 -6.93 -3.95
C SER A 66 35.77 -8.16 -4.80
N PHE A 67 35.01 -7.98 -5.87
CA PHE A 67 34.71 -9.03 -6.86
C PHE A 67 35.01 -8.39 -8.23
N LEU A 68 35.78 -9.10 -9.05
CA LEU A 68 36.15 -8.59 -10.36
C LEU A 68 35.85 -9.58 -11.48
N GLU A 69 35.48 -9.00 -12.61
CA GLU A 69 35.19 -9.69 -13.84
C GLU A 69 36.07 -9.08 -14.96
N VAL A 70 36.65 -9.99 -15.75
CA VAL A 70 37.53 -9.60 -16.86
C VAL A 70 37.07 -10.15 -18.20
N TRP A 71 37.38 -9.35 -19.23
CA TRP A 71 37.06 -9.69 -20.62
C TRP A 71 38.27 -9.18 -21.46
N GLN A 72 38.74 -10.16 -22.25
CA GLN A 72 39.94 -9.84 -23.11
C GLN A 72 39.99 -10.72 -24.34
N ALA A 73 40.67 -10.19 -25.36
CA ALA A 73 40.90 -10.95 -26.61
C ALA A 73 42.00 -12.02 -26.33
N ASP A 74 42.02 -13.00 -27.23
CA ASP A 74 43.05 -14.07 -27.18
C ASP A 74 44.31 -13.38 -27.78
N ALA A 75 45.35 -14.16 -27.92
CA ALA A 75 46.66 -13.68 -28.45
C ALA A 75 46.57 -13.16 -29.88
N ASN A 76 45.63 -13.58 -30.67
CA ASN A 76 45.41 -13.15 -32.03
C ASN A 76 44.57 -11.86 -32.07
N GLY A 77 44.15 -11.44 -30.90
CA GLY A 77 43.32 -10.25 -30.74
C GLY A 77 41.87 -10.58 -31.10
N GLU A 78 41.44 -11.79 -30.84
CA GLU A 78 40.10 -12.29 -31.03
C GLU A 78 39.34 -12.58 -29.71
N TYR A 79 38.09 -12.14 -29.72
CA TYR A 79 37.20 -12.36 -28.56
C TYR A 79 36.46 -13.68 -28.73
N GLN A 80 36.69 -14.51 -27.73
CA GLN A 80 36.14 -15.89 -27.67
C GLN A 80 34.99 -15.92 -26.67
N ASP A 81 33.81 -15.79 -27.23
CA ASP A 81 32.59 -15.72 -26.41
C ASP A 81 32.03 -17.05 -26.02
N ALA A 82 32.36 -18.12 -26.74
CA ALA A 82 31.82 -19.45 -26.37
C ALA A 82 32.57 -20.01 -25.17
N TYR A 83 32.02 -19.74 -23.99
CA TYR A 83 32.58 -20.17 -22.72
C TYR A 83 32.47 -21.68 -22.54
N ASN A 84 33.63 -22.29 -22.32
CA ASN A 84 33.77 -23.73 -22.13
C ASN A 84 35.05 -24.06 -21.36
N LEU A 85 34.86 -24.82 -20.30
CA LEU A 85 35.96 -25.28 -19.43
C LEU A 85 36.93 -26.18 -20.19
N GLU A 86 36.47 -26.69 -21.32
CA GLU A 86 37.25 -27.54 -22.21
C GLU A 86 38.22 -26.68 -23.04
N ASN A 87 37.81 -25.49 -23.38
CA ASN A 87 38.60 -24.55 -24.16
C ASN A 87 39.97 -24.37 -23.45
N ALA A 88 40.98 -24.20 -24.28
CA ALA A 88 42.36 -23.96 -23.86
C ALA A 88 42.49 -22.51 -23.33
N PHE A 89 41.64 -21.66 -23.88
CA PHE A 89 41.54 -20.24 -23.55
C PHE A 89 40.08 -19.73 -23.62
N ASN A 90 39.72 -19.05 -22.54
CA ASN A 90 38.43 -18.40 -22.36
C ASN A 90 38.75 -16.90 -22.19
N SER A 91 37.96 -16.10 -22.86
CA SER A 91 38.07 -14.64 -22.88
C SER A 91 37.53 -13.95 -21.62
N PHE A 92 36.72 -14.71 -20.88
CA PHE A 92 36.07 -14.27 -19.65
C PHE A 92 36.60 -14.97 -18.42
N GLY A 93 36.73 -14.20 -17.34
CA GLY A 93 37.14 -14.73 -16.05
C GLY A 93 36.56 -13.94 -14.86
N ARG A 94 36.78 -14.48 -13.68
CA ARG A 94 36.36 -13.89 -12.41
C ARG A 94 37.50 -14.13 -11.39
N THR A 95 37.63 -13.20 -10.49
CA THR A 95 38.61 -13.19 -9.41
C THR A 95 38.01 -12.34 -8.27
N ALA A 96 38.66 -12.38 -7.16
CA ALA A 96 38.23 -11.63 -5.96
C ALA A 96 39.39 -11.40 -5.04
N THR A 97 39.28 -10.42 -4.15
CA THR A 97 40.36 -10.14 -3.20
C THR A 97 40.23 -10.91 -1.89
N THR A 98 41.45 -11.39 -1.51
CA THR A 98 41.60 -12.12 -0.24
C THR A 98 41.06 -11.32 0.94
N PHE A 99 40.28 -12.00 1.78
CA PHE A 99 39.72 -11.39 3.00
C PHE A 99 40.93 -11.03 3.89
N ASP A 100 42.03 -11.66 3.62
CA ASP A 100 43.29 -11.46 4.38
C ASP A 100 44.22 -10.43 3.73
N ALA A 101 44.98 -10.94 2.76
CA ALA A 101 45.95 -10.13 2.01
C ALA A 101 45.30 -9.03 1.19
N GLY A 102 44.13 -9.30 0.64
CA GLY A 102 43.41 -8.30 -0.15
C GLY A 102 43.96 -8.19 -1.56
N GLU A 103 44.44 -9.31 -2.08
CA GLU A 103 45.01 -9.32 -3.45
C GLU A 103 44.31 -10.33 -4.33
N TRP A 104 44.06 -9.99 -5.57
CA TRP A 104 43.39 -10.94 -6.51
C TRP A 104 44.51 -11.37 -7.48
N THR A 105 44.26 -12.45 -8.15
CA THR A 105 45.20 -13.00 -9.14
C THR A 105 44.37 -13.56 -10.31
N LEU A 106 45.06 -13.53 -11.45
CA LEU A 106 44.49 -14.04 -12.71
C LEU A 106 45.60 -14.72 -13.52
N HIS A 107 45.21 -15.81 -14.13
CA HIS A 107 46.12 -16.63 -14.99
C HIS A 107 45.60 -16.56 -16.42
N THR A 108 46.39 -15.89 -17.25
CA THR A 108 45.97 -15.70 -18.67
C THR A 108 47.16 -15.51 -19.60
N VAL A 109 46.86 -15.12 -20.82
CA VAL A 109 47.73 -14.77 -21.92
C VAL A 109 47.51 -13.28 -22.26
N LYS A 110 48.60 -12.71 -22.77
CA LYS A 110 48.60 -11.30 -23.18
C LYS A 110 47.70 -11.22 -24.43
N PRO A 111 46.70 -10.32 -24.35
CA PRO A 111 45.75 -10.14 -25.44
C PRO A 111 46.46 -9.51 -26.65
N GLY A 112 45.92 -9.82 -27.82
CA GLY A 112 46.41 -9.27 -29.08
C GLY A 112 45.68 -7.91 -29.31
N VAL A 113 46.11 -7.17 -30.27
CA VAL A 113 45.57 -5.87 -30.65
C VAL A 113 44.20 -6.06 -31.32
N VAL A 114 43.31 -5.14 -30.99
CA VAL A 114 41.95 -5.07 -31.52
C VAL A 114 41.73 -3.61 -32.00
N ASN A 115 41.00 -3.46 -33.06
CA ASN A 115 40.68 -2.15 -33.64
C ASN A 115 39.33 -1.63 -33.07
N ASN A 116 39.24 -0.32 -33.00
CA ASN A 116 38.04 0.36 -32.54
C ASN A 116 37.04 0.35 -33.72
N ALA A 117 35.92 1.02 -33.43
CA ALA A 117 34.83 1.09 -34.42
C ALA A 117 35.35 1.74 -35.71
N ALA A 118 36.23 2.72 -35.58
CA ALA A 118 36.75 3.42 -36.76
C ALA A 118 37.91 2.74 -37.43
N GLY A 119 38.31 1.56 -37.04
CA GLY A 119 39.41 0.84 -37.64
C GLY A 119 40.79 1.19 -37.16
N VAL A 120 40.89 1.88 -36.04
CA VAL A 120 42.20 2.24 -35.44
C VAL A 120 42.49 1.23 -34.32
N PRO A 121 43.72 0.73 -34.32
CA PRO A 121 44.13 -0.25 -33.32
C PRO A 121 44.25 0.36 -31.92
N MET A 122 43.75 -0.41 -30.96
CA MET A 122 43.81 -0.05 -29.54
C MET A 122 45.02 -0.83 -28.97
N ALA A 123 45.69 -0.28 -27.98
CA ALA A 123 46.82 -1.05 -27.37
C ALA A 123 46.22 -2.27 -26.68
N PRO A 124 46.99 -3.33 -26.47
CA PRO A 124 46.54 -4.53 -25.78
C PRO A 124 45.98 -4.06 -24.41
N HIS A 125 44.79 -4.57 -24.11
CA HIS A 125 44.15 -4.20 -22.81
C HIS A 125 43.19 -5.33 -22.40
N ILE A 126 42.84 -5.24 -21.13
CA ILE A 126 41.92 -6.14 -20.46
C ILE A 126 40.81 -5.25 -19.80
N ASN A 127 39.59 -5.62 -20.19
CA ASN A 127 38.41 -4.91 -19.65
C ASN A 127 38.08 -5.52 -18.28
N ILE A 128 37.88 -4.64 -17.33
CA ILE A 128 37.56 -4.97 -15.96
C ILE A 128 36.30 -4.21 -15.43
N SER A 129 35.57 -5.00 -14.67
CA SER A 129 34.37 -4.52 -13.97
C SER A 129 34.58 -4.88 -12.48
N LEU A 130 34.49 -3.86 -11.66
CA LEU A 130 34.68 -3.98 -10.21
C LEU A 130 33.34 -3.87 -9.46
N PHE A 131 33.16 -4.78 -8.55
CA PHE A 131 31.94 -4.87 -7.70
C PHE A 131 32.41 -5.06 -6.24
N ALA A 132 31.57 -4.56 -5.33
CA ALA A 132 31.84 -4.67 -3.89
C ALA A 132 30.74 -3.94 -3.11
N ARG A 133 30.58 -4.33 -1.89
CA ARG A 133 29.75 -3.57 -0.96
C ARG A 133 30.28 -2.13 -0.89
N GLY A 134 29.38 -1.21 -0.98
CA GLY A 134 29.66 0.23 -0.99
C GLY A 134 29.58 0.77 -2.43
N ILE A 135 29.61 -0.12 -3.39
CA ILE A 135 29.58 0.22 -4.82
C ILE A 135 28.15 -0.01 -5.34
N ASN A 136 27.47 1.09 -5.61
CA ASN A 136 26.04 0.99 -6.05
C ASN A 136 25.86 0.40 -7.43
N ILE A 137 26.74 0.86 -8.29
CA ILE A 137 26.77 0.41 -9.72
C ILE A 137 28.26 0.15 -10.00
N HIS A 138 28.54 -0.96 -10.63
CA HIS A 138 29.92 -1.40 -10.85
C HIS A 138 30.73 -0.41 -11.69
N LEU A 139 32.05 -0.48 -11.42
CA LEU A 139 33.05 0.41 -12.07
C LEU A 139 33.76 -0.36 -13.20
N HIS A 140 33.84 0.29 -14.32
CA HIS A 140 34.50 -0.20 -15.52
C HIS A 140 35.87 0.53 -15.65
N THR A 141 36.85 -0.29 -15.93
CA THR A 141 38.22 0.17 -16.18
C THR A 141 38.93 -0.72 -17.20
N ARG A 142 40.16 -0.35 -17.49
CA ARG A 142 40.99 -1.10 -18.47
C ARG A 142 42.41 -1.18 -17.89
N LEU A 143 42.97 -2.36 -18.10
CA LEU A 143 44.37 -2.64 -17.71
C LEU A 143 45.20 -2.65 -19.02
N TYR A 144 46.21 -1.82 -19.04
CA TYR A 144 47.17 -1.69 -20.14
C TYR A 144 48.52 -2.17 -19.57
N PHE A 145 49.46 -2.46 -20.49
CA PHE A 145 50.78 -2.94 -20.07
C PHE A 145 51.86 -1.91 -20.33
N ASP A 146 52.76 -1.85 -19.36
CA ASP A 146 53.91 -0.96 -19.38
C ASP A 146 54.95 -1.35 -20.45
N ASP A 147 54.97 -2.57 -20.91
CA ASP A 147 55.91 -2.98 -21.95
C ASP A 147 55.34 -2.81 -23.37
N GLU A 148 54.32 -1.99 -23.49
CA GLU A 148 53.64 -1.72 -24.75
C GLU A 148 53.51 -0.21 -24.97
N ALA A 149 54.53 0.49 -24.49
CA ALA A 149 54.63 1.93 -24.53
C ALA A 149 54.30 2.51 -25.90
N GLN A 150 54.91 1.93 -26.89
CA GLN A 150 54.74 2.38 -28.28
C GLN A 150 53.27 2.31 -28.66
N ALA A 151 52.65 1.19 -28.34
CA ALA A 151 51.22 0.97 -28.62
C ALA A 151 50.33 1.90 -27.79
N ASN A 152 50.71 2.03 -26.53
CA ASN A 152 49.96 2.84 -25.56
C ASN A 152 49.84 4.28 -26.03
N ALA A 153 50.94 4.78 -26.58
CA ALA A 153 51.03 6.16 -27.03
C ALA A 153 49.98 6.52 -28.07
N LYS A 154 49.62 5.51 -28.86
CA LYS A 154 48.65 5.65 -29.94
C LYS A 154 47.27 5.12 -29.68
N CYS A 155 46.98 4.67 -28.48
CA CYS A 155 45.62 4.13 -28.19
C CYS A 155 44.57 5.24 -28.25
N PRO A 156 43.60 5.05 -29.12
CA PRO A 156 42.50 6.03 -29.26
C PRO A 156 41.74 6.10 -27.93
N VAL A 157 41.69 4.99 -27.20
CA VAL A 157 40.95 5.01 -25.92
C VAL A 157 41.71 5.82 -24.87
N LEU A 158 42.97 5.45 -24.68
CA LEU A 158 43.87 6.10 -23.73
C LEU A 158 44.03 7.60 -24.01
N ASN A 159 43.97 7.94 -25.28
CA ASN A 159 44.05 9.29 -25.79
C ASN A 159 42.82 10.10 -25.48
N LEU A 160 41.69 9.48 -25.12
CA LEU A 160 40.46 10.17 -24.78
C LEU A 160 40.62 10.77 -23.36
N ILE A 161 41.56 10.22 -22.63
CA ILE A 161 41.76 10.76 -21.24
C ILE A 161 42.48 12.10 -21.36
N GLU A 162 41.75 13.16 -21.09
CA GLU A 162 42.23 14.54 -21.16
C GLU A 162 43.61 14.75 -20.57
N GLN A 163 43.85 14.34 -19.35
CA GLN A 163 45.11 14.53 -18.63
C GLN A 163 46.02 13.35 -18.66
N PRO A 164 47.18 13.55 -19.27
CA PRO A 164 48.20 12.50 -19.41
C PRO A 164 48.53 11.81 -18.10
N GLN A 165 48.62 12.57 -17.03
CA GLN A 165 48.95 12.02 -15.70
C GLN A 165 47.95 10.94 -15.26
N ARG A 166 46.71 11.04 -15.74
CA ARG A 166 45.64 10.10 -15.40
C ARG A 166 45.72 8.81 -16.20
N ARG A 167 46.32 8.90 -17.37
CA ARG A 167 46.47 7.72 -18.25
C ARG A 167 47.34 6.66 -17.56
N GLU A 168 48.30 7.14 -16.81
CA GLU A 168 49.25 6.30 -16.10
C GLU A 168 48.58 5.37 -15.09
N THR A 169 47.43 5.80 -14.59
CA THR A 169 46.67 5.02 -13.59
C THR A 169 46.26 3.68 -14.21
N LEU A 170 46.17 3.66 -15.54
CA LEU A 170 45.77 2.47 -16.26
C LEU A 170 46.87 1.52 -16.67
N ILE A 171 48.11 1.85 -16.39
CA ILE A 171 49.24 0.99 -16.84
C ILE A 171 49.79 0.05 -15.83
N ALA A 172 49.63 -1.24 -16.04
CA ALA A 172 50.14 -2.28 -15.13
C ALA A 172 51.68 -2.33 -15.23
N LYS A 173 52.29 -2.58 -14.08
CA LYS A 173 53.74 -2.67 -13.93
C LYS A 173 54.20 -4.14 -14.00
N ARG A 174 55.01 -4.36 -15.02
CA ARG A 174 55.61 -5.65 -15.33
C ARG A 174 56.64 -6.04 -14.27
N CYS A 175 56.53 -7.27 -13.84
CA CYS A 175 57.45 -7.85 -12.85
C CYS A 175 57.52 -9.35 -13.17
N GLU A 176 58.01 -10.07 -12.19
CA GLU A 176 58.14 -11.54 -12.29
C GLU A 176 57.73 -12.16 -10.96
N VAL A 177 57.11 -13.32 -11.04
CA VAL A 177 56.64 -14.00 -9.80
C VAL A 177 57.03 -15.48 -10.02
N ASP A 178 58.01 -15.83 -9.21
CA ASP A 178 58.57 -17.22 -9.27
C ASP A 178 59.12 -17.40 -10.70
N GLY A 179 59.86 -16.37 -11.13
CA GLY A 179 60.45 -16.37 -12.47
C GLY A 179 59.40 -16.41 -13.58
N LYS A 180 58.20 -15.92 -13.26
CA LYS A 180 57.11 -15.88 -14.27
C LYS A 180 56.77 -14.39 -14.52
N THR A 181 56.40 -14.15 -15.78
CA THR A 181 56.04 -12.79 -16.18
C THR A 181 54.67 -12.44 -15.53
N ALA A 182 54.75 -11.36 -14.76
CA ALA A 182 53.61 -10.84 -14.04
C ALA A 182 53.50 -9.32 -14.17
N TYR A 183 52.26 -8.87 -14.04
CA TYR A 183 51.96 -7.43 -14.06
C TYR A 183 51.09 -7.16 -12.81
N ARG A 184 51.43 -6.06 -12.17
CA ARG A 184 50.72 -5.60 -10.97
C ARG A 184 49.82 -4.40 -11.36
N PHE A 185 48.56 -4.58 -11.02
CA PHE A 185 47.51 -3.59 -11.29
C PHE A 185 46.68 -3.28 -10.05
N ASP A 186 47.05 -2.20 -9.42
CA ASP A 186 46.37 -1.69 -8.21
C ASP A 186 45.28 -0.72 -8.69
N ILE A 187 44.18 -0.74 -8.02
CA ILE A 187 43.02 0.12 -8.30
C ILE A 187 42.80 1.02 -7.08
N ARG A 188 42.77 2.30 -7.33
CA ARG A 188 42.51 3.31 -6.26
C ARG A 188 41.13 3.86 -6.65
N ILE A 189 40.15 3.53 -5.83
CA ILE A 189 38.77 3.95 -6.08
C ILE A 189 38.55 5.44 -5.96
N GLN A 190 39.25 6.05 -5.03
CA GLN A 190 39.06 7.48 -4.76
C GLN A 190 40.29 8.15 -4.17
N GLY A 191 40.47 9.41 -4.51
CA GLY A 191 41.54 10.23 -3.95
C GLY A 191 42.78 10.25 -4.81
N GLU A 192 43.89 10.35 -4.10
CA GLU A 192 45.24 10.42 -4.73
C GLU A 192 45.37 9.25 -5.73
N GLY A 193 45.82 9.57 -6.91
CA GLY A 193 46.01 8.58 -7.96
C GLY A 193 44.77 7.75 -8.24
N GLU A 194 43.59 8.35 -8.10
CA GLU A 194 42.33 7.62 -8.38
C GLU A 194 42.36 7.11 -9.82
N THR A 195 42.04 5.86 -9.99
CA THR A 195 42.03 5.18 -11.28
C THR A 195 40.91 5.75 -12.16
N VAL A 196 41.21 5.84 -13.45
CA VAL A 196 40.17 6.28 -14.39
C VAL A 196 39.15 5.10 -14.50
N PHE A 197 37.87 5.51 -14.54
CA PHE A 197 36.76 4.56 -14.73
C PHE A 197 35.98 5.12 -15.94
N PHE A 198 35.48 4.24 -16.73
CA PHE A 198 34.78 4.57 -17.95
C PHE A 198 33.24 4.41 -17.89
N ASP A 199 32.64 5.11 -18.84
CA ASP A 199 31.19 5.05 -19.11
C ASP A 199 31.09 4.74 -20.62
N PHE A 200 30.31 3.75 -20.90
CA PHE A 200 30.07 3.34 -22.31
C PHE A 200 28.64 2.73 -22.42
N PRO B 1 34.96 -16.20 -33.51
CA PRO B 1 34.99 -15.28 -32.32
C PRO B 1 33.84 -14.29 -32.44
N ALA B 2 33.68 -13.48 -31.42
CA ALA B 2 32.63 -12.43 -31.31
C ALA B 2 32.83 -11.32 -32.33
N GLN B 3 31.70 -10.79 -32.77
CA GLN B 3 31.59 -9.72 -33.77
C GLN B 3 30.95 -8.43 -33.27
N ASP B 4 31.59 -7.31 -33.65
CA ASP B 4 31.07 -5.98 -33.28
C ASP B 4 30.00 -5.54 -34.29
N ASN B 5 28.81 -6.03 -34.08
CA ASN B 5 27.67 -5.75 -34.95
C ASN B 5 26.60 -4.91 -34.26
N SER B 6 26.68 -4.77 -32.94
CA SER B 6 25.69 -4.06 -32.14
C SER B 6 26.16 -2.82 -31.41
N ARG B 7 25.13 -2.09 -31.00
CA ARG B 7 25.24 -0.86 -30.20
C ARG B 7 24.22 -1.02 -29.08
N PHE B 8 24.54 -0.52 -27.92
CA PHE B 8 23.69 -0.62 -26.72
C PHE B 8 23.32 0.80 -26.30
N VAL B 9 22.05 0.94 -26.03
CA VAL B 9 21.48 2.21 -25.60
C VAL B 9 22.31 2.71 -24.41
N ILE B 10 22.67 3.97 -24.41
CA ILE B 10 23.47 4.58 -23.31
C ILE B 10 22.68 4.47 -21.98
N ARG B 11 23.40 4.16 -20.92
CA ARG B 11 22.82 4.03 -19.61
C ARG B 11 22.36 5.38 -19.04
N ASP B 12 21.25 5.30 -18.33
CA ASP B 12 20.69 6.52 -17.67
C ASP B 12 21.19 6.49 -16.21
N ARG B 13 22.20 7.27 -15.96
CA ARG B 13 22.88 7.38 -14.67
C ARG B 13 22.15 8.16 -13.61
N ASN B 14 21.03 8.77 -13.99
CA ASN B 14 20.15 9.46 -13.03
C ASN B 14 19.06 8.42 -12.65
N TRP B 15 18.96 7.37 -13.40
CA TRP B 15 17.95 6.32 -13.10
C TRP B 15 18.53 5.34 -12.03
N HIS B 16 19.71 4.87 -12.32
CA HIS B 16 20.50 3.98 -11.47
C HIS B 16 20.91 4.89 -10.28
N PRO B 17 21.25 4.24 -9.17
CA PRO B 17 21.72 4.96 -7.98
C PRO B 17 23.09 5.60 -8.37
N LYS B 18 23.36 6.69 -7.69
CA LYS B 18 24.62 7.43 -7.84
C LYS B 18 25.68 6.64 -7.03
N ALA B 19 26.93 7.01 -7.26
CA ALA B 19 28.06 6.43 -6.58
C ALA B 19 28.03 6.93 -5.11
N LEU B 20 27.91 8.23 -4.90
CA LEU B 20 27.95 8.78 -3.53
C LEU B 20 26.57 8.96 -2.94
N THR B 21 26.20 8.06 -2.04
CA THR B 21 24.86 8.11 -1.37
C THR B 21 25.14 7.94 0.13
N PRO B 22 25.47 9.10 0.74
CA PRO B 22 25.87 9.21 2.11
C PRO B 22 25.17 8.39 3.16
N ASP B 23 23.87 8.16 3.08
CA ASP B 23 23.16 7.35 4.08
C ASP B 23 23.59 5.86 4.08
N TYR B 24 24.08 5.47 2.93
CA TYR B 24 24.67 4.11 2.74
C TYR B 24 26.19 4.36 3.05
N LYS B 25 26.50 4.25 4.31
CA LYS B 25 27.83 4.57 4.82
C LYS B 25 29.07 4.16 4.06
N THR B 26 29.12 2.93 3.63
CA THR B 26 30.26 2.36 2.91
C THR B 26 30.50 3.03 1.57
N SER B 27 29.53 3.66 0.99
CA SER B 27 29.64 4.32 -0.31
C SER B 27 30.57 5.56 -0.23
N ILE B 28 30.64 6.18 0.94
CA ILE B 28 31.44 7.40 1.10
C ILE B 28 32.88 7.25 0.64
N ALA B 29 33.55 6.24 1.21
CA ALA B 29 34.93 5.93 0.89
C ALA B 29 35.07 5.11 -0.40
N ARG B 30 33.97 4.53 -0.88
CA ARG B 30 34.10 3.70 -2.10
C ARG B 30 33.50 4.27 -3.35
N SER B 31 33.51 5.57 -3.45
CA SER B 31 32.93 6.25 -4.66
C SER B 31 34.00 7.18 -5.22
N PRO B 32 34.16 7.14 -6.53
CA PRO B 32 35.14 7.99 -7.22
C PRO B 32 34.79 9.47 -7.09
N ARG B 33 35.78 10.28 -6.96
CA ARG B 33 35.64 11.73 -6.89
C ARG B 33 35.79 12.33 -8.26
N GLN B 34 36.46 11.69 -9.20
CA GLN B 34 36.59 12.24 -10.57
C GLN B 34 35.41 11.77 -11.42
N ALA B 35 35.01 12.53 -12.41
CA ALA B 35 33.93 12.12 -13.34
C ALA B 35 34.40 10.87 -14.16
N LEU B 36 33.44 10.08 -14.57
CA LEU B 36 33.72 8.90 -15.39
C LEU B 36 34.08 9.48 -16.80
N VAL B 37 34.94 8.80 -17.48
CA VAL B 37 35.33 9.17 -18.86
C VAL B 37 34.44 8.40 -19.83
N SER B 38 33.71 9.11 -20.67
CA SER B 38 32.88 8.42 -21.67
C SER B 38 33.77 7.95 -22.84
N ILE B 39 33.54 6.75 -23.31
CA ILE B 39 34.29 6.18 -24.46
C ILE B 39 33.25 5.58 -25.42
N PRO B 40 33.52 5.69 -26.71
CA PRO B 40 32.63 5.16 -27.75
C PRO B 40 32.64 3.62 -27.66
N GLN B 41 31.56 2.99 -28.02
CA GLN B 41 31.43 1.52 -28.01
C GLN B 41 32.36 0.91 -29.07
N SER B 42 33.05 -0.13 -28.70
CA SER B 42 33.96 -0.89 -29.58
C SER B 42 33.64 -2.38 -29.32
N ILE B 43 34.27 -3.24 -30.09
CA ILE B 43 34.06 -4.69 -29.95
C ILE B 43 34.36 -5.14 -28.50
N SER B 44 35.29 -4.40 -27.89
CA SER B 44 35.68 -4.65 -26.51
C SER B 44 34.45 -4.61 -25.59
N GLU B 45 33.64 -3.57 -25.78
CA GLU B 45 32.45 -3.37 -24.97
C GLU B 45 31.15 -3.96 -25.44
N THR B 46 31.02 -4.28 -26.70
CA THR B 46 29.74 -4.76 -27.24
C THR B 46 29.67 -6.26 -27.36
N THR B 47 30.68 -6.95 -26.84
CA THR B 47 30.68 -8.42 -26.87
C THR B 47 30.76 -8.85 -25.39
N GLY B 48 30.64 -10.12 -25.17
CA GLY B 48 30.68 -10.70 -23.80
C GLY B 48 30.46 -12.22 -23.96
N PRO B 49 30.60 -12.90 -22.82
CA PRO B 49 30.50 -14.36 -22.79
C PRO B 49 29.11 -14.90 -23.03
N ASN B 50 29.10 -16.08 -23.64
CA ASN B 50 27.95 -16.90 -23.92
C ASN B 50 28.12 -18.17 -23.08
N PHE B 51 27.22 -18.41 -22.18
CA PHE B 51 27.29 -19.56 -21.27
C PHE B 51 26.45 -20.77 -21.66
N SER B 52 26.07 -20.87 -22.92
CA SER B 52 25.28 -21.99 -23.41
C SER B 52 25.94 -23.34 -23.11
N HIS B 53 27.24 -23.40 -23.22
CA HIS B 53 27.96 -24.65 -22.99
C HIS B 53 28.47 -24.87 -21.60
N LEU B 54 28.02 -24.09 -20.64
CA LEU B 54 28.48 -24.34 -19.24
C LEU B 54 27.70 -25.60 -18.80
N GLY B 55 28.36 -26.42 -18.01
CA GLY B 55 27.78 -27.68 -17.54
C GLY B 55 26.99 -27.45 -16.26
N PHE B 56 25.71 -27.14 -16.42
CA PHE B 56 24.84 -26.89 -15.25
C PHE B 56 24.38 -28.23 -14.63
N GLY B 57 24.41 -28.26 -13.32
CA GLY B 57 23.93 -29.41 -12.54
C GLY B 57 22.38 -29.39 -12.64
N ALA B 58 21.82 -30.55 -12.38
CA ALA B 58 20.39 -30.78 -12.40
C ALA B 58 19.58 -29.96 -11.40
N HIS B 59 20.17 -29.58 -10.30
CA HIS B 59 19.37 -28.78 -9.32
C HIS B 59 20.01 -27.42 -9.12
N ASP B 60 20.74 -26.96 -10.11
CA ASP B 60 21.49 -25.70 -10.05
C ASP B 60 20.58 -24.55 -9.61
N HIS B 61 19.37 -24.59 -10.13
CA HIS B 61 18.32 -23.61 -9.88
C HIS B 61 17.33 -23.96 -8.77
N ASP B 62 17.52 -25.05 -8.06
CA ASP B 62 16.59 -25.48 -6.99
C ASP B 62 17.25 -25.44 -5.62
N LEU B 63 17.08 -24.34 -4.91
CA LEU B 63 17.65 -24.12 -3.61
C LEU B 63 17.08 -25.06 -2.54
N LEU B 64 15.99 -25.74 -2.87
CA LEU B 64 15.34 -26.69 -1.99
C LEU B 64 16.13 -28.01 -1.98
N LEU B 65 16.79 -28.33 -3.07
CA LEU B 65 17.56 -29.55 -3.20
C LEU B 65 19.06 -29.48 -3.38
N ASN B 66 19.59 -28.38 -3.87
CA ASN B 66 20.98 -28.27 -4.22
C ASN B 66 21.99 -28.12 -3.13
N PHE B 67 21.66 -28.15 -1.87
CA PHE B 67 22.69 -27.99 -0.83
C PHE B 67 23.09 -29.42 -0.33
N GLY B 71 17.58 -33.35 4.08
CA GLY B 71 16.29 -32.74 4.46
C GLY B 71 16.02 -31.44 3.68
N LEU B 72 14.82 -30.98 3.89
CA LEU B 72 14.23 -29.77 3.31
C LEU B 72 14.53 -28.60 4.27
N PRO B 73 14.84 -27.49 3.65
CA PRO B 73 15.10 -26.27 4.46
C PRO B 73 13.73 -25.89 5.10
N ILE B 74 13.83 -25.09 6.11
CA ILE B 74 12.72 -24.49 6.83
C ILE B 74 12.49 -23.07 6.26
N GLY B 75 11.24 -22.80 5.92
CA GLY B 75 10.87 -21.49 5.39
C GLY B 75 9.76 -21.61 4.38
N GLU B 76 9.34 -20.41 3.96
CA GLU B 76 8.20 -20.33 2.99
C GLU B 76 8.73 -20.71 1.61
N ARG B 77 8.28 -21.79 1.11
CA ARG B 77 8.63 -22.35 -0.20
C ARG B 77 8.00 -21.46 -1.28
N ILE B 78 8.87 -20.91 -2.14
CA ILE B 78 8.40 -20.05 -3.23
C ILE B 78 9.18 -20.34 -4.52
N ILE B 79 8.48 -20.03 -5.61
CA ILE B 79 9.08 -20.07 -6.93
C ILE B 79 9.31 -18.55 -7.26
N VAL B 80 10.48 -18.31 -7.79
CA VAL B 80 10.85 -16.93 -8.27
C VAL B 80 11.13 -17.17 -9.78
N ALA B 81 10.30 -16.56 -10.59
CA ALA B 81 10.40 -16.69 -12.05
C ALA B 81 10.10 -15.34 -12.70
N GLY B 82 10.51 -15.24 -13.95
CA GLY B 82 10.35 -14.03 -14.74
C GLY B 82 11.00 -14.19 -16.13
N ARG B 83 11.12 -13.01 -16.69
CA ARG B 83 11.67 -12.86 -18.04
C ARG B 83 12.71 -11.75 -18.12
N VAL B 84 13.68 -12.04 -18.96
CA VAL B 84 14.78 -11.08 -19.22
C VAL B 84 14.53 -10.59 -20.66
N VAL B 85 14.37 -9.28 -20.73
CA VAL B 85 14.15 -8.58 -21.99
C VAL B 85 15.06 -7.32 -22.00
N ASP B 86 15.14 -6.77 -23.21
CA ASP B 86 15.92 -5.54 -23.42
C ASP B 86 14.91 -4.37 -23.43
N GLN B 87 15.47 -3.17 -23.47
CA GLN B 87 14.69 -1.95 -23.48
C GLN B 87 13.72 -1.93 -24.65
N TYR B 88 14.02 -2.63 -25.74
CA TYR B 88 13.12 -2.68 -26.88
C TYR B 88 12.02 -3.72 -26.66
N GLY B 89 12.08 -4.40 -25.54
CA GLY B 89 11.11 -5.43 -25.22
C GLY B 89 11.45 -6.74 -25.93
N LYS B 90 12.68 -6.88 -26.38
CA LYS B 90 13.14 -8.14 -27.05
C LYS B 90 13.67 -9.06 -25.95
N PRO B 91 13.27 -10.31 -26.01
CA PRO B 91 13.70 -11.32 -25.04
C PRO B 91 15.20 -11.61 -25.18
N VAL B 92 15.82 -12.01 -24.07
CA VAL B 92 17.26 -12.32 -24.03
C VAL B 92 17.42 -13.80 -23.69
N PRO B 93 17.52 -14.57 -24.75
CA PRO B 93 17.65 -16.03 -24.67
C PRO B 93 19.06 -16.48 -24.31
N ASN B 94 19.07 -17.64 -23.68
CA ASN B 94 20.29 -18.32 -23.25
C ASN B 94 21.28 -17.42 -22.52
N THR B 95 20.78 -16.58 -21.63
CA THR B 95 21.64 -15.70 -20.82
C THR B 95 21.74 -16.24 -19.40
N LEU B 96 22.82 -15.93 -18.69
CA LEU B 96 23.13 -16.37 -17.37
C LEU B 96 22.54 -15.50 -16.25
N VAL B 97 21.76 -16.19 -15.44
CA VAL B 97 21.09 -15.64 -14.26
C VAL B 97 21.60 -16.38 -13.00
N GLU B 98 22.31 -15.64 -12.19
CA GLU B 98 22.85 -16.16 -10.92
C GLU B 98 22.19 -15.38 -9.77
N MET B 99 21.93 -16.08 -8.68
CA MET B 99 21.30 -15.54 -7.47
C MET B 99 21.87 -16.13 -6.20
N TRP B 100 21.82 -15.38 -5.13
CA TRP B 100 22.25 -15.75 -3.80
C TRP B 100 21.38 -15.01 -2.77
N GLN B 101 21.24 -15.61 -1.63
CA GLN B 101 20.34 -14.96 -0.56
C GLN B 101 20.63 -15.65 0.77
N ALA B 102 20.07 -15.09 1.83
CA ALA B 102 20.16 -15.64 3.20
C ALA B 102 19.06 -16.70 3.35
N ASN B 103 19.05 -17.25 4.56
CA ASN B 103 18.04 -18.29 4.91
C ASN B 103 16.79 -17.57 5.45
N ALA B 104 15.87 -18.42 5.92
CA ALA B 104 14.58 -17.95 6.46
C ALA B 104 14.70 -16.96 7.58
N GLY B 105 15.80 -16.98 8.33
CA GLY B 105 16.05 -16.09 9.43
C GLY B 105 16.92 -14.91 9.12
N GLY B 106 17.36 -14.82 7.86
CA GLY B 106 18.25 -13.71 7.45
C GLY B 106 19.72 -14.00 7.68
N ARG B 107 20.07 -15.27 7.83
CA ARG B 107 21.48 -15.69 8.05
C ARG B 107 22.09 -16.14 6.72
N TYR B 108 23.29 -15.69 6.44
CA TYR B 108 24.01 -16.05 5.20
C TYR B 108 25.06 -17.13 5.53
N ARG B 109 25.21 -18.02 4.57
CA ARG B 109 26.20 -19.13 4.71
C ARG B 109 27.53 -18.59 4.14
N HIS B 110 28.14 -17.75 4.94
CA HIS B 110 29.40 -17.05 4.63
C HIS B 110 30.11 -16.76 5.95
N LYS B 111 31.39 -17.06 5.99
CA LYS B 111 32.31 -16.91 7.09
C LYS B 111 32.09 -15.64 7.92
N ASN B 112 32.00 -14.56 7.15
CA ASN B 112 31.83 -13.23 7.75
C ASN B 112 30.48 -12.97 8.34
N ASP B 113 29.53 -13.87 8.23
CA ASP B 113 28.18 -13.58 8.79
C ASP B 113 28.09 -14.10 10.23
N ARG B 114 28.08 -13.11 11.13
CA ARG B 114 28.00 -13.37 12.55
C ARG B 114 26.63 -13.12 13.14
N TYR B 115 25.61 -12.91 12.31
CA TYR B 115 24.25 -12.66 12.85
C TYR B 115 23.85 -13.89 13.67
N LEU B 116 23.20 -13.64 14.79
CA LEU B 116 22.76 -14.66 15.74
C LEU B 116 21.69 -15.58 15.21
N ALA B 117 21.13 -15.32 14.05
CA ALA B 117 20.10 -16.27 13.51
C ALA B 117 20.93 -17.47 13.05
N PRO B 118 20.47 -18.68 13.39
CA PRO B 118 21.18 -19.91 13.07
C PRO B 118 21.27 -20.26 11.59
N LEU B 119 22.26 -21.09 11.27
CA LEU B 119 22.38 -21.58 9.86
C LEU B 119 21.30 -22.65 9.72
N ASP B 120 20.89 -22.95 8.53
CA ASP B 120 19.90 -24.00 8.24
C ASP B 120 20.74 -25.12 7.56
N PRO B 121 20.78 -26.27 8.25
CA PRO B 121 21.52 -27.45 7.82
C PRO B 121 21.22 -27.93 6.42
N ASN B 122 20.05 -27.66 5.89
CA ASN B 122 19.65 -28.05 4.55
C ASN B 122 19.60 -26.88 3.57
N PHE B 123 20.16 -25.74 3.91
CA PHE B 123 20.11 -24.57 3.02
C PHE B 123 21.47 -23.97 2.72
N GLY B 124 21.74 -23.83 1.42
CA GLY B 124 23.01 -23.20 0.95
C GLY B 124 22.78 -21.71 0.58
N GLY B 125 21.91 -21.48 -0.37
CA GLY B 125 21.51 -20.19 -0.86
C GLY B 125 22.08 -19.69 -2.16
N VAL B 126 22.45 -20.54 -3.06
CA VAL B 126 23.00 -20.18 -4.37
C VAL B 126 22.24 -20.88 -5.47
N GLY B 127 22.01 -20.17 -6.56
CA GLY B 127 21.33 -20.73 -7.73
C GLY B 127 21.84 -20.03 -9.00
N ARG B 128 21.66 -20.74 -10.10
CA ARG B 128 22.02 -20.31 -11.45
C ARG B 128 21.03 -20.96 -12.42
N CYS B 129 20.65 -20.18 -13.43
CA CYS B 129 19.70 -20.64 -14.45
C CYS B 129 20.08 -19.96 -15.77
N LEU B 130 19.97 -20.70 -16.83
CA LEU B 130 20.22 -20.17 -18.18
C LEU B 130 18.79 -19.90 -18.72
N THR B 131 18.55 -18.67 -19.16
CA THR B 131 17.20 -18.36 -19.68
C THR B 131 16.89 -19.23 -20.90
N ASP B 132 15.62 -19.47 -21.13
CA ASP B 132 15.22 -20.27 -22.31
C ASP B 132 15.16 -19.39 -23.56
N SER B 133 14.63 -20.01 -24.59
CA SER B 133 14.49 -19.40 -25.92
C SER B 133 13.63 -18.15 -25.88
N ASP B 134 12.75 -18.08 -24.91
CA ASP B 134 11.87 -16.95 -24.73
C ASP B 134 12.34 -15.97 -23.66
N GLY B 135 13.51 -16.14 -23.11
CA GLY B 135 14.03 -15.25 -22.06
C GLY B 135 13.51 -15.58 -20.66
N TYR B 136 12.89 -16.72 -20.43
CA TYR B 136 12.43 -17.09 -19.11
C TYR B 136 13.41 -17.88 -18.25
N TYR B 137 13.32 -17.60 -16.97
CA TYR B 137 14.12 -18.28 -15.94
C TYR B 137 13.18 -18.57 -14.75
N SER B 138 13.67 -19.48 -13.92
CA SER B 138 12.90 -19.79 -12.68
C SER B 138 13.84 -20.47 -11.70
N PHE B 139 13.52 -20.24 -10.47
CA PHE B 139 14.24 -20.74 -9.31
C PHE B 139 13.18 -21.21 -8.29
N ARG B 140 13.66 -22.14 -7.51
CA ARG B 140 12.82 -22.68 -6.42
C ARG B 140 13.67 -22.50 -5.15
N THR B 141 13.06 -21.75 -4.22
CA THR B 141 13.87 -21.50 -2.96
C THR B 141 12.88 -21.26 -1.81
N ILE B 142 13.39 -20.69 -0.74
CA ILE B 142 12.59 -20.31 0.42
C ILE B 142 12.71 -18.76 0.50
N LYS B 143 11.72 -18.11 1.05
CA LYS B 143 11.78 -16.61 1.19
C LYS B 143 12.74 -16.25 2.32
N PRO B 144 13.72 -15.39 1.96
CA PRO B 144 14.75 -14.96 2.91
C PRO B 144 14.12 -13.99 3.95
N GLY B 145 14.79 -13.93 5.07
CA GLY B 145 14.44 -13.05 6.17
C GLY B 145 15.28 -11.79 6.08
N PRO B 146 14.71 -10.71 6.60
CA PRO B 146 15.40 -9.41 6.65
C PRO B 146 16.59 -9.61 7.61
N TYR B 147 17.47 -8.66 7.68
CA TYR B 147 18.61 -8.76 8.63
C TYR B 147 19.20 -7.42 8.97
N PRO B 148 19.72 -7.34 10.18
CA PRO B 148 20.31 -6.09 10.70
C PRO B 148 21.72 -5.95 10.12
N TRP B 149 22.23 -4.73 10.12
CA TRP B 149 23.60 -4.48 9.55
C TRP B 149 24.06 -3.16 10.15
N ARG B 150 25.36 -3.11 10.33
CA ARG B 150 25.99 -1.94 10.95
C ARG B 150 26.08 -0.77 9.99
N ASN B 151 25.07 0.04 9.90
CA ASN B 151 24.99 1.25 9.05
C ASN B 151 24.57 2.31 10.13
N GLY B 152 23.30 2.60 10.15
CA GLY B 152 22.80 3.48 11.28
C GLY B 152 22.67 2.45 12.46
N PRO B 153 22.36 2.99 13.62
CA PRO B 153 22.20 2.18 14.85
C PRO B 153 21.05 1.18 14.81
N ASN B 154 20.10 1.32 13.88
CA ASN B 154 18.99 0.33 13.85
C ASN B 154 18.52 0.11 12.43
N ASP B 155 19.45 -0.25 11.56
CA ASP B 155 19.15 -0.52 10.14
C ASP B 155 18.89 -1.99 9.90
N TRP B 156 17.92 -2.24 9.04
CA TRP B 156 17.50 -3.59 8.66
C TRP B 156 17.28 -3.63 7.13
N ARG B 157 17.94 -4.58 6.49
CA ARG B 157 17.69 -4.71 5.00
C ARG B 157 16.28 -5.40 4.92
N PRO B 158 15.53 -5.00 3.94
CA PRO B 158 14.26 -5.74 3.65
C PRO B 158 14.73 -7.14 3.16
N ALA B 159 13.84 -8.10 3.19
CA ALA B 159 14.10 -9.44 2.64
C ALA B 159 14.41 -9.16 1.13
N HIS B 160 15.44 -9.80 0.63
CA HIS B 160 15.86 -9.60 -0.77
C HIS B 160 16.69 -10.78 -1.31
N ILE B 161 16.65 -10.90 -2.63
CA ILE B 161 17.48 -11.96 -3.30
C ILE B 161 18.46 -11.17 -4.20
N HIS B 162 19.72 -11.57 -4.14
CA HIS B 162 20.74 -10.92 -4.99
C HIS B 162 20.71 -11.52 -6.38
N PHE B 163 20.80 -10.68 -7.41
CA PHE B 163 20.78 -11.17 -8.80
C PHE B 163 21.97 -10.62 -9.62
N GLY B 164 22.39 -11.45 -10.53
CA GLY B 164 23.51 -11.19 -11.46
C GLY B 164 23.04 -11.69 -12.85
N ILE B 165 23.03 -10.77 -13.80
CA ILE B 165 22.58 -11.11 -15.17
C ILE B 165 23.69 -10.69 -16.16
N SER B 166 24.00 -11.66 -17.04
CA SER B 166 25.07 -11.42 -18.02
C SER B 166 24.62 -10.61 -19.21
N GLY B 167 23.57 -11.06 -19.88
CA GLY B 167 23.09 -10.38 -21.10
C GLY B 167 24.10 -10.74 -22.22
N PRO B 168 23.89 -10.10 -23.39
CA PRO B 168 24.69 -10.26 -24.58
C PRO B 168 26.09 -9.69 -24.55
N SER B 169 26.42 -8.77 -23.68
CA SER B 169 27.76 -8.18 -23.62
C SER B 169 28.18 -7.69 -22.26
N ILE B 170 29.45 -7.29 -22.13
CA ILE B 170 29.85 -6.75 -20.78
C ILE B 170 29.16 -5.42 -20.56
N ALA B 171 28.64 -4.84 -21.66
CA ALA B 171 27.90 -3.53 -21.53
C ALA B 171 26.53 -3.71 -20.83
N THR B 172 25.89 -4.85 -20.99
CA THR B 172 24.59 -5.13 -20.38
C THR B 172 24.69 -5.79 -19.01
N LYS B 173 25.85 -6.40 -18.69
CA LYS B 173 25.96 -7.12 -17.39
C LYS B 173 25.51 -6.25 -16.22
N LEU B 174 24.69 -6.84 -15.34
CA LEU B 174 24.17 -6.11 -14.18
C LEU B 174 24.05 -6.99 -12.93
N ILE B 175 24.22 -6.32 -11.81
CA ILE B 175 23.99 -6.93 -10.49
C ILE B 175 22.89 -6.03 -9.82
N THR B 176 21.90 -6.71 -9.28
CA THR B 176 20.80 -6.01 -8.58
C THR B 176 20.27 -6.87 -7.42
N GLN B 177 19.18 -6.42 -6.84
CA GLN B 177 18.50 -7.08 -5.70
C GLN B 177 16.98 -6.96 -5.92
N LEU B 178 16.31 -8.06 -5.67
CA LEU B 178 14.86 -8.21 -5.76
C LEU B 178 14.33 -8.06 -4.30
N TYR B 179 13.29 -7.28 -4.23
CA TYR B 179 12.57 -7.04 -2.94
C TYR B 179 11.20 -7.68 -3.12
N PHE B 180 10.48 -7.84 -2.04
CA PHE B 180 9.14 -8.48 -2.05
C PHE B 180 8.00 -7.50 -1.78
N GLU B 181 6.99 -7.65 -2.61
CA GLU B 181 5.78 -6.87 -2.61
C GLU B 181 5.20 -6.71 -1.20
N GLY B 182 4.98 -5.47 -0.79
CA GLY B 182 4.43 -5.07 0.45
C GLY B 182 5.34 -4.96 1.64
N ASP B 183 6.59 -5.35 1.50
CA ASP B 183 7.56 -5.29 2.64
C ASP B 183 7.75 -3.87 3.16
N PRO B 184 7.31 -3.68 4.41
CA PRO B 184 7.38 -2.37 5.05
C PRO B 184 8.78 -1.88 5.28
N LEU B 185 9.80 -2.75 5.19
CA LEU B 185 11.18 -2.26 5.40
C LEU B 185 11.74 -1.52 4.17
N ILE B 186 11.14 -1.73 3.02
CA ILE B 186 11.60 -1.16 1.76
C ILE B 186 11.88 0.32 1.78
N PRO B 187 10.87 1.12 2.12
CA PRO B 187 11.01 2.58 2.15
C PRO B 187 11.99 3.08 3.18
N MET B 188 12.44 2.26 4.09
CA MET B 188 13.40 2.83 5.09
C MET B 188 14.85 2.49 4.82
N CYS B 189 15.07 1.65 3.84
CA CYS B 189 16.42 1.18 3.54
C CYS B 189 17.25 2.20 2.76
N PRO B 190 18.41 2.48 3.40
CA PRO B 190 19.40 3.41 2.80
C PRO B 190 19.92 2.88 1.49
N ILE B 191 19.97 1.56 1.32
CA ILE B 191 20.45 1.01 -0.01
C ILE B 191 19.40 1.18 -1.09
N VAL B 192 18.15 0.91 -0.70
CA VAL B 192 17.01 1.10 -1.62
C VAL B 192 16.94 2.60 -2.01
N LYS B 193 17.15 3.41 -0.98
CA LYS B 193 17.13 4.87 -1.16
C LYS B 193 18.32 5.41 -1.90
N SER B 194 19.24 4.52 -2.29
CA SER B 194 20.42 4.95 -3.08
C SER B 194 19.80 5.40 -4.43
N ILE B 195 18.61 4.85 -4.72
CA ILE B 195 17.87 5.17 -5.94
C ILE B 195 16.99 6.42 -5.74
N ALA B 196 17.16 7.46 -6.49
CA ALA B 196 16.42 8.72 -6.41
C ALA B 196 14.99 8.71 -6.88
N ASN B 197 14.69 8.05 -7.98
CA ASN B 197 13.36 7.96 -8.55
C ASN B 197 12.60 6.74 -8.01
N PRO B 198 11.48 7.02 -7.36
CA PRO B 198 10.62 6.01 -6.74
C PRO B 198 10.10 5.02 -7.76
N GLU B 199 10.04 5.54 -8.98
CA GLU B 199 9.58 4.71 -10.12
C GLU B 199 10.63 3.65 -10.37
N ALA B 200 11.89 3.98 -10.15
CA ALA B 200 13.04 3.07 -10.33
C ALA B 200 12.90 1.96 -9.26
N VAL B 201 12.58 2.38 -8.07
CA VAL B 201 12.36 1.47 -6.95
C VAL B 201 11.34 0.38 -7.25
N GLN B 202 10.25 0.76 -7.88
CA GLN B 202 9.16 -0.16 -8.23
C GLN B 202 9.64 -1.35 -9.07
N GLN B 203 10.60 -1.10 -9.90
CA GLN B 203 11.20 -2.07 -10.79
C GLN B 203 11.89 -3.20 -10.05
N LEU B 204 12.33 -2.98 -8.82
CA LEU B 204 12.99 -3.98 -8.02
C LEU B 204 12.02 -4.82 -7.20
N ILE B 205 10.72 -4.48 -7.25
CA ILE B 205 9.74 -5.24 -6.43
C ILE B 205 9.10 -6.38 -7.15
N ALA B 206 9.31 -7.59 -6.64
CA ALA B 206 8.73 -8.82 -7.20
C ALA B 206 7.25 -8.84 -6.75
N LYS B 207 6.36 -9.19 -7.66
CA LYS B 207 4.93 -9.27 -7.39
C LYS B 207 4.49 -10.73 -7.15
N LEU B 208 3.62 -10.84 -6.13
CA LEU B 208 3.01 -12.14 -5.79
C LEU B 208 2.30 -12.64 -7.07
N ASP B 209 2.55 -13.88 -7.40
CA ASP B 209 2.03 -14.50 -8.62
C ASP B 209 1.29 -15.80 -8.31
N MET B 210 0.03 -15.66 -7.93
CA MET B 210 -0.83 -16.78 -7.55
C MET B 210 -1.01 -17.77 -8.70
N ASN B 211 -0.93 -17.22 -9.90
CA ASN B 211 -1.09 -17.97 -11.14
C ASN B 211 -0.02 -19.04 -11.35
N ASN B 212 1.16 -18.78 -10.88
CA ASN B 212 2.31 -19.70 -11.06
C ASN B 212 2.55 -20.62 -9.87
N ALA B 213 1.76 -20.43 -8.85
CA ALA B 213 1.88 -21.20 -7.60
C ALA B 213 1.42 -22.65 -7.80
N ASN B 214 1.93 -23.49 -6.97
CA ASN B 214 1.66 -24.93 -6.84
C ASN B 214 0.83 -25.03 -5.53
N PRO B 215 -0.48 -25.17 -5.75
CA PRO B 215 -1.45 -25.28 -4.63
C PRO B 215 -1.02 -26.40 -3.68
N MET B 216 -1.26 -26.14 -2.41
CA MET B 216 -0.92 -27.08 -1.34
C MET B 216 0.60 -27.32 -1.36
N ASP B 217 1.35 -26.46 -2.06
CA ASP B 217 2.80 -26.67 -2.15
C ASP B 217 3.66 -25.45 -1.95
N CYS B 218 3.63 -24.54 -2.93
CA CYS B 218 4.45 -23.30 -2.80
C CYS B 218 3.85 -22.14 -3.56
N LEU B 219 4.17 -20.98 -3.08
CA LEU B 219 3.74 -19.70 -3.71
C LEU B 219 4.78 -19.38 -4.81
N ALA B 220 4.48 -18.31 -5.54
CA ALA B 220 5.36 -17.85 -6.63
C ALA B 220 5.38 -16.31 -6.70
N TYR B 221 6.57 -15.80 -7.06
CA TYR B 221 6.83 -14.40 -7.23
C TYR B 221 7.33 -14.17 -8.67
N ARG B 222 6.90 -13.03 -9.22
CA ARG B 222 7.27 -12.67 -10.58
C ARG B 222 8.28 -11.52 -10.59
N PHE B 223 9.40 -11.76 -11.30
CA PHE B 223 10.42 -10.70 -11.39
C PHE B 223 11.01 -10.61 -12.80
N ASP B 224 10.60 -9.58 -13.55
CA ASP B 224 11.14 -9.38 -14.93
C ASP B 224 12.31 -8.41 -14.88
N ILE B 225 13.30 -8.71 -15.71
CA ILE B 225 14.52 -7.86 -15.75
C ILE B 225 14.67 -7.29 -17.16
N VAL B 226 15.01 -6.05 -17.21
CA VAL B 226 15.23 -5.26 -18.41
C VAL B 226 16.69 -4.80 -18.50
N LEU B 227 17.33 -5.32 -19.55
CA LEU B 227 18.73 -4.96 -19.86
C LEU B 227 18.72 -3.85 -20.96
N ARG B 228 19.84 -3.17 -21.06
CA ARG B 228 20.03 -2.09 -22.10
C ARG B 228 19.60 -2.60 -23.46
N GLY B 229 18.89 -1.76 -24.19
CA GLY B 229 18.39 -2.09 -25.54
C GLY B 229 19.60 -2.28 -26.49
N GLN B 230 19.42 -3.32 -27.31
CA GLN B 230 20.41 -3.69 -28.33
C GLN B 230 19.87 -3.29 -29.73
N ARG B 231 20.72 -2.52 -30.45
CA ARG B 231 20.37 -2.11 -31.79
C ARG B 231 21.55 -2.37 -32.76
N LYS B 232 21.12 -2.39 -34.04
CA LYS B 232 22.14 -2.61 -35.10
C LYS B 232 22.81 -1.24 -35.30
N THR B 233 24.05 -1.31 -35.73
CA THR B 233 24.83 -0.11 -36.04
C THR B 233 24.21 0.44 -37.33
N HIS B 234 24.26 1.75 -37.48
CA HIS B 234 23.74 2.41 -38.69
C HIS B 234 24.56 3.67 -38.99
N PHE B 235 24.72 3.86 -40.29
CA PHE B 235 25.45 5.00 -40.85
C PHE B 235 26.71 5.30 -40.07
N GLU B 236 27.38 4.28 -39.57
CA GLU B 236 28.57 4.52 -38.76
C GLU B 236 29.82 4.84 -39.53
N PRO C 1 3.89 1.41 9.48
CA PRO C 1 4.68 1.26 10.68
C PRO C 1 4.22 2.26 11.75
N ILE C 2 4.74 2.09 12.94
CA ILE C 2 4.46 2.97 14.07
C ILE C 2 5.42 4.19 14.07
N GLU C 3 4.84 5.35 14.23
CA GLU C 3 5.67 6.59 14.33
C GLU C 3 5.34 7.31 15.61
N LEU C 4 6.33 7.72 16.37
CA LEU C 4 6.15 8.46 17.65
C LEU C 4 6.16 9.96 17.34
N LEU C 5 6.16 10.81 18.37
CA LEU C 5 6.32 12.27 18.09
C LEU C 5 7.82 12.39 17.64
N PRO C 6 8.04 13.28 16.71
CA PRO C 6 9.39 13.54 16.21
C PRO C 6 10.12 14.38 17.26
N GLU C 7 11.40 14.07 17.37
CA GLU C 7 12.25 14.84 18.33
C GLU C 7 12.38 16.26 17.79
N THR C 8 12.53 17.22 18.69
CA THR C 8 12.79 18.61 18.27
C THR C 8 14.15 18.60 17.56
N PRO C 9 14.17 19.27 16.41
CA PRO C 9 15.39 19.37 15.60
C PRO C 9 16.46 20.20 16.29
N SER C 10 17.71 19.77 16.09
CA SER C 10 18.87 20.49 16.60
C SER C 10 19.14 21.75 15.74
N GLN C 11 19.85 22.69 16.30
CA GLN C 11 20.34 23.89 15.58
C GLN C 11 21.76 24.12 16.20
N THR C 12 22.61 24.78 15.47
CA THR C 12 23.97 25.09 15.92
C THR C 12 23.84 25.97 17.19
N ALA C 13 24.85 25.87 18.02
CA ALA C 13 24.93 26.67 19.24
C ALA C 13 25.27 28.13 18.89
N GLY C 14 25.88 28.33 17.72
CA GLY C 14 26.32 29.65 17.25
C GLY C 14 27.59 30.08 18.04
N PRO C 15 28.20 31.20 17.61
CA PRO C 15 29.36 31.79 18.22
C PRO C 15 29.18 32.36 19.60
N TYR C 16 27.96 32.71 20.03
CA TYR C 16 27.72 33.27 21.35
C TYR C 16 27.31 32.29 22.43
N VAL C 17 27.43 31.01 22.17
CA VAL C 17 27.07 29.97 23.15
C VAL C 17 27.59 30.27 24.56
N HIS C 18 28.75 30.88 24.67
CA HIS C 18 29.40 31.22 25.92
C HIS C 18 28.55 32.05 26.87
N ILE C 19 27.77 32.96 26.32
CA ILE C 19 26.94 33.80 27.22
C ILE C 19 25.95 32.93 28.00
N GLY C 20 25.45 31.85 27.40
CA GLY C 20 24.52 30.97 28.07
C GLY C 20 25.16 29.83 28.86
N LEU C 21 26.25 29.25 28.34
CA LEU C 21 26.90 28.10 28.95
C LEU C 21 28.31 28.20 29.43
N ALA C 22 28.94 29.33 29.31
CA ALA C 22 30.35 29.54 29.73
C ALA C 22 30.52 31.04 29.95
N LEU C 23 29.74 31.52 30.93
CA LEU C 23 29.67 32.91 31.33
C LEU C 23 31.01 33.64 31.39
N GLU C 24 31.90 33.10 32.15
CA GLU C 24 33.27 33.61 32.35
C GLU C 24 33.91 33.83 30.96
N ALA C 25 33.80 32.82 30.10
CA ALA C 25 34.35 32.87 28.74
C ALA C 25 33.74 33.96 27.89
N ALA C 26 32.43 34.19 28.07
CA ALA C 26 31.69 35.22 27.33
C ALA C 26 32.20 36.60 27.80
N GLY C 27 32.83 36.54 28.97
CA GLY C 27 33.35 37.71 29.65
C GLY C 27 32.22 38.43 30.43
N ASN C 28 31.29 37.68 30.96
CA ASN C 28 30.16 38.21 31.73
C ASN C 28 30.26 37.64 33.17
N PRO C 29 29.66 38.37 34.08
CA PRO C 29 29.61 38.00 35.50
C PRO C 29 28.91 36.64 35.63
N THR C 30 29.43 35.83 36.52
CA THR C 30 28.85 34.49 36.74
C THR C 30 27.83 34.58 37.89
N ARG C 31 27.08 33.53 38.01
CA ARG C 31 26.07 33.33 39.05
C ARG C 31 26.76 32.54 40.19
N ASP C 32 26.08 32.38 41.29
CA ASP C 32 26.54 31.66 42.46
C ASP C 32 27.15 30.31 42.09
N GLN C 33 26.36 29.49 41.42
CA GLN C 33 26.79 28.13 41.02
C GLN C 33 26.82 28.01 39.50
N GLU C 34 27.93 27.50 38.98
CA GLU C 34 28.16 27.29 37.55
C GLU C 34 28.74 25.91 37.28
N ILE C 35 28.36 25.33 36.18
CA ILE C 35 28.89 24.01 35.76
C ILE C 35 30.13 24.31 34.93
N TRP C 36 31.30 23.98 35.48
CA TRP C 36 32.57 24.28 34.80
C TRP C 36 33.50 23.14 34.58
N ASN C 37 34.80 23.40 34.42
CA ASN C 37 35.78 22.36 34.07
C ASN C 37 36.55 21.63 35.12
N ARG C 38 36.14 21.67 36.35
CA ARG C 38 36.78 21.02 37.51
C ARG C 38 35.92 19.89 38.03
N LEU C 39 36.01 18.71 37.51
CA LEU C 39 35.19 17.56 37.91
C LEU C 39 35.50 17.02 39.30
N ALA C 40 36.77 17.18 39.68
CA ALA C 40 37.21 16.68 40.99
C ALA C 40 37.91 17.71 41.86
N LYS C 41 37.58 17.60 43.15
CA LYS C 41 38.22 18.42 44.22
C LYS C 41 39.51 17.65 44.58
N PRO C 42 40.53 18.36 44.98
CA PRO C 42 41.81 17.77 45.34
C PRO C 42 41.67 16.52 46.17
N ASP C 43 40.71 16.50 47.07
CA ASP C 43 40.51 15.36 47.97
C ASP C 43 39.73 14.21 47.38
N ALA C 44 39.68 14.10 46.06
CA ALA C 44 38.95 13.02 45.39
C ALA C 44 39.86 11.84 45.08
N PRO C 45 39.35 10.64 45.42
CA PRO C 45 40.07 9.39 45.18
C PRO C 45 40.30 9.27 43.65
N GLY C 46 41.38 8.63 43.31
CA GLY C 46 41.76 8.37 41.93
C GLY C 46 43.01 9.16 41.57
N GLU C 47 43.48 8.86 40.36
CA GLU C 47 44.69 9.52 39.82
C GLU C 47 44.27 10.82 39.15
N HIS C 48 44.63 11.91 39.81
CA HIS C 48 44.33 13.26 39.32
C HIS C 48 45.11 13.54 38.04
N ILE C 49 44.37 14.02 37.05
CA ILE C 49 44.93 14.35 35.75
C ILE C 49 44.34 15.67 35.21
N LEU C 50 45.10 16.18 34.26
CA LEU C 50 44.77 17.37 33.51
C LEU C 50 44.59 16.89 32.04
N LEU C 51 43.50 17.35 31.47
CA LEU C 51 43.16 17.06 30.06
C LEU C 51 43.19 18.44 29.35
N LEU C 52 43.73 18.36 28.15
CA LEU C 52 43.86 19.55 27.29
C LEU C 52 43.86 19.14 25.82
N GLY C 53 43.30 20.04 25.01
CA GLY C 53 43.21 19.83 23.59
C GLY C 53 42.92 21.11 22.81
N GLN C 54 43.00 20.88 21.51
CA GLN C 54 42.76 21.86 20.47
C GLN C 54 41.80 21.19 19.47
N VAL C 55 41.00 22.05 18.87
CA VAL C 55 40.02 21.64 17.87
C VAL C 55 40.42 22.28 16.52
N TYR C 56 40.44 21.44 15.50
CA TYR C 56 40.74 21.81 14.16
C TYR C 56 39.59 21.54 13.17
N ASP C 57 39.53 22.47 12.23
CA ASP C 57 38.57 22.43 11.12
C ASP C 57 39.24 21.70 9.95
N GLY C 58 38.55 21.51 8.88
CA GLY C 58 38.97 20.87 7.65
C GLY C 58 40.15 21.54 6.94
N ASN C 59 40.45 22.79 7.20
CA ASN C 59 41.56 23.54 6.65
C ASN C 59 42.77 23.47 7.58
N GLY C 60 42.64 22.77 8.66
CA GLY C 60 43.76 22.67 9.61
C GLY C 60 43.79 23.91 10.51
N HIS C 61 42.74 24.70 10.48
CA HIS C 61 42.68 25.90 11.34
C HIS C 61 41.99 25.59 12.69
N LEU C 62 42.44 26.29 13.73
CA LEU C 62 41.89 26.20 15.07
C LEU C 62 40.41 26.70 15.11
N VAL C 63 39.64 25.92 15.82
CA VAL C 63 38.21 26.23 16.07
C VAL C 63 38.22 26.85 17.49
N ARG C 64 38.29 28.16 17.54
CA ARG C 64 38.37 28.93 18.78
C ARG C 64 37.08 29.25 19.49
N ASP C 65 35.94 28.92 18.94
CA ASP C 65 34.65 29.18 19.59
C ASP C 65 33.96 27.87 20.01
N SER C 66 34.73 26.79 20.17
CA SER C 66 34.15 25.51 20.56
C SER C 66 33.69 25.42 22.04
N PHE C 67 32.71 24.57 22.22
CA PHE C 67 32.09 24.28 23.54
C PHE C 67 32.00 22.76 23.67
N LEU C 68 32.51 22.24 24.78
CA LEU C 68 32.54 20.79 25.04
C LEU C 68 31.90 20.45 26.41
N GLU C 69 31.27 19.30 26.40
CA GLU C 69 30.61 18.68 27.53
C GLU C 69 31.17 17.29 27.73
N VAL C 70 31.52 16.97 28.98
CA VAL C 70 32.11 15.66 29.29
C VAL C 70 31.26 14.86 30.27
N TRP C 71 31.31 13.55 30.10
CA TRP C 71 30.60 12.56 30.94
C TRP C 71 31.58 11.39 31.16
N GLN C 72 31.85 11.12 32.43
CA GLN C 72 32.75 10.03 32.82
C GLN C 72 32.44 9.40 34.18
N ALA C 73 32.87 8.12 34.30
CA ALA C 73 32.70 7.43 35.60
C ALA C 73 33.82 7.96 36.51
N ASP C 74 33.68 7.63 37.79
CA ASP C 74 34.71 8.03 38.78
C ASP C 74 35.79 6.91 38.72
N ALA C 75 36.75 7.13 39.59
CA ALA C 75 37.89 6.19 39.71
C ALA C 75 37.40 4.77 39.94
N ASN C 76 36.26 4.59 40.59
CA ASN C 76 35.74 3.24 40.83
C ASN C 76 34.88 2.74 39.68
N GLY C 77 34.91 3.40 38.53
CA GLY C 77 34.08 2.96 37.40
C GLY C 77 32.60 3.20 37.72
N GLU C 78 32.28 4.23 38.53
CA GLU C 78 30.90 4.58 38.81
C GLU C 78 30.47 5.94 38.31
N TYR C 79 29.27 6.00 37.73
CA TYR C 79 28.70 7.28 37.25
C TYR C 79 27.90 7.97 38.36
N GLN C 80 28.38 9.14 38.71
CA GLN C 80 27.79 9.98 39.77
C GLN C 80 26.86 11.01 39.12
N ASP C 81 25.60 10.69 39.00
CA ASP C 81 24.61 11.52 38.37
C ASP C 81 24.04 12.66 39.16
N ALA C 82 24.13 12.61 40.48
CA ALA C 82 23.64 13.68 41.34
C ALA C 82 24.66 14.83 41.36
N TYR C 83 24.50 15.74 40.42
CA TYR C 83 25.35 16.91 40.28
C TYR C 83 25.22 17.86 41.46
N ASN C 84 26.39 18.15 42.04
CA ASN C 84 26.45 19.03 43.23
C ASN C 84 27.89 19.51 43.44
N LEU C 85 28.01 20.83 43.56
CA LEU C 85 29.27 21.52 43.76
C LEU C 85 29.92 21.11 45.07
N GLU C 86 29.14 20.52 45.95
CA GLU C 86 29.68 20.06 47.25
C GLU C 86 30.44 18.75 47.05
N ASN C 87 30.03 17.96 46.06
CA ASN C 87 30.69 16.70 45.74
C ASN C 87 32.21 16.88 45.59
N ALA C 88 32.88 15.81 45.94
CA ALA C 88 34.37 15.79 45.80
C ALA C 88 34.69 15.44 44.32
N PHE C 89 33.72 14.81 43.67
CA PHE C 89 33.74 14.38 42.30
C PHE C 89 32.32 14.43 41.67
N ASN C 90 32.34 15.00 40.46
CA ASN C 90 31.15 15.15 39.61
C ASN C 90 31.47 14.45 38.27
N SER C 91 30.57 13.61 37.81
CA SER C 91 30.76 12.89 36.57
C SER C 91 30.64 13.76 35.31
N PHE C 92 30.03 14.91 35.42
CA PHE C 92 29.77 15.88 34.39
C PHE C 92 30.53 17.21 34.53
N GLY C 93 30.99 17.68 33.39
CA GLY C 93 31.70 18.97 33.32
C GLY C 93 31.51 19.66 31.96
N ARG C 94 31.91 20.92 31.98
CA ARG C 94 31.91 21.80 30.82
C ARG C 94 33.24 22.57 30.71
N THR C 95 33.60 22.77 29.44
CA THR C 95 34.78 23.47 29.01
C THR C 95 34.63 24.10 27.62
N ALA C 96 35.54 25.02 27.34
CA ALA C 96 35.56 25.71 26.05
C ALA C 96 36.99 26.10 25.65
N THR C 97 37.10 26.42 24.36
CA THR C 97 38.40 26.84 23.82
C THR C 97 38.55 28.36 23.87
N THR C 98 39.81 28.67 24.29
CA THR C 98 40.25 30.07 24.39
C THR C 98 40.17 30.70 22.99
N PHE C 99 39.61 31.91 22.96
CA PHE C 99 39.45 32.66 21.72
C PHE C 99 40.89 33.00 21.25
N ASP C 100 41.81 32.92 22.19
CA ASP C 100 43.22 33.17 21.90
C ASP C 100 43.96 31.93 21.41
N ALA C 101 44.48 31.16 22.35
CA ALA C 101 45.21 29.94 22.07
C ALA C 101 44.35 28.87 21.42
N GLY C 102 43.06 28.84 21.77
CA GLY C 102 42.15 27.84 21.18
C GLY C 102 42.31 26.47 21.85
N GLU C 103 42.70 26.50 23.10
CA GLU C 103 42.89 25.26 23.88
C GLU C 103 41.93 25.15 25.05
N TRP C 104 41.36 23.99 25.27
CA TRP C 104 40.42 23.78 26.40
C TRP C 104 41.16 23.00 27.47
N THR C 105 40.69 23.11 28.70
CA THR C 105 41.27 22.34 29.80
C THR C 105 40.17 21.80 30.70
N LEU C 106 40.54 20.70 31.35
CA LEU C 106 39.64 20.01 32.30
C LEU C 106 40.46 19.39 33.41
N HIS C 107 39.99 19.48 34.62
CA HIS C 107 40.65 18.92 35.81
C HIS C 107 39.75 17.80 36.34
N THR C 108 40.26 16.58 36.25
CA THR C 108 39.48 15.39 36.70
C THR C 108 40.41 14.28 37.20
N VAL C 109 39.88 13.07 37.23
CA VAL C 109 40.54 11.84 37.61
C VAL C 109 40.36 10.84 36.46
N LYS C 110 41.30 9.91 36.35
CA LYS C 110 41.19 8.85 35.30
C LYS C 110 40.03 7.94 35.71
N PRO C 111 39.07 7.78 34.79
CA PRO C 111 37.87 6.98 35.06
C PRO C 111 38.19 5.50 35.28
N GLY C 112 37.36 4.85 36.09
CA GLY C 112 37.48 3.40 36.34
C GLY C 112 36.77 2.70 35.15
N VAL C 113 36.83 1.40 35.15
CA VAL C 113 36.26 0.54 34.11
C VAL C 113 34.78 0.26 34.29
N VAL C 114 34.05 0.28 33.18
CA VAL C 114 32.60 0.02 33.15
C VAL C 114 32.32 -1.02 32.05
N ASN C 115 31.33 -1.85 32.31
CA ASN C 115 30.94 -2.91 31.36
C ASN C 115 29.84 -2.41 30.41
N ASN C 116 29.85 -2.97 29.24
CA ASN C 116 28.82 -2.64 28.22
C ASN C 116 27.57 -3.45 28.64
N ALA C 117 26.55 -3.31 27.82
CA ALA C 117 25.28 -4.00 28.05
C ALA C 117 25.47 -5.51 28.11
N ALA C 118 26.34 -6.06 27.28
CA ALA C 118 26.58 -7.53 27.31
C ALA C 118 27.56 -7.94 28.39
N GLY C 119 27.80 -7.17 29.43
CA GLY C 119 28.73 -7.47 30.49
C GLY C 119 30.20 -7.38 30.18
N VAL C 120 30.62 -7.00 28.98
CA VAL C 120 32.03 -6.86 28.61
C VAL C 120 32.58 -5.49 29.08
N PRO C 121 33.75 -5.52 29.69
CA PRO C 121 34.43 -4.31 30.18
C PRO C 121 34.93 -3.46 28.99
N MET C 122 34.72 -2.17 29.15
CA MET C 122 35.15 -1.16 28.14
C MET C 122 36.40 -0.48 28.74
N ALA C 123 37.30 -0.06 27.87
CA ALA C 123 38.53 0.61 28.41
C ALA C 123 38.10 1.92 29.04
N PRO C 124 38.87 2.38 30.00
CA PRO C 124 38.58 3.69 30.63
C PRO C 124 38.43 4.69 29.46
N HIS C 125 37.32 5.41 29.55
CA HIS C 125 37.07 6.45 28.49
C HIS C 125 36.24 7.57 29.09
N ILE C 126 36.33 8.69 28.40
CA ILE C 126 35.56 9.91 28.70
C ILE C 126 34.62 10.19 27.51
N ASN C 127 33.38 10.45 27.81
CA ASN C 127 32.39 10.72 26.73
C ASN C 127 32.43 12.25 26.46
N ILE C 128 32.60 12.57 25.19
CA ILE C 128 32.63 13.99 24.81
C ILE C 128 31.58 14.36 23.76
N SER C 129 31.04 15.55 23.99
CA SER C 129 30.07 16.20 23.07
C SER C 129 30.65 17.56 22.68
N LEU C 130 30.72 17.79 21.40
CA LEU C 130 31.24 19.05 20.86
C LEU C 130 30.18 19.85 20.11
N PHE C 131 30.21 21.11 20.44
CA PHE C 131 29.28 22.12 19.91
C PHE C 131 30.05 23.37 19.45
N ALA C 132 29.51 23.94 18.37
CA ALA C 132 30.10 25.18 17.86
C ALA C 132 29.32 25.73 16.66
N ARG C 133 29.63 27.01 16.42
CA ARG C 133 29.03 27.66 15.19
C ARG C 133 29.62 26.79 14.04
N GLY C 134 28.79 26.46 13.06
CA GLY C 134 29.13 25.66 11.94
C GLY C 134 28.72 24.20 12.16
N ILE C 135 28.40 23.83 13.38
CA ILE C 135 27.97 22.48 13.73
C ILE C 135 26.48 22.49 13.99
N ASN C 136 25.72 21.95 13.08
CA ASN C 136 24.25 21.91 13.12
C ASN C 136 23.70 21.04 14.24
N ILE C 137 24.38 19.88 14.40
CA ILE C 137 24.07 18.88 15.42
C ILE C 137 25.40 18.47 16.07
N HIS C 138 25.43 18.48 17.39
CA HIS C 138 26.68 18.20 18.14
C HIS C 138 27.27 16.84 17.80
N LEU C 139 28.58 16.75 17.95
CA LEU C 139 29.37 15.57 17.64
C LEU C 139 29.83 14.78 18.88
N HIS C 140 29.51 13.49 18.75
CA HIS C 140 29.87 12.57 19.82
C HIS C 140 31.24 11.85 19.51
N THR C 141 32.03 11.84 20.57
CA THR C 141 33.29 11.10 20.60
C THR C 141 33.65 10.59 21.99
N ARG C 142 34.73 9.78 22.00
CA ARG C 142 35.31 9.21 23.19
C ARG C 142 36.83 9.50 23.25
N LEU C 143 37.28 9.71 24.47
CA LEU C 143 38.74 9.89 24.71
C LEU C 143 39.19 8.64 25.51
N TYR C 144 40.21 7.99 24.99
CA TYR C 144 40.86 6.82 25.59
C TYR C 144 42.32 7.29 25.90
N PHE C 145 42.97 6.52 26.75
CA PHE C 145 44.35 6.80 27.22
C PHE C 145 45.37 5.88 26.58
N ASP C 146 46.51 6.44 26.18
CA ASP C 146 47.57 5.68 25.53
C ASP C 146 48.25 4.69 26.50
N ASP C 147 48.14 4.94 27.79
CA ASP C 147 48.78 4.03 28.75
C ASP C 147 47.85 2.92 29.18
N GLU C 148 46.86 2.61 28.37
CA GLU C 148 45.88 1.57 28.67
C GLU C 148 45.73 0.67 27.44
N ALA C 149 46.85 0.52 26.78
CA ALA C 149 46.99 -0.29 25.57
C ALA C 149 46.25 -1.62 25.69
N GLN C 150 46.55 -2.35 26.76
CA GLN C 150 45.94 -3.65 27.01
C GLN C 150 44.43 -3.62 26.99
N ALA C 151 43.86 -2.77 27.82
CA ALA C 151 42.39 -2.63 27.91
C ALA C 151 41.82 -2.16 26.56
N ASN C 152 42.52 -1.20 25.97
CA ASN C 152 42.15 -0.59 24.74
C ASN C 152 41.98 -1.64 23.63
N ALA C 153 42.95 -2.54 23.61
CA ALA C 153 42.97 -3.54 22.54
C ALA C 153 41.76 -4.45 22.64
N LYS C 154 41.17 -4.48 23.83
CA LYS C 154 40.01 -5.34 24.03
C LYS C 154 38.67 -4.63 24.08
N CYS C 155 38.61 -3.31 24.00
CA CYS C 155 37.37 -2.57 24.06
C CYS C 155 36.37 -2.94 22.98
N PRO C 156 35.18 -3.35 23.43
CA PRO C 156 34.09 -3.73 22.52
C PRO C 156 33.69 -2.56 21.63
N VAL C 157 33.91 -1.34 22.07
CA VAL C 157 33.57 -0.13 21.34
C VAL C 157 34.65 0.24 20.33
N LEU C 158 35.86 0.30 20.80
CA LEU C 158 37.03 0.61 19.93
C LEU C 158 37.09 -0.39 18.77
N ASN C 159 36.75 -1.65 19.09
CA ASN C 159 36.73 -2.73 18.13
C ASN C 159 35.61 -2.61 17.13
N LEU C 160 34.68 -1.68 17.30
CA LEU C 160 33.59 -1.53 16.30
C LEU C 160 34.14 -0.68 15.14
N ILE C 161 35.26 -0.01 15.37
CA ILE C 161 35.85 0.82 14.30
C ILE C 161 36.60 -0.11 13.33
N GLU C 162 36.04 -0.25 12.14
CA GLU C 162 36.54 -1.10 11.10
C GLU C 162 38.04 -1.00 10.86
N GLN C 163 38.54 0.19 10.63
CA GLN C 163 39.95 0.48 10.37
C GLN C 163 40.73 0.90 11.62
N PRO C 164 41.66 0.04 11.99
CA PRO C 164 42.55 0.24 13.12
C PRO C 164 43.22 1.58 13.19
N GLN C 165 43.57 2.14 12.05
CA GLN C 165 44.25 3.46 11.99
C GLN C 165 43.31 4.55 12.54
N ARG C 166 42.01 4.26 12.36
CA ARG C 166 40.94 5.14 12.79
C ARG C 166 40.80 5.21 14.29
N ARG C 167 41.03 4.08 14.94
CA ARG C 167 40.96 3.94 16.41
C ARG C 167 41.99 4.82 17.12
N GLU C 168 43.14 4.97 16.47
CA GLU C 168 44.22 5.78 17.05
C GLU C 168 43.81 7.22 17.29
N THR C 169 42.80 7.69 16.54
CA THR C 169 42.28 9.05 16.64
C THR C 169 41.62 9.33 18.00
N LEU C 170 41.21 8.27 18.67
CA LEU C 170 40.55 8.38 19.98
C LEU C 170 41.51 8.19 21.13
N ILE C 171 42.81 8.07 20.86
CA ILE C 171 43.76 7.84 21.98
C ILE C 171 44.48 9.08 22.41
N ALA C 172 44.31 9.48 23.66
CA ALA C 172 44.99 10.68 24.18
C ALA C 172 46.44 10.37 24.54
N LYS C 173 47.33 11.31 24.29
CA LYS C 173 48.76 11.19 24.54
C LYS C 173 49.13 11.73 25.91
N ARG C 174 49.66 10.78 26.70
CA ARG C 174 50.10 11.08 28.06
C ARG C 174 51.32 12.02 28.01
N CYS C 175 51.23 13.03 28.82
CA CYS C 175 52.24 14.08 28.93
C CYS C 175 52.25 14.60 30.36
N GLU C 176 52.91 15.73 30.47
CA GLU C 176 53.02 16.39 31.80
C GLU C 176 52.98 17.88 31.56
N VAL C 177 52.24 18.53 32.44
CA VAL C 177 52.05 20.01 32.41
C VAL C 177 52.43 20.45 33.83
N ASP C 178 53.53 21.22 33.87
CA ASP C 178 54.08 21.68 35.15
C ASP C 178 54.31 20.47 36.06
N GLY C 179 54.95 19.49 35.43
CA GLY C 179 55.27 18.22 36.09
C GLY C 179 54.04 17.59 36.72
N LYS C 180 52.94 17.72 36.03
CA LYS C 180 51.64 17.16 36.47
C LYS C 180 51.15 16.29 35.30
N THR C 181 50.62 15.14 35.65
CA THR C 181 50.12 14.18 34.65
C THR C 181 48.94 14.80 33.87
N ALA C 182 49.18 14.86 32.59
CA ALA C 182 48.25 15.42 31.61
C ALA C 182 48.12 14.47 30.41
N TYR C 183 47.08 14.71 29.64
CA TYR C 183 46.77 13.94 28.44
C TYR C 183 46.30 14.99 27.40
N ARG C 184 46.74 14.81 26.19
CA ARG C 184 46.39 15.72 25.10
C ARG C 184 45.50 14.96 24.12
N PHE C 185 44.35 15.56 23.89
CA PHE C 185 43.31 15.03 23.01
C PHE C 185 42.88 16.14 22.04
N ASP C 186 43.50 16.11 20.90
CA ASP C 186 43.18 17.10 19.84
C ASP C 186 42.06 16.45 19.01
N ILE C 187 41.18 17.27 18.52
CA ILE C 187 40.08 16.77 17.68
C ILE C 187 40.20 17.40 16.28
N ARG C 188 40.18 16.56 15.28
CA ARG C 188 40.23 17.02 13.87
C ARG C 188 38.82 16.70 13.34
N ILE C 189 38.05 17.75 13.11
CA ILE C 189 36.66 17.58 12.67
C ILE C 189 36.59 17.01 11.25
N GLN C 190 37.51 17.45 10.42
CA GLN C 190 37.47 17.08 8.99
C GLN C 190 38.83 16.88 8.40
N GLY C 191 38.91 15.95 7.45
CA GLY C 191 40.16 15.69 6.74
C GLY C 191 41.11 14.68 7.29
N GLU C 192 42.38 14.97 7.06
CA GLU C 192 43.52 14.09 7.46
C GLU C 192 43.53 13.87 8.96
N GLY C 193 43.48 12.61 9.35
CA GLY C 193 43.45 12.25 10.79
C GLY C 193 42.11 12.63 11.41
N GLU C 194 41.04 12.69 10.62
CA GLU C 194 39.72 13.09 11.18
C GLU C 194 39.32 12.12 12.32
N THR C 195 38.91 12.69 13.42
CA THR C 195 38.46 11.98 14.60
C THR C 195 37.12 11.25 14.34
N VAL C 196 37.10 10.03 14.89
CA VAL C 196 35.93 9.16 14.81
C VAL C 196 34.85 9.85 15.72
N PHE C 197 33.68 9.90 15.17
CA PHE C 197 32.47 10.47 15.80
C PHE C 197 31.43 9.34 15.71
N PHE C 198 30.73 9.21 16.82
CA PHE C 198 29.74 8.17 17.01
C PHE C 198 28.28 8.67 16.91
N ASP C 199 27.44 7.67 16.68
CA ASP C 199 25.96 7.81 16.63
C ASP C 199 25.49 6.68 17.58
N PHE C 200 24.54 7.06 18.42
CA PHE C 200 23.98 6.13 19.39
C PHE C 200 22.57 6.62 19.81
N PRO D 1 24.92 5.33 42.33
CA PRO D 1 25.34 5.78 40.99
C PRO D 1 24.24 5.46 39.98
N ALA D 2 24.40 6.02 38.80
CA ALA D 2 23.44 5.83 37.69
C ALA D 2 23.47 4.38 37.24
N GLN D 3 22.36 3.94 36.69
CA GLN D 3 22.20 2.56 36.22
C GLN D 3 21.66 2.48 34.80
N ASP D 4 22.12 1.45 34.11
CA ASP D 4 21.73 1.17 32.73
C ASP D 4 20.38 0.43 32.75
N ASN D 5 19.28 1.18 32.77
CA ASN D 5 17.95 0.49 32.74
C ASN D 5 17.11 0.96 31.56
N SER D 6 17.61 1.90 30.77
CA SER D 6 16.86 2.45 29.65
C SER D 6 17.61 2.41 28.31
N ARG D 7 16.82 2.52 27.28
CA ARG D 7 17.16 2.55 25.87
C ARG D 7 16.46 3.79 25.32
N PHE D 8 17.15 4.47 24.44
CA PHE D 8 16.62 5.69 23.80
C PHE D 8 16.40 5.42 22.33
N VAL D 9 15.28 5.88 21.83
CA VAL D 9 14.83 5.78 20.45
C VAL D 9 15.97 6.45 19.59
N ILE D 10 16.30 5.69 18.57
CA ILE D 10 17.39 6.11 17.67
C ILE D 10 16.98 7.41 16.97
N ARG D 11 17.93 8.33 16.94
CA ARG D 11 17.73 9.60 16.23
C ARG D 11 17.53 9.39 14.72
N ASP D 12 16.68 10.25 14.20
CA ASP D 12 16.32 10.35 12.77
C ASP D 12 17.21 11.50 12.24
N ARG D 13 18.32 11.07 11.65
CA ARG D 13 19.34 11.98 11.11
C ARG D 13 18.99 12.66 9.82
N ASN D 14 17.81 12.29 9.34
CA ASN D 14 17.23 12.91 8.13
C ASN D 14 16.21 13.95 8.63
N TRP D 15 15.88 13.88 9.91
CA TRP D 15 14.90 14.85 10.49
C TRP D 15 15.68 16.10 10.95
N HIS D 16 16.74 15.79 11.69
CA HIS D 16 17.67 16.84 12.17
C HIS D 16 18.40 17.36 10.89
N PRO D 17 18.98 18.54 11.06
CA PRO D 17 19.80 19.11 9.95
C PRO D 17 21.03 18.20 9.73
N LYS D 18 21.47 18.14 8.49
CA LYS D 18 22.69 17.38 8.16
C LYS D 18 23.89 18.27 8.57
N ALA D 19 25.05 17.59 8.57
CA ALA D 19 26.31 18.27 8.92
C ALA D 19 26.74 19.28 7.82
N LEU D 20 26.76 18.80 6.60
CA LEU D 20 27.21 19.68 5.48
C LEU D 20 26.03 20.40 4.84
N THR D 21 25.92 21.68 5.10
CA THR D 21 24.74 22.45 4.49
C THR D 21 25.40 23.75 4.00
N PRO D 22 25.94 23.64 2.77
CA PRO D 22 26.73 24.68 2.15
C PRO D 22 26.26 26.09 2.25
N ASP D 23 24.95 26.39 2.20
CA ASP D 23 24.47 27.78 2.31
C ASP D 23 24.85 28.46 3.63
N TYR D 24 25.05 27.59 4.60
CA TYR D 24 25.54 28.02 5.95
C TYR D 24 27.06 27.74 5.85
N LYS D 25 27.77 28.74 5.43
CA LYS D 25 29.19 28.75 5.13
C LYS D 25 30.11 28.02 6.04
N THR D 26 30.06 28.33 7.32
CA THR D 26 30.90 27.73 8.33
C THR D 26 30.79 26.21 8.40
N SER D 27 29.71 25.64 7.99
CA SER D 27 29.47 24.20 8.03
C SER D 27 30.42 23.46 7.05
N ILE D 28 30.84 24.20 6.03
CA ILE D 28 31.72 23.59 5.01
C ILE D 28 32.95 22.92 5.60
N ALA D 29 33.71 23.71 6.38
CA ALA D 29 34.91 23.30 7.03
C ALA D 29 34.71 22.66 8.39
N ARG D 30 33.48 22.73 8.93
CA ARG D 30 33.21 22.14 10.26
C ARG D 30 32.33 20.91 10.28
N SER D 31 32.35 20.12 9.22
CA SER D 31 31.52 18.90 9.14
C SER D 31 32.46 17.74 8.76
N PRO D 32 32.32 16.64 9.46
CA PRO D 32 33.13 15.43 9.19
C PRO D 32 32.85 14.96 7.76
N ARG D 33 33.81 14.26 7.19
CA ARG D 33 33.65 13.72 5.82
C ARG D 33 33.47 12.21 5.97
N GLN D 34 33.90 11.69 7.12
CA GLN D 34 33.75 10.23 7.29
C GLN D 34 32.35 10.02 7.92
N ALA D 35 31.77 8.85 7.67
CA ALA D 35 30.46 8.52 8.27
C ALA D 35 30.66 8.33 9.77
N LEU D 36 29.63 8.63 10.52
CA LEU D 36 29.58 8.44 11.97
C LEU D 36 29.57 6.90 12.20
N VAL D 37 30.23 6.48 13.24
CA VAL D 37 30.21 5.06 13.62
C VAL D 37 29.10 4.86 14.69
N SER D 38 28.17 3.95 14.33
CA SER D 38 27.07 3.60 15.20
C SER D 38 27.58 2.59 16.26
N ILE D 39 27.13 2.82 17.48
CA ILE D 39 27.51 1.93 18.59
C ILE D 39 26.24 1.65 19.41
N PRO D 40 26.28 0.51 20.06
CA PRO D 40 25.14 0.09 20.92
C PRO D 40 25.13 0.97 22.17
N GLN D 41 23.92 1.15 22.68
CA GLN D 41 23.74 1.96 23.92
C GLN D 41 24.30 1.11 25.07
N SER D 42 24.97 1.79 25.97
CA SER D 42 25.58 1.28 27.21
C SER D 42 25.34 2.36 28.31
N ILE D 43 25.75 2.03 29.52
CA ILE D 43 25.57 2.92 30.67
C ILE D 43 26.19 4.30 30.41
N SER D 44 27.27 4.21 29.66
CA SER D 44 28.03 5.41 29.28
C SER D 44 27.09 6.38 28.54
N GLU D 45 26.30 5.85 27.65
CA GLU D 45 25.39 6.70 26.85
C GLU D 45 24.00 6.92 27.40
N THR D 46 23.52 5.94 28.17
CA THR D 46 22.15 6.01 28.69
C THR D 46 21.96 6.71 30.00
N THR D 47 23.00 7.26 30.56
CA THR D 47 22.97 7.99 31.83
C THR D 47 23.42 9.45 31.55
N GLY D 48 23.23 10.30 32.55
CA GLY D 48 23.59 11.70 32.47
C GLY D 48 23.33 12.36 33.83
N PRO D 49 23.80 13.59 33.93
CA PRO D 49 23.68 14.37 35.16
C PRO D 49 22.26 14.76 35.51
N ASN D 50 21.97 14.76 36.80
CA ASN D 50 20.68 15.19 37.34
C ASN D 50 21.00 16.55 37.99
N PHE D 51 20.31 17.61 37.65
CA PHE D 51 20.53 18.95 38.16
C PHE D 51 19.65 19.40 39.32
N SER D 52 18.92 18.48 39.90
CA SER D 52 18.06 18.70 41.04
C SER D 52 18.73 19.47 42.18
N HIS D 53 19.98 19.18 42.45
CA HIS D 53 20.67 19.86 43.55
C HIS D 53 21.48 21.06 43.21
N LEU D 54 21.39 21.53 41.97
CA LEU D 54 22.20 22.75 41.62
C LEU D 54 21.51 23.91 42.36
N GLY D 55 22.29 24.81 42.92
CA GLY D 55 21.72 25.94 43.64
C GLY D 55 21.32 27.07 42.72
N PHE D 56 20.06 27.12 42.30
CA PHE D 56 19.56 28.19 41.41
C PHE D 56 19.18 29.43 42.23
N GLY D 57 19.42 30.57 41.64
CA GLY D 57 19.10 31.89 42.20
C GLY D 57 17.59 32.11 41.90
N ALA D 58 17.03 33.01 42.67
CA ALA D 58 15.63 33.43 42.62
C ALA D 58 15.19 34.02 41.27
N HIS D 59 16.10 34.70 40.59
CA HIS D 59 15.72 35.28 39.27
C HIS D 59 16.51 34.64 38.12
N ASP D 60 16.89 33.40 38.28
CA ASP D 60 17.69 32.67 37.26
C ASP D 60 16.95 32.60 35.91
N HIS D 61 15.65 32.46 36.00
CA HIS D 61 14.72 32.36 34.91
C HIS D 61 14.07 33.68 34.54
N ASP D 62 14.38 34.75 35.25
CA ASP D 62 13.77 36.06 34.96
C ASP D 62 14.79 37.09 34.45
N LEU D 63 14.89 37.15 33.11
CA LEU D 63 15.80 38.05 32.40
C LEU D 63 15.48 39.52 32.57
N LEU D 64 14.28 39.81 33.09
CA LEU D 64 13.84 41.20 33.35
C LEU D 64 14.54 41.74 34.61
N LEU D 65 14.90 40.83 35.50
CA LEU D 65 15.55 41.12 36.76
C LEU D 65 16.94 40.60 37.03
N ASN D 66 17.38 39.53 36.40
CA ASN D 66 18.64 38.89 36.65
C ASN D 66 19.90 39.59 36.20
N PHE D 67 19.86 40.71 35.53
CA PHE D 67 21.14 41.32 35.08
C PHE D 67 21.50 42.42 36.11
N GLY D 71 17.19 49.35 36.65
CA GLY D 71 16.03 49.46 35.78
C GLY D 71 15.60 48.25 35.00
N LEU D 72 14.59 48.42 34.20
CA LEU D 72 13.98 47.40 33.33
C LEU D 72 14.59 47.52 31.94
N PRO D 73 14.71 46.39 31.30
CA PRO D 73 15.22 46.37 29.90
C PRO D 73 14.10 47.01 29.01
N ILE D 74 14.56 47.61 27.92
CA ILE D 74 13.67 48.22 26.92
C ILE D 74 13.30 47.10 25.93
N GLY D 75 12.05 46.92 25.59
CA GLY D 75 11.65 45.84 24.67
C GLY D 75 10.35 45.17 25.06
N GLU D 76 9.94 44.29 24.18
CA GLU D 76 8.69 43.53 24.27
C GLU D 76 8.73 42.52 25.41
N ARG D 77 8.00 42.87 26.46
CA ARG D 77 7.93 41.95 27.62
C ARG D 77 7.14 40.71 27.20
N ILE D 78 7.75 39.57 27.35
CA ILE D 78 7.12 38.29 27.05
C ILE D 78 7.56 37.21 28.04
N ILE D 79 6.70 36.25 28.11
CA ILE D 79 6.85 35.03 28.87
C ILE D 79 7.06 33.91 27.81
N VAL D 80 8.08 33.13 28.04
CA VAL D 80 8.36 31.97 27.16
C VAL D 80 8.15 30.74 28.07
N ALA D 81 7.18 29.93 27.73
CA ALA D 81 6.88 28.75 28.55
C ALA D 81 6.46 27.59 27.66
N GLY D 82 6.51 26.41 28.27
CA GLY D 82 6.13 25.17 27.54
C GLY D 82 6.49 23.97 28.40
N ARG D 83 6.40 22.86 27.74
CA ARG D 83 6.64 21.56 28.41
C ARG D 83 7.67 20.72 27.67
N VAL D 84 8.44 19.96 28.43
CA VAL D 84 9.42 19.03 27.87
C VAL D 84 8.84 17.59 28.02
N VAL D 85 8.69 16.94 26.91
CA VAL D 85 8.21 15.57 26.82
C VAL D 85 9.14 14.72 25.97
N ASP D 86 8.96 13.43 26.01
CA ASP D 86 9.76 12.48 25.22
C ASP D 86 8.83 12.10 24.04
N GLN D 87 9.37 11.34 23.13
CA GLN D 87 8.70 10.88 21.94
C GLN D 87 7.43 10.09 22.23
N TYR D 88 7.36 9.45 23.40
CA TYR D 88 6.16 8.69 23.79
C TYR D 88 5.12 9.64 24.38
N GLY D 89 5.48 10.89 24.60
CA GLY D 89 4.56 11.88 25.17
C GLY D 89 4.68 11.98 26.69
N LYS D 90 5.67 11.35 27.25
CA LYS D 90 5.90 11.40 28.74
C LYS D 90 6.66 12.62 29.12
N PRO D 91 6.24 13.27 30.21
CA PRO D 91 6.87 14.47 30.72
C PRO D 91 8.30 14.12 31.20
N VAL D 92 9.14 15.12 31.18
CA VAL D 92 10.56 15.03 31.62
C VAL D 92 10.71 16.01 32.78
N PRO D 93 10.51 15.48 34.00
CA PRO D 93 10.58 16.29 35.21
C PRO D 93 12.00 16.57 35.64
N ASN D 94 12.18 17.63 36.39
CA ASN D 94 13.43 18.09 36.92
C ASN D 94 14.59 18.04 35.93
N THR D 95 14.34 18.61 34.75
CA THR D 95 15.43 18.64 33.74
C THR D 95 15.89 20.06 33.55
N LEU D 96 17.15 20.22 33.16
CA LEU D 96 17.76 21.51 32.97
C LEU D 96 17.50 22.17 31.60
N VAL D 97 16.90 23.35 31.68
CA VAL D 97 16.60 24.20 30.56
C VAL D 97 17.42 25.49 30.68
N GLU D 98 18.26 25.69 29.68
CA GLU D 98 19.12 26.88 29.62
C GLU D 98 18.87 27.63 28.31
N MET D 99 18.89 28.94 28.43
CA MET D 99 18.65 29.81 27.25
C MET D 99 19.51 31.07 27.30
N TRP D 100 19.77 31.60 26.13
CA TRP D 100 20.54 32.78 25.85
C TRP D 100 20.02 33.48 24.59
N GLN D 101 20.11 34.80 24.59
CA GLN D 101 19.63 35.58 23.41
C GLN D 101 20.21 36.99 23.40
N ALA D 102 19.91 37.68 22.31
CA ALA D 102 20.33 39.09 22.13
C ALA D 102 19.31 40.02 22.79
N ASN D 103 19.57 41.31 22.70
CA ASN D 103 18.64 42.32 23.26
C ASN D 103 17.57 42.63 22.20
N ALA D 104 16.78 43.65 22.48
CA ALA D 104 15.67 44.05 21.57
C ALA D 104 16.10 44.55 20.22
N GLY D 105 17.35 45.05 20.12
CA GLY D 105 17.94 45.59 18.92
C GLY D 105 18.81 44.58 18.15
N GLY D 106 18.90 43.37 18.69
CA GLY D 106 19.69 42.30 18.13
C GLY D 106 21.17 42.30 18.56
N ARG D 107 21.49 42.98 19.63
CA ARG D 107 22.89 42.99 20.15
C ARG D 107 23.08 41.98 21.29
N TYR D 108 24.07 41.13 21.17
CA TYR D 108 24.40 40.15 22.23
C TYR D 108 25.43 40.78 23.20
N ARG D 109 25.35 40.39 24.44
CA ARG D 109 26.30 40.84 25.48
C ARG D 109 27.47 39.82 25.55
N HIS D 110 28.33 39.92 24.54
CA HIS D 110 29.47 39.06 24.29
C HIS D 110 30.58 39.84 23.59
N LYS D 111 31.81 39.66 24.06
CA LYS D 111 33.00 40.33 23.55
C LYS D 111 33.00 40.44 22.02
N ASN D 112 32.81 39.27 21.41
CA ASN D 112 32.82 39.12 19.96
C ASN D 112 31.70 39.83 19.23
N ASP D 113 30.70 40.36 19.90
CA ASP D 113 29.60 41.03 19.13
C ASP D 113 29.91 42.51 18.91
N ARG D 114 30.09 42.82 17.63
CA ARG D 114 30.39 44.18 17.19
C ARG D 114 29.27 44.87 16.42
N TYR D 115 28.07 44.32 16.47
CA TYR D 115 26.91 44.92 15.77
C TYR D 115 26.70 46.29 16.42
N LEU D 116 26.36 47.22 15.58
CA LEU D 116 26.16 48.63 15.91
C LEU D 116 24.98 48.94 16.79
N ALA D 117 24.03 48.04 16.87
CA ALA D 117 22.87 48.29 17.81
C ALA D 117 23.54 48.23 19.20
N PRO D 118 23.16 49.17 20.05
CA PRO D 118 23.75 49.27 21.38
C PRO D 118 23.28 48.18 22.35
N LEU D 119 24.09 48.05 23.37
CA LEU D 119 23.78 47.13 24.50
C LEU D 119 22.74 47.84 25.37
N ASP D 120 21.94 47.07 26.07
CA ASP D 120 20.90 47.54 26.99
C ASP D 120 21.52 47.36 28.41
N PRO D 121 21.72 48.49 29.07
CA PRO D 121 22.26 48.55 30.42
C PRO D 121 21.53 47.71 31.44
N ASN D 122 20.28 47.35 31.26
CA ASN D 122 19.53 46.51 32.20
C ASN D 122 19.26 45.11 31.64
N PHE D 123 20.04 44.64 30.69
CA PHE D 123 19.82 43.31 30.08
C PHE D 123 21.08 42.49 29.87
N GLY D 124 21.10 41.28 30.40
CA GLY D 124 22.20 40.32 30.28
C GLY D 124 21.95 39.30 29.14
N GLY D 125 20.84 38.60 29.15
CA GLY D 125 20.49 37.64 28.10
C GLY D 125 20.67 36.16 28.40
N VAL D 126 20.73 35.77 29.66
CA VAL D 126 20.86 34.42 30.10
C VAL D 126 19.80 34.01 31.13
N GLY D 127 19.28 32.83 30.97
CA GLY D 127 18.30 32.24 31.88
C GLY D 127 18.45 30.71 31.89
N ARG D 128 17.95 30.15 32.99
CA ARG D 128 17.95 28.70 33.24
C ARG D 128 16.77 28.42 34.21
N CYS D 129 16.22 27.26 33.99
CA CYS D 129 15.03 26.82 34.77
C CYS D 129 15.06 25.27 34.78
N LEU D 130 14.77 24.72 35.95
CA LEU D 130 14.68 23.25 36.07
C LEU D 130 13.19 22.92 35.88
N THR D 131 12.81 21.98 35.06
CA THR D 131 11.43 21.64 34.84
C THR D 131 10.77 21.07 36.11
N ASP D 132 9.47 21.31 36.19
CA ASP D 132 8.72 20.81 37.38
C ASP D 132 8.32 19.36 37.13
N SER D 133 7.51 18.87 38.05
CA SER D 133 7.01 17.49 38.03
C SER D 133 6.25 17.21 36.75
N ASP D 134 5.64 18.22 36.16
CA ASP D 134 4.91 17.98 34.91
C ASP D 134 5.70 18.28 33.65
N GLY D 135 6.96 18.62 33.83
CA GLY D 135 7.82 18.95 32.70
C GLY D 135 7.69 20.36 32.18
N TYR D 136 7.12 21.25 32.96
CA TYR D 136 6.93 22.64 32.60
C TYR D 136 8.10 23.53 33.02
N TYR D 137 8.35 24.50 32.16
CA TYR D 137 9.41 25.50 32.41
C TYR D 137 8.76 26.86 32.00
N SER D 138 9.41 27.91 32.46
CA SER D 138 8.97 29.24 32.08
C SER D 138 10.14 30.23 32.34
N PHE D 139 10.11 31.21 31.46
CA PHE D 139 11.06 32.29 31.45
C PHE D 139 10.31 33.62 31.21
N ARG D 140 10.99 34.62 31.76
CA ARG D 140 10.48 36.01 31.52
C ARG D 140 11.66 36.79 30.91
N THR D 141 11.33 37.44 29.81
CA THR D 141 12.36 38.18 29.03
C THR D 141 11.72 39.18 28.10
N ILE D 142 12.52 39.68 27.14
CA ILE D 142 12.12 40.58 26.11
C ILE D 142 12.32 39.85 24.77
N LYS D 143 11.48 40.16 23.80
CA LYS D 143 11.62 39.51 22.48
C LYS D 143 12.91 40.06 21.83
N PRO D 144 13.81 39.15 21.42
CA PRO D 144 15.06 39.57 20.78
C PRO D 144 14.82 40.17 19.39
N GLY D 145 15.73 40.99 18.93
CA GLY D 145 15.60 41.54 17.54
C GLY D 145 16.47 40.62 16.62
N PRO D 146 16.11 40.68 15.33
CA PRO D 146 16.88 39.95 14.30
C PRO D 146 18.29 40.60 14.26
N TYR D 147 19.19 39.96 13.54
CA TYR D 147 20.56 40.52 13.41
C TYR D 147 21.29 40.00 12.20
N PRO D 148 22.02 40.94 11.65
CA PRO D 148 22.81 40.64 10.40
C PRO D 148 24.03 39.82 10.79
N TRP D 149 24.47 39.00 9.85
CA TRP D 149 25.69 38.16 10.08
C TRP D 149 26.41 37.96 8.77
N ARG D 150 27.72 37.79 8.91
CA ARG D 150 28.56 37.59 7.67
C ARG D 150 28.43 36.20 7.11
N ASN D 151 27.48 36.03 6.20
CA ASN D 151 27.24 34.71 5.54
C ASN D 151 27.25 35.10 4.04
N GLY D 152 26.11 35.28 3.50
CA GLY D 152 25.94 35.84 2.13
C GLY D 152 26.01 37.38 2.48
N PRO D 153 26.02 38.21 1.46
CA PRO D 153 26.11 39.65 1.62
C PRO D 153 24.98 40.33 2.34
N ASN D 154 23.79 39.72 2.41
CA ASN D 154 22.67 40.41 3.11
C ASN D 154 21.87 39.35 3.90
N ASP D 155 22.55 38.67 4.78
CA ASP D 155 21.93 37.59 5.60
C ASP D 155 21.55 38.19 6.97
N TRP D 156 20.36 37.75 7.41
CA TRP D 156 19.79 38.19 8.69
C TRP D 156 19.15 37.01 9.44
N ARG D 157 19.55 36.81 10.64
CA ARG D 157 18.98 35.79 11.51
C ARG D 157 17.57 36.32 11.93
N PRO D 158 16.62 35.44 11.79
CA PRO D 158 15.25 35.78 12.29
C PRO D 158 15.41 35.91 13.82
N ALA D 159 14.54 36.60 14.48
CA ALA D 159 14.59 36.70 15.98
C ALA D 159 14.47 35.22 16.49
N HIS D 160 15.36 34.94 17.43
CA HIS D 160 15.46 33.60 18.02
C HIS D 160 16.09 33.61 19.42
N ILE D 161 15.69 32.59 20.17
CA ILE D 161 16.23 32.36 21.53
C ILE D 161 16.97 31.00 21.47
N HIS D 162 18.19 31.00 21.97
CA HIS D 162 18.94 29.69 21.96
C HIS D 162 18.53 28.83 23.15
N PHE D 163 18.27 27.55 22.90
CA PHE D 163 17.90 26.62 23.96
C PHE D 163 18.87 25.43 24.10
N GLY D 164 19.07 25.03 25.33
CA GLY D 164 19.89 23.86 25.69
C GLY D 164 19.05 23.02 26.70
N ILE D 165 18.82 21.77 26.38
CA ILE D 165 18.05 20.87 27.25
C ILE D 165 18.81 19.56 27.53
N SER D 166 18.95 19.25 28.82
CA SER D 166 19.70 18.06 29.27
C SER D 166 18.98 16.76 29.03
N GLY D 167 17.77 16.64 29.59
CA GLY D 167 17.01 15.41 29.49
C GLY D 167 17.67 14.40 30.50
N PRO D 168 17.17 13.17 30.45
CA PRO D 168 17.61 12.10 31.30
C PRO D 168 18.97 11.51 31.02
N SER D 169 19.50 11.75 29.82
CA SER D 169 20.83 11.19 29.49
C SER D 169 21.62 12.08 28.56
N ILE D 170 22.90 11.72 28.37
CA ILE D 170 23.70 12.50 27.38
C ILE D 170 23.15 12.18 25.99
N ALA D 171 22.47 11.02 25.92
CA ALA D 171 21.85 10.59 24.69
C ALA D 171 20.72 11.54 24.24
N THR D 172 20.05 12.16 25.22
CA THR D 172 18.95 13.06 24.94
C THR D 172 19.33 14.54 24.84
N LYS D 173 20.48 14.91 25.39
CA LYS D 173 20.90 16.30 25.42
C LYS D 173 20.76 16.96 24.04
N LEU D 174 20.24 18.19 24.06
CA LEU D 174 20.02 18.91 22.80
C LEU D 174 20.21 20.42 22.93
N ILE D 175 20.71 20.98 21.83
CA ILE D 175 20.85 22.40 21.63
C ILE D 175 20.03 22.73 20.33
N THR D 176 19.19 23.74 20.51
CA THR D 176 18.32 24.24 19.44
C THR D 176 18.07 25.74 19.59
N GLN D 177 17.23 26.22 18.68
CA GLN D 177 16.82 27.62 18.64
C GLN D 177 15.32 27.69 18.38
N LEU D 178 14.72 28.61 19.11
CA LEU D 178 13.30 28.94 19.01
C LEU D 178 13.13 30.18 18.09
N TYR D 179 12.14 30.09 17.19
CA TYR D 179 11.77 31.20 16.30
C TYR D 179 10.36 31.68 16.67
N PHE D 180 9.99 32.87 16.19
CA PHE D 180 8.65 33.42 16.55
C PHE D 180 7.65 33.34 15.42
N GLU D 181 6.46 32.88 15.76
CA GLU D 181 5.32 32.76 14.84
C GLU D 181 5.22 34.00 13.94
N GLY D 182 5.10 33.79 12.65
CA GLY D 182 4.96 34.77 11.63
C GLY D 182 6.19 35.52 11.10
N ASP D 183 7.33 35.45 11.72
CA ASP D 183 8.57 36.12 11.34
C ASP D 183 8.92 35.83 9.87
N PRO D 184 8.82 36.91 9.07
CA PRO D 184 9.06 36.79 7.61
C PRO D 184 10.48 36.38 7.28
N LEU D 185 11.44 36.59 8.17
CA LEU D 185 12.83 36.20 8.01
C LEU D 185 13.03 34.66 8.04
N ILE D 186 12.19 33.92 8.73
CA ILE D 186 12.30 32.50 8.87
C ILE D 186 12.63 31.72 7.61
N PRO D 187 11.80 31.82 6.62
CA PRO D 187 11.98 31.07 5.38
C PRO D 187 13.19 31.47 4.58
N MET D 188 13.85 32.55 4.95
CA MET D 188 15.03 33.03 4.24
C MET D 188 16.34 32.61 4.90
N CYS D 189 16.33 32.10 6.11
CA CYS D 189 17.51 31.76 6.85
C CYS D 189 18.22 30.46 6.43
N PRO D 190 19.49 30.60 6.08
CA PRO D 190 20.34 29.46 5.70
C PRO D 190 20.42 28.46 6.88
N ILE D 191 20.52 28.91 8.11
CA ILE D 191 20.54 28.05 9.27
C ILE D 191 19.24 27.24 9.50
N VAL D 192 18.11 27.95 9.35
CA VAL D 192 16.79 27.33 9.47
C VAL D 192 16.72 26.30 8.31
N LYS D 193 17.22 26.71 7.15
CA LYS D 193 17.25 25.91 5.94
C LYS D 193 18.14 24.69 5.95
N SER D 194 18.97 24.58 6.99
CA SER D 194 19.87 23.47 7.25
C SER D 194 18.94 22.24 7.47
N ILE D 195 17.69 22.52 7.85
CA ILE D 195 16.67 21.51 8.07
C ILE D 195 15.92 21.25 6.76
N ALA D 196 15.99 20.07 6.21
CA ALA D 196 15.33 19.70 4.98
C ALA D 196 13.83 19.54 5.06
N ASN D 197 13.29 19.09 6.19
CA ASN D 197 11.81 18.91 6.26
C ASN D 197 11.12 20.11 6.82
N PRO D 198 10.24 20.71 6.02
CA PRO D 198 9.45 21.89 6.39
C PRO D 198 8.65 21.59 7.66
N GLU D 199 8.24 20.33 7.76
CA GLU D 199 7.50 19.89 8.97
C GLU D 199 8.37 19.99 10.20
N ALA D 200 9.66 19.79 10.06
CA ALA D 200 10.62 19.89 11.18
C ALA D 200 10.79 21.34 11.59
N VAL D 201 10.72 22.24 10.59
CA VAL D 201 10.87 23.66 10.80
C VAL D 201 9.75 24.20 11.74
N GLN D 202 8.53 23.76 11.47
CA GLN D 202 7.35 24.15 12.23
C GLN D 202 7.49 23.86 13.71
N GLN D 203 8.23 22.83 14.02
CA GLN D 203 8.47 22.40 15.40
C GLN D 203 9.30 23.38 16.20
N LEU D 204 10.04 24.25 15.49
CA LEU D 204 10.92 25.25 16.07
C LEU D 204 10.27 26.62 16.28
N ILE D 205 9.03 26.72 15.85
CA ILE D 205 8.30 27.98 15.94
C ILE D 205 7.39 28.13 17.15
N ALA D 206 7.75 29.04 18.03
CA ALA D 206 6.93 29.30 19.24
C ALA D 206 5.60 29.96 18.80
N LYS D 207 4.51 29.55 19.40
CA LYS D 207 3.19 30.13 19.07
C LYS D 207 2.74 31.14 20.13
N LEU D 208 2.15 32.21 19.62
CA LEU D 208 1.56 33.30 20.41
C LEU D 208 0.47 32.66 21.34
N ASP D 209 0.68 32.90 22.60
CA ASP D 209 -0.22 32.26 23.62
C ASP D 209 -0.92 33.34 24.45
N MET D 210 -2.05 33.84 23.97
CA MET D 210 -2.83 34.89 24.62
C MET D 210 -3.39 34.42 26.00
N ASN D 211 -3.69 33.15 26.10
CA ASN D 211 -4.21 32.57 27.36
C ASN D 211 -3.14 32.65 28.47
N ASN D 212 -1.87 32.67 28.13
CA ASN D 212 -0.81 32.71 29.15
C ASN D 212 -0.28 34.11 29.42
N ALA D 213 -0.80 35.07 28.66
CA ALA D 213 -0.39 36.45 28.79
C ALA D 213 -0.91 37.08 30.10
N ASN D 214 -0.22 38.10 30.54
CA ASN D 214 -0.54 38.92 31.70
C ASN D 214 -1.11 40.27 31.13
N PRO D 215 -2.41 40.42 31.25
CA PRO D 215 -3.11 41.61 30.78
C PRO D 215 -2.46 42.88 31.22
N MET D 216 -2.34 43.82 30.30
CA MET D 216 -1.74 45.13 30.50
C MET D 216 -0.32 44.98 31.04
N ASP D 217 0.33 43.88 30.73
CA ASP D 217 1.70 43.63 31.27
C ASP D 217 2.67 43.06 30.25
N CYS D 218 2.44 41.79 29.92
CA CYS D 218 3.24 41.07 28.96
C CYS D 218 2.48 40.01 28.19
N LEU D 219 3.00 39.80 27.01
CA LEU D 219 2.54 38.74 26.07
C LEU D 219 3.26 37.42 26.43
N ALA D 220 2.87 36.35 25.78
CA ALA D 220 3.43 35.03 25.99
C ALA D 220 3.45 34.19 24.71
N TYR D 221 4.47 33.33 24.68
CA TYR D 221 4.75 32.36 23.65
C TYR D 221 4.87 30.96 24.24
N ARG D 222 4.34 30.03 23.51
CA ARG D 222 4.36 28.60 23.90
C ARG D 222 5.38 27.86 23.04
N PHE D 223 6.26 27.16 23.74
CA PHE D 223 7.33 26.37 23.03
C PHE D 223 7.52 25.03 23.74
N ASP D 224 7.05 23.96 23.10
CA ASP D 224 7.18 22.61 23.73
C ASP D 224 8.40 21.94 23.07
N ILE D 225 9.07 21.16 23.85
CA ILE D 225 10.28 20.46 23.39
C ILE D 225 10.08 18.96 23.52
N VAL D 226 10.41 18.25 22.49
CA VAL D 226 10.33 16.80 22.46
C VAL D 226 11.77 16.18 22.40
N LEU D 227 12.05 15.37 23.40
CA LEU D 227 13.29 14.63 23.58
C LEU D 227 13.08 13.17 23.12
N ARG D 228 14.17 12.52 22.78
CA ARG D 228 14.13 11.13 22.35
C ARG D 228 13.34 10.27 23.36
N GLY D 229 12.51 9.39 22.85
CA GLY D 229 11.69 8.46 23.61
C GLY D 229 12.59 7.52 24.43
N GLN D 230 12.21 7.36 25.68
CA GLN D 230 12.84 6.49 26.67
C GLN D 230 11.99 5.24 26.90
N ARG D 231 12.56 4.08 26.75
CA ARG D 231 11.88 2.81 26.97
C ARG D 231 12.80 1.88 27.76
N LYS D 232 12.14 0.92 28.39
CA LYS D 232 12.86 -0.10 29.21
C LYS D 232 13.41 -1.14 28.21
N THR D 233 14.51 -1.70 28.63
CA THR D 233 15.17 -2.77 27.84
C THR D 233 14.24 -3.99 27.85
N HIS D 234 14.35 -4.80 26.83
CA HIS D 234 13.52 -6.03 26.77
C HIS D 234 14.30 -7.08 25.97
N PHE D 235 14.14 -8.30 26.42
CA PHE D 235 14.76 -9.49 25.85
C PHE D 235 16.21 -9.22 25.42
N GLU D 236 16.94 -8.44 26.19
CA GLU D 236 18.32 -8.11 25.81
C GLU D 236 19.38 -9.13 26.18
N PRO E 1 7.20 39.05 1.61
CA PRO E 1 8.09 40.18 1.37
C PRO E 1 7.97 40.69 -0.09
N ILE E 2 8.77 41.69 -0.37
CA ILE E 2 8.84 42.32 -1.71
C ILE E 2 9.78 41.49 -2.61
N GLU E 3 9.28 41.14 -3.77
CA GLU E 3 10.07 40.39 -4.78
C GLU E 3 10.23 41.24 -6.05
N LEU E 4 11.46 41.36 -6.54
CA LEU E 4 11.70 42.14 -7.80
C LEU E 4 11.68 41.12 -8.96
N LEU E 5 11.96 41.65 -10.15
CA LEU E 5 12.07 40.67 -11.29
C LEU E 5 13.41 39.90 -10.97
N PRO E 6 13.40 38.62 -11.29
CA PRO E 6 14.61 37.80 -11.09
C PRO E 6 15.65 38.14 -12.17
N GLU E 7 16.90 38.14 -11.75
CA GLU E 7 18.04 38.34 -12.65
C GLU E 7 18.13 37.11 -13.59
N THR E 8 18.60 37.39 -14.81
CA THR E 8 18.81 36.31 -15.81
C THR E 8 19.93 35.41 -15.27
N PRO E 9 19.68 34.11 -15.25
CA PRO E 9 20.65 33.16 -14.70
C PRO E 9 21.88 33.09 -15.62
N SER E 10 23.00 32.91 -14.91
CA SER E 10 24.30 32.73 -15.56
C SER E 10 24.37 31.35 -16.18
N GLN E 11 25.27 31.21 -17.15
CA GLN E 11 25.63 29.98 -17.85
C GLN E 11 27.17 30.05 -18.08
N THR E 12 27.79 28.90 -18.23
CA THR E 12 29.23 28.80 -18.47
C THR E 12 29.54 29.50 -19.82
N ALA E 13 30.68 30.11 -19.83
CA ALA E 13 31.17 30.78 -21.09
C ALA E 13 31.41 29.70 -22.13
N GLY E 14 31.72 28.47 -21.68
CA GLY E 14 31.96 27.37 -22.65
C GLY E 14 33.41 27.46 -23.19
N PRO E 15 33.81 26.40 -23.90
CA PRO E 15 35.15 26.29 -24.46
C PRO E 15 35.44 27.21 -25.63
N TYR E 16 34.45 27.79 -26.27
CA TYR E 16 34.63 28.67 -27.41
C TYR E 16 34.45 30.13 -27.12
N VAL E 17 34.52 30.51 -25.85
CA VAL E 17 34.36 31.93 -25.47
C VAL E 17 35.22 32.90 -26.30
N HIS E 18 36.40 32.47 -26.69
CA HIS E 18 37.38 33.29 -27.43
C HIS E 18 36.84 33.87 -28.73
N ILE E 19 36.02 33.03 -29.35
CA ILE E 19 35.42 33.46 -30.63
C ILE E 19 34.61 34.73 -30.41
N GLY E 20 34.05 34.91 -29.22
CA GLY E 20 33.27 36.11 -28.99
C GLY E 20 34.01 37.25 -28.33
N LEU E 21 34.91 36.92 -27.41
CA LEU E 21 35.60 37.97 -26.66
C LEU E 21 37.11 37.95 -26.72
N ALA E 22 37.70 37.03 -27.42
CA ALA E 22 39.19 36.94 -27.52
C ALA E 22 39.54 36.45 -28.93
N LEU E 23 39.02 37.19 -29.90
CA LEU E 23 39.10 36.95 -31.33
C LEU E 23 40.44 36.40 -31.80
N GLU E 24 41.46 37.16 -31.49
CA GLU E 24 42.84 36.74 -31.83
C GLU E 24 43.10 35.31 -31.36
N ALA E 25 42.76 35.07 -30.09
CA ALA E 25 42.97 33.77 -29.43
C ALA E 25 42.20 32.65 -30.07
N ALA E 26 41.03 32.94 -30.62
CA ALA E 26 40.20 31.90 -31.28
C ALA E 26 40.88 31.52 -32.62
N GLY E 27 41.81 32.44 -32.93
CA GLY E 27 42.58 32.33 -34.19
C GLY E 27 41.67 32.79 -35.36
N ASN E 28 40.90 33.82 -35.08
CA ASN E 28 39.97 34.45 -36.03
C ASN E 28 40.42 35.92 -36.18
N PRO E 29 40.11 36.46 -37.34
CA PRO E 29 40.45 37.84 -37.68
C PRO E 29 39.71 38.81 -36.76
N THR E 30 40.42 39.85 -36.34
CA THR E 30 39.78 40.82 -35.42
C THR E 30 39.11 41.93 -36.17
N ARG E 31 38.40 42.77 -35.41
CA ARG E 31 37.69 43.95 -35.94
C ARG E 31 38.59 45.17 -35.69
N ASP E 32 38.20 46.31 -36.21
CA ASP E 32 38.96 47.54 -36.07
C ASP E 32 39.30 47.83 -34.60
N GLN E 33 38.29 47.69 -33.75
CA GLN E 33 38.47 47.97 -32.31
C GLN E 33 38.13 46.76 -31.46
N GLU E 34 39.12 46.32 -30.69
CA GLU E 34 38.98 45.16 -29.80
C GLU E 34 39.38 45.56 -28.37
N ILE E 35 38.76 44.93 -27.39
CA ILE E 35 39.04 45.14 -25.95
C ILE E 35 40.06 44.04 -25.59
N TRP E 36 41.26 44.49 -25.24
CA TRP E 36 42.34 43.51 -24.96
C TRP E 36 43.12 43.76 -23.70
N ASN E 37 44.33 43.16 -23.63
CA ASN E 37 45.20 43.20 -22.47
C ASN E 37 46.19 44.31 -22.23
N ARG E 38 46.06 45.41 -22.92
CA ARG E 38 46.97 46.58 -22.83
C ARG E 38 46.17 47.74 -22.26
N LEU E 39 46.17 47.89 -20.95
CA LEU E 39 45.40 48.94 -20.29
C LEU E 39 46.06 50.32 -20.41
N ALA E 40 47.39 50.26 -20.47
CA ALA E 40 48.18 51.48 -20.52
C ALA E 40 49.05 51.63 -21.76
N LYS E 41 48.97 52.83 -22.31
CA LYS E 41 49.89 53.16 -23.49
C LYS E 41 51.22 53.43 -22.75
N PRO E 42 52.33 53.15 -23.41
CA PRO E 42 53.65 53.33 -22.81
C PRO E 42 53.86 54.69 -22.20
N ASP E 43 53.12 55.70 -22.66
CA ASP E 43 53.27 57.08 -22.13
C ASP E 43 52.30 57.43 -21.04
N ALA E 44 51.66 56.42 -20.43
CA ALA E 44 50.70 56.74 -19.35
C ALA E 44 51.50 56.90 -18.05
N PRO E 45 51.01 57.80 -17.21
CA PRO E 45 51.63 58.05 -15.91
C PRO E 45 51.46 56.84 -14.97
N GLY E 46 52.36 56.77 -14.01
CA GLY E 46 52.38 55.71 -13.00
C GLY E 46 53.48 54.70 -13.33
N GLU E 47 53.56 53.71 -12.45
CA GLU E 47 54.53 52.63 -12.54
C GLU E 47 54.02 51.52 -13.45
N HIS E 48 54.52 51.48 -14.67
CA HIS E 48 54.16 50.47 -15.67
C HIS E 48 54.60 49.11 -15.19
N ILE E 49 53.71 48.12 -15.24
CA ILE E 49 54.05 46.77 -14.81
C ILE E 49 53.47 45.74 -15.77
N LEU E 50 53.99 44.56 -15.73
CA LEU E 50 53.54 43.41 -16.46
C LEU E 50 53.01 42.37 -15.44
N LEU E 51 51.79 41.93 -15.67
CA LEU E 51 51.12 40.92 -14.81
C LEU E 51 51.03 39.61 -15.62
N LEU E 52 51.24 38.53 -14.93
CA LEU E 52 51.14 37.21 -15.63
C LEU E 52 50.75 36.17 -14.61
N GLY E 53 50.18 35.09 -15.09
CA GLY E 53 49.74 34.00 -14.23
C GLY E 53 49.16 32.85 -15.04
N GLN E 54 48.92 31.85 -14.22
CA GLN E 54 48.36 30.56 -14.61
C GLN E 54 47.17 30.27 -13.68
N VAL E 55 46.31 29.40 -14.19
CA VAL E 55 45.10 28.99 -13.47
C VAL E 55 45.13 27.45 -13.42
N TYR E 56 44.89 26.92 -12.25
CA TYR E 56 44.88 25.50 -11.97
C TYR E 56 43.50 25.01 -11.49
N ASP E 57 43.25 23.77 -11.86
CA ASP E 57 41.95 23.11 -11.49
C ASP E 57 42.19 22.40 -10.15
N GLY E 58 41.22 21.68 -9.65
CA GLY E 58 41.27 20.93 -8.43
C GLY E 58 42.26 19.77 -8.44
N ASN E 59 42.76 19.37 -9.60
CA ASN E 59 43.69 18.25 -9.73
C ASN E 59 45.10 18.81 -9.91
N GLY E 60 45.20 20.12 -9.94
CA GLY E 60 46.43 20.85 -10.12
C GLY E 60 46.82 20.95 -11.59
N HIS E 61 45.86 20.71 -12.48
CA HIS E 61 46.17 20.78 -13.92
C HIS E 61 45.80 22.16 -14.43
N LEU E 62 46.51 22.62 -15.44
CA LEU E 62 46.32 23.93 -16.03
C LEU E 62 44.96 24.03 -16.74
N VAL E 63 44.42 25.20 -16.59
CA VAL E 63 43.14 25.59 -17.23
C VAL E 63 43.57 26.48 -18.42
N ARG E 64 43.62 25.86 -19.59
CA ARG E 64 44.04 26.52 -20.81
C ARG E 64 42.99 27.22 -21.63
N ASP E 65 41.75 27.25 -21.20
CA ASP E 65 40.66 27.90 -21.96
C ASP E 65 39.99 28.98 -21.11
N SER E 66 40.76 29.48 -20.15
CA SER E 66 40.16 30.51 -19.25
C SER E 66 40.11 31.87 -19.91
N PHE E 67 39.16 32.66 -19.48
CA PHE E 67 38.91 34.05 -19.93
C PHE E 67 38.81 34.93 -18.67
N LEU E 68 39.54 36.02 -18.65
CA LEU E 68 39.60 36.95 -17.53
C LEU E 68 39.31 38.39 -17.92
N GLU E 69 38.67 39.09 -17.03
CA GLU E 69 38.34 40.51 -17.17
C GLU E 69 38.88 41.20 -15.91
N VAL E 70 39.42 42.38 -16.14
CA VAL E 70 40.03 43.21 -15.10
C VAL E 70 39.44 44.63 -15.12
N TRP E 71 39.42 45.20 -13.95
CA TRP E 71 38.95 46.49 -13.55
C TRP E 71 39.84 47.04 -12.41
N GLN E 72 40.47 48.15 -12.69
CA GLN E 72 41.38 48.82 -11.73
C GLN E 72 41.38 50.33 -11.91
N ALA E 73 41.82 50.99 -10.85
CA ALA E 73 41.94 52.46 -10.85
C ALA E 73 43.30 52.79 -11.54
N ASP E 74 43.39 54.03 -11.93
CA ASP E 74 44.66 54.54 -12.58
C ASP E 74 45.63 54.80 -11.42
N ALA E 75 46.78 55.34 -11.77
CA ALA E 75 47.83 55.64 -10.80
C ALA E 75 47.38 56.63 -9.76
N ASN E 76 46.39 57.46 -10.11
CA ASN E 76 45.88 58.45 -9.15
C ASN E 76 44.78 57.87 -8.25
N GLY E 77 44.51 56.60 -8.36
CA GLY E 77 43.46 55.94 -7.55
C GLY E 77 42.09 56.33 -8.16
N GLU E 78 42.06 56.48 -9.47
CA GLU E 78 40.87 56.85 -10.20
C GLU E 78 40.39 55.86 -11.24
N TYR E 79 39.08 55.66 -11.18
CA TYR E 79 38.43 54.73 -12.17
C TYR E 79 38.05 55.50 -13.42
N GLN E 80 38.65 55.11 -14.54
CA GLN E 80 38.34 55.76 -15.82
C GLN E 80 37.36 54.84 -16.60
N ASP E 81 36.10 55.18 -16.51
CA ASP E 81 35.03 54.39 -17.10
C ASP E 81 34.75 54.62 -18.55
N ALA E 82 35.09 55.78 -19.10
CA ALA E 82 34.85 56.04 -20.53
C ALA E 82 35.95 55.33 -21.32
N TYR E 83 35.63 54.13 -21.75
CA TYR E 83 36.49 53.27 -22.52
C TYR E 83 36.66 53.83 -23.95
N ASN E 84 37.94 53.94 -24.29
CA ASN E 84 38.37 54.48 -25.59
C ASN E 84 39.81 54.05 -25.90
N LEU E 85 40.02 53.52 -27.09
CA LEU E 85 41.33 53.05 -27.56
C LEU E 85 42.35 54.20 -27.67
N GLU E 86 41.85 55.42 -27.71
CA GLU E 86 42.66 56.62 -27.77
C GLU E 86 43.30 56.97 -26.45
N ASN E 87 42.59 56.78 -25.36
CA ASN E 87 43.06 57.06 -24.01
C ASN E 87 44.44 56.42 -23.79
N ALA E 88 45.26 57.04 -22.97
CA ALA E 88 46.57 56.50 -22.61
C ALA E 88 46.42 55.39 -21.53
N PHE E 89 45.30 55.43 -20.85
CA PHE E 89 44.90 54.49 -19.81
C PHE E 89 43.40 54.19 -19.79
N ASN E 90 43.11 52.89 -19.72
CA ASN E 90 41.74 52.38 -19.62
C ASN E 90 41.74 51.49 -18.34
N SER E 91 40.69 51.67 -17.59
CA SER E 91 40.45 50.95 -16.33
C SER E 91 40.07 49.50 -16.52
N PHE E 92 39.51 49.21 -17.66
CA PHE E 92 39.02 47.88 -18.06
C PHE E 92 39.89 47.19 -19.09
N GLY E 93 40.05 45.89 -18.93
CA GLY E 93 40.82 45.07 -19.89
C GLY E 93 40.35 43.62 -19.88
N ARG E 94 40.82 42.87 -20.87
CA ARG E 94 40.57 41.46 -21.07
C ARG E 94 41.85 40.71 -21.44
N THR E 95 41.88 39.47 -20.99
CA THR E 95 42.99 38.56 -21.23
C THR E 95 42.47 37.11 -21.25
N ALA E 96 43.35 36.21 -21.64
CA ALA E 96 42.97 34.79 -21.72
C ALA E 96 44.20 33.92 -21.64
N THR E 97 44.06 32.66 -21.24
CA THR E 97 45.17 31.73 -21.15
C THR E 97 45.47 30.98 -22.44
N THR E 98 46.84 30.88 -22.64
CA THR E 98 47.34 30.17 -23.83
C THR E 98 46.86 28.71 -23.86
N PHE E 99 46.43 28.28 -25.04
CA PHE E 99 45.99 26.89 -25.22
C PHE E 99 47.24 26.00 -25.06
N ASP E 100 48.39 26.60 -25.26
CA ASP E 100 49.67 25.86 -25.11
C ASP E 100 50.24 26.02 -23.69
N ALA E 101 50.99 27.11 -23.54
CA ALA E 101 51.60 27.46 -22.26
C ALA E 101 50.56 27.60 -21.16
N GLY E 102 49.36 28.10 -21.47
CA GLY E 102 48.33 28.26 -20.41
C GLY E 102 48.65 29.43 -19.48
N GLU E 103 49.23 30.47 -20.03
CA GLU E 103 49.58 31.69 -19.27
C GLU E 103 48.90 32.92 -19.83
N TRP E 104 48.48 33.84 -18.98
CA TRP E 104 47.83 35.09 -19.41
C TRP E 104 48.76 36.23 -19.01
N THR E 105 48.66 37.32 -19.74
CA THR E 105 49.48 38.51 -19.45
C THR E 105 48.61 39.74 -19.60
N LEU E 106 49.09 40.77 -18.94
CA LEU E 106 48.40 42.08 -18.97
C LEU E 106 49.46 43.18 -18.81
N HIS E 107 49.25 44.24 -19.54
CA HIS E 107 50.12 45.43 -19.58
C HIS E 107 49.32 46.59 -19.03
N THR E 108 49.71 47.01 -17.85
CA THR E 108 49.03 48.12 -17.15
C THR E 108 50.04 48.86 -16.26
N VAL E 109 49.47 49.68 -15.41
CA VAL E 109 50.13 50.45 -14.38
C VAL E 109 49.57 50.00 -13.00
N LYS E 110 50.39 50.27 -12.00
CA LYS E 110 50.04 49.93 -10.61
C LYS E 110 48.94 50.90 -10.16
N PRO E 111 47.83 50.31 -9.68
CA PRO E 111 46.67 51.11 -9.24
C PRO E 111 46.99 51.93 -7.98
N GLY E 112 46.39 53.08 -7.95
CA GLY E 112 46.45 54.03 -6.83
C GLY E 112 45.39 53.53 -5.79
N VAL E 113 45.42 54.15 -4.64
CA VAL E 113 44.57 53.84 -3.51
C VAL E 113 43.18 54.46 -3.67
N VAL E 114 42.20 53.63 -3.31
CA VAL E 114 40.79 54.02 -3.34
C VAL E 114 40.24 53.70 -1.93
N ASN E 115 39.22 54.47 -1.57
CA ASN E 115 38.57 54.29 -0.26
C ASN E 115 37.29 53.44 -0.42
N ASN E 116 37.00 52.77 0.66
CA ASN E 116 35.76 51.95 0.70
C ASN E 116 34.62 52.95 1.05
N ALA E 117 33.43 52.41 1.10
CA ALA E 117 32.21 53.16 1.42
C ALA E 117 32.36 53.91 2.74
N ALA E 118 33.03 53.39 3.74
CA ALA E 118 33.21 54.10 5.01
C ALA E 118 34.30 55.14 5.04
N GLY E 119 35.01 55.37 3.95
CA GLY E 119 36.10 56.32 3.83
C GLY E 119 37.48 55.74 4.19
N VAL E 120 37.52 54.43 4.37
CA VAL E 120 38.77 53.73 4.70
C VAL E 120 39.46 53.30 3.38
N PRO E 121 40.72 53.68 3.29
CA PRO E 121 41.53 53.33 2.12
C PRO E 121 41.81 51.84 2.05
N MET E 122 41.68 51.30 0.86
CA MET E 122 41.94 49.90 0.52
C MET E 122 43.37 49.85 -0.08
N ALA E 123 44.00 48.70 0.09
CA ALA E 123 45.37 48.55 -0.49
C ALA E 123 45.18 48.47 -2.03
N PRO E 124 46.22 48.89 -2.72
CA PRO E 124 46.19 48.89 -4.21
C PRO E 124 45.79 47.48 -4.66
N HIS E 125 44.80 47.42 -5.54
CA HIS E 125 44.35 46.09 -6.01
C HIS E 125 43.71 46.16 -7.39
N ILE E 126 43.69 44.98 -8.00
CA ILE E 126 43.05 44.76 -9.28
C ILE E 126 41.88 43.76 -9.10
N ASN E 127 40.73 44.17 -9.59
CA ASN E 127 39.49 43.37 -9.54
C ASN E 127 39.50 42.39 -10.72
N ILE E 128 39.30 41.14 -10.43
CA ILE E 128 39.31 40.11 -11.50
C ILE E 128 38.05 39.25 -11.52
N SER E 129 37.60 38.94 -12.74
CA SER E 129 36.46 38.05 -13.00
C SER E 129 37.01 36.93 -13.90
N LEU E 130 36.81 35.71 -13.43
CA LEU E 130 37.29 34.52 -14.15
C LEU E 130 36.15 33.74 -14.75
N PHE E 131 36.22 33.43 -16.02
CA PHE E 131 35.22 32.67 -16.75
C PHE E 131 35.91 31.49 -17.48
N ALA E 132 35.14 30.43 -17.72
CA ALA E 132 35.62 29.27 -18.45
C ALA E 132 34.59 28.16 -18.45
N ARG E 133 34.87 27.20 -19.32
CA ARG E 133 34.03 25.97 -19.37
C ARG E 133 34.22 25.31 -17.96
N GLY E 134 33.14 24.74 -17.50
CA GLY E 134 33.10 24.08 -16.20
C GLY E 134 32.78 25.09 -15.12
N ILE E 135 32.78 26.37 -15.45
CA ILE E 135 32.45 27.44 -14.51
C ILE E 135 31.08 28.02 -14.87
N ASN E 136 30.05 27.60 -14.09
CA ASN E 136 28.66 27.98 -14.27
C ASN E 136 28.40 29.48 -14.02
N ILE E 137 29.03 30.01 -13.00
CA ILE E 137 28.90 31.46 -12.71
C ILE E 137 30.34 31.94 -12.39
N HIS E 138 30.72 33.03 -13.00
CA HIS E 138 32.08 33.59 -12.89
C HIS E 138 32.51 33.84 -11.47
N LEU E 139 33.82 33.69 -11.26
CA LEU E 139 34.45 33.88 -9.95
C LEU E 139 35.11 35.27 -9.89
N HIS E 140 34.89 35.91 -8.77
CA HIS E 140 35.42 37.22 -8.47
C HIS E 140 36.59 37.11 -7.47
N THR E 141 37.65 37.83 -7.79
CA THR E 141 38.83 37.86 -6.88
C THR E 141 39.50 39.22 -6.97
N ARG E 142 40.50 39.44 -6.18
CA ARG E 142 41.32 40.64 -6.16
C ARG E 142 42.81 40.25 -6.19
N LEU E 143 43.58 41.05 -6.89
CA LEU E 143 45.02 40.89 -6.97
C LEU E 143 45.65 42.03 -6.12
N TYR E 144 46.45 41.61 -5.18
CA TYR E 144 47.19 42.51 -4.28
C TYR E 144 48.69 42.30 -4.61
N PHE E 145 49.51 43.23 -4.19
CA PHE E 145 50.95 43.31 -4.44
C PHE E 145 51.77 43.07 -3.20
N ASP E 146 52.76 42.21 -3.32
CA ASP E 146 53.65 41.86 -2.19
C ASP E 146 54.50 43.01 -1.69
N ASP E 147 54.75 44.02 -2.48
CA ASP E 147 55.60 45.16 -2.03
C ASP E 147 54.75 46.25 -1.38
N GLU E 148 53.51 45.90 -1.07
CA GLU E 148 52.60 46.89 -0.43
C GLU E 148 52.09 46.31 0.89
N ALA E 149 52.93 45.51 1.50
CA ALA E 149 52.61 44.83 2.76
C ALA E 149 51.94 45.76 3.75
N GLN E 150 52.52 46.95 3.92
CA GLN E 150 52.01 47.93 4.86
C GLN E 150 50.52 48.16 4.63
N ALA E 151 50.22 48.58 3.42
CA ALA E 151 48.83 48.85 3.02
C ALA E 151 47.97 47.61 3.18
N ASN E 152 48.56 46.49 2.75
CA ASN E 152 47.87 45.21 2.79
C ASN E 152 47.36 44.87 4.22
N ALA E 153 48.22 45.11 5.21
CA ALA E 153 47.87 44.77 6.59
C ALA E 153 46.62 45.49 7.09
N LYS E 154 46.40 46.69 6.55
CA LYS E 154 45.25 47.49 6.95
C LYS E 154 44.09 47.51 5.99
N CYS E 155 44.08 46.69 4.96
CA CYS E 155 42.96 46.71 4.00
C CYS E 155 41.69 46.19 4.72
N PRO E 156 40.64 47.00 4.65
CA PRO E 156 39.35 46.62 5.25
C PRO E 156 38.79 45.39 4.54
N VAL E 157 39.22 45.17 3.29
CA VAL E 157 38.73 44.03 2.52
C VAL E 157 39.50 42.76 2.84
N LEU E 158 40.81 42.86 2.79
CA LEU E 158 41.69 41.70 3.08
C LEU E 158 41.42 41.20 4.50
N ASN E 159 41.13 42.15 5.40
CA ASN E 159 40.83 41.87 6.80
C ASN E 159 39.50 41.16 7.03
N LEU E 160 38.66 41.10 6.04
CA LEU E 160 37.38 40.40 6.14
C LEU E 160 37.60 38.88 6.04
N ILE E 161 38.76 38.48 5.55
CA ILE E 161 39.05 37.02 5.44
C ILE E 161 39.54 36.58 6.81
N GLU E 162 38.76 35.67 7.39
CA GLU E 162 39.01 35.13 8.73
C GLU E 162 40.43 34.65 8.93
N GLN E 163 40.83 33.64 8.22
CA GLN E 163 42.14 33.01 8.22
C GLN E 163 43.20 33.79 7.46
N PRO E 164 44.19 34.22 8.22
CA PRO E 164 45.33 35.00 7.69
C PRO E 164 45.99 34.29 6.52
N GLN E 165 46.08 32.97 6.67
CA GLN E 165 46.70 32.10 5.66
C GLN E 165 46.04 32.25 4.30
N ARG E 166 44.73 32.49 4.30
CA ARG E 166 43.97 32.59 3.06
C ARG E 166 44.19 33.93 2.36
N ARG E 167 44.51 34.93 3.17
CA ARG E 167 44.77 36.29 2.62
C ARG E 167 45.97 36.21 1.66
N GLU E 168 46.90 35.34 2.01
CA GLU E 168 48.09 35.11 1.21
C GLU E 168 47.81 34.79 -0.25
N THR E 169 46.75 34.05 -0.50
CA THR E 169 46.36 33.65 -1.84
C THR E 169 46.11 34.82 -2.79
N LEU E 170 45.84 36.01 -2.27
CA LEU E 170 45.52 37.18 -3.09
C LEU E 170 46.73 38.05 -3.33
N ILE E 171 47.89 37.59 -2.96
CA ILE E 171 49.11 38.42 -3.10
C ILE E 171 50.01 38.05 -4.22
N ALA E 172 50.12 38.94 -5.20
CA ALA E 172 50.99 38.72 -6.36
C ALA E 172 52.46 38.90 -5.92
N LYS E 173 53.28 37.99 -6.45
CA LYS E 173 54.73 37.94 -6.20
C LYS E 173 55.50 38.73 -7.26
N ARG E 174 56.09 39.82 -6.81
CA ARG E 174 56.88 40.72 -7.66
C ARG E 174 58.12 40.02 -8.23
N CYS E 175 58.36 40.29 -9.50
CA CYS E 175 59.49 39.75 -10.27
C CYS E 175 59.91 40.77 -11.34
N GLU E 176 60.70 40.26 -12.27
CA GLU E 176 61.22 41.09 -13.39
C GLU E 176 61.21 40.24 -14.64
N VAL E 177 60.81 40.87 -15.72
CA VAL E 177 60.73 40.15 -17.03
C VAL E 177 61.42 41.09 -18.02
N ASP E 178 62.56 40.62 -18.52
CA ASP E 178 63.34 41.47 -19.46
C ASP E 178 63.57 42.83 -18.81
N GLY E 179 64.02 42.74 -17.55
CA GLY E 179 64.29 43.97 -16.80
C GLY E 179 63.07 44.90 -16.79
N LYS E 180 61.90 44.31 -16.77
CA LYS E 180 60.62 45.06 -16.67
C LYS E 180 59.93 44.54 -15.38
N THR E 181 59.30 45.45 -14.65
CA THR E 181 58.63 45.08 -13.38
C THR E 181 57.43 44.17 -13.70
N ALA E 182 57.41 43.02 -13.06
CA ALA E 182 56.36 42.01 -13.22
C ALA E 182 55.91 41.42 -11.88
N TYR E 183 54.67 40.95 -11.90
CA TYR E 183 54.04 40.29 -10.77
C TYR E 183 53.29 39.06 -11.31
N ARG E 184 53.60 37.97 -10.64
CA ARG E 184 52.99 36.68 -10.92
C ARG E 184 51.83 36.45 -9.89
N PHE E 185 50.71 36.13 -10.49
CA PHE E 185 49.45 35.86 -9.81
C PHE E 185 48.81 34.58 -10.37
N ASP E 186 49.01 33.50 -9.65
CA ASP E 186 48.44 32.21 -10.02
C ASP E 186 47.08 32.06 -9.25
N ILE E 187 46.15 31.42 -9.90
CA ILE E 187 44.83 31.13 -9.39
C ILE E 187 44.64 29.62 -9.24
N ARG E 188 44.28 29.25 -8.01
CA ARG E 188 44.00 27.82 -7.70
C ARG E 188 42.50 27.82 -7.38
N ILE E 189 41.73 27.30 -8.32
CA ILE E 189 40.28 27.26 -8.24
C ILE E 189 39.79 26.37 -7.10
N GLN E 190 40.52 25.28 -6.90
CA GLN E 190 40.14 24.28 -5.90
C GLN E 190 41.29 23.54 -5.28
N GLY E 191 41.10 23.23 -4.01
CA GLY E 191 42.06 22.42 -3.25
C GLY E 191 43.10 23.24 -2.52
N GLU E 192 44.25 22.58 -2.35
CA GLU E 192 45.41 23.15 -1.63
C GLU E 192 45.77 24.50 -2.16
N GLY E 193 45.76 25.50 -1.30
CA GLY E 193 46.09 26.89 -1.75
C GLY E 193 44.96 27.53 -2.53
N GLU E 194 43.74 27.01 -2.42
CA GLU E 194 42.58 27.57 -3.14
C GLU E 194 42.48 29.09 -2.92
N THR E 195 42.38 29.83 -4.00
CA THR E 195 42.28 31.29 -3.95
C THR E 195 40.91 31.71 -3.36
N VAL E 196 40.99 32.80 -2.57
CA VAL E 196 39.79 33.40 -2.03
C VAL E 196 38.97 34.00 -3.22
N PHE E 197 37.71 33.63 -3.24
CA PHE E 197 36.76 34.14 -4.26
C PHE E 197 35.68 34.89 -3.43
N PHE E 198 35.25 36.01 -4.00
CA PHE E 198 34.30 36.92 -3.39
C PHE E 198 32.87 36.92 -3.96
N ASP E 199 32.01 37.39 -3.06
CA ASP E 199 30.57 37.60 -3.35
C ASP E 199 30.26 39.06 -2.92
N PHE E 200 29.60 39.75 -3.84
CA PHE E 200 29.24 41.16 -3.57
C PHE E 200 28.03 41.54 -4.45
N PRO F 1 36.04 60.74 -13.65
CA PRO F 1 36.15 59.28 -13.35
C PRO F 1 34.87 58.81 -12.68
N ALA F 2 34.71 57.52 -12.55
CA ALA F 2 33.49 56.92 -11.97
C ALA F 2 33.35 57.28 -10.50
N GLN F 3 32.11 57.23 -10.01
CA GLN F 3 31.77 57.54 -8.60
C GLN F 3 30.86 56.50 -7.95
N ASP F 4 31.11 56.28 -6.66
CA ASP F 4 30.33 55.32 -5.87
C ASP F 4 28.97 55.93 -5.47
N ASN F 5 28.02 55.86 -6.38
CA ASN F 5 26.68 56.44 -6.09
C ASN F 5 25.59 55.38 -6.04
N SER F 6 25.90 54.15 -6.43
CA SER F 6 24.88 53.09 -6.47
C SER F 6 25.20 51.85 -5.65
N ARG F 7 24.13 51.09 -5.43
CA ARG F 7 24.19 49.81 -4.73
C ARG F 7 23.40 48.86 -5.68
N PHE F 8 23.84 47.63 -5.71
CA PHE F 8 23.17 46.64 -6.56
C PHE F 8 22.60 45.54 -5.68
N VAL F 9 21.35 45.23 -5.92
CA VAL F 9 20.63 44.17 -5.19
C VAL F 9 21.56 42.92 -5.17
N ILE F 10 21.61 42.28 -4.03
CA ILE F 10 22.42 41.08 -3.83
C ILE F 10 21.95 39.95 -4.76
N ARG F 11 22.94 39.20 -5.30
CA ARG F 11 22.59 38.11 -6.22
C ARG F 11 21.93 36.95 -5.48
N ASP F 12 21.01 36.30 -6.19
CA ASP F 12 20.36 35.13 -5.54
C ASP F 12 21.09 33.90 -6.12
N ARG F 13 21.99 33.42 -5.29
CA ARG F 13 22.83 32.25 -5.60
C ARG F 13 22.13 30.92 -5.63
N ASN F 14 20.86 30.89 -5.20
CA ASN F 14 20.04 29.67 -5.33
C ASN F 14 19.25 29.79 -6.64
N TRP F 15 19.26 30.96 -7.29
CA TRP F 15 18.54 31.15 -8.57
C TRP F 15 19.50 30.72 -9.73
N HIS F 16 20.71 31.29 -9.61
CA HIS F 16 21.79 30.99 -10.61
C HIS F 16 22.21 29.53 -10.29
N PRO F 17 22.85 28.92 -11.27
CA PRO F 17 23.36 27.55 -11.05
C PRO F 17 24.44 27.61 -9.98
N LYS F 18 24.59 26.49 -9.29
CA LYS F 18 25.66 26.41 -8.21
C LYS F 18 26.95 26.06 -9.01
N ALA F 19 28.07 26.21 -8.34
CA ALA F 19 29.40 25.89 -8.95
C ALA F 19 29.58 24.40 -9.16
N LEU F 20 29.21 23.54 -8.19
CA LEU F 20 29.35 22.09 -8.33
C LEU F 20 28.12 21.41 -8.81
N THR F 21 28.03 21.05 -10.04
CA THR F 21 26.84 20.36 -10.65
C THR F 21 27.42 19.17 -11.42
N PRO F 22 27.64 18.10 -10.64
CA PRO F 22 28.29 16.91 -11.11
C PRO F 22 27.95 16.35 -12.43
N ASP F 23 26.74 16.46 -12.90
CA ASP F 23 26.32 15.94 -14.21
C ASP F 23 27.05 16.65 -15.38
N TYR F 24 27.50 17.82 -15.10
CA TYR F 24 28.30 18.68 -15.96
C TYR F 24 29.77 18.42 -15.40
N LYS F 25 30.34 17.38 -15.97
CA LYS F 25 31.61 16.82 -15.57
C LYS F 25 32.74 17.75 -15.23
N THR F 26 33.01 18.66 -16.16
CA THR F 26 34.09 19.64 -15.99
C THR F 26 33.90 20.50 -14.75
N SER F 27 32.68 20.67 -14.28
CA SER F 27 32.47 21.52 -13.09
C SER F 27 33.08 20.89 -11.85
N ILE F 28 33.32 19.55 -11.91
CA ILE F 28 33.86 18.88 -10.73
C ILE F 28 35.20 19.46 -10.27
N ALA F 29 36.15 19.52 -11.18
CA ALA F 29 37.47 20.06 -10.86
C ALA F 29 37.55 21.56 -10.97
N ARG F 30 36.50 22.20 -11.49
CA ARG F 30 36.57 23.68 -11.63
C ARG F 30 35.69 24.48 -10.71
N SER F 31 35.33 23.92 -9.56
CA SER F 31 34.45 24.63 -8.58
C SER F 31 35.18 24.71 -7.27
N PRO F 32 35.11 25.87 -6.65
CA PRO F 32 35.80 26.11 -5.36
C PRO F 32 35.24 25.18 -4.27
N ARG F 33 36.06 24.82 -3.33
CA ARG F 33 35.58 23.96 -2.24
C ARG F 33 35.33 24.84 -1.04
N GLN F 34 36.00 25.97 -0.96
CA GLN F 34 35.80 26.90 0.15
C GLN F 34 34.57 27.76 -0.22
N ALA F 35 33.89 28.28 0.76
CA ALA F 35 32.76 29.19 0.60
C ALA F 35 33.31 30.55 0.11
N LEU F 36 32.50 31.24 -0.63
CA LEU F 36 32.81 32.56 -1.15
C LEU F 36 32.82 33.52 0.07
N VAL F 37 33.69 34.47 0.03
CA VAL F 37 33.76 35.50 1.07
C VAL F 37 32.93 36.72 0.65
N SER F 38 31.88 37.00 1.43
CA SER F 38 31.03 38.19 1.13
C SER F 38 31.75 39.47 1.55
N ILE F 39 31.63 40.52 0.74
CA ILE F 39 32.25 41.83 1.06
C ILE F 39 31.24 42.91 0.70
N PRO F 40 31.35 44.02 1.39
CA PRO F 40 30.48 45.16 1.17
C PRO F 40 30.80 45.79 -0.20
N GLN F 41 29.80 46.41 -0.80
CA GLN F 41 30.00 47.07 -2.14
C GLN F 41 30.78 48.38 -1.89
N SER F 42 31.71 48.65 -2.76
CA SER F 42 32.57 49.87 -2.73
C SER F 42 32.66 50.35 -4.21
N ILE F 43 33.36 51.45 -4.41
CA ILE F 43 33.53 52.01 -5.75
C ILE F 43 34.13 51.00 -6.72
N SER F 44 34.98 50.12 -6.18
CA SER F 44 35.64 49.07 -6.96
C SER F 44 34.61 48.15 -7.63
N GLU F 45 33.54 47.86 -6.90
CA GLU F 45 32.49 46.96 -7.31
C GLU F 45 31.30 47.58 -7.98
N THR F 46 30.99 48.82 -7.64
CA THR F 46 29.78 49.48 -8.19
C THR F 46 30.00 50.35 -9.41
N THR F 47 31.19 50.23 -9.98
CA THR F 47 31.53 51.02 -11.21
C THR F 47 31.93 49.95 -12.25
N GLY F 48 32.08 50.38 -13.47
CA GLY F 48 32.46 49.53 -14.60
C GLY F 48 32.65 50.40 -15.84
N PRO F 49 33.11 49.77 -16.89
CA PRO F 49 33.37 50.45 -18.18
C PRO F 49 32.09 50.82 -18.94
N ASN F 50 32.20 51.94 -19.62
CA ASN F 50 31.13 52.48 -20.47
C ASN F 50 31.69 52.38 -21.91
N PHE F 51 31.01 51.69 -22.78
CA PHE F 51 31.44 51.45 -24.14
C PHE F 51 30.85 52.36 -25.21
N SER F 52 30.34 53.49 -24.79
CA SER F 52 29.73 54.47 -25.68
C SER F 52 30.69 55.03 -26.73
N HIS F 53 31.99 55.08 -26.45
CA HIS F 53 32.92 55.57 -27.47
C HIS F 53 33.64 54.48 -28.21
N LEU F 54 33.22 53.25 -28.02
CA LEU F 54 33.87 52.13 -28.76
C LEU F 54 33.49 52.35 -30.22
N GLY F 55 34.43 52.12 -31.09
CA GLY F 55 34.17 52.32 -32.54
C GLY F 55 33.61 51.07 -33.18
N PHE F 56 32.31 50.90 -33.12
CA PHE F 56 31.68 49.71 -33.74
C PHE F 56 31.65 49.87 -35.26
N GLY F 57 31.81 48.77 -35.96
CA GLY F 57 31.72 48.68 -37.42
C GLY F 57 30.23 48.68 -37.77
N ALA F 58 29.89 48.95 -39.01
CA ALA F 58 28.50 49.00 -39.46
C ALA F 58 27.79 47.65 -39.46
N HIS F 59 28.53 46.58 -39.56
CA HIS F 59 27.87 45.23 -39.56
C HIS F 59 28.24 44.42 -38.32
N ASP F 60 28.62 45.12 -37.25
CA ASP F 60 29.06 44.46 -36.01
C ASP F 60 27.97 43.54 -35.45
N HIS F 61 26.74 43.91 -35.65
CA HIS F 61 25.55 43.18 -35.20
C HIS F 61 24.87 42.36 -36.26
N ASP F 62 25.38 42.30 -37.50
CA ASP F 62 24.76 41.53 -38.58
C ASP F 62 25.64 40.36 -39.02
N LEU F 63 25.41 39.17 -38.48
CA LEU F 63 26.16 37.96 -38.78
C LEU F 63 25.99 37.45 -40.20
N LEU F 64 24.99 38.00 -40.88
CA LEU F 64 24.72 37.66 -42.30
C LEU F 64 25.74 38.36 -43.22
N LEU F 65 26.27 39.48 -42.79
CA LEU F 65 27.21 40.27 -43.58
C LEU F 65 28.58 40.53 -42.97
N ASN F 66 28.83 40.27 -41.73
CA ASN F 66 30.05 40.58 -41.07
C ASN F 66 31.20 39.63 -41.17
N PHE F 67 31.11 38.52 -41.86
CA PHE F 67 32.27 37.60 -41.92
C PHE F 67 32.98 37.89 -43.28
N GLY F 71 29.12 35.99 -50.31
CA GLY F 71 28.04 35.02 -50.21
C GLY F 71 27.35 35.07 -48.84
N LEU F 72 26.15 34.57 -48.85
CA LEU F 72 25.28 34.50 -47.69
C LEU F 72 25.46 33.14 -47.03
N PRO F 73 25.36 33.16 -45.70
CA PRO F 73 25.44 31.89 -44.92
C PRO F 73 24.22 31.03 -45.26
N ILE F 74 24.41 29.73 -45.08
CA ILE F 74 23.29 28.77 -45.27
C ILE F 74 22.64 28.61 -43.88
N GLY F 75 21.33 28.55 -43.85
CA GLY F 75 20.61 28.37 -42.56
C GLY F 75 19.39 29.29 -42.49
N GLU F 76 18.70 29.11 -41.36
CA GLU F 76 17.48 29.81 -41.02
C GLU F 76 17.80 31.24 -40.62
N ARG F 77 17.30 32.15 -41.47
CA ARG F 77 17.52 33.60 -41.25
C ARG F 77 16.60 34.07 -40.10
N ILE F 78 17.20 34.68 -39.12
CA ILE F 78 16.48 35.20 -37.97
C ILE F 78 17.10 36.47 -37.42
N ILE F 79 16.22 37.23 -36.81
CA ILE F 79 16.58 38.43 -36.05
C ILE F 79 16.42 37.97 -34.54
N VAL F 80 17.39 38.32 -33.75
CA VAL F 80 17.35 38.09 -32.32
C VAL F 80 17.34 39.53 -31.69
N ALA F 81 16.28 39.88 -31.02
CA ALA F 81 16.13 41.21 -30.43
C ALA F 81 15.45 41.13 -29.04
N GLY F 82 15.67 42.15 -28.26
CA GLY F 82 15.11 42.27 -26.94
C GLY F 82 15.55 43.56 -26.26
N ARG F 83 15.29 43.57 -24.98
CA ARG F 83 15.64 44.74 -24.15
C ARG F 83 16.39 44.30 -22.91
N VAL F 84 17.26 45.15 -22.44
CA VAL F 84 18.03 44.90 -21.21
C VAL F 84 17.44 45.90 -20.17
N VAL F 85 16.93 45.32 -19.12
CA VAL F 85 16.35 46.11 -17.98
C VAL F 85 17.05 45.58 -16.70
N ASP F 86 16.82 46.29 -15.62
CA ASP F 86 17.33 45.92 -14.31
C ASP F 86 16.19 45.22 -13.54
N GLN F 87 16.46 44.77 -12.31
CA GLN F 87 15.41 44.04 -11.54
C GLN F 87 14.20 44.93 -11.24
N TYR F 88 14.44 46.22 -11.21
CA TYR F 88 13.44 47.22 -10.96
C TYR F 88 12.63 47.51 -12.23
N GLY F 89 12.96 46.87 -13.33
CA GLY F 89 12.28 47.06 -14.60
C GLY F 89 12.72 48.32 -15.35
N LYS F 90 13.83 48.89 -15.00
CA LYS F 90 14.39 50.09 -15.64
C LYS F 90 15.31 49.70 -16.78
N PRO F 91 15.22 50.41 -17.89
CA PRO F 91 16.05 50.13 -19.07
C PRO F 91 17.53 50.40 -18.75
N VAL F 92 18.38 49.70 -19.41
CA VAL F 92 19.86 49.82 -19.31
C VAL F 92 20.36 50.24 -20.71
N PRO F 93 20.43 51.55 -20.86
CA PRO F 93 20.82 52.12 -22.19
C PRO F 93 22.32 52.18 -22.35
N ASN F 94 22.80 52.13 -23.59
CA ASN F 94 24.21 52.21 -23.91
C ASN F 94 25.06 51.14 -23.24
N THR F 95 24.61 49.90 -23.27
CA THR F 95 25.38 48.83 -22.60
C THR F 95 25.88 47.88 -23.64
N LEU F 96 26.97 47.19 -23.39
CA LEU F 96 27.55 46.27 -24.37
C LEU F 96 26.98 44.86 -24.31
N VAL F 97 26.47 44.44 -25.43
CA VAL F 97 25.91 43.13 -25.65
C VAL F 97 26.75 42.40 -26.70
N GLU F 98 27.38 41.33 -26.31
CA GLU F 98 28.20 40.54 -27.28
C GLU F 98 27.66 39.13 -27.38
N MET F 99 27.74 38.55 -28.56
CA MET F 99 27.21 37.17 -28.76
C MET F 99 28.14 36.39 -29.65
N TRP F 100 28.10 35.09 -29.59
CA TRP F 100 28.89 34.14 -30.38
C TRP F 100 28.04 32.88 -30.50
N GLN F 101 28.17 32.15 -31.56
CA GLN F 101 27.37 30.91 -31.73
C GLN F 101 27.99 30.05 -32.83
N ALA F 102 27.49 28.86 -33.00
CA ALA F 102 27.96 27.96 -34.08
C ALA F 102 27.15 28.31 -35.35
N ASN F 103 27.43 27.58 -36.41
CA ASN F 103 26.75 27.68 -37.69
C ASN F 103 25.50 26.80 -37.66
N ALA F 104 24.85 26.75 -38.81
CA ALA F 104 23.58 26.00 -38.93
C ALA F 104 23.67 24.53 -38.58
N GLY F 105 24.91 24.02 -38.71
CA GLY F 105 25.23 22.63 -38.46
C GLY F 105 25.79 22.32 -37.11
N GLY F 106 25.94 23.32 -36.24
CA GLY F 106 26.49 23.08 -34.90
C GLY F 106 28.01 23.16 -34.86
N ARG F 107 28.62 23.69 -35.89
CA ARG F 107 30.11 23.81 -35.94
C ARG F 107 30.52 25.25 -35.68
N TYR F 108 31.48 25.42 -34.79
CA TYR F 108 32.04 26.70 -34.43
C TYR F 108 33.30 27.00 -35.27
N ARG F 109 33.49 28.27 -35.49
CA ARG F 109 34.71 28.72 -36.25
C ARG F 109 35.75 29.00 -35.16
N HIS F 110 36.37 27.91 -34.74
CA HIS F 110 37.39 27.82 -33.71
C HIS F 110 38.26 26.56 -33.91
N LYS F 111 39.55 26.78 -33.64
CA LYS F 111 40.62 25.80 -33.77
C LYS F 111 40.29 24.43 -33.16
N ASN F 112 39.83 24.55 -31.92
CA ASN F 112 39.47 23.43 -31.07
C ASN F 112 38.23 22.67 -31.46
N ASP F 113 37.46 23.17 -32.40
CA ASP F 113 36.22 22.46 -32.80
C ASP F 113 36.49 21.52 -33.96
N ARG F 114 36.41 20.22 -33.64
CA ARG F 114 36.62 19.21 -34.69
C ARG F 114 35.37 18.38 -34.92
N TYR F 115 34.22 19.02 -34.75
CA TYR F 115 32.96 18.30 -34.98
C TYR F 115 32.94 18.11 -36.51
N LEU F 116 32.45 16.98 -36.92
CA LEU F 116 32.43 16.59 -38.33
C LEU F 116 31.57 17.42 -39.23
N ALA F 117 30.72 18.27 -38.69
CA ALA F 117 29.85 19.17 -39.53
C ALA F 117 30.82 20.26 -40.02
N PRO F 118 30.67 20.59 -41.30
CA PRO F 118 31.55 21.56 -41.93
C PRO F 118 31.28 23.01 -41.54
N LEU F 119 32.34 23.79 -41.79
CA LEU F 119 32.33 25.24 -41.61
C LEU F 119 31.55 25.83 -42.81
N ASP F 120 30.96 26.97 -42.55
CA ASP F 120 30.20 27.75 -43.53
C ASP F 120 31.14 28.92 -43.93
N PRO F 121 31.54 28.85 -45.20
CA PRO F 121 32.44 29.83 -45.80
C PRO F 121 32.03 31.28 -45.66
N ASN F 122 30.74 31.55 -45.47
CA ASN F 122 30.24 32.93 -45.33
C ASN F 122 29.78 33.23 -43.90
N PHE F 123 30.22 32.42 -42.95
CA PHE F 123 29.73 32.65 -41.55
C PHE F 123 30.84 32.61 -40.53
N GLY F 124 30.88 33.68 -39.73
CA GLY F 124 31.89 33.83 -38.65
C GLY F 124 31.28 33.35 -37.31
N GLY F 125 30.21 33.99 -36.87
CA GLY F 125 29.50 33.68 -35.64
C GLY F 125 29.71 34.63 -34.48
N VAL F 126 30.21 35.84 -34.79
CA VAL F 126 30.40 36.84 -33.73
C VAL F 126 29.60 38.11 -33.99
N GLY F 127 29.06 38.67 -32.92
CA GLY F 127 28.30 39.93 -33.02
C GLY F 127 28.43 40.73 -31.73
N ARG F 128 28.19 42.02 -31.86
CA ARG F 128 28.21 42.98 -30.74
C ARG F 128 27.21 44.10 -31.10
N CYS F 129 26.57 44.65 -30.13
CA CYS F 129 25.55 45.72 -30.29
C CYS F 129 25.49 46.53 -29.00
N LEU F 130 25.47 47.81 -29.07
CA LEU F 130 25.37 48.68 -27.87
C LEU F 130 23.88 49.00 -27.74
N THR F 131 23.28 48.76 -26.59
CA THR F 131 21.83 49.04 -26.45
C THR F 131 21.56 50.54 -26.66
N ASP F 132 20.33 50.78 -27.10
CA ASP F 132 19.88 52.17 -27.33
C ASP F 132 19.39 52.77 -26.00
N SER F 133 18.84 53.95 -26.17
CA SER F 133 18.28 54.79 -25.13
C SER F 133 17.21 54.05 -24.36
N ASP F 134 16.54 53.14 -25.03
CA ASP F 134 15.48 52.34 -24.45
C ASP F 134 15.86 50.99 -23.91
N GLY F 135 17.12 50.65 -24.02
CA GLY F 135 17.67 49.37 -23.59
C GLY F 135 17.47 48.30 -24.66
N TYR F 136 17.17 48.69 -25.91
CA TYR F 136 16.97 47.71 -26.98
C TYR F 136 18.23 47.36 -27.75
N TYR F 137 18.33 46.12 -28.16
CA TYR F 137 19.41 45.59 -28.96
C TYR F 137 18.76 44.66 -30.01
N SER F 138 19.57 44.37 -31.01
CA SER F 138 19.15 43.47 -32.07
C SER F 138 20.36 43.00 -32.90
N PHE F 139 20.19 41.78 -33.35
CA PHE F 139 21.16 41.04 -34.15
C PHE F 139 20.41 40.34 -35.29
N ARG F 140 21.13 40.15 -36.37
CA ARG F 140 20.58 39.44 -37.52
C ARG F 140 21.58 38.28 -37.70
N THR F 141 21.03 37.09 -37.75
CA THR F 141 21.94 35.90 -37.86
C THR F 141 21.18 34.74 -38.44
N ILE F 142 21.75 33.56 -38.26
CA ILE F 142 21.12 32.28 -38.70
C ILE F 142 20.98 31.43 -37.42
N LYS F 143 19.95 30.60 -37.38
CA LYS F 143 19.73 29.76 -36.17
C LYS F 143 20.81 28.64 -36.13
N PRO F 144 21.52 28.61 -35.01
CA PRO F 144 22.60 27.64 -34.80
C PRO F 144 22.03 26.23 -34.65
N GLY F 145 22.80 25.21 -34.95
CA GLY F 145 22.33 23.84 -34.76
C GLY F 145 22.89 23.29 -33.42
N PRO F 146 22.22 22.23 -32.98
CA PRO F 146 22.65 21.54 -31.74
C PRO F 146 24.02 20.87 -32.08
N TYR F 147 24.77 20.52 -31.03
CA TYR F 147 26.05 19.82 -31.25
C TYR F 147 26.36 18.87 -30.08
N PRO F 148 27.06 17.78 -30.46
CA PRO F 148 27.43 16.74 -29.50
C PRO F 148 28.62 17.19 -28.69
N TRP F 149 28.82 16.68 -27.51
CA TRP F 149 30.01 17.08 -26.70
C TRP F 149 30.38 15.94 -25.79
N ARG F 150 31.66 15.91 -25.44
CA ARG F 150 32.16 14.80 -24.60
C ARG F 150 31.84 14.96 -23.13
N ASN F 151 30.63 14.53 -22.74
CA ASN F 151 30.19 14.64 -21.29
C ASN F 151 29.83 13.16 -21.00
N GLY F 152 28.54 12.89 -21.02
CA GLY F 152 28.09 11.48 -20.93
C GLY F 152 28.34 11.05 -22.46
N PRO F 153 28.19 9.78 -22.68
CA PRO F 153 28.38 9.20 -24.03
C PRO F 153 27.44 9.68 -25.09
N ASN F 154 26.34 10.35 -24.83
CA ASN F 154 25.43 10.75 -25.96
C ASN F 154 24.78 12.08 -25.57
N ASP F 155 25.61 13.02 -25.20
CA ASP F 155 25.12 14.35 -24.76
C ASP F 155 25.18 15.31 -25.94
N TRP F 156 24.09 16.09 -26.05
CA TRP F 156 23.97 17.12 -27.12
C TRP F 156 23.48 18.46 -26.51
N ARG F 157 24.21 19.53 -26.85
CA ARG F 157 23.71 20.85 -26.34
C ARG F 157 22.51 21.23 -27.25
N PRO F 158 21.48 21.81 -26.60
CA PRO F 158 20.34 22.32 -27.44
C PRO F 158 20.95 23.52 -28.23
N ALA F 159 20.33 23.87 -29.33
CA ALA F 159 20.84 25.08 -30.09
C ALA F 159 20.74 26.26 -29.09
N HIS F 160 21.83 27.04 -29.06
CA HIS F 160 21.96 28.19 -28.21
C HIS F 160 22.83 29.27 -28.80
N ILE F 161 22.68 30.47 -28.28
CA ILE F 161 23.47 31.63 -28.67
C ILE F 161 24.11 32.13 -27.35
N HIS F 162 25.41 32.27 -27.32
CA HIS F 162 26.09 32.75 -26.11
C HIS F 162 25.98 34.26 -26.00
N PHE F 163 25.70 34.76 -24.80
CA PHE F 163 25.59 36.21 -24.59
C PHE F 163 26.45 36.68 -23.40
N GLY F 164 27.05 37.84 -23.62
CA GLY F 164 27.87 38.52 -22.56
C GLY F 164 27.23 39.94 -22.49
N ILE F 165 26.90 40.39 -21.31
CA ILE F 165 26.30 41.69 -21.08
C ILE F 165 27.05 42.45 -19.97
N SER F 166 27.54 43.65 -20.25
CA SER F 166 28.27 44.46 -19.29
C SER F 166 27.45 45.02 -18.14
N GLY F 167 26.45 45.83 -18.50
CA GLY F 167 25.58 46.56 -17.55
C GLY F 167 26.44 47.74 -17.04
N PRO F 168 25.87 48.43 -16.05
CA PRO F 168 26.50 49.59 -15.41
C PRO F 168 27.70 49.35 -14.56
N SER F 169 28.02 48.14 -14.15
CA SER F 169 29.23 47.90 -13.30
C SER F 169 29.73 46.47 -13.41
N ILE F 170 30.87 46.18 -12.81
CA ILE F 170 31.40 44.81 -12.83
C ILE F 170 30.46 43.92 -12.02
N ALA F 171 29.65 44.55 -11.15
CA ALA F 171 28.67 43.84 -10.30
C ALA F 171 27.52 43.23 -11.11
N THR F 172 27.19 43.89 -12.23
CA THR F 172 26.11 43.44 -13.11
C THR F 172 26.55 42.58 -14.28
N LYS F 173 27.83 42.63 -14.63
CA LYS F 173 28.36 41.90 -15.80
C LYS F 173 27.93 40.44 -15.73
N LEU F 174 27.41 39.94 -16.84
CA LEU F 174 26.90 38.56 -16.89
C LEU F 174 27.12 37.86 -18.23
N ILE F 175 27.34 36.57 -18.20
CA ILE F 175 27.49 35.67 -19.30
C ILE F 175 26.44 34.58 -19.18
N THR F 176 25.70 34.39 -20.24
CA THR F 176 24.64 33.37 -20.26
C THR F 176 24.50 32.76 -21.65
N GLN F 177 23.42 31.96 -21.81
CA GLN F 177 23.13 31.31 -23.08
C GLN F 177 21.63 31.42 -23.35
N LEU F 178 21.26 31.69 -24.57
CA LEU F 178 19.83 31.80 -25.01
C LEU F 178 19.50 30.44 -25.66
N TYR F 179 18.35 29.92 -25.47
CA TYR F 179 17.83 28.70 -26.03
C TYR F 179 16.55 29.06 -26.83
N PHE F 180 16.14 28.15 -27.68
CA PHE F 180 14.98 28.36 -28.54
C PHE F 180 13.72 27.66 -28.10
N GLU F 181 12.67 28.47 -28.14
CA GLU F 181 11.31 28.00 -27.74
C GLU F 181 10.98 26.65 -28.39
N GLY F 182 10.49 25.71 -27.54
CA GLY F 182 10.13 24.40 -27.93
C GLY F 182 11.20 23.37 -28.25
N ASP F 183 12.47 23.66 -28.14
CA ASP F 183 13.56 22.67 -28.45
C ASP F 183 13.51 21.47 -27.47
N PRO F 184 13.35 20.30 -28.02
CA PRO F 184 13.28 19.07 -27.21
C PRO F 184 14.53 18.75 -26.41
N LEU F 185 15.69 19.26 -26.85
CA LEU F 185 16.94 19.02 -26.16
C LEU F 185 17.06 19.72 -24.84
N ILE F 186 16.40 20.85 -24.65
CA ILE F 186 16.50 21.62 -23.43
C ILE F 186 16.46 20.90 -22.10
N PRO F 187 15.38 20.16 -21.86
CA PRO F 187 15.21 19.43 -20.59
C PRO F 187 16.19 18.30 -20.36
N MET F 188 16.95 17.90 -21.35
CA MET F 188 17.94 16.83 -21.25
C MET F 188 19.38 17.33 -21.06
N CYS F 189 19.62 18.62 -21.19
CA CYS F 189 20.95 19.16 -21.09
C CYS F 189 21.44 19.38 -19.65
N PRO F 190 22.56 18.72 -19.37
CA PRO F 190 23.23 18.82 -18.08
C PRO F 190 23.63 20.26 -17.75
N ILE F 191 23.94 21.11 -18.75
CA ILE F 191 24.29 22.49 -18.49
C ILE F 191 23.06 23.35 -18.11
N VAL F 192 21.98 23.08 -18.82
CA VAL F 192 20.69 23.75 -18.59
C VAL F 192 20.31 23.34 -17.14
N LYS F 193 20.46 22.05 -16.91
CA LYS F 193 20.17 21.46 -15.59
C LYS F 193 21.05 21.94 -14.47
N SER F 194 22.10 22.70 -14.77
CA SER F 194 22.94 23.27 -13.71
C SER F 194 22.01 24.19 -12.89
N ILE F 195 20.93 24.63 -13.53
CA ILE F 195 19.94 25.49 -12.92
C ILE F 195 18.82 24.70 -12.20
N ALA F 196 18.80 24.74 -10.87
CA ALA F 196 17.82 24.00 -10.09
C ALA F 196 16.38 24.39 -10.26
N ASN F 197 16.05 25.63 -10.46
CA ASN F 197 14.67 26.13 -10.59
C ASN F 197 14.21 26.21 -12.03
N PRO F 198 13.23 25.40 -12.37
CA PRO F 198 12.66 25.32 -13.71
C PRO F 198 12.16 26.69 -14.18
N GLU F 199 11.78 27.50 -13.15
CA GLU F 199 11.30 28.86 -13.48
C GLU F 199 12.46 29.68 -14.00
N ALA F 200 13.64 29.44 -13.46
CA ALA F 200 14.85 30.19 -13.90
C ALA F 200 15.18 29.76 -15.35
N VAL F 201 15.01 28.47 -15.66
CA VAL F 201 15.27 27.95 -16.99
C VAL F 201 14.46 28.72 -18.05
N GLN F 202 13.19 28.93 -17.73
CA GLN F 202 12.28 29.64 -18.63
C GLN F 202 12.80 30.98 -19.05
N GLN F 203 13.61 31.60 -18.21
CA GLN F 203 14.13 32.94 -18.48
C GLN F 203 15.18 32.93 -19.62
N LEU F 204 15.74 31.76 -19.87
CA LEU F 204 16.75 31.52 -20.88
C LEU F 204 16.18 31.15 -22.24
N ILE F 205 14.88 31.06 -22.35
CA ILE F 205 14.24 30.68 -23.62
C ILE F 205 13.71 31.83 -24.46
N ALA F 206 14.24 31.98 -25.65
CA ALA F 206 13.84 33.00 -26.62
C ALA F 206 12.46 32.61 -27.20
N LYS F 207 11.54 33.51 -27.18
CA LYS F 207 10.19 33.27 -27.73
C LYS F 207 10.09 33.72 -29.20
N LEU F 208 9.38 32.90 -29.97
CA LEU F 208 9.14 33.19 -31.41
C LEU F 208 8.40 34.54 -31.48
N ASP F 209 8.84 35.44 -32.31
CA ASP F 209 8.18 36.77 -32.40
C ASP F 209 7.82 37.13 -33.85
N MET F 210 6.63 36.70 -34.27
CA MET F 210 6.08 36.87 -35.60
C MET F 210 5.89 38.36 -35.97
N ASN F 211 5.65 39.14 -34.91
CA ASN F 211 5.44 40.57 -34.97
C ASN F 211 6.70 41.31 -35.48
N ASN F 212 7.86 40.81 -35.11
CA ASN F 212 9.13 41.46 -35.48
C ASN F 212 9.74 40.84 -36.74
N ALA F 213 9.11 39.83 -37.31
CA ALA F 213 9.63 39.16 -38.47
C ALA F 213 9.48 39.98 -39.77
N ASN F 214 10.36 39.68 -40.71
CA ASN F 214 10.28 40.36 -42.06
C ASN F 214 9.65 39.32 -43.00
N PRO F 215 8.42 39.57 -43.39
CA PRO F 215 7.67 38.66 -44.30
C PRO F 215 8.51 38.34 -45.53
N MET F 216 8.41 37.09 -45.95
CA MET F 216 9.15 36.56 -47.09
C MET F 216 10.66 36.74 -46.91
N ASP F 217 11.14 36.90 -45.68
CA ASP F 217 12.61 37.11 -45.52
C ASP F 217 13.22 36.40 -44.33
N CYS F 218 12.76 36.79 -43.14
CA CYS F 218 13.29 36.18 -41.90
C CYS F 218 12.36 36.16 -40.73
N LEU F 219 12.64 35.19 -39.85
CA LEU F 219 11.86 35.06 -38.56
C LEU F 219 12.57 35.94 -37.53
N ALA F 220 12.01 35.99 -36.35
CA ALA F 220 12.49 36.76 -35.23
C ALA F 220 12.11 36.06 -33.91
N TYR F 221 13.08 36.25 -33.03
CA TYR F 221 13.03 35.78 -31.66
C TYR F 221 13.25 36.99 -30.75
N ARG F 222 12.58 36.94 -29.65
CA ARG F 222 12.67 37.98 -28.59
C ARG F 222 13.33 37.36 -27.34
N PHE F 223 14.31 38.06 -26.81
CA PHE F 223 15.09 37.64 -25.63
C PHE F 223 15.37 38.84 -24.75
N ASP F 224 14.66 38.99 -23.65
CA ASP F 224 14.87 40.15 -22.73
C ASP F 224 15.85 39.71 -21.64
N ILE F 225 16.66 40.61 -21.15
CA ILE F 225 17.68 40.33 -20.16
C ILE F 225 17.49 41.26 -18.95
N VAL F 226 17.50 40.66 -17.77
CA VAL F 226 17.37 41.39 -16.51
C VAL F 226 18.72 41.29 -15.73
N LEU F 227 19.22 42.48 -15.44
CA LEU F 227 20.44 42.72 -14.69
C LEU F 227 20.08 43.06 -13.24
N ARG F 228 21.06 42.96 -12.39
CA ARG F 228 20.86 43.28 -10.95
C ARG F 228 20.26 44.67 -10.85
N GLY F 229 19.26 44.78 -9.93
CA GLY F 229 18.59 46.03 -9.67
C GLY F 229 19.57 47.05 -9.07
N GLN F 230 19.51 48.24 -9.62
CA GLN F 230 20.36 49.38 -9.19
C GLN F 230 19.54 50.39 -8.42
N ARG F 231 20.02 50.79 -7.26
CA ARG F 231 19.38 51.72 -6.37
C ARG F 231 20.39 52.70 -5.81
N LYS F 232 19.84 53.83 -5.33
CA LYS F 232 20.77 54.86 -4.75
C LYS F 232 21.07 54.39 -3.30
N THR F 233 22.18 54.85 -2.80
CA THR F 233 22.59 54.54 -1.42
C THR F 233 21.62 55.33 -0.50
N HIS F 234 21.51 54.90 0.72
CA HIS F 234 20.62 55.62 1.67
C HIS F 234 21.08 55.30 3.09
N PHE F 235 20.93 56.29 3.94
CA PHE F 235 21.28 56.24 5.36
C PHE F 235 22.59 55.50 5.59
N GLU F 236 23.52 55.66 4.64
CA GLU F 236 24.80 54.95 4.79
C GLU F 236 25.78 55.60 5.74
N PRO G 1 -24.38 10.37 16.65
CA PRO G 1 -24.42 9.85 18.04
C PRO G 1 -22.94 9.73 18.49
N ILE G 2 -22.77 9.22 19.66
CA ILE G 2 -21.46 9.00 20.27
C ILE G 2 -20.98 7.61 19.82
N GLU G 3 -19.75 7.52 19.42
CA GLU G 3 -19.16 6.22 19.00
C GLU G 3 -17.89 6.00 19.84
N LEU G 4 -17.66 4.81 20.29
CA LEU G 4 -16.41 4.53 21.11
C LEU G 4 -15.40 3.86 20.16
N LEU G 5 -14.28 3.36 20.69
CA LEU G 5 -13.33 2.60 19.81
C LEU G 5 -14.07 1.27 19.48
N PRO G 6 -13.94 0.80 18.26
CA PRO G 6 -14.54 -0.45 17.84
C PRO G 6 -13.77 -1.63 18.48
N GLU G 7 -14.56 -2.60 18.87
CA GLU G 7 -13.98 -3.82 19.47
C GLU G 7 -13.21 -4.56 18.32
N THR G 8 -12.13 -5.20 18.78
CA THR G 8 -11.32 -6.02 17.82
C THR G 8 -12.25 -7.12 17.28
N PRO G 9 -12.28 -7.22 15.95
CA PRO G 9 -13.10 -8.23 15.28
C PRO G 9 -12.66 -9.65 15.57
N SER G 10 -13.59 -10.54 15.84
CA SER G 10 -13.32 -11.96 16.05
C SER G 10 -12.92 -12.62 14.72
N GLN G 11 -12.26 -13.75 14.88
CA GLN G 11 -11.83 -14.64 13.78
C GLN G 11 -11.96 -16.09 14.34
N THR G 12 -12.15 -17.02 13.42
CA THR G 12 -12.26 -18.44 13.76
C THR G 12 -10.99 -18.89 14.51
N ALA G 13 -11.19 -19.82 15.44
CA ALA G 13 -10.14 -20.41 16.25
C ALA G 13 -9.26 -21.29 15.34
N GLY G 14 -9.89 -21.77 14.26
CA GLY G 14 -9.18 -22.63 13.27
C GLY G 14 -9.05 -24.05 13.77
N PRO G 15 -8.59 -24.96 12.88
CA PRO G 15 -8.42 -26.38 13.17
C PRO G 15 -7.33 -26.71 14.17
N TYR G 16 -6.38 -25.81 14.39
CA TYR G 16 -5.29 -26.12 15.34
C TYR G 16 -5.39 -25.44 16.65
N VAL G 17 -6.58 -25.01 17.02
CA VAL G 17 -6.80 -24.34 18.31
C VAL G 17 -6.17 -25.09 19.48
N HIS G 18 -6.20 -26.40 19.38
CA HIS G 18 -5.68 -27.27 20.46
C HIS G 18 -4.26 -26.97 20.90
N ILE G 19 -3.42 -26.63 19.92
CA ILE G 19 -2.01 -26.37 20.26
C ILE G 19 -1.87 -25.26 21.26
N GLY G 20 -2.80 -24.27 21.13
CA GLY G 20 -2.75 -23.13 22.03
C GLY G 20 -3.56 -23.25 23.31
N LEU G 21 -4.72 -23.91 23.19
CA LEU G 21 -5.63 -23.97 24.35
C LEU G 21 -5.99 -25.35 24.86
N ALA G 22 -5.43 -26.40 24.30
CA ALA G 22 -5.71 -27.79 24.70
C ALA G 22 -4.49 -28.68 24.35
N LEU G 23 -3.34 -28.28 24.88
CA LEU G 23 -2.03 -28.85 24.67
C LEU G 23 -2.07 -30.37 24.53
N GLU G 24 -2.64 -30.98 25.54
CA GLU G 24 -2.80 -32.45 25.58
C GLU G 24 -3.47 -32.93 24.28
N ALA G 25 -4.57 -32.28 23.91
CA ALA G 25 -5.29 -32.68 22.69
C ALA G 25 -4.50 -32.43 21.44
N ALA G 26 -3.68 -31.38 21.38
CA ALA G 26 -2.87 -31.13 20.16
C ALA G 26 -1.84 -32.29 20.14
N GLY G 27 -1.78 -32.95 21.29
CA GLY G 27 -0.84 -34.04 21.51
C GLY G 27 0.60 -33.52 21.68
N ASN G 28 0.72 -32.43 22.40
CA ASN G 28 2.02 -31.79 22.66
C ASN G 28 2.17 -31.85 24.20
N PRO G 29 3.41 -31.79 24.63
CA PRO G 29 3.72 -31.79 26.07
C PRO G 29 3.01 -30.59 26.69
N THR G 30 2.62 -30.72 27.94
CA THR G 30 1.90 -29.64 28.64
C THR G 30 2.88 -28.87 29.50
N ARG G 31 2.39 -27.73 29.98
CA ARG G 31 3.19 -26.86 30.88
C ARG G 31 2.82 -27.31 32.30
N ASP G 32 3.46 -26.75 33.30
CA ASP G 32 3.24 -27.06 34.70
C ASP G 32 1.75 -26.95 35.07
N GLN G 33 1.17 -25.80 34.70
CA GLN G 33 -0.25 -25.54 35.03
C GLN G 33 -1.05 -25.32 33.73
N GLU G 34 -2.09 -26.07 33.59
CA GLU G 34 -3.02 -26.02 32.47
C GLU G 34 -4.45 -25.84 32.98
N ILE G 35 -5.22 -25.14 32.18
CA ILE G 35 -6.66 -24.91 32.41
C ILE G 35 -7.37 -26.04 31.64
N TRP G 36 -7.90 -26.96 32.43
CA TRP G 36 -8.54 -28.15 31.81
C TRP G 36 -9.96 -28.41 32.26
N ASN G 37 -10.42 -29.63 32.08
CA ASN G 37 -11.74 -30.12 32.34
C ASN G 37 -12.15 -30.65 33.70
N ARG G 38 -11.42 -30.33 34.75
CA ARG G 38 -11.75 -30.81 36.12
C ARG G 38 -11.94 -29.59 37.01
N LEU G 39 -13.12 -29.10 37.18
CA LEU G 39 -13.43 -27.90 37.95
C LEU G 39 -13.48 -28.15 39.45
N ALA G 40 -13.81 -29.39 39.80
CA ALA G 40 -13.92 -29.76 41.24
C ALA G 40 -13.02 -30.92 41.64
N LYS G 41 -12.40 -30.75 42.79
CA LYS G 41 -11.57 -31.85 43.37
C LYS G 41 -12.55 -32.71 44.17
N PRO G 42 -12.15 -33.95 44.41
CA PRO G 42 -12.97 -34.92 45.17
C PRO G 42 -13.54 -34.35 46.43
N ASP G 43 -12.79 -33.48 47.08
CA ASP G 43 -13.25 -32.86 48.33
C ASP G 43 -14.00 -31.56 48.20
N ALA G 44 -14.56 -31.30 47.05
CA ALA G 44 -15.35 -30.05 46.82
C ALA G 44 -16.79 -30.39 47.25
N PRO G 45 -17.39 -29.43 47.93
CA PRO G 45 -18.77 -29.55 48.42
C PRO G 45 -19.73 -29.58 47.22
N GLY G 46 -20.87 -30.20 47.44
CA GLY G 46 -21.92 -30.28 46.42
C GLY G 46 -21.94 -31.66 45.81
N GLU G 47 -22.83 -31.83 44.88
CA GLU G 47 -23.04 -33.10 44.17
C GLU G 47 -22.16 -33.20 42.92
N HIS G 48 -21.21 -34.09 42.96
CA HIS G 48 -20.25 -34.38 41.91
C HIS G 48 -20.94 -35.07 40.74
N ILE G 49 -20.79 -34.46 39.57
CA ILE G 49 -21.39 -34.92 38.35
C ILE G 49 -20.38 -34.89 37.19
N LEU G 50 -20.76 -35.70 36.23
CA LEU G 50 -20.07 -35.87 34.98
C LEU G 50 -20.98 -35.31 33.84
N LEU G 51 -20.35 -34.47 33.05
CA LEU G 51 -20.95 -33.83 31.86
C LEU G 51 -20.21 -34.36 30.62
N LEU G 52 -20.99 -34.71 29.64
CA LEU G 52 -20.44 -35.20 28.35
C LEU G 52 -21.41 -34.86 27.23
N GLY G 53 -20.84 -34.76 26.02
CA GLY G 53 -21.67 -34.41 24.87
C GLY G 53 -20.87 -34.52 23.57
N GLN G 54 -21.68 -34.41 22.53
CA GLN G 54 -21.18 -34.43 21.13
C GLN G 54 -21.70 -33.14 20.47
N VAL G 55 -21.01 -32.78 19.41
CA VAL G 55 -21.34 -31.55 18.65
C VAL G 55 -21.61 -31.95 17.21
N TYR G 56 -22.72 -31.47 16.70
CA TYR G 56 -23.13 -31.78 15.32
C TYR G 56 -23.28 -30.53 14.43
N ASP G 57 -22.87 -30.75 13.20
CA ASP G 57 -22.94 -29.74 12.13
C ASP G 57 -24.34 -29.85 11.48
N GLY G 58 -24.57 -29.03 10.48
CA GLY G 58 -25.83 -28.93 9.79
C GLY G 58 -26.19 -30.15 8.97
N ASN G 59 -25.25 -31.03 8.79
CA ASN G 59 -25.38 -32.26 8.02
C ASN G 59 -25.57 -33.46 8.98
N GLY G 60 -25.54 -33.15 10.28
CA GLY G 60 -25.70 -34.20 11.30
C GLY G 60 -24.39 -34.98 11.46
N HIS G 61 -23.29 -34.37 11.09
CA HIS G 61 -21.95 -34.94 11.19
C HIS G 61 -21.29 -34.34 12.42
N LEU G 62 -20.54 -35.17 13.10
CA LEU G 62 -19.80 -34.86 14.31
C LEU G 62 -18.70 -33.81 13.98
N VAL G 63 -18.62 -32.87 14.86
CA VAL G 63 -17.62 -31.78 14.78
C VAL G 63 -16.56 -32.26 15.78
N ARG G 64 -15.50 -32.79 15.21
CA ARG G 64 -14.40 -33.35 15.98
C ARG G 64 -13.28 -32.42 16.35
N ASP G 65 -13.35 -31.15 16.09
CA ASP G 65 -12.27 -30.19 16.36
C ASP G 65 -12.75 -29.02 17.21
N SER G 66 -13.90 -29.28 17.86
CA SER G 66 -14.50 -28.22 18.71
C SER G 66 -13.70 -28.02 19.98
N PHE G 67 -13.78 -26.85 20.55
CA PHE G 67 -13.17 -26.33 21.74
C PHE G 67 -14.28 -25.56 22.54
N LEU G 68 -14.43 -25.97 23.80
CA LEU G 68 -15.42 -25.40 24.70
C LEU G 68 -14.85 -24.82 25.99
N GLU G 69 -15.52 -23.75 26.41
CA GLU G 69 -15.25 -23.04 27.64
C GLU G 69 -16.56 -22.97 28.47
N VAL G 70 -16.40 -23.27 29.76
CA VAL G 70 -17.49 -23.29 30.73
C VAL G 70 -17.25 -22.37 31.93
N TRP G 71 -18.39 -21.77 32.32
CA TRP G 71 -18.42 -20.83 33.47
C TRP G 71 -19.67 -21.19 34.30
N GLN G 72 -19.44 -21.45 35.57
CA GLN G 72 -20.54 -21.84 36.48
C GLN G 72 -20.26 -21.44 37.92
N ALA G 73 -21.37 -21.35 38.67
CA ALA G 73 -21.32 -21.06 40.11
C ALA G 73 -20.98 -22.39 40.84
N ASP G 74 -20.48 -22.24 42.06
CA ASP G 74 -20.17 -23.43 42.92
C ASP G 74 -21.54 -23.96 43.44
N ALA G 75 -21.48 -24.98 44.28
CA ALA G 75 -22.72 -25.58 44.82
C ALA G 75 -23.54 -24.59 45.63
N ASN G 76 -22.94 -23.54 46.16
CA ASN G 76 -23.64 -22.51 46.92
C ASN G 76 -24.19 -21.38 46.05
N GLY G 77 -24.06 -21.56 44.74
CA GLY G 77 -24.53 -20.59 43.77
C GLY G 77 -23.64 -19.36 43.73
N GLU G 78 -22.38 -19.53 44.06
CA GLU G 78 -21.39 -18.48 44.04
C GLU G 78 -20.35 -18.64 42.93
N TYR G 79 -20.02 -17.51 42.33
CA TYR G 79 -19.00 -17.51 41.24
C TYR G 79 -17.60 -17.30 41.83
N GLN G 80 -16.77 -18.31 41.61
CA GLN G 80 -15.38 -18.31 42.12
C GLN G 80 -14.43 -17.84 41.01
N ASP G 81 -14.10 -16.56 41.04
CA ASP G 81 -13.26 -15.97 39.97
C ASP G 81 -11.77 -16.13 40.11
N ALA G 82 -11.26 -16.22 41.34
CA ALA G 82 -9.78 -16.35 41.52
C ALA G 82 -9.38 -17.76 41.13
N TYR G 83 -9.01 -17.95 39.87
CA TYR G 83 -8.60 -19.26 39.35
C TYR G 83 -7.31 -19.75 39.99
N ASN G 84 -7.38 -20.98 40.48
CA ASN G 84 -6.18 -21.58 41.15
C ASN G 84 -6.32 -23.09 41.18
N LEU G 85 -5.23 -23.74 40.77
CA LEU G 85 -5.18 -25.22 40.71
C LEU G 85 -5.27 -25.82 42.11
N GLU G 86 -4.90 -25.03 43.10
CA GLU G 86 -4.97 -25.44 44.49
C GLU G 86 -6.42 -25.50 44.95
N ASN G 87 -7.28 -24.70 44.37
CA ASN G 87 -8.69 -24.66 44.76
C ASN G 87 -9.34 -26.05 44.67
N ALA G 88 -10.33 -26.19 45.52
CA ALA G 88 -11.14 -27.42 45.61
C ALA G 88 -12.12 -27.38 44.43
N PHE G 89 -12.50 -26.12 44.11
CA PHE G 89 -13.39 -25.84 43.01
C PHE G 89 -13.02 -24.56 42.26
N ASN G 90 -13.03 -24.68 40.95
CA ASN G 90 -12.83 -23.55 40.02
C ASN G 90 -14.15 -23.47 39.21
N SER G 91 -14.61 -22.25 39.04
CA SER G 91 -15.83 -21.92 38.30
C SER G 91 -15.65 -21.98 36.77
N PHE G 92 -14.42 -21.88 36.34
CA PHE G 92 -14.01 -21.86 34.96
C PHE G 92 -13.22 -23.12 34.56
N GLY G 93 -13.58 -23.63 33.39
CA GLY G 93 -12.93 -24.79 32.82
C GLY G 93 -12.91 -24.82 31.29
N ARG G 94 -12.13 -25.79 30.78
CA ARG G 94 -11.99 -26.05 29.36
C ARG G 94 -12.11 -27.53 29.01
N THR G 95 -12.60 -27.75 27.81
CA THR G 95 -12.79 -29.07 27.25
C THR G 95 -12.80 -29.00 25.73
N ALA G 96 -12.66 -30.16 25.12
CA ALA G 96 -12.64 -30.30 23.67
C ALA G 96 -13.11 -31.68 23.24
N THR G 97 -13.47 -31.78 21.96
CA THR G 97 -13.91 -33.01 21.38
C THR G 97 -12.81 -33.85 20.75
N THR G 98 -12.90 -35.16 21.12
CA THR G 98 -11.94 -36.16 20.59
C THR G 98 -11.92 -36.13 19.06
N PHE G 99 -10.71 -36.23 18.53
CA PHE G 99 -10.52 -36.27 17.06
C PHE G 99 -11.21 -37.53 16.51
N ASP G 100 -11.34 -38.51 17.36
CA ASP G 100 -11.99 -39.80 17.11
C ASP G 100 -13.48 -39.79 17.50
N ALA G 101 -13.75 -40.12 18.76
CA ALA G 101 -15.11 -40.19 19.31
C ALA G 101 -15.85 -38.86 19.11
N GLY G 102 -15.13 -37.77 19.38
CA GLY G 102 -15.77 -36.45 19.18
C GLY G 102 -16.72 -36.17 20.34
N GLU G 103 -16.33 -36.66 21.50
CA GLU G 103 -17.12 -36.42 22.71
C GLU G 103 -16.28 -35.68 23.74
N TRP G 104 -16.91 -34.72 24.39
CA TRP G 104 -16.16 -33.94 25.42
C TRP G 104 -16.73 -34.41 26.76
N THR G 105 -15.98 -34.12 27.80
CA THR G 105 -16.42 -34.48 29.16
C THR G 105 -15.85 -33.44 30.10
N LEU G 106 -16.62 -33.24 31.14
CA LEU G 106 -16.22 -32.30 32.19
C LEU G 106 -16.54 -32.91 33.56
N HIS G 107 -15.69 -32.65 34.51
CA HIS G 107 -15.86 -33.14 35.91
C HIS G 107 -16.10 -31.91 36.78
N THR G 108 -17.30 -31.83 37.34
CA THR G 108 -17.69 -30.68 38.18
C THR G 108 -18.78 -31.09 39.18
N VAL G 109 -19.41 -30.08 39.74
CA VAL G 109 -20.53 -30.18 40.65
C VAL G 109 -21.71 -29.41 40.07
N LYS G 110 -22.90 -29.77 40.51
CA LYS G 110 -24.16 -29.10 40.08
C LYS G 110 -24.14 -27.71 40.74
N PRO G 111 -24.23 -26.68 39.89
CA PRO G 111 -24.19 -25.30 40.37
C PRO G 111 -25.41 -24.93 41.21
N GLY G 112 -25.19 -24.04 42.15
CA GLY G 112 -26.28 -23.50 42.98
C GLY G 112 -26.98 -22.45 42.06
N VAL G 113 -28.02 -21.88 42.60
CA VAL G 113 -28.89 -20.90 41.98
C VAL G 113 -28.35 -19.48 42.17
N VAL G 114 -28.47 -18.70 41.11
CA VAL G 114 -28.07 -17.30 41.11
C VAL G 114 -29.30 -16.49 40.65
N ASN G 115 -29.31 -15.24 41.11
CA ASN G 115 -30.37 -14.31 40.73
C ASN G 115 -29.88 -13.45 39.55
N ASN G 116 -30.83 -13.13 38.71
CA ASN G 116 -30.62 -12.22 37.58
C ASN G 116 -30.58 -10.80 38.23
N ALA G 117 -30.33 -9.87 37.37
CA ALA G 117 -30.21 -8.46 37.72
C ALA G 117 -31.44 -7.97 38.43
N ALA G 118 -32.63 -8.41 38.08
CA ALA G 118 -33.87 -7.99 38.74
C ALA G 118 -34.09 -8.70 40.07
N GLY G 119 -33.17 -9.51 40.50
CA GLY G 119 -33.28 -10.26 41.74
C GLY G 119 -34.09 -11.53 41.61
N VAL G 120 -34.37 -11.98 40.41
CA VAL G 120 -35.13 -13.22 40.17
C VAL G 120 -34.18 -14.40 39.97
N PRO G 121 -34.50 -15.53 40.62
CA PRO G 121 -33.67 -16.71 40.55
C PRO G 121 -33.66 -17.36 39.18
N MET G 122 -32.49 -17.82 38.79
CA MET G 122 -32.32 -18.54 37.51
C MET G 122 -32.18 -20.02 37.87
N ALA G 123 -32.63 -20.88 36.99
CA ALA G 123 -32.48 -22.35 37.25
C ALA G 123 -30.97 -22.66 37.16
N PRO G 124 -30.54 -23.69 37.86
CA PRO G 124 -29.14 -24.14 37.82
C PRO G 124 -28.73 -24.22 36.33
N HIS G 125 -27.57 -23.64 36.06
CA HIS G 125 -27.09 -23.64 34.65
C HIS G 125 -25.57 -23.45 34.61
N ILE G 126 -25.07 -23.88 33.47
CA ILE G 126 -23.68 -23.80 33.06
C ILE G 126 -23.61 -22.95 31.74
N ASN G 127 -22.81 -21.93 31.84
CA ASN G 127 -22.56 -21.00 30.68
C ASN G 127 -21.50 -21.66 29.79
N ILE G 128 -21.80 -21.81 28.53
CA ILE G 128 -20.98 -22.40 27.53
C ILE G 128 -20.69 -21.48 26.31
N SER G 129 -19.44 -21.61 25.88
CA SER G 129 -18.91 -20.91 24.71
C SER G 129 -18.25 -22.00 23.81
N LEU G 130 -18.74 -22.09 22.61
CA LEU G 130 -18.24 -23.05 21.61
C LEU G 130 -17.36 -22.38 20.53
N PHE G 131 -16.21 -22.94 20.25
CA PHE G 131 -15.25 -22.45 19.26
C PHE G 131 -14.81 -23.63 18.36
N ALA G 132 -14.54 -23.30 17.10
CA ALA G 132 -14.07 -24.24 16.11
C ALA G 132 -13.86 -23.57 14.73
N ARG G 133 -13.16 -24.36 13.93
CA ARG G 133 -12.93 -23.98 12.50
C ARG G 133 -14.35 -23.99 11.88
N GLY G 134 -14.62 -22.97 11.05
CA GLY G 134 -15.95 -22.83 10.44
C GLY G 134 -16.81 -21.90 11.27
N ILE G 135 -16.39 -21.58 12.50
CA ILE G 135 -17.15 -20.64 13.37
C ILE G 135 -16.38 -19.33 13.48
N ASN G 136 -16.87 -18.27 12.83
CA ASN G 136 -16.20 -16.96 12.78
C ASN G 136 -16.14 -16.25 14.10
N ILE G 137 -17.30 -16.35 14.82
CA ILE G 137 -17.45 -15.76 16.14
C ILE G 137 -18.14 -16.86 17.01
N HIS G 138 -17.56 -17.06 18.15
CA HIS G 138 -17.99 -18.10 19.11
C HIS G 138 -19.49 -17.99 19.45
N LEU G 139 -20.06 -19.15 19.66
CA LEU G 139 -21.45 -19.40 20.05
C LEU G 139 -21.60 -19.59 21.58
N HIS G 140 -22.53 -18.83 22.12
CA HIS G 140 -22.91 -18.82 23.52
C HIS G 140 -24.22 -19.63 23.74
N THR G 141 -24.16 -20.48 24.79
CA THR G 141 -25.38 -21.26 25.15
C THR G 141 -25.35 -21.54 26.64
N ARG G 142 -26.42 -22.15 27.11
CA ARG G 142 -26.59 -22.55 28.51
C ARG G 142 -27.05 -24.03 28.59
N LEU G 143 -26.50 -24.67 29.58
CA LEU G 143 -26.80 -26.07 29.90
C LEU G 143 -27.68 -26.08 31.17
N TYR G 144 -28.89 -26.59 30.99
CA TYR G 144 -29.87 -26.73 32.11
C TYR G 144 -29.97 -28.26 32.37
N PHE G 145 -30.58 -28.62 33.48
CA PHE G 145 -30.70 -30.06 33.89
C PHE G 145 -32.15 -30.48 33.89
N ASP G 146 -32.36 -31.65 33.31
CA ASP G 146 -33.70 -32.22 33.19
C ASP G 146 -34.32 -32.49 34.57
N ASP G 147 -33.53 -32.77 35.58
CA ASP G 147 -34.02 -33.05 36.91
C ASP G 147 -34.37 -31.81 37.72
N GLU G 148 -34.36 -30.67 37.03
CA GLU G 148 -34.69 -29.38 37.64
C GLU G 148 -35.87 -28.66 36.97
N ALA G 149 -36.79 -29.45 36.44
CA ALA G 149 -37.99 -29.01 35.76
C ALA G 149 -38.75 -27.87 36.41
N GLN G 150 -38.87 -27.88 37.73
CA GLN G 150 -39.62 -26.85 38.46
C GLN G 150 -38.95 -25.48 38.29
N ALA G 151 -37.68 -25.49 38.62
CA ALA G 151 -36.82 -24.32 38.54
C ALA G 151 -36.80 -23.79 37.08
N ASN G 152 -36.62 -24.72 36.16
CA ASN G 152 -36.55 -24.45 34.73
C ASN G 152 -37.77 -23.66 34.24
N ALA G 153 -38.94 -24.10 34.70
CA ALA G 153 -40.20 -23.50 34.29
C ALA G 153 -40.31 -22.05 34.72
N LYS G 154 -39.57 -21.70 35.76
CA LYS G 154 -39.59 -20.33 36.26
C LYS G 154 -38.37 -19.52 35.82
N CYS G 155 -37.47 -20.09 35.04
CA CYS G 155 -36.25 -19.35 34.66
C CYS G 155 -36.54 -18.15 33.78
N PRO G 156 -36.15 -16.98 34.27
CA PRO G 156 -36.35 -15.71 33.55
C PRO G 156 -35.60 -15.74 32.22
N VAL G 157 -34.54 -16.51 32.12
CA VAL G 157 -33.75 -16.59 30.89
C VAL G 157 -34.38 -17.56 29.92
N LEU G 158 -34.76 -18.70 30.44
CA LEU G 158 -35.39 -19.78 29.63
C LEU G 158 -36.71 -19.28 29.05
N ASN G 159 -37.43 -18.45 29.78
CA ASN G 159 -38.69 -17.86 29.42
C ASN G 159 -38.59 -16.84 28.31
N LEU G 160 -37.43 -16.24 28.06
CA LEU G 160 -37.27 -15.27 26.96
C LEU G 160 -37.36 -16.01 25.61
N ILE G 161 -37.13 -17.30 25.64
CA ILE G 161 -37.18 -18.12 24.41
C ILE G 161 -38.65 -18.34 24.00
N GLU G 162 -39.04 -17.57 23.00
CA GLU G 162 -40.38 -17.58 22.46
C GLU G 162 -41.05 -18.93 22.38
N GLN G 163 -40.51 -19.85 21.59
CA GLN G 163 -41.08 -21.18 21.41
C GLN G 163 -40.57 -22.17 22.43
N PRO G 164 -41.53 -22.76 23.13
CA PRO G 164 -41.23 -23.76 24.18
C PRO G 164 -40.39 -24.91 23.67
N GLN G 165 -40.65 -25.37 22.46
CA GLN G 165 -39.89 -26.49 21.88
C GLN G 165 -38.39 -26.17 21.78
N ARG G 166 -38.06 -24.90 21.61
CA ARG G 166 -36.66 -24.48 21.48
C ARG G 166 -35.90 -24.57 22.81
N ARG G 167 -36.64 -24.37 23.88
CA ARG G 167 -36.19 -24.42 25.27
C ARG G 167 -35.64 -25.81 25.61
N GLU G 168 -36.33 -26.80 25.06
CA GLU G 168 -35.91 -28.19 25.29
C GLU G 168 -34.49 -28.45 24.87
N THR G 169 -34.01 -27.77 23.81
CA THR G 169 -32.66 -27.90 23.30
C THR G 169 -31.60 -27.60 24.36
N LEU G 170 -31.96 -26.86 25.39
CA LEU G 170 -31.05 -26.49 26.46
C LEU G 170 -31.02 -27.44 27.66
N ILE G 171 -31.76 -28.52 27.59
CA ILE G 171 -31.83 -29.43 28.77
C ILE G 171 -31.04 -30.69 28.67
N ALA G 172 -30.05 -30.82 29.53
CA ALA G 172 -29.18 -32.02 29.56
C ALA G 172 -29.98 -33.17 30.23
N LYS G 173 -29.81 -34.34 29.62
CA LYS G 173 -30.46 -35.57 30.06
C LYS G 173 -29.57 -36.35 31.05
N ARG G 174 -30.13 -36.47 32.26
CA ARG G 174 -29.53 -37.18 33.38
C ARG G 174 -29.39 -38.68 33.02
N CYS G 175 -28.22 -39.19 33.29
CA CYS G 175 -27.80 -40.57 33.09
C CYS G 175 -26.85 -40.94 34.25
N GLU G 176 -26.13 -42.00 33.99
CA GLU G 176 -25.14 -42.55 34.94
C GLU G 176 -24.01 -43.21 34.13
N VAL G 177 -22.82 -42.98 34.60
CA VAL G 177 -21.60 -43.54 33.93
C VAL G 177 -20.78 -44.12 35.08
N ASP G 178 -20.60 -45.43 34.98
CA ASP G 178 -19.86 -46.16 36.07
C ASP G 178 -20.55 -45.76 37.38
N GLY G 179 -21.88 -45.86 37.31
CA GLY G 179 -22.71 -45.52 38.48
C GLY G 179 -22.40 -44.13 39.03
N LYS G 180 -22.06 -43.24 38.10
CA LYS G 180 -21.78 -41.83 38.45
C LYS G 180 -22.91 -41.02 37.78
N THR G 181 -23.39 -40.01 38.49
CA THR G 181 -24.48 -39.18 37.92
C THR G 181 -23.79 -38.37 36.77
N ALA G 182 -24.35 -38.55 35.61
CA ALA G 182 -23.89 -37.90 34.38
C ALA G 182 -25.12 -37.32 33.66
N TYR G 183 -24.86 -36.28 32.90
CA TYR G 183 -25.85 -35.58 32.09
C TYR G 183 -25.19 -35.44 30.68
N ARG G 184 -26.00 -35.73 29.71
CA ARG G 184 -25.55 -35.66 28.32
C ARG G 184 -26.16 -34.38 27.70
N PHE G 185 -25.27 -33.61 27.09
CA PHE G 185 -25.64 -32.34 26.45
C PHE G 185 -25.06 -32.29 25.04
N ASP G 186 -25.91 -32.57 24.10
CA ASP G 186 -25.51 -32.56 22.68
C ASP G 186 -25.80 -31.16 22.12
N ILE G 187 -24.89 -30.70 21.28
CA ILE G 187 -25.07 -29.37 20.66
C ILE G 187 -25.31 -29.60 19.17
N ARG G 188 -26.34 -28.99 18.66
CA ARG G 188 -26.63 -29.12 17.18
C ARG G 188 -26.53 -27.69 16.66
N ILE G 189 -25.41 -27.41 16.03
CA ILE G 189 -25.12 -26.06 15.50
C ILE G 189 -26.13 -25.57 14.49
N GLN G 190 -26.64 -26.51 13.69
CA GLN G 190 -27.57 -26.10 12.63
C GLN G 190 -28.60 -27.14 12.27
N GLY G 191 -29.76 -26.67 11.80
CA GLY G 191 -30.88 -27.50 11.34
C GLY G 191 -31.83 -27.98 12.43
N GLU G 192 -32.42 -29.15 12.13
CA GLU G 192 -33.36 -29.85 12.97
C GLU G 192 -32.79 -30.00 14.39
N GLY G 193 -33.55 -29.47 15.33
CA GLY G 193 -33.22 -29.47 16.74
C GLY G 193 -32.04 -28.55 17.05
N GLU G 194 -31.88 -27.55 16.21
CA GLU G 194 -30.77 -26.55 16.39
C GLU G 194 -30.85 -25.97 17.79
N THR G 195 -29.75 -26.05 18.51
CA THR G 195 -29.62 -25.56 19.88
C THR G 195 -29.76 -24.01 19.88
N VAL G 196 -30.36 -23.53 20.97
CA VAL G 196 -30.50 -22.09 21.14
C VAL G 196 -29.09 -21.52 21.47
N PHE G 197 -28.80 -20.39 20.82
CA PHE G 197 -27.54 -19.64 21.04
C PHE G 197 -27.98 -18.23 21.43
N PHE G 198 -27.28 -17.58 22.32
CA PHE G 198 -27.56 -16.29 22.85
C PHE G 198 -26.63 -15.16 22.37
N ASP G 199 -27.16 -13.98 22.60
CA ASP G 199 -26.44 -12.71 22.37
C ASP G 199 -26.61 -11.91 23.67
N PHE G 200 -25.52 -11.37 24.17
CA PHE G 200 -25.54 -10.56 25.38
C PHE G 200 -24.33 -9.57 25.42
N PRO H 1 -16.47 -14.14 46.25
CA PRO H 1 -16.82 -14.53 44.87
C PRO H 1 -17.08 -13.28 44.05
N ALA H 2 -17.19 -13.49 42.75
CA ALA H 2 -17.44 -12.37 41.80
C ALA H 2 -18.77 -11.70 42.12
N GLN H 3 -18.91 -10.48 41.62
CA GLN H 3 -20.16 -9.70 41.82
C GLN H 3 -20.59 -8.94 40.57
N ASP H 4 -21.90 -8.88 40.38
CA ASP H 4 -22.55 -8.19 39.25
C ASP H 4 -22.52 -6.67 39.48
N ASN H 5 -21.43 -6.05 39.07
CA ASN H 5 -21.32 -4.57 39.25
C ASN H 5 -20.98 -3.85 37.93
N SER H 6 -20.99 -4.59 36.84
CA SER H 6 -20.63 -4.02 35.53
C SER H 6 -21.58 -4.41 34.40
N ARG H 7 -21.59 -3.55 33.40
CA ARG H 7 -22.37 -3.75 32.17
C ARG H 7 -21.34 -3.62 31.03
N PHE H 8 -21.48 -4.41 30.00
CA PHE H 8 -20.56 -4.35 28.85
C PHE H 8 -21.32 -3.84 27.64
N VAL H 9 -20.67 -2.90 26.95
CA VAL H 9 -21.29 -2.32 25.73
C VAL H 9 -21.70 -3.49 24.81
N ILE H 10 -22.86 -3.43 24.24
CA ILE H 10 -23.37 -4.47 23.33
C ILE H 10 -22.46 -4.59 22.10
N ARG H 11 -22.25 -5.83 21.67
CA ARG H 11 -21.43 -6.12 20.49
C ARG H 11 -22.07 -5.68 19.18
N ASP H 12 -21.21 -5.15 18.30
CA ASP H 12 -21.71 -4.78 16.95
C ASP H 12 -21.45 -6.01 16.05
N ARG H 13 -22.50 -6.73 15.79
CA ARG H 13 -22.49 -7.95 15.00
C ARG H 13 -22.42 -7.72 13.49
N ASN H 14 -22.39 -6.47 13.08
CA ASN H 14 -22.18 -6.09 11.68
C ASN H 14 -20.67 -5.72 11.56
N TRP H 15 -20.02 -5.45 12.66
CA TRP H 15 -18.57 -5.13 12.66
C TRP H 15 -17.75 -6.46 12.61
N HIS H 16 -18.13 -7.37 13.46
CA HIS H 16 -17.60 -8.72 13.58
C HIS H 16 -18.05 -9.47 12.29
N PRO H 17 -17.33 -10.52 11.98
CA PRO H 17 -17.71 -11.36 10.81
C PRO H 17 -19.06 -12.03 11.13
N LYS H 18 -19.85 -12.24 10.12
CA LYS H 18 -21.15 -12.92 10.28
C LYS H 18 -20.86 -14.43 10.36
N ALA H 19 -21.88 -15.18 10.74
CA ALA H 19 -21.80 -16.63 10.88
C ALA H 19 -21.65 -17.34 9.52
N LEU H 20 -22.55 -17.05 8.62
CA LEU H 20 -22.51 -17.65 7.29
C LEU H 20 -21.74 -16.78 6.28
N THR H 21 -20.59 -17.25 5.88
CA THR H 21 -19.71 -16.51 4.88
C THR H 21 -19.25 -17.62 3.96
N PRO H 22 -20.09 -17.89 2.98
CA PRO H 22 -19.91 -18.98 2.05
C PRO H 22 -18.57 -19.15 1.37
N ASP H 23 -17.77 -18.13 1.18
CA ASP H 23 -16.44 -18.32 0.55
C ASP H 23 -15.51 -19.15 1.46
N TYR H 24 -15.80 -19.05 2.73
CA TYR H 24 -15.12 -19.83 3.78
C TYR H 24 -16.08 -21.06 3.97
N LYS H 25 -15.83 -22.03 3.12
CA LYS H 25 -16.60 -23.25 2.98
C LYS H 25 -17.08 -23.93 4.24
N THR H 26 -16.21 -24.06 5.24
CA THR H 26 -16.60 -24.76 6.49
C THR H 26 -17.71 -24.07 7.30
N SER H 27 -17.90 -22.79 7.10
CA SER H 27 -18.92 -21.99 7.77
C SER H 27 -20.33 -22.35 7.30
N ILE H 28 -20.43 -22.91 6.09
CA ILE H 28 -21.75 -23.26 5.55
C ILE H 28 -22.49 -24.19 6.49
N ALA H 29 -21.86 -25.28 6.92
CA ALA H 29 -22.52 -26.23 7.84
C ALA H 29 -22.33 -25.95 9.30
N ARG H 30 -21.50 -25.00 9.68
CA ARG H 30 -21.26 -24.70 11.09
C ARG H 30 -21.78 -23.35 11.52
N SER H 31 -22.85 -22.95 10.85
CA SER H 31 -23.46 -21.63 11.19
C SER H 31 -24.94 -21.85 11.49
N PRO H 32 -25.39 -21.31 12.62
CA PRO H 32 -26.81 -21.43 13.01
C PRO H 32 -27.75 -20.81 11.97
N ARG H 33 -28.90 -21.39 11.80
CA ARG H 33 -29.91 -20.88 10.86
C ARG H 33 -30.94 -20.06 11.63
N GLN H 34 -31.17 -20.33 12.90
CA GLN H 34 -32.11 -19.51 13.70
C GLN H 34 -31.40 -18.26 14.19
N ALA H 35 -32.14 -17.21 14.55
CA ALA H 35 -31.50 -15.99 15.07
C ALA H 35 -30.96 -16.24 16.47
N LEU H 36 -29.96 -15.48 16.87
CA LEU H 36 -29.47 -15.60 18.27
C LEU H 36 -30.60 -14.96 19.14
N VAL H 37 -30.77 -15.53 20.32
CA VAL H 37 -31.75 -14.96 21.27
C VAL H 37 -31.01 -13.99 22.20
N SER H 38 -31.38 -12.73 22.20
CA SER H 38 -30.77 -11.71 23.05
C SER H 38 -31.31 -11.86 24.48
N ILE H 39 -30.45 -11.72 25.47
CA ILE H 39 -30.82 -11.80 26.88
C ILE H 39 -30.02 -10.70 27.62
N PRO H 40 -30.64 -10.19 28.67
CA PRO H 40 -30.02 -9.13 29.49
C PRO H 40 -28.78 -9.68 30.20
N GLN H 41 -27.93 -8.77 30.61
CA GLN H 41 -26.69 -9.19 31.32
C GLN H 41 -27.05 -9.44 32.80
N SER H 42 -26.53 -10.53 33.29
CA SER H 42 -26.67 -11.00 34.69
C SER H 42 -25.24 -11.31 35.18
N ILE H 43 -25.15 -11.71 36.41
CA ILE H 43 -23.88 -12.04 37.05
C ILE H 43 -23.20 -13.19 36.27
N SER H 44 -24.01 -14.00 35.64
CA SER H 44 -23.62 -15.12 34.83
C SER H 44 -22.72 -14.65 33.66
N GLU H 45 -23.14 -13.57 33.05
CA GLU H 45 -22.46 -12.99 31.89
C GLU H 45 -21.48 -11.88 32.18
N THR H 46 -21.58 -11.16 33.28
CA THR H 46 -20.70 -10.04 33.58
C THR H 46 -19.49 -10.36 34.44
N THR H 47 -19.28 -11.66 34.70
CA THR H 47 -18.18 -12.14 35.50
C THR H 47 -17.33 -13.13 34.68
N GLY H 48 -16.14 -13.37 35.26
CA GLY H 48 -15.25 -14.34 34.55
C GLY H 48 -14.03 -14.62 35.44
N PRO H 49 -13.26 -15.59 34.96
CA PRO H 49 -12.06 -16.00 35.71
C PRO H 49 -10.99 -14.90 35.69
N ASN H 50 -10.28 -14.87 36.78
CA ASN H 50 -9.13 -14.00 37.01
C ASN H 50 -7.92 -14.97 37.07
N PHE H 51 -6.97 -14.74 36.19
CA PHE H 51 -5.80 -15.63 36.11
C PHE H 51 -4.55 -15.19 36.82
N SER H 52 -4.62 -14.19 37.65
CA SER H 52 -3.53 -13.64 38.42
C SER H 52 -2.70 -14.66 39.18
N HIS H 53 -3.33 -15.69 39.69
CA HIS H 53 -2.65 -16.72 40.47
C HIS H 53 -2.29 -17.96 39.71
N LEU H 54 -2.37 -17.93 38.41
CA LEU H 54 -1.94 -19.13 37.63
C LEU H 54 -0.38 -19.09 37.71
N GLY H 55 0.15 -20.28 37.73
CA GLY H 55 1.64 -20.40 37.85
C GLY H 55 2.23 -20.42 36.45
N PHE H 56 2.69 -19.27 36.00
CA PHE H 56 3.31 -19.17 34.65
C PHE H 56 4.81 -19.52 34.72
N GLY H 57 5.25 -20.28 33.75
CA GLY H 57 6.68 -20.66 33.60
C GLY H 57 7.39 -19.36 33.14
N ALA H 58 8.69 -19.34 33.39
CA ALA H 58 9.57 -18.23 33.10
C ALA H 58 9.69 -17.87 31.62
N HIS H 59 9.45 -18.84 30.77
CA HIS H 59 9.53 -18.58 29.30
C HIS H 59 8.19 -18.84 28.65
N ASP H 60 7.13 -18.66 29.42
CA ASP H 60 5.77 -18.93 28.91
C ASP H 60 5.50 -18.10 27.64
N HIS H 61 6.03 -16.91 27.62
CA HIS H 61 5.85 -15.96 26.53
C HIS H 61 7.00 -15.82 25.56
N ASP H 62 8.01 -16.66 25.67
CA ASP H 62 9.22 -16.60 24.79
C ASP H 62 9.33 -17.90 23.98
N LEU H 63 8.74 -17.88 22.80
CA LEU H 63 8.69 -18.99 21.87
C LEU H 63 10.05 -19.36 21.30
N LEU H 64 11.04 -18.53 21.58
CA LEU H 64 12.42 -18.79 21.13
C LEU H 64 13.06 -19.81 22.11
N LEU H 65 12.60 -19.79 23.36
CA LEU H 65 13.06 -20.60 24.42
C LEU H 65 12.15 -21.63 25.05
N ASN H 66 10.87 -21.54 24.87
CA ASN H 66 9.95 -22.46 25.56
C ASN H 66 9.71 -23.82 25.01
N PHE H 67 10.25 -24.21 23.86
CA PHE H 67 9.94 -25.57 23.34
C PHE H 67 11.04 -26.50 23.91
N GLY H 71 18.73 -25.68 20.92
CA GLY H 71 18.81 -24.87 19.71
C GLY H 71 17.75 -23.75 19.65
N LEU H 72 18.04 -22.87 18.72
CA LEU H 72 17.21 -21.69 18.39
C LEU H 72 16.42 -22.08 17.14
N PRO H 73 15.18 -21.62 17.16
CA PRO H 73 14.30 -21.87 15.97
C PRO H 73 14.91 -21.08 14.78
N ILE H 74 14.60 -21.56 13.61
CA ILE H 74 15.01 -20.88 12.35
C ILE H 74 13.85 -19.93 11.94
N GLY H 75 14.17 -18.69 11.62
CA GLY H 75 13.17 -17.74 11.19
C GLY H 75 13.45 -16.33 11.65
N GLU H 76 12.54 -15.47 11.22
CA GLU H 76 12.64 -14.02 11.52
C GLU H 76 12.33 -13.78 12.99
N ARG H 77 13.32 -13.35 13.71
CA ARG H 77 13.19 -13.09 15.16
C ARG H 77 12.39 -11.78 15.33
N ILE H 78 11.32 -11.90 16.08
CA ILE H 78 10.46 -10.75 16.34
C ILE H 78 9.87 -10.69 17.72
N ILE H 79 9.59 -9.45 18.12
CA ILE H 79 8.85 -9.23 19.37
C ILE H 79 7.40 -8.83 18.93
N VAL H 80 6.41 -9.41 19.55
CA VAL H 80 4.99 -9.01 19.28
C VAL H 80 4.49 -8.45 20.64
N ALA H 81 4.19 -7.18 20.65
CA ALA H 81 3.76 -6.48 21.84
C ALA H 81 2.59 -5.54 21.50
N GLY H 82 1.93 -5.10 22.55
CA GLY H 82 0.80 -4.21 22.42
C GLY H 82 0.11 -4.03 23.78
N ARG H 83 -1.06 -3.40 23.68
CA ARG H 83 -1.81 -3.12 24.93
C ARG H 83 -3.25 -3.59 24.75
N VAL H 84 -3.84 -4.01 25.85
CA VAL H 84 -5.26 -4.45 25.85
C VAL H 84 -6.06 -3.32 26.58
N VAL H 85 -7.02 -2.77 25.87
CA VAL H 85 -7.85 -1.69 26.41
C VAL H 85 -9.31 -2.03 26.04
N ASP H 86 -10.22 -1.34 26.73
CA ASP H 86 -11.68 -1.50 26.47
C ASP H 86 -12.07 -0.36 25.50
N GLN H 87 -13.32 -0.36 25.09
CA GLN H 87 -13.83 0.62 24.14
C GLN H 87 -13.75 2.05 24.69
N TYR H 88 -13.68 2.17 26.02
CA TYR H 88 -13.57 3.51 26.62
C TYR H 88 -12.09 3.91 26.62
N GLY H 89 -11.23 3.04 26.13
CA GLY H 89 -9.79 3.31 26.08
C GLY H 89 -9.12 3.03 27.42
N LYS H 90 -9.82 2.33 28.30
CA LYS H 90 -9.23 1.95 29.64
C LYS H 90 -8.44 0.67 29.51
N PRO H 91 -7.27 0.63 30.14
CA PRO H 91 -6.36 -0.53 30.13
C PRO H 91 -7.02 -1.71 30.87
N VAL H 92 -6.65 -2.89 30.40
CA VAL H 92 -7.20 -4.14 31.02
C VAL H 92 -6.00 -4.90 31.66
N PRO H 93 -5.82 -4.60 32.93
CA PRO H 93 -4.70 -5.17 33.70
C PRO H 93 -4.92 -6.60 34.13
N ASN H 94 -3.83 -7.33 34.28
CA ASN H 94 -3.80 -8.72 34.68
C ASN H 94 -4.79 -9.61 33.96
N THR H 95 -4.80 -9.57 32.63
CA THR H 95 -5.72 -10.38 31.82
C THR H 95 -4.90 -11.41 31.05
N LEU H 96 -5.51 -12.51 30.69
CA LEU H 96 -4.88 -13.60 30.01
C LEU H 96 -4.83 -13.48 28.49
N VAL H 97 -3.59 -13.45 28.01
CA VAL H 97 -3.35 -13.40 26.55
C VAL H 97 -2.66 -14.70 26.09
N GLU H 98 -3.38 -15.48 25.31
CA GLU H 98 -2.77 -16.74 24.81
C GLU H 98 -2.57 -16.69 23.30
N MET H 99 -1.55 -17.35 22.77
CA MET H 99 -1.29 -17.33 21.32
C MET H 99 -0.70 -18.65 20.86
N TRP H 100 -0.88 -18.93 19.58
CA TRP H 100 -0.43 -20.12 18.90
C TRP H 100 -0.16 -19.73 17.42
N GLN H 101 0.76 -20.44 16.81
CA GLN H 101 1.07 -20.15 15.37
C GLN H 101 1.87 -21.33 14.81
N ALA H 102 2.14 -21.20 13.52
CA ALA H 102 2.94 -22.10 12.72
C ALA H 102 4.43 -21.67 12.83
N ASN H 103 5.26 -22.50 12.25
CA ASN H 103 6.75 -22.18 12.25
C ASN H 103 7.03 -21.27 11.02
N ALA H 104 8.31 -21.07 10.73
CA ALA H 104 8.72 -20.21 9.61
C ALA H 104 8.21 -20.66 8.26
N GLY H 105 7.96 -21.94 8.08
CA GLY H 105 7.49 -22.51 6.88
C GLY H 105 6.01 -22.70 6.74
N GLY H 106 5.23 -22.28 7.75
CA GLY H 106 3.77 -22.48 7.69
C GLY H 106 3.37 -23.87 8.22
N ARG H 107 4.26 -24.51 8.94
CA ARG H 107 3.97 -25.85 9.53
C ARG H 107 3.61 -25.76 10.99
N TYR H 108 2.46 -26.35 11.32
CA TYR H 108 1.98 -26.35 12.75
C TYR H 108 2.37 -27.66 13.41
N ARG H 109 2.71 -27.59 14.68
CA ARG H 109 3.08 -28.76 15.49
C ARG H 109 1.79 -29.37 16.09
N HIS H 110 1.12 -30.08 15.18
CA HIS H 110 -0.16 -30.72 15.41
C HIS H 110 -0.35 -31.91 14.47
N LYS H 111 -0.83 -32.98 15.11
CA LYS H 111 -1.10 -34.27 14.51
C LYS H 111 -1.76 -34.16 13.14
N ASN H 112 -2.79 -33.34 13.08
CA ASN H 112 -3.57 -33.12 11.86
C ASN H 112 -2.92 -32.27 10.79
N ASP H 113 -1.76 -31.67 11.03
CA ASP H 113 -1.10 -30.84 10.00
C ASP H 113 -0.18 -31.71 9.14
N ARG H 114 -0.64 -31.93 7.92
CA ARG H 114 0.19 -32.74 6.98
C ARG H 114 0.90 -31.92 5.94
N TYR H 115 0.98 -30.62 6.08
CA TYR H 115 1.66 -29.76 5.09
C TYR H 115 3.10 -30.27 4.98
N LEU H 116 3.58 -30.27 3.77
CA LEU H 116 4.90 -30.74 3.39
C LEU H 116 6.06 -29.96 3.94
N ALA H 117 5.88 -28.73 4.40
CA ALA H 117 7.02 -27.99 4.99
C ALA H 117 7.34 -28.73 6.30
N PRO H 118 8.66 -28.88 6.55
CA PRO H 118 9.15 -29.55 7.74
C PRO H 118 8.83 -28.85 9.05
N LEU H 119 8.81 -29.64 10.12
CA LEU H 119 8.63 -29.11 11.48
C LEU H 119 9.99 -28.51 11.88
N ASP H 120 9.99 -27.67 12.87
CA ASP H 120 11.29 -27.10 13.36
C ASP H 120 11.55 -27.74 14.74
N PRO H 121 12.68 -28.44 14.85
CA PRO H 121 13.07 -29.12 16.07
C PRO H 121 13.15 -28.26 17.31
N ASN H 122 13.40 -26.97 17.18
CA ASN H 122 13.46 -26.07 18.35
C ASN H 122 12.21 -25.20 18.52
N PHE H 123 11.13 -25.54 17.82
CA PHE H 123 9.91 -24.71 17.87
C PHE H 123 8.61 -25.46 18.13
N GLY H 124 7.87 -24.96 19.10
CA GLY H 124 6.57 -25.48 19.52
C GLY H 124 5.43 -24.64 18.93
N GLY H 125 5.43 -23.34 19.20
CA GLY H 125 4.45 -22.40 18.69
C GLY H 125 3.34 -21.95 19.61
N VAL H 126 3.54 -22.06 20.92
CA VAL H 126 2.53 -21.63 21.92
C VAL H 126 3.14 -20.69 22.93
N GLY H 127 2.41 -19.64 23.30
CA GLY H 127 2.85 -18.68 24.32
C GLY H 127 1.62 -18.21 25.11
N ARG H 128 1.86 -17.63 26.26
CA ARG H 128 0.79 -17.08 27.12
C ARG H 128 1.49 -15.98 27.94
N CYS H 129 0.75 -14.94 28.21
CA CYS H 129 1.24 -13.79 28.94
C CYS H 129 0.09 -13.04 29.65
N LEU H 130 0.38 -12.69 30.89
CA LEU H 130 -0.62 -11.94 31.69
C LEU H 130 -0.24 -10.45 31.49
N THR H 131 -1.24 -9.66 31.14
CA THR H 131 -1.01 -8.23 30.93
C THR H 131 -0.62 -7.61 32.27
N ASP H 132 0.10 -6.52 32.15
CA ASP H 132 0.57 -5.80 33.33
C ASP H 132 -0.47 -4.77 33.78
N SER H 133 0.04 -4.02 34.78
CA SER H 133 -0.79 -2.96 35.39
C SER H 133 -1.28 -1.96 34.40
N ASP H 134 -0.56 -1.76 33.30
CA ASP H 134 -0.97 -0.81 32.28
C ASP H 134 -1.64 -1.40 31.07
N GLY H 135 -1.90 -2.68 31.11
CA GLY H 135 -2.53 -3.42 30.03
C GLY H 135 -1.62 -3.94 28.94
N TYR H 136 -0.31 -3.88 29.15
CA TYR H 136 0.72 -4.32 28.24
C TYR H 136 1.08 -5.81 28.35
N TYR H 137 1.40 -6.33 27.17
CA TYR H 137 1.82 -7.73 27.00
C TYR H 137 2.92 -7.74 25.92
N SER H 138 3.71 -8.81 25.96
CA SER H 138 4.73 -9.00 24.92
C SER H 138 5.05 -10.51 24.83
N PHE H 139 5.43 -10.88 23.64
CA PHE H 139 5.81 -12.18 23.21
C PHE H 139 7.08 -12.09 22.34
N ARG H 140 7.88 -13.14 22.50
CA ARG H 140 9.10 -13.18 21.63
C ARG H 140 8.93 -14.46 20.81
N THR H 141 9.08 -14.28 19.51
CA THR H 141 8.85 -15.46 18.63
C THR H 141 9.51 -15.22 17.28
N ILE H 142 9.14 -16.06 16.33
CA ILE H 142 9.60 -15.93 14.95
C ILE H 142 8.33 -15.74 14.09
N LYS H 143 8.51 -14.98 13.01
CA LYS H 143 7.42 -14.69 12.05
C LYS H 143 7.03 -15.98 11.38
N PRO H 144 5.73 -16.34 11.48
CA PRO H 144 5.18 -17.54 10.87
C PRO H 144 5.06 -17.36 9.37
N GLY H 145 4.99 -18.44 8.63
CA GLY H 145 4.81 -18.42 7.20
C GLY H 145 3.34 -18.70 6.87
N PRO H 146 2.96 -18.24 5.67
CA PRO H 146 1.59 -18.48 5.17
C PRO H 146 1.50 -20.00 4.92
N TYR H 147 0.32 -20.50 4.74
CA TYR H 147 0.14 -21.94 4.40
C TYR H 147 -1.14 -22.17 3.63
N PRO H 148 -1.08 -23.20 2.79
CA PRO H 148 -2.20 -23.60 1.90
C PRO H 148 -3.24 -24.35 2.71
N TRP H 149 -4.45 -24.45 2.28
CA TRP H 149 -5.53 -25.16 3.04
C TRP H 149 -6.59 -25.51 1.99
N ARG H 150 -7.31 -26.54 2.28
CA ARG H 150 -8.30 -27.05 1.33
C ARG H 150 -9.61 -26.27 1.43
N ASN H 151 -9.70 -25.15 0.72
CA ASN H 151 -10.91 -24.27 0.68
C ASN H 151 -11.22 -24.26 -0.84
N GLY H 152 -10.70 -23.22 -1.47
CA GLY H 152 -10.77 -23.12 -2.95
C GLY H 152 -9.50 -23.95 -3.36
N PRO H 153 -9.36 -24.18 -4.63
CA PRO H 153 -8.25 -24.96 -5.20
C PRO H 153 -6.86 -24.37 -4.99
N ASN H 154 -6.83 -23.05 -4.68
CA ASN H 154 -5.52 -22.41 -4.48
C ASN H 154 -5.59 -21.35 -3.40
N ASP H 155 -6.10 -21.73 -2.24
CA ASP H 155 -6.21 -20.79 -1.09
C ASP H 155 -4.96 -20.90 -0.21
N TRP H 156 -4.55 -19.73 0.26
CA TRP H 156 -3.39 -19.53 1.11
C TRP H 156 -3.69 -18.56 2.24
N ARG H 157 -3.55 -19.01 3.45
CA ARG H 157 -3.75 -18.10 4.60
C ARG H 157 -2.51 -17.17 4.63
N PRO H 158 -2.78 -15.89 4.83
CA PRO H 158 -1.65 -14.95 5.04
C PRO H 158 -0.98 -15.35 6.38
N ALA H 159 0.27 -14.97 6.57
CA ALA H 159 0.96 -15.20 7.83
C ALA H 159 0.04 -14.62 8.95
N HIS H 160 -0.08 -15.39 10.02
CA HIS H 160 -0.93 -14.93 11.15
C HIS H 160 -0.60 -15.61 12.48
N ILE H 161 -0.91 -14.92 13.55
CA ILE H 161 -0.75 -15.50 14.90
C ILE H 161 -2.18 -15.55 15.51
N HIS H 162 -2.54 -16.68 16.03
CA HIS H 162 -3.92 -16.78 16.68
C HIS H 162 -3.79 -16.16 18.08
N PHE H 163 -4.84 -15.45 18.49
CA PHE H 163 -4.88 -14.84 19.84
C PHE H 163 -6.21 -15.16 20.57
N GLY H 164 -6.09 -15.32 21.85
CA GLY H 164 -7.24 -15.59 22.75
C GLY H 164 -7.04 -14.58 23.93
N ILE H 165 -8.06 -13.81 24.18
CA ILE H 165 -8.03 -12.79 25.26
C ILE H 165 -9.20 -12.98 26.21
N SER H 166 -8.86 -13.07 27.51
CA SER H 166 -9.94 -13.32 28.52
C SER H 166 -10.77 -12.07 28.81
N GLY H 167 -10.13 -11.02 29.28
CA GLY H 167 -10.83 -9.76 29.63
C GLY H 167 -11.45 -10.05 31.04
N PRO H 168 -12.15 -9.04 31.53
CA PRO H 168 -12.81 -9.09 32.82
C PRO H 168 -14.00 -10.05 32.93
N SER H 169 -14.60 -10.49 31.84
CA SER H 169 -15.75 -11.41 31.95
C SER H 169 -15.86 -12.35 30.76
N ILE H 170 -16.82 -13.26 30.85
CA ILE H 170 -17.03 -14.17 29.69
C ILE H 170 -17.62 -13.38 28.50
N ALA H 171 -18.22 -12.25 28.80
CA ALA H 171 -18.84 -11.34 27.83
C ALA H 171 -17.78 -10.68 26.88
N THR H 172 -16.60 -10.47 27.41
CA THR H 172 -15.44 -9.88 26.74
C THR H 172 -14.47 -10.87 26.15
N LYS H 173 -14.51 -12.13 26.50
CA LYS H 173 -13.58 -13.16 25.97
C LYS H 173 -13.66 -13.16 24.44
N LEU H 174 -12.44 -13.15 23.84
CA LEU H 174 -12.37 -13.10 22.39
C LEU H 174 -11.17 -13.92 21.85
N ILE H 175 -11.42 -14.46 20.68
CA ILE H 175 -10.47 -15.18 19.85
C ILE H 175 -10.44 -14.44 18.46
N THR H 176 -9.19 -14.27 18.01
CA THR H 176 -8.90 -13.58 16.77
C THR H 176 -7.53 -14.00 16.20
N GLN H 177 -7.20 -13.24 15.13
CA GLN H 177 -5.94 -13.49 14.39
C GLN H 177 -5.28 -12.16 14.05
N LEU H 178 -4.01 -12.09 14.21
CA LEU H 178 -3.14 -10.95 13.87
C LEU H 178 -2.49 -11.33 12.50
N TYR H 179 -2.50 -10.36 11.62
CA TYR H 179 -1.92 -10.35 10.29
C TYR H 179 -0.79 -9.31 10.33
N PHE H 180 0.12 -9.40 9.38
CA PHE H 180 1.31 -8.57 9.28
C PHE H 180 1.21 -7.51 8.18
N GLU H 181 1.57 -6.32 8.57
CA GLU H 181 1.54 -5.13 7.72
C GLU H 181 2.14 -5.40 6.34
N GLY H 182 1.41 -5.05 5.30
CA GLY H 182 1.82 -5.20 3.92
C GLY H 182 1.63 -6.52 3.25
N ASP H 183 1.32 -7.59 3.98
CA ASP H 183 1.12 -8.94 3.39
C ASP H 183 0.10 -8.93 2.28
N PRO H 184 0.60 -9.25 1.05
CA PRO H 184 -0.24 -9.24 -0.16
C PRO H 184 -1.35 -10.26 -0.17
N LEU H 185 -1.24 -11.27 0.68
CA LEU H 185 -2.21 -12.34 0.84
C LEU H 185 -3.48 -11.87 1.52
N ILE H 186 -3.38 -10.92 2.38
CA ILE H 186 -4.50 -10.42 3.19
C ILE H 186 -5.80 -10.22 2.45
N PRO H 187 -5.78 -9.45 1.36
CA PRO H 187 -6.95 -9.17 0.59
C PRO H 187 -7.52 -10.37 -0.13
N MET H 188 -6.79 -11.44 -0.21
CA MET H 188 -7.30 -12.63 -0.96
C MET H 188 -7.92 -13.65 -0.03
N CYS H 189 -7.76 -13.47 1.27
CA CYS H 189 -8.26 -14.44 2.24
C CYS H 189 -9.74 -14.43 2.54
N PRO H 190 -10.37 -15.58 2.27
CA PRO H 190 -11.80 -15.78 2.49
C PRO H 190 -12.13 -15.67 3.97
N ILE H 191 -11.19 -16.05 4.81
CA ILE H 191 -11.40 -15.93 6.25
C ILE H 191 -11.34 -14.45 6.64
N VAL H 192 -10.36 -13.72 6.08
CA VAL H 192 -10.20 -12.30 6.33
C VAL H 192 -11.48 -11.60 5.79
N LYS H 193 -11.93 -12.06 4.64
CA LYS H 193 -13.14 -11.50 4.01
C LYS H 193 -14.42 -11.88 4.70
N SER H 194 -14.35 -12.70 5.76
CA SER H 194 -15.59 -13.01 6.54
C SER H 194 -16.01 -11.69 7.21
N ILE H 195 -15.10 -10.73 7.31
CA ILE H 195 -15.35 -9.40 7.88
C ILE H 195 -15.77 -8.48 6.72
N ALA H 196 -16.96 -7.93 6.77
CA ALA H 196 -17.51 -7.06 5.74
C ALA H 196 -16.97 -5.65 5.69
N ASN H 197 -16.48 -5.08 6.78
CA ASN H 197 -15.95 -3.72 6.80
C ASN H 197 -14.42 -3.69 6.78
N PRO H 198 -13.89 -3.04 5.74
CA PRO H 198 -12.45 -2.88 5.54
C PRO H 198 -11.76 -2.22 6.70
N GLU H 199 -12.50 -1.35 7.37
CA GLU H 199 -11.96 -0.63 8.52
C GLU H 199 -11.72 -1.67 9.64
N ALA H 200 -12.57 -2.67 9.63
CA ALA H 200 -12.50 -3.74 10.68
C ALA H 200 -11.28 -4.57 10.41
N VAL H 201 -10.98 -4.84 9.15
CA VAL H 201 -9.78 -5.61 8.74
C VAL H 201 -8.50 -4.92 9.19
N GLN H 202 -8.48 -3.60 9.10
CA GLN H 202 -7.31 -2.82 9.49
C GLN H 202 -6.97 -2.99 10.96
N GLN H 203 -7.99 -3.28 11.76
CA GLN H 203 -7.78 -3.46 13.20
C GLN H 203 -6.96 -4.73 13.53
N LEU H 204 -6.94 -5.66 12.61
CA LEU H 204 -6.27 -6.94 12.69
C LEU H 204 -4.81 -6.98 12.18
N ILE H 205 -4.37 -5.86 11.65
CA ILE H 205 -3.02 -5.78 11.12
C ILE H 205 -1.99 -5.24 12.06
N ALA H 206 -1.00 -6.10 12.35
CA ALA H 206 0.08 -5.61 13.29
C ALA H 206 0.98 -4.66 12.48
N LYS H 207 1.46 -3.61 13.12
CA LYS H 207 2.33 -2.63 12.45
C LYS H 207 3.79 -2.81 12.88
N LEU H 208 4.65 -2.63 11.91
CA LEU H 208 6.11 -2.70 12.11
C LEU H 208 6.43 -1.59 13.13
N ASP H 209 7.14 -2.00 14.17
CA ASP H 209 7.52 -1.04 15.24
C ASP H 209 9.04 -1.03 15.43
N MET H 210 9.71 -0.16 14.67
CA MET H 210 11.17 -0.05 14.73
C MET H 210 11.62 0.41 16.11
N ASN H 211 10.78 1.20 16.75
CA ASN H 211 11.11 1.76 18.06
C ASN H 211 11.25 0.67 19.14
N ASN H 212 10.62 -0.44 19.00
CA ASN H 212 10.68 -1.50 20.03
C ASN H 212 11.61 -2.66 19.71
N ALA H 213 12.24 -2.56 18.53
CA ALA H 213 13.13 -3.58 18.02
C ALA H 213 14.46 -3.52 18.80
N ASN H 214 15.15 -4.62 18.77
CA ASN H 214 16.49 -4.76 19.41
C ASN H 214 17.48 -4.76 18.23
N PRO H 215 18.21 -3.66 18.10
CA PRO H 215 19.18 -3.49 17.00
C PRO H 215 20.09 -4.70 16.93
N MET H 216 20.40 -5.15 15.73
CA MET H 216 21.26 -6.32 15.50
C MET H 216 20.64 -7.57 16.12
N ASP H 217 19.36 -7.57 16.46
CA ASP H 217 18.80 -8.81 17.10
C ASP H 217 17.50 -9.25 16.52
N CYS H 218 16.48 -8.42 16.74
CA CYS H 218 15.13 -8.69 16.26
C CYS H 218 14.26 -7.44 16.09
N LEU H 219 13.34 -7.63 15.18
CA LEU H 219 12.33 -6.64 14.83
C LEU H 219 11.18 -6.74 15.82
N ALA H 220 10.22 -5.85 15.69
CA ALA H 220 9.05 -5.74 16.54
C ALA H 220 7.84 -5.25 15.75
N TYR H 221 6.72 -5.81 16.16
CA TYR H 221 5.38 -5.57 15.66
C TYR H 221 4.53 -5.13 16.87
N ARG H 222 3.63 -4.23 16.64
CA ARG H 222 2.72 -3.68 17.66
C ARG H 222 1.30 -4.13 17.30
N PHE H 223 0.60 -4.63 18.28
CA PHE H 223 -0.80 -5.09 18.03
C PHE H 223 -1.64 -4.77 19.26
N ASP H 224 -2.44 -3.73 19.21
CA ASP H 224 -3.29 -3.36 20.36
C ASP H 224 -4.62 -4.08 20.19
N ILE H 225 -5.22 -4.43 21.28
CA ILE H 225 -6.50 -5.15 21.28
C ILE H 225 -7.50 -4.33 22.08
N VAL H 226 -8.70 -4.29 21.50
CA VAL H 226 -9.81 -3.56 22.14
C VAL H 226 -10.92 -4.55 22.54
N LEU H 227 -11.17 -4.58 23.84
CA LEU H 227 -12.30 -5.41 24.34
C LEU H 227 -13.50 -4.48 24.53
N ARG H 228 -14.66 -5.11 24.67
CA ARG H 228 -15.94 -4.44 24.90
C ARG H 228 -15.85 -3.47 26.07
N GLY H 229 -16.41 -2.28 25.90
CA GLY H 229 -16.39 -1.26 26.99
C GLY H 229 -17.18 -1.78 28.22
N GLN H 230 -16.60 -1.48 29.37
CA GLN H 230 -17.10 -1.83 30.69
C GLN H 230 -17.53 -0.54 31.43
N ARG H 231 -18.79 -0.53 31.82
CA ARG H 231 -19.31 0.67 32.53
C ARG H 231 -20.03 0.18 33.79
N LYS H 232 -20.28 1.14 34.65
CA LYS H 232 -21.03 0.89 35.92
C LYS H 232 -22.52 0.86 35.51
N THR H 233 -23.29 0.17 36.35
CA THR H 233 -24.77 0.11 36.08
C THR H 233 -25.30 1.45 36.60
N HIS H 234 -26.41 1.88 36.06
CA HIS H 234 -27.02 3.15 36.48
C HIS H 234 -28.54 3.03 36.33
N PHE H 235 -29.21 3.69 37.28
CA PHE H 235 -30.69 3.67 37.32
C PHE H 235 -31.28 2.32 36.94
N GLU H 236 -30.68 1.22 37.30
CA GLU H 236 -31.15 -0.11 36.96
C GLU H 236 -32.32 -0.69 37.69
N PRO I 1 -0.02 -7.78 -6.83
CA PRO I 1 0.16 -9.11 -7.42
C PRO I 1 -0.09 -9.04 -8.93
N ILE I 2 0.32 -10.11 -9.58
CA ILE I 2 0.13 -10.23 -11.06
C ILE I 2 -1.33 -10.59 -11.31
N GLU I 3 -1.93 -9.98 -12.29
CA GLU I 3 -3.32 -10.26 -12.69
C GLU I 3 -3.30 -10.57 -14.19
N LEU I 4 -3.98 -11.63 -14.59
CA LEU I 4 -4.01 -12.00 -16.04
C LEU I 4 -5.27 -11.39 -16.67
N LEU I 5 -5.55 -11.64 -17.93
CA LEU I 5 -6.86 -11.17 -18.48
C LEU I 5 -7.88 -12.10 -17.71
N PRO I 6 -9.02 -11.54 -17.40
CA PRO I 6 -10.07 -12.28 -16.71
C PRO I 6 -10.79 -13.17 -17.77
N GLU I 7 -11.14 -14.35 -17.27
CA GLU I 7 -11.86 -15.34 -18.03
C GLU I 7 -13.29 -14.78 -18.30
N THR I 8 -13.74 -15.10 -19.50
CA THR I 8 -15.10 -14.74 -19.90
C THR I 8 -16.04 -15.44 -18.87
N PRO I 9 -16.97 -14.65 -18.37
CA PRO I 9 -17.98 -15.08 -17.41
C PRO I 9 -18.98 -16.06 -18.02
N SER I 10 -19.35 -17.01 -17.17
CA SER I 10 -20.35 -18.04 -17.54
C SER I 10 -21.76 -17.44 -17.49
N GLN I 11 -22.66 -18.08 -18.23
CA GLN I 11 -24.12 -17.69 -18.21
C GLN I 11 -24.84 -19.07 -18.39
N THR I 12 -26.02 -19.15 -17.88
CA THR I 12 -26.84 -20.39 -17.96
C THR I 12 -27.08 -20.72 -19.44
N ALA I 13 -27.17 -22.02 -19.69
CA ALA I 13 -27.42 -22.53 -21.04
C ALA I 13 -28.85 -22.22 -21.45
N GLY I 14 -29.73 -21.95 -20.52
CA GLY I 14 -31.13 -21.63 -20.78
C GLY I 14 -31.92 -22.86 -21.18
N PRO I 15 -33.24 -22.70 -21.28
CA PRO I 15 -34.16 -23.77 -21.62
C PRO I 15 -34.06 -24.36 -23.02
N TYR I 16 -33.53 -23.55 -23.95
CA TYR I 16 -33.42 -24.00 -25.33
C TYR I 16 -32.08 -24.52 -25.74
N VAL I 17 -31.28 -24.91 -24.73
CA VAL I 17 -29.93 -25.43 -25.04
C VAL I 17 -29.93 -26.47 -26.16
N HIS I 18 -30.94 -27.29 -26.21
CA HIS I 18 -31.11 -28.39 -27.19
C HIS I 18 -30.95 -28.02 -28.64
N ILE I 19 -31.54 -26.88 -29.03
CA ILE I 19 -31.48 -26.46 -30.43
C ILE I 19 -30.02 -26.31 -30.88
N GLY I 20 -29.13 -25.95 -29.94
CA GLY I 20 -27.73 -25.80 -30.30
C GLY I 20 -26.86 -27.03 -30.09
N LEU I 21 -27.12 -27.80 -29.04
CA LEU I 21 -26.29 -28.92 -28.67
C LEU I 21 -26.95 -30.28 -28.57
N ALA I 22 -28.22 -30.37 -28.85
CA ALA I 22 -29.01 -31.61 -28.79
C ALA I 22 -30.23 -31.46 -29.73
N LEU I 23 -29.89 -31.23 -30.99
CA LEU I 23 -30.80 -30.99 -32.10
C LEU I 23 -31.99 -31.93 -32.16
N GLU I 24 -31.72 -33.22 -32.07
CA GLU I 24 -32.77 -34.25 -32.08
C GLU I 24 -33.78 -33.90 -30.98
N ALA I 25 -33.26 -33.64 -29.77
CA ALA I 25 -34.05 -33.30 -28.60
C ALA I 25 -34.81 -32.00 -28.80
N ALA I 26 -34.19 -31.02 -29.45
CA ALA I 26 -34.92 -29.73 -29.68
C ALA I 26 -36.09 -30.02 -30.64
N GLY I 27 -35.91 -31.17 -31.29
CA GLY I 27 -36.90 -31.65 -32.28
C GLY I 27 -36.66 -30.93 -33.63
N ASN I 28 -35.41 -30.75 -33.99
CA ASN I 28 -35.01 -30.10 -35.24
C ASN I 28 -34.14 -31.11 -36.01
N PRO I 29 -34.09 -30.91 -37.30
CA PRO I 29 -33.29 -31.78 -38.19
C PRO I 29 -31.84 -31.70 -37.77
N THR I 30 -31.16 -32.82 -37.80
CA THR I 30 -29.73 -32.85 -37.42
C THR I 30 -28.85 -32.66 -38.65
N ARG I 31 -27.56 -32.53 -38.37
CA ARG I 31 -26.55 -32.35 -39.43
C ARG I 31 -25.84 -33.68 -39.69
N ASP I 32 -25.05 -33.72 -40.75
CA ASP I 32 -24.31 -34.91 -41.14
C ASP I 32 -23.62 -35.58 -39.96
N GLN I 33 -22.90 -34.76 -39.20
CA GLN I 33 -22.18 -35.28 -38.03
C GLN I 33 -22.57 -34.54 -36.75
N GLU I 34 -23.03 -35.32 -35.78
CA GLU I 34 -23.45 -34.81 -34.47
C GLU I 34 -22.67 -35.52 -33.35
N ILE I 35 -22.45 -34.83 -32.27
CA ILE I 35 -21.73 -35.37 -31.08
C ILE I 35 -22.88 -35.85 -30.15
N TRP I 36 -22.97 -37.15 -29.97
CA TRP I 36 -24.09 -37.65 -29.12
C TRP I 36 -23.73 -38.64 -28.06
N ASN I 37 -24.70 -39.46 -27.66
CA ASN I 37 -24.61 -40.40 -26.57
C ASN I 37 -24.09 -41.80 -26.76
N ARG I 38 -23.41 -42.09 -27.86
CA ARG I 38 -22.86 -43.42 -28.16
C ARG I 38 -21.34 -43.32 -28.27
N LEU I 39 -20.62 -43.51 -27.19
CA LEU I 39 -19.16 -43.38 -27.19
C LEU I 39 -18.45 -44.52 -27.90
N ALA I 40 -19.08 -45.70 -27.82
CA ALA I 40 -18.47 -46.90 -28.42
C ALA I 40 -19.30 -47.62 -29.45
N LYS I 41 -18.56 -48.05 -30.46
CA LYS I 41 -19.14 -48.89 -31.55
C LYS I 41 -19.11 -50.32 -30.94
N PRO I 42 -20.07 -51.11 -31.36
CA PRO I 42 -20.23 -52.49 -30.89
C PRO I 42 -18.90 -53.20 -30.81
N ASP I 43 -18.08 -52.93 -31.80
CA ASP I 43 -16.76 -53.57 -31.87
C ASP I 43 -15.71 -52.92 -31.00
N ALA I 44 -16.10 -52.10 -30.04
CA ALA I 44 -15.06 -51.48 -29.17
C ALA I 44 -14.68 -52.43 -28.03
N PRO I 45 -13.37 -52.51 -27.79
CA PRO I 45 -12.83 -53.35 -26.72
C PRO I 45 -13.26 -52.79 -25.36
N GLY I 46 -13.51 -53.72 -24.44
CA GLY I 46 -13.92 -53.35 -23.08
C GLY I 46 -15.33 -53.85 -22.82
N GLU I 47 -15.71 -53.69 -21.56
CA GLU I 47 -17.05 -54.13 -21.16
C GLU I 47 -18.03 -53.04 -21.58
N HIS I 48 -18.88 -53.37 -22.56
CA HIS I 48 -19.91 -52.44 -23.02
C HIS I 48 -21.00 -52.36 -21.94
N ILE I 49 -21.33 -51.14 -21.56
CA ILE I 49 -22.34 -50.84 -20.55
C ILE I 49 -23.28 -49.71 -20.99
N LEU I 50 -24.41 -49.68 -20.31
CA LEU I 50 -25.46 -48.70 -20.48
C LEU I 50 -25.51 -47.86 -19.18
N LEU I 51 -25.50 -46.56 -19.39
CA LEU I 51 -25.57 -45.59 -18.26
C LEU I 51 -26.93 -44.87 -18.35
N LEU I 52 -27.58 -44.70 -17.24
CA LEU I 52 -28.86 -43.96 -17.24
C LEU I 52 -29.02 -43.30 -15.87
N GLY I 53 -29.85 -42.28 -15.82
CA GLY I 53 -30.14 -41.55 -14.59
C GLY I 53 -31.16 -40.43 -14.84
N GLN I 54 -31.48 -39.82 -13.71
CA GLN I 54 -32.40 -38.70 -13.56
C GLN I 54 -31.69 -37.61 -12.74
N VAL I 55 -32.21 -36.41 -12.92
CA VAL I 55 -31.72 -35.21 -12.22
C VAL I 55 -32.86 -34.58 -11.44
N TYR I 56 -32.59 -34.29 -10.17
CA TYR I 56 -33.58 -33.70 -9.28
C TYR I 56 -33.15 -32.33 -8.75
N ASP I 57 -34.14 -31.48 -8.63
CA ASP I 57 -33.90 -30.11 -8.08
C ASP I 57 -34.05 -30.20 -6.57
N GLY I 58 -33.90 -29.09 -5.88
CA GLY I 58 -33.98 -28.95 -4.45
C GLY I 58 -35.35 -29.33 -3.85
N ASN I 59 -36.37 -29.38 -4.67
CA ASN I 59 -37.72 -29.73 -4.24
C ASN I 59 -38.01 -31.23 -4.46
N GLY I 60 -37.07 -31.93 -5.03
CA GLY I 60 -37.13 -33.34 -5.32
C GLY I 60 -37.81 -33.59 -6.68
N HIS I 61 -37.97 -32.50 -7.42
CA HIS I 61 -38.60 -32.57 -8.74
C HIS I 61 -37.60 -32.78 -9.87
N LEU I 62 -38.06 -33.54 -10.86
CA LEU I 62 -37.23 -33.87 -12.03
C LEU I 62 -36.89 -32.61 -12.85
N VAL I 63 -35.64 -32.56 -13.20
CA VAL I 63 -35.10 -31.46 -14.08
C VAL I 63 -35.13 -32.10 -15.49
N ARG I 64 -36.13 -31.77 -16.27
CA ARG I 64 -36.28 -32.35 -17.60
C ARG I 64 -35.67 -31.59 -18.75
N ASP I 65 -34.79 -30.65 -18.48
CA ASP I 65 -34.18 -29.82 -19.54
C ASP I 65 -32.67 -29.79 -19.40
N SER I 66 -32.14 -30.77 -18.71
CA SER I 66 -30.71 -30.86 -18.47
C SER I 66 -29.96 -31.32 -19.72
N PHE I 67 -28.72 -30.90 -19.71
CA PHE I 67 -27.74 -31.20 -20.75
C PHE I 67 -26.47 -31.67 -20.04
N LEU I 68 -25.98 -32.82 -20.54
CA LEU I 68 -24.76 -33.38 -19.91
C LEU I 68 -23.69 -33.66 -20.93
N GLU I 69 -22.46 -33.46 -20.45
CA GLU I 69 -21.24 -33.74 -21.20
C GLU I 69 -20.45 -34.74 -20.37
N VAL I 70 -19.86 -35.74 -21.04
CA VAL I 70 -19.06 -36.78 -20.37
C VAL I 70 -17.68 -36.91 -21.01
N TRP I 71 -16.74 -37.24 -20.15
CA TRP I 71 -15.33 -37.49 -20.51
C TRP I 71 -14.82 -38.66 -19.65
N GLN I 72 -14.28 -39.67 -20.34
CA GLN I 72 -13.72 -40.87 -19.70
C GLN I 72 -12.65 -41.55 -20.53
N ALA I 73 -11.80 -42.33 -19.84
CA ALA I 73 -10.75 -43.09 -20.57
C ALA I 73 -11.47 -44.31 -21.24
N ASP I 74 -10.67 -44.94 -22.09
CA ASP I 74 -11.14 -46.16 -22.77
C ASP I 74 -10.82 -47.32 -21.78
N ALA I 75 -11.20 -48.49 -22.22
CA ALA I 75 -11.00 -49.73 -21.42
C ALA I 75 -9.55 -49.88 -21.01
N ASN I 76 -8.62 -49.30 -21.77
CA ASN I 76 -7.21 -49.37 -21.43
C ASN I 76 -6.81 -48.24 -20.49
N GLY I 77 -7.78 -47.48 -20.05
CA GLY I 77 -7.46 -46.33 -19.15
C GLY I 77 -6.72 -45.28 -20.00
N GLU I 78 -7.17 -45.12 -21.24
CA GLU I 78 -6.58 -44.12 -22.12
C GLU I 78 -7.57 -43.08 -22.61
N TYR I 79 -7.08 -41.83 -22.64
CA TYR I 79 -7.96 -40.74 -23.12
C TYR I 79 -7.77 -40.58 -24.62
N GLN I 80 -8.83 -40.82 -25.34
CA GLN I 80 -8.92 -40.71 -26.80
C GLN I 80 -9.45 -39.34 -27.18
N ASP I 81 -8.54 -38.39 -27.32
CA ASP I 81 -8.92 -36.99 -27.62
C ASP I 81 -9.28 -36.66 -29.03
N ALA I 82 -8.76 -37.35 -30.03
CA ALA I 82 -9.10 -37.04 -31.45
C ALA I 82 -10.52 -37.53 -31.73
N TYR I 83 -11.51 -36.70 -31.50
CA TYR I 83 -12.93 -37.09 -31.72
C TYR I 83 -13.16 -37.41 -33.22
N ASN I 84 -13.74 -38.54 -33.46
CA ASN I 84 -14.02 -38.98 -34.86
C ASN I 84 -15.19 -39.95 -34.81
N LEU I 85 -16.14 -39.76 -35.70
CA LEU I 85 -17.35 -40.61 -35.74
C LEU I 85 -17.01 -42.01 -36.21
N GLU I 86 -15.82 -42.11 -36.75
CA GLU I 86 -15.29 -43.38 -37.29
C GLU I 86 -14.61 -44.21 -36.23
N ASN I 87 -14.04 -43.53 -35.22
CA ASN I 87 -13.39 -44.23 -34.11
C ASN I 87 -14.41 -45.27 -33.58
N ALA I 88 -13.80 -46.34 -33.10
CA ALA I 88 -14.66 -47.40 -32.49
C ALA I 88 -15.10 -46.89 -31.11
N PHE I 89 -14.24 -46.05 -30.53
CA PHE I 89 -14.45 -45.44 -29.23
C PHE I 89 -13.99 -43.96 -29.24
N ASN I 90 -14.85 -43.15 -28.63
CA ASN I 90 -14.61 -41.69 -28.46
C ASN I 90 -14.73 -41.46 -26.92
N SER I 91 -13.79 -40.73 -26.38
CA SER I 91 -13.73 -40.43 -24.94
C SER I 91 -14.77 -39.41 -24.48
N PHE I 92 -15.30 -38.63 -25.43
CA PHE I 92 -16.29 -37.58 -25.17
C PHE I 92 -17.66 -37.90 -25.75
N GLY I 93 -18.69 -37.46 -25.02
CA GLY I 93 -20.08 -37.66 -25.49
C GLY I 93 -21.00 -36.60 -24.84
N ARG I 94 -22.23 -36.61 -25.37
CA ARG I 94 -23.27 -35.71 -24.90
C ARG I 94 -24.60 -36.43 -24.80
N THR I 95 -25.34 -36.01 -23.79
CA THR I 95 -26.68 -36.58 -23.55
C THR I 95 -27.55 -35.47 -22.90
N ALA I 96 -28.82 -35.79 -22.81
CA ALA I 96 -29.82 -34.87 -22.24
C ALA I 96 -30.98 -35.67 -21.65
N THR I 97 -31.79 -35.03 -20.82
CA THR I 97 -32.96 -35.64 -20.19
C THR I 97 -34.28 -35.28 -20.92
N THR I 98 -35.03 -36.38 -21.10
CA THR I 98 -36.34 -36.31 -21.79
C THR I 98 -37.25 -35.29 -21.09
N PHE I 99 -37.92 -34.50 -21.91
CA PHE I 99 -38.86 -33.47 -21.44
C PHE I 99 -40.03 -34.24 -20.78
N ASP I 100 -40.13 -35.49 -21.18
CA ASP I 100 -41.18 -36.39 -20.63
C ASP I 100 -40.70 -37.08 -19.33
N ALA I 101 -40.12 -38.24 -19.55
CA ALA I 101 -39.59 -39.12 -18.52
C ALA I 101 -38.56 -38.39 -17.66
N GLY I 102 -37.68 -37.64 -18.34
CA GLY I 102 -36.65 -36.89 -17.64
C GLY I 102 -35.43 -37.78 -17.39
N GLU I 103 -35.19 -38.75 -18.27
CA GLU I 103 -34.03 -39.62 -18.09
C GLU I 103 -33.03 -39.56 -19.22
N TRP I 104 -31.74 -39.68 -18.91
CA TRP I 104 -30.71 -39.64 -19.96
C TRP I 104 -30.08 -41.04 -20.02
N THR I 105 -29.51 -41.31 -21.18
CA THR I 105 -28.82 -42.55 -21.44
C THR I 105 -27.53 -42.30 -22.25
N LEU I 106 -26.60 -43.18 -21.94
CA LEU I 106 -25.28 -43.14 -22.63
C LEU I 106 -24.85 -44.56 -22.92
N HIS I 107 -24.24 -44.73 -24.07
CA HIS I 107 -23.73 -46.06 -24.50
C HIS I 107 -22.21 -45.98 -24.61
N THR I 108 -21.56 -46.69 -23.68
CA THR I 108 -20.09 -46.73 -23.58
C THR I 108 -19.61 -48.09 -23.07
N VAL I 109 -18.37 -48.09 -22.63
CA VAL I 109 -17.59 -49.13 -22.04
C VAL I 109 -16.99 -48.64 -20.69
N LYS I 110 -16.74 -49.61 -19.84
CA LYS I 110 -16.16 -49.33 -18.50
C LYS I 110 -14.75 -48.82 -18.69
N PRO I 111 -14.52 -47.62 -18.16
CA PRO I 111 -13.21 -46.97 -18.30
C PRO I 111 -12.10 -47.75 -17.55
N GLY I 112 -10.92 -47.72 -18.12
CA GLY I 112 -9.70 -48.31 -17.53
C GLY I 112 -9.24 -47.36 -16.42
N VAL I 113 -8.26 -47.77 -15.65
CA VAL I 113 -7.72 -46.94 -14.54
C VAL I 113 -6.69 -45.93 -15.01
N VAL I 114 -6.66 -44.77 -14.37
CA VAL I 114 -5.69 -43.71 -14.71
C VAL I 114 -5.08 -43.21 -13.38
N ASN I 115 -3.88 -42.67 -13.49
CA ASN I 115 -3.15 -42.16 -12.30
C ASN I 115 -3.32 -40.63 -12.16
N ASN I 116 -3.36 -40.22 -10.92
CA ASN I 116 -3.44 -38.76 -10.61
C ASN I 116 -2.01 -38.26 -10.90
N ALA I 117 -1.78 -36.99 -10.68
CA ALA I 117 -0.48 -36.37 -10.94
C ALA I 117 0.63 -36.97 -10.10
N ALA I 118 0.29 -37.39 -8.91
CA ALA I 118 1.26 -38.01 -7.98
C ALA I 118 1.60 -39.44 -8.36
N GLY I 119 0.99 -40.00 -9.39
CA GLY I 119 1.25 -41.37 -9.80
C GLY I 119 0.40 -42.39 -9.05
N VAL I 120 -0.61 -41.95 -8.34
CA VAL I 120 -1.55 -42.83 -7.61
C VAL I 120 -2.75 -43.07 -8.55
N PRO I 121 -3.11 -44.33 -8.70
CA PRO I 121 -4.26 -44.72 -9.54
C PRO I 121 -5.60 -44.32 -8.87
N MET I 122 -6.48 -43.80 -9.71
CA MET I 122 -7.83 -43.38 -9.32
C MET I 122 -8.78 -44.53 -9.72
N ALA I 123 -9.87 -44.63 -8.99
CA ALA I 123 -10.87 -45.73 -9.35
C ALA I 123 -11.46 -45.33 -10.72
N PRO I 124 -11.89 -46.33 -11.47
CA PRO I 124 -12.50 -46.10 -12.78
C PRO I 124 -13.60 -45.05 -12.57
N HIS I 125 -13.56 -44.05 -13.46
CA HIS I 125 -14.63 -43.00 -13.30
C HIS I 125 -14.85 -42.28 -14.63
N ILE I 126 -16.05 -41.69 -14.67
CA ILE I 126 -16.52 -40.87 -15.77
C ILE I 126 -16.68 -39.44 -15.22
N ASN I 127 -16.01 -38.51 -15.91
CA ASN I 127 -16.12 -37.05 -15.49
C ASN I 127 -17.40 -36.53 -16.15
N ILE I 128 -18.22 -35.83 -15.40
CA ILE I 128 -19.48 -35.30 -15.98
C ILE I 128 -19.60 -33.79 -15.74
N SER I 129 -20.18 -33.12 -16.74
CA SER I 129 -20.47 -31.66 -16.60
C SER I 129 -21.98 -31.50 -16.87
N LEU I 130 -22.70 -30.85 -16.00
CA LEU I 130 -24.14 -30.62 -16.08
C LEU I 130 -24.51 -29.15 -16.30
N PHE I 131 -25.40 -28.98 -17.24
CA PHE I 131 -25.90 -27.68 -17.69
C PHE I 131 -27.42 -27.70 -17.74
N ALA I 132 -27.99 -26.55 -17.44
CA ALA I 132 -29.44 -26.37 -17.51
C ALA I 132 -29.82 -24.94 -17.12
N ARG I 133 -31.08 -24.64 -17.43
CA ARG I 133 -31.69 -23.38 -17.04
C ARG I 133 -31.68 -23.47 -15.49
N GLY I 134 -31.37 -22.31 -14.92
CA GLY I 134 -31.32 -22.19 -13.46
C GLY I 134 -29.91 -22.42 -12.96
N ILE I 135 -29.02 -22.89 -13.83
CA ILE I 135 -27.62 -23.14 -13.45
C ILE I 135 -26.73 -22.12 -14.15
N ASN I 136 -26.28 -21.11 -13.39
CA ASN I 136 -25.45 -20.03 -13.92
C ASN I 136 -24.11 -20.54 -14.47
N ILE I 137 -23.48 -21.44 -13.71
CA ILE I 137 -22.17 -22.02 -14.14
C ILE I 137 -22.30 -23.54 -13.96
N HIS I 138 -21.93 -24.28 -14.97
CA HIS I 138 -22.10 -25.75 -14.93
C HIS I 138 -21.47 -26.41 -13.72
N LEU I 139 -22.09 -27.56 -13.37
CA LEU I 139 -21.63 -28.36 -12.21
C LEU I 139 -20.81 -29.56 -12.76
N HIS I 140 -19.72 -29.77 -12.04
CA HIS I 140 -18.76 -30.85 -12.29
C HIS I 140 -18.96 -31.95 -11.19
N THR I 141 -18.88 -33.18 -11.68
CA THR I 141 -19.00 -34.38 -10.84
C THR I 141 -18.32 -35.59 -11.46
N ARG I 142 -18.29 -36.68 -10.68
CA ARG I 142 -17.69 -37.91 -11.18
C ARG I 142 -18.65 -39.09 -10.91
N LEU I 143 -18.70 -39.99 -11.86
CA LEU I 143 -19.53 -41.22 -11.71
C LEU I 143 -18.56 -42.37 -11.40
N TYR I 144 -18.77 -43.07 -10.33
CA TYR I 144 -17.93 -44.24 -9.93
C TYR I 144 -18.88 -45.45 -9.95
N PHE I 145 -18.31 -46.65 -9.91
CA PHE I 145 -19.10 -47.94 -10.00
C PHE I 145 -19.09 -48.74 -8.70
N ASP I 146 -20.28 -49.20 -8.31
CA ASP I 146 -20.49 -49.95 -7.08
C ASP I 146 -19.67 -51.25 -7.02
N ASP I 147 -19.45 -51.87 -8.14
CA ASP I 147 -18.70 -53.10 -8.27
C ASP I 147 -17.19 -52.94 -8.31
N GLU I 148 -16.68 -51.84 -7.80
CA GLU I 148 -15.24 -51.53 -7.76
C GLU I 148 -14.87 -51.00 -6.39
N ALA I 149 -15.64 -51.48 -5.40
CA ALA I 149 -15.46 -51.11 -4.01
C ALA I 149 -13.99 -51.04 -3.62
N GLN I 150 -13.22 -52.06 -3.95
CA GLN I 150 -11.79 -52.10 -3.59
C GLN I 150 -11.08 -50.84 -4.08
N ALA I 151 -11.24 -50.61 -5.39
CA ALA I 151 -10.62 -49.42 -6.04
C ALA I 151 -11.16 -48.11 -5.44
N ASN I 152 -12.46 -48.05 -5.27
CA ASN I 152 -13.13 -46.87 -4.75
C ASN I 152 -12.54 -46.45 -3.40
N ALA I 153 -12.26 -47.47 -2.61
CA ALA I 153 -11.73 -47.23 -1.26
C ALA I 153 -10.40 -46.54 -1.24
N LYS I 154 -9.57 -46.78 -2.21
CA LYS I 154 -8.24 -46.23 -2.40
C LYS I 154 -8.18 -44.97 -3.26
N CYS I 155 -9.28 -44.58 -3.88
CA CYS I 155 -9.23 -43.37 -4.75
C CYS I 155 -8.81 -42.12 -4.02
N PRO I 156 -7.74 -41.48 -4.52
CA PRO I 156 -7.23 -40.26 -3.92
C PRO I 156 -8.24 -39.13 -4.05
N VAL I 157 -9.13 -39.23 -5.00
CA VAL I 157 -10.14 -38.19 -5.22
C VAL I 157 -11.31 -38.39 -4.28
N LEU I 158 -11.87 -39.57 -4.32
CA LEU I 158 -13.02 -39.91 -3.44
C LEU I 158 -12.61 -39.70 -1.98
N ASN I 159 -11.37 -40.02 -1.67
CA ASN I 159 -10.80 -39.88 -0.35
C ASN I 159 -10.66 -38.44 0.07
N LEU I 160 -10.72 -37.50 -0.88
CA LEU I 160 -10.65 -36.08 -0.57
C LEU I 160 -11.97 -35.58 0.04
N ILE I 161 -13.03 -36.33 -0.13
CA ILE I 161 -14.34 -35.92 0.43
C ILE I 161 -14.36 -36.27 1.94
N GLU I 162 -14.40 -35.21 2.75
CA GLU I 162 -14.41 -35.27 4.17
C GLU I 162 -15.31 -36.32 4.78
N GLN I 163 -16.60 -36.20 4.59
CA GLN I 163 -17.59 -37.12 5.17
C GLN I 163 -17.87 -38.30 4.23
N PRO I 164 -17.55 -39.48 4.72
CA PRO I 164 -17.77 -40.73 3.99
C PRO I 164 -19.14 -40.90 3.38
N GLN I 165 -20.17 -40.39 4.03
CA GLN I 165 -21.57 -40.53 3.58
C GLN I 165 -21.77 -39.84 2.23
N ARG I 166 -21.05 -38.72 2.09
CA ARG I 166 -21.06 -37.89 0.90
C ARG I 166 -20.43 -38.60 -0.29
N ARG I 167 -19.47 -39.48 -0.04
CA ARG I 167 -18.77 -40.23 -1.10
C ARG I 167 -19.68 -41.16 -1.89
N GLU I 168 -20.67 -41.71 -1.18
CA GLU I 168 -21.64 -42.61 -1.74
C GLU I 168 -22.49 -42.02 -2.83
N THR I 169 -22.67 -40.72 -2.74
CA THR I 169 -23.50 -40.00 -3.74
C THR I 169 -22.83 -40.18 -5.10
N LEU I 170 -21.53 -40.42 -5.15
CA LEU I 170 -20.83 -40.61 -6.40
C LEU I 170 -20.81 -42.03 -6.98
N ILE I 171 -21.45 -42.98 -6.33
CA ILE I 171 -21.42 -44.37 -6.80
C ILE I 171 -22.65 -44.81 -7.55
N ALA I 172 -22.41 -45.27 -8.78
CA ALA I 172 -23.55 -45.74 -9.62
C ALA I 172 -23.93 -47.18 -9.22
N LYS I 173 -25.22 -47.41 -9.11
CA LYS I 173 -25.76 -48.71 -8.73
C LYS I 173 -26.01 -49.51 -10.02
N ARG I 174 -25.24 -50.59 -10.09
CA ARG I 174 -25.29 -51.51 -11.21
C ARG I 174 -26.65 -52.24 -11.25
N CYS I 175 -27.13 -52.39 -12.45
CA CYS I 175 -28.40 -53.08 -12.73
C CYS I 175 -28.23 -53.71 -14.11
N GLU I 176 -29.37 -53.99 -14.70
CA GLU I 176 -29.35 -54.63 -16.05
C GLU I 176 -30.64 -54.24 -16.77
N VAL I 177 -30.44 -53.88 -18.02
CA VAL I 177 -31.58 -53.41 -18.85
C VAL I 177 -31.58 -54.27 -20.10
N ASP I 178 -32.66 -55.03 -20.22
CA ASP I 178 -32.77 -55.96 -21.40
C ASP I 178 -31.55 -56.89 -21.29
N GLY I 179 -31.33 -57.37 -20.08
CA GLY I 179 -30.19 -58.26 -19.78
C GLY I 179 -28.85 -57.62 -20.13
N LYS I 180 -28.84 -56.30 -20.30
CA LYS I 180 -27.56 -55.61 -20.61
C LYS I 180 -27.03 -54.99 -19.31
N THR I 181 -25.70 -54.98 -19.20
CA THR I 181 -25.07 -54.42 -18.00
C THR I 181 -25.32 -52.88 -18.01
N ALA I 182 -25.97 -52.46 -16.95
CA ALA I 182 -26.29 -51.04 -16.79
C ALA I 182 -25.95 -50.57 -15.40
N TYR I 183 -25.80 -49.25 -15.31
CA TYR I 183 -25.49 -48.58 -14.01
C TYR I 183 -26.40 -47.34 -13.96
N ARG I 184 -27.04 -47.14 -12.87
CA ARG I 184 -27.94 -46.00 -12.66
C ARG I 184 -27.21 -44.96 -11.80
N PHE I 185 -27.21 -43.74 -12.28
CA PHE I 185 -26.55 -42.62 -11.56
C PHE I 185 -27.50 -41.40 -11.57
N ASP I 186 -28.10 -41.17 -10.44
CA ASP I 186 -29.04 -40.07 -10.24
C ASP I 186 -28.28 -38.91 -9.57
N ILE I 187 -28.62 -37.71 -10.06
CA ILE I 187 -27.98 -36.50 -9.47
C ILE I 187 -28.97 -35.69 -8.66
N ARG I 188 -28.61 -35.31 -7.48
CA ARG I 188 -29.48 -34.48 -6.62
C ARG I 188 -28.70 -33.14 -6.46
N ILE I 189 -29.22 -32.15 -7.19
CA ILE I 189 -28.60 -30.85 -7.23
C ILE I 189 -28.52 -30.21 -5.85
N GLN I 190 -29.64 -30.34 -5.15
CA GLN I 190 -29.74 -29.68 -3.82
C GLN I 190 -30.57 -30.49 -2.81
N GLY I 191 -30.21 -30.32 -1.55
CA GLY I 191 -30.96 -30.97 -0.48
C GLY I 191 -30.50 -32.34 -0.06
N GLU I 192 -31.45 -33.12 0.44
CA GLU I 192 -31.25 -34.48 0.95
C GLU I 192 -30.47 -35.33 0.00
N GLY I 193 -29.28 -35.75 0.38
CA GLY I 193 -28.42 -36.60 -0.44
C GLY I 193 -27.86 -35.87 -1.66
N GLU I 194 -27.61 -34.59 -1.46
CA GLU I 194 -27.08 -33.71 -2.54
C GLU I 194 -25.77 -34.29 -3.06
N THR I 195 -25.68 -34.48 -4.35
CA THR I 195 -24.51 -35.02 -5.00
C THR I 195 -23.30 -34.08 -4.80
N VAL I 196 -22.14 -34.73 -4.61
CA VAL I 196 -20.91 -34.00 -4.48
C VAL I 196 -20.57 -33.36 -5.88
N PHE I 197 -20.17 -32.12 -5.82
CA PHE I 197 -19.77 -31.30 -6.99
C PHE I 197 -18.36 -30.77 -6.71
N PHE I 198 -17.55 -30.80 -7.76
CA PHE I 198 -16.14 -30.43 -7.65
C PHE I 198 -15.76 -29.09 -8.26
N ASP I 199 -14.60 -28.63 -7.78
CA ASP I 199 -14.01 -27.38 -8.30
C ASP I 199 -12.54 -27.78 -8.59
N PHE I 200 -12.14 -27.44 -9.77
CA PHE I 200 -10.77 -27.71 -10.26
C PHE I 200 -10.36 -26.67 -11.33
N PRO J 1 -3.01 -41.14 -27.42
CA PRO J 1 -4.00 -40.59 -26.45
C PRO J 1 -3.47 -39.29 -25.87
N ALA J 2 -4.32 -38.64 -25.08
CA ALA J 2 -3.99 -37.37 -24.44
C ALA J 2 -3.02 -37.58 -23.26
N GLN J 3 -2.29 -36.53 -22.95
CA GLN J 3 -1.33 -36.53 -21.85
C GLN J 3 -1.45 -35.32 -20.91
N ASP J 4 -1.16 -35.60 -19.65
CA ASP J 4 -1.18 -34.60 -18.58
C ASP J 4 0.10 -33.76 -18.66
N ASN J 5 0.06 -32.69 -19.41
CA ASN J 5 1.26 -31.84 -19.55
C ASN J 5 1.02 -30.40 -19.09
N SER J 6 -0.25 -30.08 -18.92
CA SER J 6 -0.68 -28.71 -18.56
C SER J 6 -1.44 -28.54 -17.27
N ARG J 7 -1.41 -27.28 -16.85
CA ARG J 7 -2.15 -26.83 -15.67
C ARG J 7 -2.98 -25.63 -16.10
N PHE J 8 -4.12 -25.50 -15.49
CA PHE J 8 -5.05 -24.40 -15.75
C PHE J 8 -5.21 -23.51 -14.52
N VAL J 9 -5.13 -22.21 -14.81
CA VAL J 9 -5.28 -21.14 -13.79
C VAL J 9 -6.68 -21.42 -13.10
N ILE J 10 -6.67 -21.35 -11.79
CA ILE J 10 -7.89 -21.61 -11.02
C ILE J 10 -8.97 -20.60 -11.36
N ARG J 11 -10.20 -21.04 -11.58
CA ARG J 11 -11.28 -20.07 -11.87
C ARG J 11 -11.57 -19.12 -10.68
N ASP J 12 -11.98 -17.92 -11.05
CA ASP J 12 -12.39 -16.91 -10.04
C ASP J 12 -13.92 -16.99 -9.91
N ARG J 13 -14.34 -17.73 -8.88
CA ARG J 13 -15.78 -17.93 -8.64
C ARG J 13 -16.51 -16.72 -8.12
N ASN J 14 -15.80 -15.60 -7.97
CA ASN J 14 -16.43 -14.33 -7.54
C ASN J 14 -16.60 -13.42 -8.78
N TRP J 15 -16.00 -13.86 -9.86
CA TRP J 15 -16.03 -13.14 -11.15
C TRP J 15 -17.23 -13.68 -11.96
N HIS J 16 -17.31 -14.98 -11.96
CA HIS J 16 -18.43 -15.70 -12.61
C HIS J 16 -19.62 -15.48 -11.61
N PRO J 17 -20.81 -15.65 -12.14
CA PRO J 17 -22.03 -15.54 -11.34
C PRO J 17 -22.05 -16.70 -10.30
N LYS J 18 -22.66 -16.44 -9.16
CA LYS J 18 -22.77 -17.53 -8.14
C LYS J 18 -23.98 -18.41 -8.53
N ALA J 19 -24.11 -19.51 -7.76
CA ALA J 19 -25.20 -20.47 -8.00
C ALA J 19 -26.58 -19.89 -7.61
N LEU J 20 -26.65 -19.42 -6.37
CA LEU J 20 -27.90 -18.84 -5.84
C LEU J 20 -27.94 -17.33 -6.10
N THR J 21 -28.76 -16.94 -7.03
CA THR J 21 -28.94 -15.52 -7.44
C THR J 21 -30.49 -15.44 -7.56
N PRO J 22 -31.12 -15.25 -6.38
CA PRO J 22 -32.53 -15.23 -6.21
C PRO J 22 -33.38 -14.46 -7.17
N ASP J 23 -32.86 -13.42 -7.77
CA ASP J 23 -33.67 -12.66 -8.75
C ASP J 23 -33.98 -13.55 -9.97
N TYR J 24 -33.05 -14.45 -10.20
CA TYR J 24 -33.25 -15.44 -11.31
C TYR J 24 -33.92 -16.63 -10.56
N LYS J 25 -35.21 -16.68 -10.55
CA LYS J 25 -36.00 -17.64 -9.81
C LYS J 25 -35.66 -19.09 -9.88
N THR J 26 -35.48 -19.64 -11.05
CA THR J 26 -35.15 -21.07 -11.25
C THR J 26 -33.86 -21.48 -10.53
N SER J 27 -33.00 -20.54 -10.27
CA SER J 27 -31.73 -20.78 -9.58
C SER J 27 -31.92 -21.19 -8.12
N ILE J 28 -33.06 -20.84 -7.49
CA ILE J 28 -33.26 -21.16 -6.08
C ILE J 28 -33.20 -22.67 -5.83
N ALA J 29 -33.97 -23.42 -6.60
CA ALA J 29 -34.05 -24.85 -6.50
C ALA J 29 -32.97 -25.58 -7.28
N ARG J 30 -32.23 -24.92 -8.10
CA ARG J 30 -31.17 -25.57 -8.90
C ARG J 30 -29.78 -25.18 -8.51
N SER J 31 -29.58 -24.75 -7.27
CA SER J 31 -28.28 -24.38 -6.73
C SER J 31 -27.95 -25.29 -5.55
N PRO J 32 -26.76 -25.85 -5.56
CA PRO J 32 -26.29 -26.72 -4.49
C PRO J 32 -26.16 -25.95 -3.20
N ARG J 33 -26.44 -26.59 -2.09
CA ARG J 33 -26.34 -25.93 -0.77
C ARG J 33 -25.02 -26.30 -0.08
N GLN J 34 -24.41 -27.41 -0.48
CA GLN J 34 -23.11 -27.80 0.14
C GLN J 34 -22.02 -27.11 -0.66
N ALA J 35 -20.84 -26.90 -0.09
CA ALA J 35 -19.76 -26.26 -0.86
C ALA J 35 -19.19 -27.28 -1.87
N LEU J 36 -18.61 -26.69 -2.94
CA LEU J 36 -17.95 -27.51 -3.97
C LEU J 36 -16.69 -28.06 -3.24
N VAL J 37 -16.35 -29.27 -3.65
CA VAL J 37 -15.10 -29.88 -3.10
C VAL J 37 -13.97 -29.58 -4.14
N SER J 38 -12.92 -28.95 -3.67
CA SER J 38 -11.78 -28.63 -4.55
C SER J 38 -10.90 -29.88 -4.68
N ILE J 39 -10.47 -30.14 -5.90
CA ILE J 39 -9.54 -31.29 -6.13
C ILE J 39 -8.40 -30.81 -7.05
N PRO J 40 -7.23 -31.46 -6.88
CA PRO J 40 -6.06 -31.16 -7.68
C PRO J 40 -6.34 -31.64 -9.10
N GLN J 41 -5.79 -30.91 -10.08
CA GLN J 41 -5.94 -31.24 -11.50
C GLN J 41 -5.20 -32.54 -11.84
N SER J 42 -5.87 -33.36 -12.62
CA SER J 42 -5.26 -34.66 -13.10
C SER J 42 -5.55 -34.73 -14.61
N ILE J 43 -4.96 -35.70 -15.25
CA ILE J 43 -5.14 -35.94 -16.70
C ILE J 43 -6.65 -35.99 -16.99
N SER J 44 -7.40 -36.36 -15.97
CA SER J 44 -8.87 -36.42 -16.11
C SER J 44 -9.44 -35.03 -16.37
N GLU J 45 -8.93 -34.02 -15.70
CA GLU J 45 -9.37 -32.65 -15.84
C GLU J 45 -8.63 -31.78 -16.81
N THR J 46 -7.37 -32.12 -17.10
CA THR J 46 -6.54 -31.28 -17.96
C THR J 46 -6.53 -31.66 -19.42
N THR J 47 -7.40 -32.59 -19.81
CA THR J 47 -7.42 -32.99 -21.26
C THR J 47 -8.88 -32.78 -21.67
N GLY J 48 -9.15 -33.01 -22.94
CA GLY J 48 -10.50 -32.85 -23.48
C GLY J 48 -10.40 -33.18 -24.98
N PRO J 49 -11.57 -33.29 -25.58
CA PRO J 49 -11.72 -33.63 -26.98
C PRO J 49 -11.21 -32.54 -27.93
N ASN J 50 -10.65 -33.05 -29.02
CA ASN J 50 -10.13 -32.21 -30.12
C ASN J 50 -11.12 -32.48 -31.28
N PHE J 51 -11.68 -31.44 -31.84
CA PHE J 51 -12.70 -31.59 -32.88
C PHE J 51 -12.21 -31.37 -34.30
N SER J 52 -10.91 -31.31 -34.48
CA SER J 52 -10.26 -31.12 -35.76
C SER J 52 -10.72 -32.09 -36.86
N HIS J 53 -11.14 -33.28 -36.48
CA HIS J 53 -11.55 -34.24 -37.52
C HIS J 53 -13.05 -34.36 -37.69
N LEU J 54 -13.81 -33.46 -37.07
CA LEU J 54 -15.27 -33.46 -37.20
C LEU J 54 -15.60 -32.93 -38.61
N GLY J 55 -16.57 -33.60 -39.23
CA GLY J 55 -16.98 -33.27 -40.59
C GLY J 55 -18.01 -32.14 -40.60
N PHE J 56 -17.48 -30.92 -40.65
CA PHE J 56 -18.34 -29.72 -40.66
C PHE J 56 -18.95 -29.52 -42.06
N GLY J 57 -20.21 -29.11 -42.09
CA GLY J 57 -20.89 -28.78 -43.37
C GLY J 57 -20.34 -27.38 -43.76
N ALA J 58 -20.49 -27.08 -45.04
CA ALA J 58 -20.01 -25.85 -45.64
C ALA J 58 -20.74 -24.60 -45.15
N HIS J 59 -21.94 -24.73 -44.68
CA HIS J 59 -22.73 -23.61 -44.18
C HIS J 59 -23.04 -23.81 -42.68
N ASP J 60 -22.12 -24.53 -42.03
CA ASP J 60 -22.34 -24.81 -40.57
C ASP J 60 -22.39 -23.51 -39.77
N HIS J 61 -21.59 -22.56 -40.18
CA HIS J 61 -21.47 -21.26 -39.57
C HIS J 61 -22.27 -20.18 -40.23
N ASP J 62 -23.07 -20.48 -41.25
CA ASP J 62 -23.90 -19.48 -41.95
C ASP J 62 -25.37 -19.71 -41.76
N LEU J 63 -25.95 -19.04 -40.77
CA LEU J 63 -27.38 -19.19 -40.43
C LEU J 63 -28.30 -18.60 -41.49
N LEU J 64 -27.68 -17.89 -42.43
CA LEU J 64 -28.43 -17.27 -43.52
C LEU J 64 -28.82 -18.34 -44.53
N LEU J 65 -27.94 -19.34 -44.65
CA LEU J 65 -28.13 -20.44 -45.58
C LEU J 65 -28.31 -21.84 -45.04
N ASN J 66 -27.97 -22.11 -43.79
CA ASN J 66 -28.00 -23.41 -43.20
C ASN J 66 -29.32 -24.02 -42.77
N PHE J 67 -30.45 -23.37 -42.91
CA PHE J 67 -31.73 -23.93 -42.48
C PHE J 67 -32.46 -24.59 -43.68
N GLY J 71 -35.77 -19.26 -49.14
CA GLY J 71 -35.38 -17.85 -49.16
C GLY J 71 -34.47 -17.48 -47.99
N LEU J 72 -34.23 -16.20 -47.85
CA LEU J 72 -33.41 -15.62 -46.78
C LEU J 72 -34.31 -15.33 -45.59
N PRO J 73 -33.73 -15.40 -44.42
CA PRO J 73 -34.49 -15.05 -43.19
C PRO J 73 -34.76 -13.52 -43.24
N ILE J 74 -35.78 -13.15 -42.47
CA ILE J 74 -36.08 -11.70 -42.34
C ILE J 74 -35.33 -11.20 -41.09
N GLY J 75 -34.68 -10.07 -41.17
CA GLY J 75 -33.95 -9.52 -40.02
C GLY J 75 -32.64 -8.89 -40.40
N GLU J 76 -32.03 -8.30 -39.38
CA GLU J 76 -30.76 -7.57 -39.54
C GLU J 76 -29.58 -8.50 -39.80
N ARG J 77 -29.06 -8.39 -41.00
CA ARG J 77 -27.93 -9.23 -41.45
C ARG J 77 -26.67 -8.71 -40.76
N ILE J 78 -26.06 -9.64 -40.03
CA ILE J 78 -24.82 -9.35 -39.32
C ILE J 78 -23.85 -10.55 -39.38
N ILE J 79 -22.63 -10.12 -39.13
CA ILE J 79 -21.52 -11.04 -38.98
C ILE J 79 -21.13 -10.95 -37.47
N VAL J 80 -20.95 -12.09 -36.87
CA VAL J 80 -20.45 -12.20 -35.49
C VAL J 80 -19.06 -12.93 -35.61
N ALA J 81 -18.02 -12.22 -35.23
CA ALA J 81 -16.67 -12.78 -35.28
C ALA J 81 -15.82 -12.26 -34.11
N GLY J 82 -14.72 -12.94 -33.89
CA GLY J 82 -13.78 -12.62 -32.85
C GLY J 82 -12.71 -13.71 -32.76
N ARG J 83 -11.96 -13.56 -31.70
CA ARG J 83 -10.84 -14.49 -31.45
C ARG J 83 -10.97 -15.17 -30.07
N VAL J 84 -10.49 -16.41 -29.98
CA VAL J 84 -10.51 -17.12 -28.67
C VAL J 84 -9.03 -17.18 -28.21
N VAL J 85 -8.81 -16.64 -27.03
CA VAL J 85 -7.51 -16.60 -26.39
C VAL J 85 -7.65 -17.07 -24.92
N ASP J 86 -6.50 -17.33 -24.31
CA ASP J 86 -6.46 -17.73 -22.90
C ASP J 86 -6.06 -16.51 -22.08
N GLN J 87 -6.12 -16.66 -20.75
CA GLN J 87 -5.78 -15.53 -19.86
C GLN J 87 -4.38 -14.98 -20.09
N TYR J 88 -3.50 -15.77 -20.69
CA TYR J 88 -2.15 -15.39 -21.01
C TYR J 88 -2.09 -14.61 -22.33
N GLY J 89 -3.21 -14.50 -23.01
CA GLY J 89 -3.32 -13.80 -24.29
C GLY J 89 -2.96 -14.69 -25.49
N LYS J 90 -2.76 -15.97 -25.22
CA LYS J 90 -2.39 -16.94 -26.28
C LYS J 90 -3.63 -17.41 -27.02
N PRO J 91 -3.50 -17.47 -28.35
CA PRO J 91 -4.61 -17.91 -29.20
C PRO J 91 -4.89 -19.39 -28.93
N VAL J 92 -6.13 -19.73 -29.08
CA VAL J 92 -6.64 -21.12 -28.91
C VAL J 92 -7.16 -21.56 -30.31
N PRO J 93 -6.29 -22.25 -31.03
CA PRO J 93 -6.60 -22.71 -32.39
C PRO J 93 -7.36 -23.99 -32.45
N ASN J 94 -8.04 -24.22 -33.55
CA ASN J 94 -8.81 -25.47 -33.79
C ASN J 94 -9.71 -25.84 -32.63
N THR J 95 -10.36 -24.84 -32.06
CA THR J 95 -11.29 -25.09 -30.94
C THR J 95 -12.71 -24.97 -31.44
N LEU J 96 -13.63 -25.70 -30.79
CA LEU J 96 -15.02 -25.71 -31.19
C LEU J 96 -15.90 -24.61 -30.56
N VAL J 97 -16.49 -23.82 -31.41
CA VAL J 97 -17.43 -22.77 -31.03
C VAL J 97 -18.82 -23.08 -31.61
N GLU J 98 -19.77 -23.26 -30.71
CA GLU J 98 -21.17 -23.53 -31.09
C GLU J 98 -22.05 -22.41 -30.61
N MET J 99 -23.10 -22.08 -31.37
CA MET J 99 -24.02 -20.97 -31.03
C MET J 99 -25.44 -21.31 -31.42
N TRP J 100 -26.39 -20.73 -30.74
CA TRP J 100 -27.84 -20.91 -30.95
C TRP J 100 -28.50 -19.60 -30.52
N GLN J 101 -29.60 -19.30 -31.16
CA GLN J 101 -30.33 -18.02 -30.87
C GLN J 101 -31.75 -18.05 -31.41
N ALA J 102 -32.50 -17.02 -31.05
CA ALA J 102 -33.90 -16.85 -31.52
C ALA J 102 -33.83 -16.14 -32.90
N ASN J 103 -35.00 -15.97 -33.49
CA ASN J 103 -35.14 -15.26 -34.78
C ASN J 103 -35.23 -13.75 -34.48
N ALA J 104 -35.51 -12.98 -35.54
CA ALA J 104 -35.59 -11.48 -35.37
C ALA J 104 -36.68 -11.05 -34.43
N GLY J 105 -37.68 -11.90 -34.30
CA GLY J 105 -38.84 -11.62 -33.42
C GLY J 105 -38.68 -12.12 -32.00
N GLY J 106 -37.59 -12.84 -31.73
CA GLY J 106 -37.34 -13.40 -30.40
C GLY J 106 -37.96 -14.78 -30.21
N ARG J 107 -38.29 -15.45 -31.28
CA ARG J 107 -38.89 -16.81 -31.20
C ARG J 107 -37.81 -17.85 -31.45
N TYR J 108 -37.75 -18.84 -30.58
CA TYR J 108 -36.76 -19.94 -30.77
C TYR J 108 -37.44 -21.07 -31.56
N ARG J 109 -36.66 -21.77 -32.36
CA ARG J 109 -37.26 -22.92 -33.11
C ARG J 109 -37.18 -24.15 -32.18
N HIS J 110 -38.08 -24.16 -31.20
CA HIS J 110 -38.12 -25.22 -30.18
C HIS J 110 -39.53 -25.44 -29.66
N LYS J 111 -39.86 -26.72 -29.52
CA LYS J 111 -41.13 -27.24 -29.05
C LYS J 111 -41.73 -26.35 -27.96
N ASN J 112 -40.90 -26.20 -26.95
CA ASN J 112 -41.26 -25.45 -25.76
C ASN J 112 -41.40 -23.97 -25.95
N ASP J 113 -41.14 -23.48 -27.17
CA ASP J 113 -41.26 -22.00 -27.35
C ASP J 113 -42.65 -21.66 -27.85
N ARG J 114 -43.41 -21.07 -26.94
CA ARG J 114 -44.79 -20.69 -27.20
C ARG J 114 -45.02 -19.21 -27.31
N TYR J 115 -43.97 -18.42 -27.47
CA TYR J 115 -44.11 -16.95 -27.61
C TYR J 115 -44.89 -16.70 -28.90
N LEU J 116 -45.71 -15.67 -28.88
CA LEU J 116 -46.58 -15.29 -29.98
C LEU J 116 -45.90 -14.76 -31.20
N ALA J 117 -44.59 -14.46 -31.13
CA ALA J 117 -43.86 -13.98 -32.34
C ALA J 117 -43.64 -15.22 -33.22
N PRO J 118 -43.97 -15.07 -34.51
CA PRO J 118 -43.90 -16.18 -35.45
C PRO J 118 -42.49 -16.74 -35.71
N LEU J 119 -42.51 -17.95 -36.23
CA LEU J 119 -41.30 -18.63 -36.68
C LEU J 119 -41.02 -18.07 -38.09
N ASP J 120 -39.74 -18.02 -38.43
CA ASP J 120 -39.32 -17.52 -39.77
C ASP J 120 -38.98 -18.81 -40.55
N PRO J 121 -39.76 -19.07 -41.59
CA PRO J 121 -39.60 -20.22 -42.45
C PRO J 121 -38.20 -20.46 -42.99
N ASN J 122 -37.36 -19.42 -43.07
CA ASN J 122 -35.97 -19.68 -43.55
C ASN J 122 -34.96 -19.53 -42.41
N PHE J 123 -35.35 -19.79 -41.18
CA PHE J 123 -34.36 -19.61 -40.07
C PHE J 123 -34.45 -20.72 -39.04
N GLY J 124 -33.25 -21.32 -38.86
CA GLY J 124 -33.10 -22.42 -37.88
C GLY J 124 -32.59 -21.86 -36.54
N GLY J 125 -31.44 -21.20 -36.56
CA GLY J 125 -30.79 -20.62 -35.41
C GLY J 125 -29.64 -21.36 -34.77
N VAL J 126 -29.03 -22.34 -35.42
CA VAL J 126 -27.87 -23.08 -34.88
C VAL J 126 -26.63 -22.89 -35.76
N GLY J 127 -25.47 -22.73 -35.13
CA GLY J 127 -24.22 -22.59 -35.87
C GLY J 127 -23.04 -23.14 -35.10
N ARG J 128 -22.00 -23.48 -35.81
CA ARG J 128 -20.75 -24.00 -35.29
C ARG J 128 -19.63 -23.60 -36.27
N CYS J 129 -18.46 -23.46 -35.70
CA CYS J 129 -17.24 -23.06 -36.43
C CYS J 129 -16.05 -23.53 -35.61
N LEU J 130 -15.05 -24.07 -36.28
CA LEU J 130 -13.82 -24.50 -35.59
C LEU J 130 -12.89 -23.27 -35.67
N THR J 131 -12.22 -22.88 -34.60
CA THR J 131 -11.35 -21.71 -34.70
C THR J 131 -10.20 -21.98 -35.66
N ASP J 132 -9.62 -20.88 -36.16
CA ASP J 132 -8.50 -21.09 -37.14
C ASP J 132 -7.18 -21.15 -36.37
N SER J 133 -6.11 -21.20 -37.16
CA SER J 133 -4.76 -21.28 -36.56
C SER J 133 -4.44 -20.06 -35.74
N ASP J 134 -5.21 -18.97 -35.92
CA ASP J 134 -4.97 -17.77 -35.10
C ASP J 134 -5.98 -17.55 -33.99
N GLY J 135 -6.89 -18.50 -33.80
CA GLY J 135 -7.92 -18.34 -32.77
C GLY J 135 -9.18 -17.59 -33.22
N TYR J 136 -9.33 -17.28 -34.50
CA TYR J 136 -10.49 -16.60 -35.03
C TYR J 136 -11.62 -17.52 -35.46
N TYR J 137 -12.84 -17.08 -35.25
CA TYR J 137 -14.07 -17.76 -35.63
C TYR J 137 -14.96 -16.64 -36.26
N SER J 138 -15.96 -17.14 -36.98
CA SER J 138 -16.90 -16.15 -37.57
C SER J 138 -18.19 -16.85 -37.95
N PHE J 139 -19.26 -16.11 -37.79
CA PHE J 139 -20.61 -16.50 -38.09
C PHE J 139 -21.35 -15.40 -38.87
N ARG J 140 -22.33 -15.87 -39.60
CA ARG J 140 -23.20 -14.95 -40.38
C ARG J 140 -24.63 -15.26 -39.96
N THR J 141 -25.30 -14.23 -39.50
CA THR J 141 -26.72 -14.51 -39.02
C THR J 141 -27.48 -13.20 -39.08
N ILE J 142 -28.62 -13.19 -38.44
CA ILE J 142 -29.46 -12.02 -38.25
C ILE J 142 -29.51 -11.76 -36.72
N LYS J 143 -29.60 -10.51 -36.33
CA LYS J 143 -29.67 -10.10 -34.92
C LYS J 143 -30.99 -10.61 -34.31
N PRO J 144 -30.88 -11.35 -33.21
CA PRO J 144 -32.06 -11.87 -32.51
C PRO J 144 -32.83 -10.78 -31.76
N GLY J 145 -34.14 -10.96 -31.61
CA GLY J 145 -35.00 -10.04 -30.88
C GLY J 145 -35.02 -10.46 -29.39
N PRO J 146 -35.33 -9.49 -28.56
CA PRO J 146 -35.46 -9.72 -27.10
C PRO J 146 -36.68 -10.64 -26.94
N TYR J 147 -36.89 -11.18 -25.76
CA TYR J 147 -38.11 -12.03 -25.55
C TYR J 147 -38.45 -12.03 -24.07
N PRO J 148 -39.75 -12.03 -23.83
CA PRO J 148 -40.31 -12.02 -22.46
C PRO J 148 -40.24 -13.45 -21.94
N TRP J 149 -40.15 -13.59 -20.63
CA TRP J 149 -40.03 -14.95 -20.00
C TRP J 149 -40.67 -14.91 -18.64
N ARG J 150 -41.15 -16.07 -18.19
CA ARG J 150 -41.87 -16.02 -16.86
C ARG J 150 -40.95 -15.96 -15.69
N ASN J 151 -40.50 -14.78 -15.27
CA ASN J 151 -39.59 -14.64 -14.10
C ASN J 151 -40.43 -13.70 -13.16
N GLY J 152 -40.06 -12.44 -13.26
CA GLY J 152 -40.89 -11.42 -12.54
C GLY J 152 -42.10 -11.27 -13.57
N PRO J 153 -43.05 -10.43 -13.18
CA PRO J 153 -44.24 -10.15 -14.00
C PRO J 153 -43.94 -9.48 -15.32
N ASN J 154 -42.81 -8.83 -15.52
CA ASN J 154 -42.55 -8.17 -16.84
C ASN J 154 -41.06 -8.21 -17.18
N ASP J 155 -40.48 -9.39 -17.17
CA ASP J 155 -39.04 -9.59 -17.45
C ASP J 155 -38.83 -9.86 -18.95
N TRP J 156 -37.74 -9.22 -19.44
CA TRP J 156 -37.45 -9.42 -20.90
C TRP J 156 -35.94 -9.69 -21.08
N ARG J 157 -35.61 -10.74 -21.79
CA ARG J 157 -34.13 -10.96 -22.00
C ARG J 157 -33.70 -9.93 -23.05
N PRO J 158 -32.52 -9.36 -22.84
CA PRO J 158 -31.94 -8.48 -23.89
C PRO J 158 -31.63 -9.44 -25.05
N ALA J 159 -31.52 -8.86 -26.24
CA ALA J 159 -31.17 -9.71 -27.43
C ALA J 159 -29.82 -10.39 -27.06
N HIS J 160 -29.75 -11.69 -27.38
CA HIS J 160 -28.51 -12.44 -27.08
C HIS J 160 -28.24 -13.62 -27.97
N ILE J 161 -26.97 -14.01 -28.08
CA ILE J 161 -26.59 -15.23 -28.83
C ILE J 161 -25.94 -16.18 -27.79
N HIS J 162 -26.39 -17.41 -27.77
CA HIS J 162 -25.80 -18.39 -26.79
C HIS J 162 -24.51 -18.98 -27.42
N PHE J 163 -23.48 -19.08 -26.61
CA PHE J 163 -22.21 -19.62 -27.04
C PHE J 163 -21.73 -20.75 -26.11
N GLY J 164 -21.07 -21.70 -26.73
CA GLY J 164 -20.44 -22.85 -26.04
C GLY J 164 -19.00 -22.94 -26.66
N ILE J 165 -18.01 -22.95 -25.81
CA ILE J 165 -16.61 -23.04 -26.33
C ILE J 165 -15.89 -24.23 -25.64
N SER J 166 -15.32 -25.09 -26.47
CA SER J 166 -14.63 -26.28 -25.95
C SER J 166 -13.32 -25.97 -25.24
N GLY J 167 -12.35 -25.45 -25.98
CA GLY J 167 -11.02 -25.13 -25.44
C GLY J 167 -10.19 -26.41 -25.40
N PRO J 168 -9.00 -26.31 -24.81
CA PRO J 168 -8.08 -27.44 -24.75
C PRO J 168 -8.45 -28.54 -23.79
N SER J 169 -9.41 -28.31 -22.88
CA SER J 169 -9.75 -29.32 -21.87
C SER J 169 -11.14 -29.17 -21.31
N ILE J 170 -11.56 -30.16 -20.48
CA ILE J 170 -12.91 -30.06 -19.90
C ILE J 170 -12.90 -28.93 -18.85
N ALA J 171 -11.74 -28.61 -18.39
CA ALA J 171 -11.47 -27.57 -17.42
C ALA J 171 -11.76 -26.15 -18.05
N THR J 172 -11.50 -26.07 -19.34
CA THR J 172 -11.69 -24.78 -20.02
C THR J 172 -13.10 -24.61 -20.56
N LYS J 173 -13.82 -25.69 -20.80
CA LYS J 173 -15.15 -25.64 -21.42
C LYS J 173 -16.06 -24.62 -20.76
N LEU J 174 -16.76 -23.86 -21.63
CA LEU J 174 -17.64 -22.80 -21.10
C LEU J 174 -18.88 -22.51 -21.91
N ILE J 175 -19.95 -22.18 -21.19
CA ILE J 175 -21.21 -21.77 -21.90
C ILE J 175 -21.48 -20.32 -21.35
N THR J 176 -21.87 -19.51 -22.34
CA THR J 176 -22.14 -18.09 -22.02
C THR J 176 -23.18 -17.51 -23.00
N GLN J 177 -23.31 -16.20 -22.87
CA GLN J 177 -24.26 -15.47 -23.77
C GLN J 177 -23.60 -14.15 -24.17
N LEU J 178 -23.80 -13.78 -25.41
CA LEU J 178 -23.30 -12.52 -25.99
C LEU J 178 -24.52 -11.55 -26.00
N TYR J 179 -24.27 -10.33 -25.63
CA TYR J 179 -25.24 -9.23 -25.62
C TYR J 179 -24.70 -8.20 -26.66
N PHE J 180 -25.53 -7.28 -27.07
CA PHE J 180 -25.27 -6.25 -28.06
C PHE J 180 -25.05 -4.86 -27.49
N GLU J 181 -23.98 -4.25 -27.95
CA GLU J 181 -23.60 -2.88 -27.49
C GLU J 181 -24.83 -1.95 -27.47
N GLY J 182 -25.05 -1.26 -26.36
CA GLY J 182 -26.11 -0.32 -26.13
C GLY J 182 -27.51 -0.76 -25.77
N ASP J 183 -27.83 -2.02 -25.85
CA ASP J 183 -29.15 -2.58 -25.53
C ASP J 183 -29.56 -2.15 -24.10
N PRO J 184 -30.62 -1.35 -24.06
CA PRO J 184 -31.17 -0.82 -22.79
C PRO J 184 -31.69 -1.89 -21.84
N LEU J 185 -31.99 -3.09 -22.33
CA LEU J 185 -32.46 -4.20 -21.53
C LEU J 185 -31.36 -4.82 -20.67
N ILE J 186 -30.09 -4.71 -21.08
CA ILE J 186 -29.01 -5.31 -20.33
C ILE J 186 -28.98 -5.09 -18.84
N PRO J 187 -29.02 -3.82 -18.39
CA PRO J 187 -28.95 -3.49 -16.97
C PRO J 187 -30.16 -3.98 -16.22
N MET J 188 -31.18 -4.42 -16.90
CA MET J 188 -32.42 -4.85 -16.23
C MET J 188 -32.60 -6.34 -16.08
N CYS J 189 -31.74 -7.11 -16.71
CA CYS J 189 -31.86 -8.57 -16.70
C CYS J 189 -31.30 -9.24 -15.46
N PRO J 190 -32.19 -9.94 -14.79
CA PRO J 190 -31.82 -10.70 -13.59
C PRO J 190 -30.72 -11.72 -13.92
N ILE J 191 -30.71 -12.27 -15.15
CA ILE J 191 -29.67 -13.23 -15.53
C ILE J 191 -28.29 -12.58 -15.69
N VAL J 192 -28.34 -11.40 -16.32
CA VAL J 192 -27.13 -10.59 -16.52
C VAL J 192 -26.64 -10.21 -15.10
N LYS J 193 -27.63 -9.88 -14.27
CA LYS J 193 -27.33 -9.50 -12.88
C LYS J 193 -26.85 -10.61 -11.98
N SER J 194 -26.87 -11.85 -12.52
CA SER J 194 -26.35 -13.01 -11.79
C SER J 194 -24.84 -12.70 -11.56
N ILE J 195 -24.30 -11.80 -12.41
CA ILE J 195 -22.89 -11.39 -12.33
C ILE J 195 -22.75 -10.14 -11.43
N ALA J 196 -22.10 -10.28 -10.30
CA ALA J 196 -21.94 -9.20 -9.34
C ALA J 196 -21.04 -8.06 -9.77
N ASN J 197 -20.02 -8.34 -10.58
CA ASN J 197 -19.10 -7.29 -11.01
C ASN J 197 -19.46 -6.72 -12.36
N PRO J 198 -19.69 -5.41 -12.38
CA PRO J 198 -20.03 -4.65 -13.58
C PRO J 198 -19.00 -4.85 -14.70
N GLU J 199 -17.74 -4.93 -14.27
CA GLU J 199 -16.64 -5.13 -15.20
C GLU J 199 -16.79 -6.47 -15.93
N ALA J 200 -17.32 -7.46 -15.25
CA ALA J 200 -17.48 -8.80 -15.82
C ALA J 200 -18.55 -8.77 -16.92
N VAL J 201 -19.59 -7.99 -16.65
CA VAL J 201 -20.69 -7.83 -17.59
C VAL J 201 -20.17 -7.28 -18.93
N GLN J 202 -19.31 -6.25 -18.76
CA GLN J 202 -18.73 -5.59 -19.94
C GLN J 202 -18.15 -6.64 -20.89
N GLN J 203 -17.62 -7.69 -20.31
CA GLN J 203 -16.99 -8.76 -21.08
C GLN J 203 -17.95 -9.54 -21.96
N LEU J 204 -19.25 -9.43 -21.74
CA LEU J 204 -20.26 -10.15 -22.48
C LEU J 204 -20.88 -9.32 -23.60
N ILE J 205 -20.45 -8.09 -23.72
CA ILE J 205 -20.99 -7.20 -24.73
C ILE J 205 -20.22 -7.16 -26.04
N ALA J 206 -20.95 -7.51 -27.10
CA ALA J 206 -20.33 -7.49 -28.47
C ALA J 206 -20.26 -6.05 -28.93
N LYS J 207 -19.11 -5.63 -29.48
CA LYS J 207 -18.96 -4.23 -29.95
C LYS J 207 -19.24 -4.15 -31.47
N LEU J 208 -19.97 -3.10 -31.81
CA LEU J 208 -20.24 -2.89 -33.29
C LEU J 208 -18.84 -2.72 -33.98
N ASP J 209 -18.70 -3.47 -35.06
CA ASP J 209 -17.41 -3.43 -35.82
C ASP J 209 -17.63 -3.02 -37.26
N MET J 210 -17.59 -1.73 -37.56
CA MET J 210 -17.83 -1.19 -38.90
C MET J 210 -16.74 -1.64 -39.89
N ASN J 211 -15.56 -1.85 -39.38
CA ASN J 211 -14.37 -2.25 -40.13
C ASN J 211 -14.61 -3.61 -40.80
N ASN J 212 -15.31 -4.48 -40.13
CA ASN J 212 -15.56 -5.83 -40.64
C ASN J 212 -16.87 -5.98 -41.39
N ALA J 213 -17.68 -4.92 -41.45
CA ALA J 213 -18.97 -4.99 -42.15
C ALA J 213 -18.75 -4.99 -43.67
N ASN J 214 -19.78 -5.50 -44.33
CA ASN J 214 -19.81 -5.58 -45.82
C ASN J 214 -20.75 -4.45 -46.28
N PRO J 215 -20.17 -3.43 -46.87
CA PRO J 215 -20.94 -2.26 -47.35
C PRO J 215 -22.16 -2.70 -48.15
N MET J 216 -23.28 -2.04 -47.97
CA MET J 216 -24.56 -2.30 -48.64
C MET J 216 -25.05 -3.73 -48.46
N ASP J 217 -24.56 -4.44 -47.43
CA ASP J 217 -24.91 -5.84 -47.20
C ASP J 217 -25.23 -6.22 -45.77
N CYS J 218 -24.21 -6.14 -44.93
CA CYS J 218 -24.41 -6.51 -43.51
C CYS J 218 -23.40 -5.83 -42.60
N LEU J 219 -23.92 -5.65 -41.39
CA LEU J 219 -23.15 -5.05 -40.28
C LEU J 219 -22.33 -6.17 -39.63
N ALA J 220 -21.53 -5.79 -38.64
CA ALA J 220 -20.66 -6.74 -37.93
C ALA J 220 -20.40 -6.34 -36.49
N TYR J 221 -20.34 -7.41 -35.69
CA TYR J 221 -20.08 -7.31 -34.24
C TYR J 221 -18.82 -8.09 -33.93
N ARG J 222 -18.07 -7.58 -32.99
CA ARG J 222 -16.82 -8.25 -32.54
C ARG J 222 -17.03 -8.84 -31.14
N PHE J 223 -16.74 -10.12 -30.96
CA PHE J 223 -16.91 -10.74 -29.59
C PHE J 223 -15.71 -11.64 -29.32
N ASP J 224 -14.76 -11.19 -28.54
CA ASP J 224 -13.59 -11.99 -28.19
C ASP J 224 -13.92 -12.81 -26.92
N ILE J 225 -13.29 -13.98 -26.84
CA ILE J 225 -13.55 -14.90 -25.71
C ILE J 225 -12.21 -15.26 -25.05
N VAL J 226 -12.25 -15.20 -23.73
CA VAL J 226 -11.11 -15.53 -22.90
C VAL J 226 -11.39 -16.79 -22.06
N LEU J 227 -10.54 -17.80 -22.33
CA LEU J 227 -10.62 -19.09 -21.61
C LEU J 227 -9.52 -19.12 -20.54
N ARG J 228 -9.70 -20.06 -19.59
CA ARG J 228 -8.69 -20.21 -18.53
C ARG J 228 -7.28 -20.27 -19.11
N GLY J 229 -6.35 -19.62 -18.46
CA GLY J 229 -4.92 -19.60 -18.88
C GLY J 229 -4.32 -21.00 -18.70
N GLN J 230 -3.55 -21.42 -19.72
CA GLN J 230 -2.90 -22.74 -19.73
C GLN J 230 -1.39 -22.60 -19.55
N ARG J 231 -0.85 -23.29 -18.59
CA ARG J 231 0.62 -23.24 -18.38
C ARG J 231 1.16 -24.68 -18.27
N LYS J 232 2.49 -24.75 -18.32
CA LYS J 232 3.20 -26.05 -18.15
C LYS J 232 3.34 -26.24 -16.61
N THR J 233 3.35 -27.50 -16.24
CA THR J 233 3.54 -27.90 -14.83
C THR J 233 5.04 -27.52 -14.55
N HIS J 234 5.36 -27.37 -13.30
CA HIS J 234 6.74 -27.03 -12.90
C HIS J 234 6.89 -27.47 -11.42
N PHE J 235 8.04 -27.94 -11.10
CA PHE J 235 8.46 -28.42 -9.79
C PHE J 235 7.35 -29.25 -9.12
N GLU J 236 6.69 -30.06 -9.91
CA GLU J 236 5.60 -30.86 -9.34
C GLU J 236 6.07 -32.16 -8.69
N PRO K 1 -34.00 4.82 -20.19
CA PRO K 1 -35.42 4.36 -20.26
C PRO K 1 -36.24 5.34 -19.38
N ILE K 2 -37.56 5.24 -19.48
CA ILE K 2 -38.47 6.07 -18.71
C ILE K 2 -38.63 5.53 -17.27
N GLU K 3 -38.52 6.42 -16.34
CA GLU K 3 -38.72 6.02 -14.91
C GLU K 3 -39.84 6.87 -14.32
N LEU K 4 -40.77 6.25 -13.63
CA LEU K 4 -41.89 6.98 -12.96
C LEU K 4 -41.50 7.37 -11.54
N LEU K 5 -42.42 7.97 -10.77
CA LEU K 5 -42.05 8.25 -9.33
C LEU K 5 -42.05 6.79 -8.72
N PRO K 6 -41.17 6.58 -7.78
CA PRO K 6 -41.08 5.27 -7.12
C PRO K 6 -42.22 5.14 -6.06
N GLU K 7 -42.73 3.92 -6.05
CA GLU K 7 -43.80 3.60 -5.06
C GLU K 7 -43.17 3.74 -3.67
N THR K 8 -44.02 4.11 -2.74
CA THR K 8 -43.60 4.20 -1.30
C THR K 8 -43.31 2.74 -0.89
N PRO K 9 -42.15 2.54 -0.26
CA PRO K 9 -41.72 1.25 0.22
C PRO K 9 -42.60 0.73 1.38
N SER K 10 -42.77 -0.59 1.31
CA SER K 10 -43.57 -1.30 2.37
C SER K 10 -42.76 -1.45 3.64
N GLN K 11 -43.42 -1.64 4.77
CA GLN K 11 -42.75 -1.89 6.05
C GLN K 11 -43.62 -2.95 6.76
N THR K 12 -43.07 -3.74 7.65
CA THR K 12 -43.86 -4.79 8.34
C THR K 12 -45.01 -4.08 9.07
N ALA K 13 -46.12 -4.81 9.22
CA ALA K 13 -47.29 -4.28 9.94
C ALA K 13 -46.95 -4.23 11.43
N GLY K 14 -46.06 -5.10 11.86
CA GLY K 14 -45.60 -5.21 13.23
C GLY K 14 -46.58 -5.98 14.13
N PRO K 15 -46.18 -6.21 15.38
CA PRO K 15 -46.93 -6.92 16.38
C PRO K 15 -48.26 -6.28 16.77
N TYR K 16 -48.32 -4.98 16.69
CA TYR K 16 -49.51 -4.22 17.08
C TYR K 16 -50.47 -3.83 16.02
N VAL K 17 -50.43 -4.43 14.85
CA VAL K 17 -51.35 -4.11 13.76
C VAL K 17 -52.80 -4.06 14.22
N HIS K 18 -53.18 -4.93 15.13
CA HIS K 18 -54.57 -5.04 15.63
C HIS K 18 -55.19 -3.73 16.09
N ILE K 19 -54.36 -2.95 16.79
CA ILE K 19 -54.81 -1.67 17.30
C ILE K 19 -55.36 -0.79 16.19
N GLY K 20 -54.77 -0.90 14.98
CA GLY K 20 -55.22 -0.13 13.87
C GLY K 20 -56.25 -0.79 12.99
N LEU K 21 -56.10 -2.09 12.78
CA LEU K 21 -56.99 -2.83 11.88
C LEU K 21 -57.85 -3.92 12.44
N ALA K 22 -57.78 -4.19 13.72
CA ALA K 22 -58.57 -5.29 14.34
C ALA K 22 -58.72 -4.96 15.83
N LEU K 23 -59.38 -3.83 16.00
CA LEU K 23 -59.63 -3.18 17.29
C LEU K 23 -60.07 -4.19 18.33
N GLU K 24 -61.07 -4.96 17.95
CA GLU K 24 -61.64 -6.00 18.85
C GLU K 24 -60.50 -6.85 19.44
N ALA K 25 -59.67 -7.38 18.54
CA ALA K 25 -58.53 -8.24 18.91
C ALA K 25 -57.50 -7.54 19.73
N ALA K 26 -57.22 -6.27 19.42
CA ALA K 26 -56.21 -5.51 20.21
C ALA K 26 -56.70 -5.42 21.67
N GLY K 27 -57.98 -5.72 21.78
CA GLY K 27 -58.74 -5.67 23.03
C GLY K 27 -59.09 -4.20 23.36
N ASN K 28 -59.41 -3.45 22.33
CA ASN K 28 -59.79 -2.05 22.43
C ASN K 28 -61.24 -1.87 21.93
N PRO K 29 -61.90 -0.87 22.49
CA PRO K 29 -63.29 -0.51 22.10
C PRO K 29 -63.31 -0.25 20.59
N THR K 30 -64.39 -0.61 19.94
CA THR K 30 -64.50 -0.42 18.47
C THR K 30 -65.26 0.83 18.11
N ARG K 31 -65.22 1.21 16.84
CA ARG K 31 -65.97 2.44 16.41
C ARG K 31 -67.31 1.94 15.88
N ASP K 32 -68.21 2.82 15.52
CA ASP K 32 -69.53 2.47 14.99
C ASP K 32 -69.43 1.44 13.86
N GLN K 33 -68.61 1.79 12.88
CA GLN K 33 -68.41 0.92 11.69
C GLN K 33 -66.98 0.38 11.68
N GLU K 34 -66.88 -0.92 11.55
CA GLU K 34 -65.63 -1.67 11.48
C GLU K 34 -65.73 -2.68 10.34
N ILE K 35 -64.62 -2.82 9.63
CA ILE K 35 -64.50 -3.81 8.52
C ILE K 35 -63.99 -5.09 9.21
N TRP K 36 -64.80 -6.14 9.11
CA TRP K 36 -64.41 -7.39 9.81
C TRP K 36 -64.65 -8.61 9.02
N ASN K 37 -64.79 -9.75 9.68
CA ASN K 37 -64.90 -11.05 9.05
C ASN K 37 -66.22 -11.60 8.63
N ARG K 38 -67.24 -10.77 8.56
CA ARG K 38 -68.60 -11.29 8.11
C ARG K 38 -68.90 -10.62 6.78
N LEU K 39 -68.63 -11.30 5.67
CA LEU K 39 -68.85 -10.67 4.37
C LEU K 39 -70.28 -10.73 3.86
N ALA K 40 -70.96 -11.80 4.25
CA ALA K 40 -72.35 -12.04 3.84
C ALA K 40 -73.30 -12.11 5.04
N LYS K 41 -74.43 -11.44 4.81
CA LYS K 41 -75.52 -11.49 5.84
C LYS K 41 -76.30 -12.77 5.47
N PRO K 42 -76.97 -13.33 6.46
CA PRO K 42 -77.76 -14.56 6.27
C PRO K 42 -78.66 -14.52 5.06
N ASP K 43 -79.10 -13.32 4.67
CA ASP K 43 -80.03 -13.28 3.50
C ASP K 43 -79.32 -13.02 2.19
N ALA K 44 -78.03 -13.34 2.17
CA ALA K 44 -77.26 -13.15 0.92
C ALA K 44 -77.39 -14.42 0.10
N PRO K 45 -77.69 -14.26 -1.17
CA PRO K 45 -77.79 -15.38 -2.12
C PRO K 45 -76.42 -16.08 -2.18
N GLY K 46 -76.47 -17.35 -2.50
CA GLY K 46 -75.29 -18.20 -2.62
C GLY K 46 -75.14 -19.17 -1.47
N GLU K 47 -74.19 -20.09 -1.63
CA GLU K 47 -73.93 -21.09 -0.57
C GLU K 47 -73.11 -20.43 0.52
N HIS K 48 -73.69 -20.24 1.68
CA HIS K 48 -72.97 -19.63 2.82
C HIS K 48 -72.01 -20.70 3.30
N ILE K 49 -70.81 -20.29 3.68
CA ILE K 49 -69.77 -21.24 4.15
C ILE K 49 -68.95 -20.51 5.22
N LEU K 50 -68.20 -21.33 5.90
CA LEU K 50 -67.31 -20.90 7.00
C LEU K 50 -65.87 -21.26 6.61
N LEU K 51 -65.01 -20.25 6.65
CA LEU K 51 -63.58 -20.50 6.28
C LEU K 51 -62.79 -20.37 7.61
N LEU K 52 -61.80 -21.22 7.70
CA LEU K 52 -60.93 -21.18 8.89
C LEU K 52 -59.56 -21.76 8.53
N GLY K 53 -58.55 -21.40 9.30
CA GLY K 53 -57.20 -21.93 9.08
C GLY K 53 -56.23 -21.30 10.09
N GLN K 54 -55.08 -21.93 10.12
CA GLN K 54 -53.93 -21.51 10.95
C GLN K 54 -52.76 -21.15 10.01
N VAL K 55 -51.83 -20.43 10.61
CA VAL K 55 -50.63 -19.99 9.86
C VAL K 55 -49.38 -20.48 10.54
N TYR K 56 -48.49 -21.10 9.81
CA TYR K 56 -47.23 -21.62 10.35
C TYR K 56 -46.01 -20.88 9.77
N ASP K 57 -45.01 -20.80 10.62
CA ASP K 57 -43.70 -20.23 10.30
C ASP K 57 -42.83 -21.40 9.76
N GLY K 58 -41.63 -21.10 9.37
CA GLY K 58 -40.67 -22.03 8.83
C GLY K 58 -40.31 -23.11 9.84
N ASN K 59 -40.54 -22.86 11.12
CA ASN K 59 -40.21 -23.84 12.16
C ASN K 59 -41.43 -24.74 12.45
N GLY K 60 -42.51 -24.45 11.74
CA GLY K 60 -43.74 -25.24 11.97
C GLY K 60 -44.48 -24.68 13.18
N HIS K 61 -44.10 -23.51 13.68
CA HIS K 61 -44.82 -22.90 14.82
C HIS K 61 -45.91 -21.96 14.34
N LEU K 62 -46.96 -21.85 15.13
CA LEU K 62 -48.11 -20.99 14.85
C LEU K 62 -47.72 -19.50 14.91
N VAL K 63 -48.26 -18.81 13.94
CA VAL K 63 -48.10 -17.33 13.85
C VAL K 63 -49.41 -16.80 14.44
N ARG K 64 -49.33 -16.37 15.67
CA ARG K 64 -50.46 -15.88 16.44
C ARG K 64 -50.73 -14.40 16.33
N ASP K 65 -50.03 -13.72 15.45
CA ASP K 65 -50.21 -12.24 15.31
C ASP K 65 -50.51 -11.86 13.87
N SER K 66 -50.93 -12.84 13.09
CA SER K 66 -51.21 -12.55 11.68
C SER K 66 -52.47 -11.76 11.43
N PHE K 67 -52.44 -11.05 10.30
CA PHE K 67 -53.59 -10.21 9.87
C PHE K 67 -53.80 -10.52 8.38
N LEU K 68 -55.05 -10.83 8.03
CA LEU K 68 -55.41 -11.17 6.65
C LEU K 68 -56.50 -10.25 6.13
N GLU K 69 -56.47 -10.03 4.84
CA GLU K 69 -57.44 -9.24 4.09
C GLU K 69 -57.87 -10.15 2.92
N VAL K 70 -59.16 -10.08 2.62
CA VAL K 70 -59.76 -10.93 1.59
C VAL K 70 -60.61 -10.10 0.61
N TRP K 71 -60.62 -10.62 -0.58
CA TRP K 71 -61.33 -10.05 -1.73
C TRP K 71 -61.85 -11.23 -2.59
N GLN K 72 -63.14 -11.19 -2.79
CA GLN K 72 -63.80 -12.23 -3.60
C GLN K 72 -65.05 -11.71 -4.30
N ALA K 73 -65.46 -12.45 -5.30
CA ALA K 73 -66.70 -12.19 -6.05
C ALA K 73 -67.84 -12.84 -5.21
N ASP K 74 -69.04 -12.35 -5.51
CA ASP K 74 -70.26 -12.92 -4.84
C ASP K 74 -70.59 -14.23 -5.62
N ALA K 75 -71.78 -14.71 -5.28
CA ALA K 75 -72.29 -15.96 -5.87
C ALA K 75 -72.46 -15.88 -7.35
N ASN K 76 -72.70 -14.72 -7.90
CA ASN K 76 -72.89 -14.54 -9.35
C ASN K 76 -71.60 -14.28 -10.08
N GLY K 77 -70.50 -14.36 -9.32
CA GLY K 77 -69.17 -14.16 -9.90
C GLY K 77 -68.97 -12.65 -10.10
N GLU K 78 -69.56 -11.86 -9.23
CA GLU K 78 -69.42 -10.40 -9.33
C GLU K 78 -68.76 -9.74 -8.15
N TYR K 79 -67.91 -8.77 -8.50
CA TYR K 79 -67.16 -8.01 -7.46
C TYR K 79 -67.92 -6.76 -7.03
N GLN K 80 -68.30 -6.83 -5.77
CA GLN K 80 -69.07 -5.72 -5.12
C GLN K 80 -68.07 -4.80 -4.43
N ASP K 81 -67.61 -3.82 -5.19
CA ASP K 81 -66.61 -2.87 -4.68
C ASP K 81 -67.18 -1.80 -3.77
N ALA K 82 -68.47 -1.51 -3.89
CA ALA K 82 -69.05 -0.43 -3.04
C ALA K 82 -69.33 -0.96 -1.64
N TYR K 83 -68.35 -0.76 -0.75
CA TYR K 83 -68.40 -1.26 0.61
C TYR K 83 -69.38 -0.52 1.49
N ASN K 84 -70.28 -1.30 2.06
CA ASN K 84 -71.34 -0.75 2.96
C ASN K 84 -71.81 -1.84 3.91
N LEU K 85 -71.91 -1.50 5.19
CA LEU K 85 -72.35 -2.43 6.23
C LEU K 85 -73.78 -2.91 6.03
N GLU K 86 -74.54 -2.14 5.27
CA GLU K 86 -75.94 -2.45 4.97
C GLU K 86 -76.05 -3.53 3.94
N ASN K 87 -75.12 -3.59 3.01
CA ASN K 87 -75.09 -4.62 1.96
C ASN K 87 -75.31 -5.98 2.63
N ALA K 88 -75.93 -6.86 1.82
CA ALA K 88 -76.18 -8.24 2.30
C ALA K 88 -74.85 -9.02 2.11
N PHE K 89 -74.11 -8.52 1.12
CA PHE K 89 -72.80 -9.09 0.77
C PHE K 89 -71.80 -8.00 0.39
N ASN K 90 -70.61 -8.20 0.95
CA ASN K 90 -69.43 -7.31 0.72
C ASN K 90 -68.31 -8.24 0.24
N SER K 91 -67.65 -7.76 -0.80
CA SER K 91 -66.56 -8.45 -1.50
C SER K 91 -65.25 -8.46 -0.75
N PHE K 92 -65.11 -7.51 0.15
CA PHE K 92 -63.94 -7.30 1.00
C PHE K 92 -64.22 -7.63 2.47
N GLY K 93 -63.23 -8.23 3.09
CA GLY K 93 -63.21 -8.58 4.51
C GLY K 93 -61.79 -8.56 5.12
N ARG K 94 -61.80 -8.66 6.46
CA ARG K 94 -60.65 -8.70 7.32
C ARG K 94 -60.83 -9.69 8.47
N THR K 95 -59.74 -10.37 8.81
CA THR K 95 -59.68 -11.35 9.91
C THR K 95 -58.26 -11.42 10.48
N ALA K 96 -58.14 -11.99 11.65
CA ALA K 96 -56.83 -12.14 12.34
C ALA K 96 -56.78 -13.49 13.07
N THR K 97 -55.57 -13.93 13.44
CA THR K 97 -55.39 -15.18 14.17
C THR K 97 -55.36 -14.88 15.70
N THR K 98 -56.12 -15.78 16.38
CA THR K 98 -56.22 -15.69 17.84
C THR K 98 -54.83 -15.73 18.48
N PHE K 99 -54.66 -14.83 19.45
CA PHE K 99 -53.37 -14.80 20.17
C PHE K 99 -53.26 -16.14 20.92
N ASP K 100 -54.37 -16.81 21.13
CA ASP K 100 -54.38 -18.11 21.84
C ASP K 100 -54.39 -19.30 20.87
N ALA K 101 -55.57 -19.62 20.36
CA ALA K 101 -55.76 -20.71 19.41
C ALA K 101 -54.93 -20.46 18.14
N GLY K 102 -54.88 -19.19 17.75
CA GLY K 102 -54.10 -18.83 16.55
C GLY K 102 -54.83 -19.27 15.28
N GLU K 103 -56.14 -19.17 15.30
CA GLU K 103 -56.93 -19.55 14.10
C GLU K 103 -57.78 -18.36 13.70
N TRP K 104 -57.99 -18.24 12.40
CA TRP K 104 -58.82 -17.14 11.90
C TRP K 104 -60.05 -17.83 11.29
N THR K 105 -61.08 -17.04 11.22
CA THR K 105 -62.36 -17.50 10.65
C THR K 105 -62.96 -16.36 9.86
N LEU K 106 -63.75 -16.77 8.90
CA LEU K 106 -64.44 -15.82 8.01
C LEU K 106 -65.80 -16.44 7.67
N HIS K 107 -66.75 -15.55 7.59
CA HIS K 107 -68.16 -15.88 7.28
C HIS K 107 -68.54 -15.26 5.94
N THR K 108 -68.68 -16.10 4.95
CA THR K 108 -68.98 -15.63 3.56
C THR K 108 -69.83 -16.66 2.79
N VAL K 109 -69.81 -16.52 1.48
CA VAL K 109 -70.48 -17.39 0.52
C VAL K 109 -69.45 -17.80 -0.55
N LYS K 110 -69.72 -18.97 -1.16
CA LYS K 110 -68.82 -19.47 -2.22
C LYS K 110 -68.90 -18.58 -3.45
N PRO K 111 -67.76 -18.00 -3.85
CA PRO K 111 -67.65 -17.09 -4.97
C PRO K 111 -68.03 -17.75 -6.28
N GLY K 112 -68.57 -16.95 -7.18
CA GLY K 112 -68.97 -17.42 -8.54
C GLY K 112 -67.70 -17.37 -9.40
N VAL K 113 -67.74 -17.90 -10.59
CA VAL K 113 -66.56 -17.91 -11.50
C VAL K 113 -66.38 -16.59 -12.21
N VAL K 114 -65.13 -16.23 -12.47
CA VAL K 114 -64.80 -15.00 -13.22
C VAL K 114 -63.78 -15.43 -14.29
N ASN K 115 -63.69 -14.65 -15.32
CA ASN K 115 -62.73 -15.02 -16.40
C ASN K 115 -61.51 -14.08 -16.22
N ASN K 116 -60.44 -14.51 -16.79
CA ASN K 116 -59.18 -13.71 -16.78
C ASN K 116 -59.36 -12.69 -17.94
N ALA K 117 -58.31 -11.94 -18.15
CA ALA K 117 -58.23 -10.92 -19.17
C ALA K 117 -58.47 -11.50 -20.57
N ALA K 118 -58.04 -12.72 -20.78
CA ALA K 118 -58.19 -13.38 -22.08
C ALA K 118 -59.54 -14.02 -22.26
N GLY K 119 -60.41 -13.97 -21.27
CA GLY K 119 -61.76 -14.54 -21.35
C GLY K 119 -61.91 -15.96 -20.84
N VAL K 120 -60.82 -16.54 -20.36
CA VAL K 120 -60.87 -17.90 -19.79
C VAL K 120 -61.24 -17.82 -18.30
N PRO K 121 -62.29 -18.59 -17.97
CA PRO K 121 -62.78 -18.66 -16.61
C PRO K 121 -61.77 -19.34 -15.68
N MET K 122 -61.67 -18.75 -14.53
CA MET K 122 -60.84 -19.17 -13.41
C MET K 122 -61.79 -19.91 -12.46
N ALA K 123 -61.21 -20.83 -11.72
CA ALA K 123 -62.03 -21.59 -10.74
C ALA K 123 -62.36 -20.61 -9.61
N PRO K 124 -63.39 -20.96 -8.88
CA PRO K 124 -63.82 -20.15 -7.72
C PRO K 124 -62.59 -20.02 -6.80
N HIS K 125 -62.34 -18.80 -6.38
CA HIS K 125 -61.19 -18.51 -5.51
C HIS K 125 -61.47 -17.23 -4.72
N ILE K 126 -60.69 -17.12 -3.65
CA ILE K 126 -60.67 -16.01 -2.72
C ILE K 126 -59.19 -15.50 -2.69
N ASN K 127 -59.08 -14.20 -2.96
CA ASN K 127 -57.74 -13.57 -2.95
C ASN K 127 -57.42 -13.21 -1.49
N ILE K 128 -56.25 -13.64 -1.07
CA ILE K 128 -55.80 -13.33 0.30
C ILE K 128 -54.48 -12.55 0.33
N SER K 129 -54.39 -11.67 1.30
CA SER K 129 -53.16 -10.86 1.57
C SER K 129 -52.85 -11.11 3.07
N LEU K 130 -51.66 -11.52 3.39
CA LEU K 130 -51.26 -11.79 4.79
C LEU K 130 -50.24 -10.77 5.24
N PHE K 131 -50.42 -10.25 6.41
CA PHE K 131 -49.55 -9.26 7.04
C PHE K 131 -49.20 -9.77 8.47
N ALA K 132 -48.02 -9.35 8.93
CA ALA K 132 -47.60 -9.68 10.31
C ALA K 132 -46.17 -9.18 10.55
N ARG K 133 -45.84 -9.26 11.83
CA ARG K 133 -44.45 -8.96 12.23
C ARG K 133 -43.60 -10.10 11.57
N GLY K 134 -42.45 -9.60 11.10
CA GLY K 134 -41.50 -10.48 10.41
C GLY K 134 -41.80 -10.45 8.92
N ILE K 135 -42.94 -9.93 8.53
CA ILE K 135 -43.22 -9.89 7.04
C ILE K 135 -43.02 -8.45 6.57
N ASN K 136 -41.94 -8.24 5.80
CA ASN K 136 -41.56 -6.89 5.32
C ASN K 136 -42.54 -6.30 4.30
N ILE K 137 -43.00 -7.20 3.45
CA ILE K 137 -43.96 -6.90 2.37
C ILE K 137 -44.96 -8.05 2.37
N HIS K 138 -46.23 -7.65 2.31
CA HIS K 138 -47.31 -8.63 2.43
C HIS K 138 -47.30 -9.68 1.35
N LEU K 139 -47.83 -10.85 1.73
CA LEU K 139 -47.93 -12.03 0.90
C LEU K 139 -49.32 -12.22 0.29
N HIS K 140 -49.35 -12.43 -1.01
CA HIS K 140 -50.49 -12.67 -1.82
C HIS K 140 -50.67 -14.18 -2.10
N THR K 141 -51.89 -14.64 -1.84
CA THR K 141 -52.20 -16.08 -2.18
C THR K 141 -53.66 -16.13 -2.61
N ARG K 142 -54.09 -17.30 -3.02
CA ARG K 142 -55.49 -17.49 -3.43
C ARG K 142 -55.99 -18.80 -2.74
N LEU K 143 -57.25 -18.79 -2.38
CA LEU K 143 -57.84 -20.01 -1.75
C LEU K 143 -58.78 -20.65 -2.80
N TYR K 144 -58.53 -21.94 -3.03
CA TYR K 144 -59.34 -22.77 -3.91
C TYR K 144 -60.13 -23.76 -3.03
N PHE K 145 -61.09 -24.39 -3.65
CA PHE K 145 -62.02 -25.37 -2.98
C PHE K 145 -61.82 -26.78 -3.51
N ASP K 146 -61.75 -27.73 -2.56
CA ASP K 146 -61.53 -29.12 -2.98
C ASP K 146 -62.69 -29.70 -3.75
N ASP K 147 -63.88 -29.17 -3.55
CA ASP K 147 -65.05 -29.70 -4.28
C ASP K 147 -65.23 -29.04 -5.64
N GLU K 148 -64.16 -28.51 -6.19
CA GLU K 148 -64.25 -27.84 -7.52
C GLU K 148 -63.11 -28.29 -8.41
N ALA K 149 -62.73 -29.55 -8.22
CA ALA K 149 -61.64 -30.21 -8.92
C ALA K 149 -61.68 -29.98 -10.42
N GLN K 150 -62.86 -30.22 -10.99
CA GLN K 150 -63.03 -30.05 -12.45
C GLN K 150 -62.50 -28.67 -12.87
N ALA K 151 -63.12 -27.69 -12.25
CA ALA K 151 -62.82 -26.27 -12.47
C ALA K 151 -61.33 -25.99 -12.20
N ASN K 152 -60.88 -26.50 -11.07
CA ASN K 152 -59.49 -26.33 -10.61
C ASN K 152 -58.51 -26.84 -11.67
N ALA K 153 -58.91 -27.93 -12.29
CA ALA K 153 -58.06 -28.58 -13.32
C ALA K 153 -57.83 -27.69 -14.51
N LYS K 154 -58.83 -26.84 -14.77
CA LYS K 154 -58.78 -25.94 -15.92
C LYS K 154 -58.30 -24.55 -15.61
N CYS K 155 -58.19 -24.15 -14.35
CA CYS K 155 -57.76 -22.79 -14.00
C CYS K 155 -56.52 -22.33 -14.71
N PRO K 156 -56.67 -21.19 -15.42
CA PRO K 156 -55.55 -20.57 -16.14
C PRO K 156 -54.49 -20.09 -15.15
N VAL K 157 -54.90 -19.82 -13.91
CA VAL K 157 -53.95 -19.34 -12.88
C VAL K 157 -53.20 -20.48 -12.19
N LEU K 158 -53.94 -21.46 -11.76
CA LEU K 158 -53.40 -22.66 -11.05
C LEU K 158 -52.44 -23.38 -12.01
N ASN K 159 -52.77 -23.34 -13.30
CA ASN K 159 -51.92 -23.97 -14.33
C ASN K 159 -50.59 -23.27 -14.51
N LEU K 160 -50.46 -22.05 -14.05
CA LEU K 160 -49.23 -21.27 -14.14
C LEU K 160 -48.18 -21.86 -13.20
N ILE K 161 -48.65 -22.56 -12.18
CA ILE K 161 -47.68 -23.18 -11.22
C ILE K 161 -47.08 -24.42 -11.89
N GLU K 162 -45.78 -24.37 -12.11
CA GLU K 162 -45.00 -25.42 -12.75
C GLU K 162 -45.20 -26.80 -12.16
N GLN K 163 -44.96 -26.91 -10.87
CA GLN K 163 -45.08 -28.16 -10.12
C GLN K 163 -46.44 -28.43 -9.53
N PRO K 164 -47.12 -29.40 -10.11
CA PRO K 164 -48.46 -29.82 -9.70
C PRO K 164 -48.59 -29.97 -8.20
N GLN K 165 -47.56 -30.56 -7.61
CA GLN K 165 -47.54 -30.77 -6.16
C GLN K 165 -47.75 -29.44 -5.44
N ARG K 166 -47.25 -28.33 -6.00
CA ARG K 166 -47.38 -27.03 -5.32
C ARG K 166 -48.78 -26.45 -5.43
N ARG K 167 -49.49 -26.89 -6.47
CA ARG K 167 -50.87 -26.43 -6.69
C ARG K 167 -51.79 -26.82 -5.55
N GLU K 168 -51.55 -28.01 -5.00
CA GLU K 168 -52.33 -28.55 -3.88
C GLU K 168 -52.26 -27.68 -2.63
N THR K 169 -51.16 -26.97 -2.46
CA THR K 169 -51.04 -26.08 -1.28
C THR K 169 -52.09 -24.98 -1.33
N LEU K 170 -52.75 -24.79 -2.47
CA LEU K 170 -53.78 -23.76 -2.59
C LEU K 170 -55.21 -24.23 -2.42
N ILE K 171 -55.40 -25.51 -2.19
CA ILE K 171 -56.77 -26.09 -2.10
C ILE K 171 -57.26 -26.33 -0.71
N ALA K 172 -58.34 -25.67 -0.36
CA ALA K 172 -58.97 -25.77 0.96
C ALA K 172 -59.78 -27.08 1.04
N LYS K 173 -59.61 -27.71 2.18
CA LYS K 173 -60.24 -28.99 2.51
C LYS K 173 -61.58 -28.81 3.22
N ARG K 174 -62.60 -29.18 2.46
CA ARG K 174 -63.99 -29.10 2.88
C ARG K 174 -64.26 -30.00 4.10
N CYS K 175 -64.99 -29.42 5.02
CA CYS K 175 -65.42 -30.03 6.28
C CYS K 175 -66.77 -29.40 6.65
N GLU K 176 -67.19 -29.70 7.87
CA GLU K 176 -68.49 -29.16 8.39
C GLU K 176 -68.19 -28.70 9.82
N VAL K 177 -68.81 -27.60 10.20
CA VAL K 177 -68.59 -27.07 11.59
C VAL K 177 -69.98 -26.82 12.18
N ASP K 178 -70.33 -27.69 13.13
CA ASP K 178 -71.71 -27.56 13.73
C ASP K 178 -72.67 -27.81 12.55
N GLY K 179 -72.33 -28.87 11.83
CA GLY K 179 -73.13 -29.25 10.66
C GLY K 179 -73.31 -28.06 9.72
N LYS K 180 -72.26 -27.27 9.61
CA LYS K 180 -72.26 -26.08 8.68
C LYS K 180 -71.10 -26.37 7.71
N THR K 181 -71.29 -26.05 6.46
CA THR K 181 -70.23 -26.28 5.45
C THR K 181 -69.06 -25.31 5.80
N ALA K 182 -67.92 -25.93 6.00
CA ALA K 182 -66.67 -25.24 6.35
C ALA K 182 -65.56 -25.71 5.40
N TYR K 183 -64.52 -24.91 5.33
CA TYR K 183 -63.32 -25.20 4.50
C TYR K 183 -62.12 -24.74 5.31
N ARG K 184 -61.14 -25.61 5.42
CA ARG K 184 -59.93 -25.29 6.19
C ARG K 184 -58.74 -24.96 5.28
N PHE K 185 -58.25 -23.73 5.47
CA PHE K 185 -57.10 -23.28 4.65
C PHE K 185 -55.92 -22.91 5.57
N ASP K 186 -54.96 -23.83 5.59
CA ASP K 186 -53.75 -23.62 6.41
C ASP K 186 -52.68 -22.98 5.51
N ILE K 187 -51.93 -22.05 6.10
CA ILE K 187 -50.87 -21.36 5.34
C ILE K 187 -49.52 -21.64 5.96
N ARG K 188 -48.63 -22.15 5.13
CA ARG K 188 -47.23 -22.44 5.59
C ARG K 188 -46.35 -21.42 4.85
N ILE K 189 -45.80 -20.50 5.65
CA ILE K 189 -44.98 -19.44 5.07
C ILE K 189 -43.67 -19.97 4.47
N GLN K 190 -43.15 -20.98 5.14
CA GLN K 190 -41.83 -21.50 4.75
C GLN K 190 -41.58 -22.96 5.03
N GLY K 191 -40.75 -23.55 4.17
CA GLY K 191 -40.35 -24.95 4.32
C GLY K 191 -41.27 -25.93 3.65
N GLU K 192 -41.44 -27.06 4.37
CA GLU K 192 -42.26 -28.19 3.90
C GLU K 192 -43.72 -27.79 3.73
N GLY K 193 -44.21 -28.04 2.54
CA GLY K 193 -45.58 -27.71 2.14
C GLY K 193 -45.78 -26.21 1.99
N GLU K 194 -44.68 -25.47 1.81
CA GLU K 194 -44.77 -23.99 1.72
C GLU K 194 -45.86 -23.64 0.70
N THR K 195 -46.73 -22.74 1.11
CA THR K 195 -47.83 -22.27 0.26
C THR K 195 -47.29 -21.39 -0.88
N VAL K 196 -47.92 -21.55 -2.04
CA VAL K 196 -47.55 -20.68 -3.18
C VAL K 196 -48.02 -19.23 -2.88
N PHE K 197 -47.12 -18.33 -3.21
CA PHE K 197 -47.37 -16.88 -3.05
C PHE K 197 -47.12 -16.29 -4.46
N PHE K 198 -47.95 -15.33 -4.77
CA PHE K 198 -48.02 -14.64 -6.04
C PHE K 198 -47.47 -13.20 -6.04
N ASP K 199 -47.09 -12.85 -7.25
CA ASP K 199 -46.59 -11.56 -7.67
C ASP K 199 -47.43 -11.15 -8.92
N PHE K 200 -47.95 -9.95 -8.82
CA PHE K 200 -48.78 -9.38 -9.90
C PHE K 200 -48.78 -7.83 -9.77
N PRO L 1 -71.21 -3.80 -10.71
CA PRO L 1 -70.03 -4.34 -9.96
C PRO L 1 -68.77 -3.72 -10.51
N ALA L 2 -67.61 -4.19 -10.02
CA ALA L 2 -66.31 -3.63 -10.48
C ALA L 2 -65.98 -4.25 -11.85
N GLN L 3 -65.23 -3.49 -12.63
CA GLN L 3 -64.79 -3.89 -13.96
C GLN L 3 -63.26 -3.77 -14.11
N ASP L 4 -62.76 -4.68 -14.91
CA ASP L 4 -61.34 -4.77 -15.24
C ASP L 4 -60.99 -3.83 -16.40
N ASN L 5 -60.56 -2.60 -16.05
CA ASN L 5 -60.20 -1.69 -17.20
C ASN L 5 -58.85 -1.02 -16.95
N SER L 6 -58.19 -1.47 -15.92
CA SER L 6 -56.88 -0.87 -15.56
C SER L 6 -55.80 -1.94 -15.42
N ARG L 7 -54.60 -1.42 -15.57
CA ARG L 7 -53.39 -2.27 -15.40
C ARG L 7 -52.56 -1.45 -14.42
N PHE L 8 -51.83 -2.14 -13.59
CA PHE L 8 -50.99 -1.46 -12.56
C PHE L 8 -49.54 -1.79 -12.84
N VAL L 9 -48.70 -0.77 -12.77
CA VAL L 9 -47.26 -0.90 -13.04
C VAL L 9 -46.70 -2.00 -12.11
N ILE L 10 -45.91 -2.87 -12.70
CA ILE L 10 -45.28 -3.95 -11.90
C ILE L 10 -44.40 -3.27 -10.80
N ARG L 11 -44.55 -3.89 -9.64
CA ARG L 11 -43.85 -3.48 -8.41
C ARG L 11 -42.34 -3.76 -8.57
N ASP L 12 -41.58 -2.89 -7.95
CA ASP L 12 -40.08 -3.07 -7.98
C ASP L 12 -39.75 -3.73 -6.63
N ARG L 13 -39.45 -5.01 -6.68
CA ARG L 13 -39.12 -5.81 -5.51
C ARG L 13 -37.70 -5.69 -5.01
N ASN L 14 -36.95 -4.75 -5.62
CA ASN L 14 -35.57 -4.42 -5.21
C ASN L 14 -35.62 -3.05 -4.52
N TRP L 15 -36.73 -2.37 -4.70
CA TRP L 15 -36.97 -1.03 -4.11
C TRP L 15 -37.54 -1.30 -2.69
N HIS L 16 -38.58 -2.12 -2.68
CA HIS L 16 -39.22 -2.55 -1.40
C HIS L 16 -38.17 -3.46 -0.71
N PRO L 17 -38.36 -3.61 0.60
CA PRO L 17 -37.44 -4.52 1.36
C PRO L 17 -37.75 -5.94 0.88
N LYS L 18 -36.71 -6.77 0.98
CA LYS L 18 -36.85 -8.20 0.60
C LYS L 18 -37.49 -8.88 1.83
N ALA L 19 -37.87 -10.12 1.56
CA ALA L 19 -38.50 -10.98 2.58
C ALA L 19 -37.49 -11.38 3.67
N LEU L 20 -36.30 -11.85 3.20
CA LEU L 20 -35.32 -12.32 4.22
C LEU L 20 -34.31 -11.22 4.52
N THR L 21 -34.49 -10.63 5.68
CA THR L 21 -33.59 -9.52 6.12
C THR L 21 -33.16 -9.90 7.55
N PRO L 22 -32.12 -10.74 7.58
CA PRO L 22 -31.61 -11.29 8.82
C PRO L 22 -31.41 -10.45 10.01
N ASP L 23 -31.04 -9.20 9.95
CA ASP L 23 -30.87 -8.39 11.18
C ASP L 23 -32.20 -8.19 11.91
N TYR L 24 -33.23 -8.33 11.10
CA TYR L 24 -34.64 -8.26 11.58
C TYR L 24 -35.01 -9.76 11.76
N LYS L 25 -34.62 -10.19 12.96
CA LYS L 25 -34.72 -11.54 13.46
C LYS L 25 -35.91 -12.37 13.07
N THR L 26 -37.11 -11.90 13.31
CA THR L 26 -38.37 -12.60 12.98
C THR L 26 -38.57 -12.87 11.50
N SER L 27 -38.01 -12.03 10.62
CA SER L 27 -38.12 -12.28 9.18
C SER L 27 -37.49 -13.64 8.80
N ILE L 28 -36.49 -14.10 9.56
CA ILE L 28 -35.85 -15.37 9.27
C ILE L 28 -36.82 -16.53 9.06
N ALA L 29 -37.68 -16.78 10.01
CA ALA L 29 -38.68 -17.86 9.96
C ALA L 29 -39.96 -17.49 9.27
N ARG L 30 -40.13 -16.22 8.96
CA ARG L 30 -41.39 -15.78 8.28
C ARG L 30 -41.27 -15.31 6.85
N SER L 31 -40.32 -15.82 6.12
CA SER L 31 -40.05 -15.43 4.72
C SER L 31 -40.06 -16.71 3.89
N PRO L 32 -40.78 -16.67 2.80
CA PRO L 32 -40.85 -17.87 1.93
C PRO L 32 -39.45 -18.21 1.41
N ARG L 33 -39.28 -19.48 1.08
CA ARG L 33 -37.98 -19.97 0.55
C ARG L 33 -38.22 -20.24 -0.93
N GLN L 34 -39.45 -20.45 -1.37
CA GLN L 34 -39.66 -20.63 -2.85
C GLN L 34 -39.80 -19.24 -3.48
N ALA L 35 -39.60 -19.14 -4.77
CA ALA L 35 -39.78 -17.82 -5.46
C ALA L 35 -41.29 -17.56 -5.59
N LEU L 36 -41.66 -16.29 -5.65
CA LEU L 36 -43.10 -15.94 -5.85
C LEU L 36 -43.46 -16.39 -7.27
N VAL L 37 -44.72 -16.67 -7.55
CA VAL L 37 -45.19 -17.03 -8.84
C VAL L 37 -45.87 -15.76 -9.46
N SER L 38 -45.30 -15.33 -10.59
CA SER L 38 -45.83 -14.15 -11.27
C SER L 38 -47.08 -14.53 -12.06
N ILE L 39 -48.12 -13.72 -11.92
CA ILE L 39 -49.36 -14.01 -12.68
C ILE L 39 -49.82 -12.69 -13.34
N PRO L 40 -50.44 -12.86 -14.49
CA PRO L 40 -50.94 -11.70 -15.28
C PRO L 40 -52.06 -11.06 -14.48
N GLN L 41 -52.22 -9.75 -14.61
CA GLN L 41 -53.32 -9.08 -13.85
C GLN L 41 -54.67 -9.48 -14.45
N SER L 42 -55.65 -9.71 -13.60
CA SER L 42 -57.02 -10.07 -14.04
C SER L 42 -57.93 -9.18 -13.16
N ILE L 43 -59.21 -9.22 -13.37
CA ILE L 43 -60.21 -8.46 -12.61
C ILE L 43 -60.06 -8.72 -11.10
N SER L 44 -59.58 -9.93 -10.82
CA SER L 44 -59.35 -10.37 -9.42
C SER L 44 -58.33 -9.44 -8.75
N GLU L 45 -57.31 -9.09 -9.51
CA GLU L 45 -56.24 -8.22 -8.99
C GLU L 45 -56.39 -6.75 -9.28
N THR L 46 -57.03 -6.36 -10.35
CA THR L 46 -57.16 -4.93 -10.70
C THR L 46 -58.35 -4.23 -10.07
N THR L 47 -59.11 -4.88 -9.23
CA THR L 47 -60.25 -4.22 -8.54
C THR L 47 -59.99 -4.30 -7.03
N GLY L 48 -60.73 -3.54 -6.27
CA GLY L 48 -60.64 -3.51 -4.81
C GLY L 48 -61.83 -2.70 -4.28
N PRO L 49 -61.98 -2.73 -2.95
CA PRO L 49 -63.07 -2.02 -2.28
C PRO L 49 -62.91 -0.49 -2.37
N ASN L 50 -64.06 0.14 -2.31
CA ASN L 50 -64.23 1.59 -2.28
C ASN L 50 -64.99 1.82 -0.94
N PHE L 51 -64.37 2.62 -0.13
CA PHE L 51 -64.87 2.92 1.21
C PHE L 51 -65.62 4.23 1.28
N SER L 52 -66.07 4.72 0.12
CA SER L 52 -66.84 5.99 0.08
C SER L 52 -68.06 5.97 0.99
N HIS L 53 -68.74 4.86 1.10
CA HIS L 53 -69.93 4.80 1.96
C HIS L 53 -69.69 4.29 3.33
N LEU L 54 -68.42 4.29 3.74
CA LEU L 54 -68.16 3.83 5.15
C LEU L 54 -68.58 4.98 6.07
N GLY L 55 -69.21 4.60 7.18
CA GLY L 55 -69.70 5.62 8.13
C GLY L 55 -68.68 6.03 9.15
N PHE L 56 -67.91 7.07 8.84
CA PHE L 56 -66.86 7.59 9.73
C PHE L 56 -67.37 8.54 10.81
N GLY L 57 -66.84 8.38 12.00
CA GLY L 57 -67.18 9.26 13.14
C GLY L 57 -66.51 10.62 12.81
N ALA L 58 -66.97 11.64 13.51
CA ALA L 58 -66.49 13.00 13.33
C ALA L 58 -65.06 13.20 13.81
N HIS L 59 -64.67 12.40 14.76
CA HIS L 59 -63.28 12.54 15.28
C HIS L 59 -62.37 11.40 14.85
N ASP L 60 -62.82 10.65 13.84
CA ASP L 60 -62.09 9.50 13.34
C ASP L 60 -60.62 9.76 13.04
N HIS L 61 -60.32 10.93 12.53
CA HIS L 61 -58.94 11.31 12.20
C HIS L 61 -58.30 12.22 13.22
N ASP L 62 -58.87 12.36 14.39
CA ASP L 62 -58.32 13.28 15.43
C ASP L 62 -58.07 12.55 16.73
N LEU L 63 -56.82 12.12 16.85
CA LEU L 63 -56.32 11.34 18.00
C LEU L 63 -56.30 12.13 19.29
N LEU L 64 -56.50 13.44 19.16
CA LEU L 64 -56.52 14.29 20.36
C LEU L 64 -57.88 14.19 21.07
N LEU L 65 -58.93 13.86 20.32
CA LEU L 65 -60.28 13.77 20.84
C LEU L 65 -60.97 12.44 20.67
N ASN L 66 -60.47 11.53 19.83
CA ASN L 66 -61.19 10.30 19.56
C ASN L 66 -61.09 9.18 20.56
N PHE L 67 -60.37 9.34 21.66
CA PHE L 67 -60.29 8.21 22.61
C PHE L 67 -61.36 8.38 23.73
N GLY L 71 -59.83 14.28 29.07
CA GLY L 71 -58.76 15.23 28.90
C GLY L 71 -57.98 15.11 27.59
N LEU L 72 -56.91 15.86 27.53
CA LEU L 72 -56.00 15.90 26.37
C LEU L 72 -54.81 15.00 26.63
N PRO L 73 -54.40 14.28 25.60
CA PRO L 73 -53.21 13.41 25.72
C PRO L 73 -52.00 14.34 26.03
N ILE L 74 -51.05 13.76 26.77
CA ILE L 74 -49.79 14.49 27.06
C ILE L 74 -48.83 14.20 25.88
N GLY L 75 -48.14 15.20 25.38
CA GLY L 75 -47.23 15.03 24.25
C GLY L 75 -47.30 16.18 23.27
N GLU L 76 -46.40 16.09 22.27
CA GLU L 76 -46.23 17.11 21.23
C GLU L 76 -47.37 17.05 20.21
N ARG L 77 -48.09 18.12 20.24
CA ARG L 77 -49.27 18.32 19.34
C ARG L 77 -48.78 18.54 17.91
N ILE L 78 -49.24 17.70 17.02
CA ILE L 78 -48.87 17.76 15.62
C ILE L 78 -50.02 17.37 14.68
N ILE L 79 -49.87 17.90 13.47
CA ILE L 79 -50.79 17.56 12.39
C ILE L 79 -49.94 16.69 11.41
N VAL L 80 -50.49 15.57 11.00
CA VAL L 80 -49.81 14.72 9.98
C VAL L 80 -50.73 14.86 8.74
N ALA L 81 -50.16 15.45 7.70
CA ALA L 81 -50.94 15.65 6.45
C ALA L 81 -50.09 15.40 5.22
N GLY L 82 -50.77 15.15 4.11
CA GLY L 82 -50.12 14.92 2.83
C GLY L 82 -51.15 14.50 1.79
N ARG L 83 -50.57 14.02 0.72
CA ARG L 83 -51.38 13.56 -0.44
C ARG L 83 -50.98 12.17 -0.91
N VAL L 84 -51.95 11.49 -1.48
CA VAL L 84 -51.80 10.16 -2.06
C VAL L 84 -51.90 10.32 -3.60
N VAL L 85 -50.80 9.95 -4.22
CA VAL L 85 -50.73 9.97 -5.70
C VAL L 85 -50.21 8.58 -6.17
N ASP L 86 -50.33 8.34 -7.43
CA ASP L 86 -49.86 7.10 -8.09
C ASP L 86 -48.53 7.47 -8.71
N GLN L 87 -47.83 6.57 -9.32
CA GLN L 87 -46.51 6.78 -9.91
C GLN L 87 -46.55 7.78 -11.06
N TYR L 88 -47.75 7.96 -11.64
CA TYR L 88 -47.89 8.93 -12.75
C TYR L 88 -48.08 10.33 -12.20
N GLY L 89 -48.20 10.47 -10.90
CA GLY L 89 -48.42 11.78 -10.26
C GLY L 89 -49.90 12.14 -10.16
N LYS L 90 -50.78 11.21 -10.46
CA LYS L 90 -52.24 11.42 -10.41
C LYS L 90 -52.69 11.24 -8.98
N PRO L 91 -53.59 12.08 -8.54
CA PRO L 91 -54.13 12.03 -7.17
C PRO L 91 -55.03 10.79 -7.10
N VAL L 92 -55.14 10.26 -5.90
CA VAL L 92 -55.97 9.09 -5.58
C VAL L 92 -57.04 9.60 -4.55
N PRO L 93 -58.17 10.02 -5.16
CA PRO L 93 -59.31 10.55 -4.37
C PRO L 93 -60.10 9.42 -3.72
N ASN L 94 -60.72 9.78 -2.61
CA ASN L 94 -61.58 8.94 -1.82
C ASN L 94 -60.99 7.58 -1.47
N THR L 95 -59.72 7.58 -1.09
CA THR L 95 -59.07 6.29 -0.73
C THR L 95 -58.93 6.21 0.79
N LEU L 96 -58.90 4.98 1.31
CA LEU L 96 -58.79 4.81 2.75
C LEU L 96 -57.35 4.81 3.28
N VAL L 97 -57.11 5.65 4.24
CA VAL L 97 -55.90 5.86 4.99
C VAL L 97 -56.14 5.59 6.50
N GLU L 98 -55.49 4.56 6.99
CA GLU L 98 -55.58 4.16 8.40
C GLU L 98 -54.19 4.27 9.02
N MET L 99 -54.12 4.58 10.29
CA MET L 99 -52.90 4.77 11.05
C MET L 99 -53.08 4.39 12.52
N TRP L 100 -52.03 3.98 13.18
CA TRP L 100 -51.93 3.54 14.57
C TRP L 100 -50.49 3.85 15.03
N GLN L 101 -50.28 4.05 16.27
CA GLN L 101 -48.97 4.43 16.85
C GLN L 101 -49.01 4.27 18.37
N ALA L 102 -47.87 4.48 18.98
CA ALA L 102 -47.79 4.44 20.46
C ALA L 102 -47.99 5.89 20.95
N ASN L 103 -48.00 6.03 22.26
CA ASN L 103 -48.15 7.33 22.91
C ASN L 103 -46.79 8.05 22.94
N ALA L 104 -46.80 9.18 23.63
CA ALA L 104 -45.59 10.02 23.74
C ALA L 104 -44.39 9.33 24.36
N GLY L 105 -44.63 8.31 25.20
CA GLY L 105 -43.58 7.57 25.86
C GLY L 105 -43.17 6.29 25.16
N GLY L 106 -43.78 6.02 24.01
CA GLY L 106 -43.47 4.82 23.25
C GLY L 106 -44.27 3.60 23.69
N ARG L 107 -45.36 3.80 24.42
CA ARG L 107 -46.24 2.69 24.86
C ARG L 107 -47.45 2.50 23.96
N TYR L 108 -47.70 1.25 23.54
CA TYR L 108 -48.89 0.94 22.71
C TYR L 108 -50.05 0.53 23.66
N ARG L 109 -51.24 0.77 23.14
CA ARG L 109 -52.48 0.44 23.90
C ARG L 109 -52.96 -0.89 23.30
N HIS L 110 -52.23 -1.91 23.71
CA HIS L 110 -52.40 -3.30 23.28
C HIS L 110 -51.94 -4.21 24.41
N LYS L 111 -52.70 -5.27 24.58
CA LYS L 111 -52.54 -6.30 25.59
C LYS L 111 -51.07 -6.75 25.79
N ASN L 112 -50.48 -7.09 24.65
CA ASN L 112 -49.15 -7.62 24.55
C ASN L 112 -48.02 -6.64 24.81
N ASP L 113 -48.29 -5.35 24.93
CA ASP L 113 -47.21 -4.36 25.17
C ASP L 113 -46.98 -4.16 26.65
N ARG L 114 -45.83 -4.72 27.08
CA ARG L 114 -45.43 -4.66 28.49
C ARG L 114 -44.29 -3.71 28.75
N TYR L 115 -44.15 -2.72 27.87
CA TYR L 115 -43.04 -1.75 28.05
C TYR L 115 -43.43 -0.95 29.32
N LEU L 116 -42.44 -0.67 30.11
CA LEU L 116 -42.64 0.03 31.36
C LEU L 116 -43.10 1.47 31.27
N ALA L 117 -43.06 2.12 30.12
CA ALA L 117 -43.56 3.54 30.07
C ALA L 117 -45.09 3.44 30.18
N PRO L 118 -45.70 4.34 30.93
CA PRO L 118 -47.13 4.29 31.15
C PRO L 118 -48.04 4.58 29.98
N LEU L 119 -49.28 4.11 30.17
CA LEU L 119 -50.37 4.38 29.21
C LEU L 119 -50.85 5.81 29.55
N ASP L 120 -51.40 6.43 28.55
CA ASP L 120 -51.97 7.78 28.58
C ASP L 120 -53.50 7.58 28.49
N PRO L 121 -54.13 7.92 29.63
CA PRO L 121 -55.58 7.80 29.80
C PRO L 121 -56.37 8.52 28.73
N ASN L 122 -55.84 9.57 28.13
CA ASN L 122 -56.56 10.33 27.09
C ASN L 122 -56.13 9.94 25.69
N PHE L 123 -55.41 8.84 25.56
CA PHE L 123 -54.88 8.45 24.24
C PHE L 123 -55.09 6.99 23.88
N GLY L 124 -55.59 6.82 22.66
CA GLY L 124 -55.87 5.48 22.08
C GLY L 124 -54.75 5.11 21.06
N GLY L 125 -54.60 5.87 20.00
CA GLY L 125 -53.60 5.69 18.97
C GLY L 125 -54.05 5.15 17.63
N VAL L 126 -55.30 5.34 17.24
CA VAL L 126 -55.87 4.88 15.98
C VAL L 126 -56.63 6.00 15.31
N GLY L 127 -56.50 6.04 13.97
CA GLY L 127 -57.17 7.04 13.15
C GLY L 127 -57.41 6.49 11.75
N ARG L 128 -58.31 7.17 11.05
CA ARG L 128 -58.65 6.81 9.66
C ARG L 128 -59.20 8.10 9.04
N CYS L 129 -58.95 8.23 7.75
CA CYS L 129 -59.31 9.38 6.95
C CYS L 129 -59.52 8.94 5.50
N LEU L 130 -60.62 9.45 4.92
CA LEU L 130 -60.80 9.10 3.46
C LEU L 130 -60.15 10.30 2.71
N THR L 131 -59.39 10.03 1.67
CA THR L 131 -58.76 11.19 0.95
C THR L 131 -59.89 11.94 0.22
N ASP L 132 -59.66 13.22 0.07
CA ASP L 132 -60.58 14.14 -0.61
C ASP L 132 -60.34 14.02 -2.13
N SER L 133 -61.05 14.88 -2.85
CA SER L 133 -60.98 14.85 -4.31
C SER L 133 -59.58 15.07 -4.81
N ASP L 134 -58.75 15.75 -4.07
CA ASP L 134 -57.37 15.99 -4.50
C ASP L 134 -56.32 15.01 -4.01
N GLY L 135 -56.78 13.98 -3.32
CA GLY L 135 -55.92 12.97 -2.75
C GLY L 135 -55.31 13.37 -1.41
N TYR L 136 -55.86 14.37 -0.73
CA TYR L 136 -55.36 14.85 0.56
C TYR L 136 -56.04 14.20 1.76
N TYR L 137 -55.19 14.06 2.80
CA TYR L 137 -55.69 13.46 4.07
C TYR L 137 -54.97 14.27 5.17
N SER L 138 -55.48 14.12 6.37
CA SER L 138 -54.83 14.78 7.51
C SER L 138 -55.32 14.07 8.78
N PHE L 139 -54.44 14.18 9.75
CA PHE L 139 -54.59 13.62 11.07
C PHE L 139 -54.05 14.67 12.07
N ARG L 140 -54.53 14.51 13.26
CA ARG L 140 -54.11 15.38 14.38
C ARG L 140 -53.81 14.39 15.50
N THR L 141 -52.59 14.51 16.00
CA THR L 141 -52.18 13.50 17.04
C THR L 141 -51.02 14.10 17.84
N ILE L 142 -50.38 13.16 18.56
CA ILE L 142 -49.19 13.54 19.33
C ILE L 142 -48.00 12.74 18.73
N LYS L 143 -46.83 13.35 18.76
CA LYS L 143 -45.64 12.63 18.19
C LYS L 143 -45.31 11.46 19.12
N PRO L 144 -45.26 10.26 18.57
CA PRO L 144 -44.99 9.05 19.35
C PRO L 144 -43.51 9.02 19.74
N GLY L 145 -43.21 8.35 20.83
CA GLY L 145 -41.83 8.17 21.32
C GLY L 145 -41.31 6.81 20.79
N PRO L 146 -39.97 6.74 20.72
CA PRO L 146 -39.29 5.49 20.28
C PRO L 146 -39.53 4.42 21.34
N TYR L 147 -39.23 3.17 21.04
CA TYR L 147 -39.37 2.09 22.02
C TYR L 147 -38.44 0.89 21.70
N PRO L 148 -38.08 0.26 22.83
CA PRO L 148 -37.16 -0.88 22.80
C PRO L 148 -37.94 -2.10 22.37
N TRP L 149 -37.25 -3.07 21.80
CA TRP L 149 -37.86 -4.31 21.35
C TRP L 149 -36.77 -5.41 21.41
N ARG L 150 -37.26 -6.62 21.59
CA ARG L 150 -36.33 -7.76 21.67
C ARG L 150 -35.91 -8.20 20.28
N ASN L 151 -34.84 -7.62 19.77
CA ASN L 151 -34.26 -7.98 18.45
C ASN L 151 -32.78 -8.26 18.92
N GLY L 152 -31.98 -7.23 18.74
CA GLY L 152 -30.57 -7.31 19.26
C GLY L 152 -30.78 -6.94 20.76
N PRO L 153 -29.71 -7.01 21.52
CA PRO L 153 -29.77 -6.67 22.97
C PRO L 153 -30.09 -5.23 23.27
N ASN L 154 -29.89 -4.30 22.34
CA ASN L 154 -30.23 -2.88 22.65
C ASN L 154 -30.83 -2.24 21.39
N ASP L 155 -31.88 -2.79 20.89
CA ASP L 155 -32.57 -2.29 19.66
C ASP L 155 -33.72 -1.36 20.09
N TRP L 156 -33.77 -0.23 19.42
CA TRP L 156 -34.78 0.82 19.67
C TRP L 156 -35.44 1.25 18.37
N ARG L 157 -36.75 1.16 18.32
CA ARG L 157 -37.42 1.62 17.07
C ARG L 157 -37.41 3.19 17.14
N PRO L 158 -37.12 3.78 15.99
CA PRO L 158 -37.21 5.27 15.88
C PRO L 158 -38.74 5.61 15.97
N ALA L 159 -39.06 6.80 16.43
CA ALA L 159 -40.47 7.23 16.49
C ALA L 159 -41.08 7.03 15.09
N HIS L 160 -42.28 6.49 15.06
CA HIS L 160 -42.96 6.18 13.78
C HIS L 160 -44.46 6.04 14.00
N ILE L 161 -45.21 6.15 12.95
CA ILE L 161 -46.67 6.01 12.84
C ILE L 161 -46.90 4.99 11.72
N HIS L 162 -47.67 3.99 12.07
CA HIS L 162 -47.94 2.94 11.01
C HIS L 162 -49.04 3.44 10.08
N PHE L 163 -48.93 3.12 8.81
CA PHE L 163 -49.86 3.50 7.78
C PHE L 163 -50.34 2.32 6.92
N GLY L 164 -51.63 2.42 6.62
CA GLY L 164 -52.29 1.41 5.73
C GLY L 164 -53.06 2.27 4.69
N ILE L 165 -52.85 2.04 3.43
CA ILE L 165 -53.48 2.69 2.30
C ILE L 165 -54.10 1.67 1.32
N SER L 166 -55.39 1.85 1.05
CA SER L 166 -56.12 0.95 0.14
C SER L 166 -55.79 1.13 -1.33
N GLY L 167 -55.92 2.36 -1.81
CA GLY L 167 -55.70 2.69 -3.24
C GLY L 167 -56.91 2.14 -3.99
N PRO L 168 -56.83 2.18 -5.33
CA PRO L 168 -57.88 1.70 -6.19
C PRO L 168 -58.04 0.21 -6.31
N SER L 169 -57.05 -0.59 -5.89
CA SER L 169 -57.22 -2.05 -6.05
C SER L 169 -56.45 -2.81 -4.95
N ILE L 170 -56.65 -4.12 -4.95
CA ILE L 170 -55.93 -4.94 -3.94
C ILE L 170 -54.44 -4.93 -4.37
N ALA L 171 -54.22 -4.58 -5.61
CA ALA L 171 -52.87 -4.50 -6.17
C ALA L 171 -52.07 -3.32 -5.61
N THR L 172 -52.72 -2.24 -5.26
CA THR L 172 -52.14 -1.03 -4.74
C THR L 172 -52.10 -0.98 -3.22
N LYS L 173 -52.92 -1.83 -2.58
CA LYS L 173 -52.96 -1.79 -1.08
C LYS L 173 -51.52 -1.90 -0.53
N LEU L 174 -51.26 -1.07 0.47
CA LEU L 174 -49.98 -0.99 1.13
C LEU L 174 -50.02 -0.65 2.60
N ILE L 175 -49.06 -1.22 3.30
CA ILE L 175 -48.76 -1.01 4.70
C ILE L 175 -47.28 -0.55 4.80
N THR L 176 -47.11 0.53 5.58
CA THR L 176 -45.74 1.08 5.73
C THR L 176 -45.66 1.81 7.06
N GLN L 177 -44.53 2.50 7.22
CA GLN L 177 -44.29 3.30 8.42
C GLN L 177 -43.69 4.66 8.01
N LEU L 178 -44.09 5.66 8.74
CA LEU L 178 -43.63 7.04 8.62
C LEU L 178 -42.59 7.24 9.77
N TYR L 179 -41.52 7.90 9.44
CA TYR L 179 -40.46 8.26 10.39
C TYR L 179 -40.39 9.79 10.42
N PHE L 180 -39.74 10.32 11.42
CA PHE L 180 -39.64 11.77 11.61
C PHE L 180 -38.25 12.32 11.26
N GLU L 181 -38.27 13.39 10.47
CA GLU L 181 -37.11 14.09 10.00
C GLU L 181 -36.11 14.40 11.10
N GLY L 182 -34.86 13.94 10.85
CA GLY L 182 -33.72 14.12 11.69
C GLY L 182 -33.59 13.17 12.88
N ASP L 183 -34.49 12.23 13.02
CA ASP L 183 -34.38 11.27 14.19
C ASP L 183 -33.12 10.46 14.05
N PRO L 184 -32.25 10.55 15.07
CA PRO L 184 -30.96 9.83 15.04
C PRO L 184 -31.05 8.31 15.08
N LEU L 185 -32.18 7.75 15.52
CA LEU L 185 -32.38 6.33 15.56
C LEU L 185 -32.62 5.71 14.16
N ILE L 186 -33.04 6.51 13.20
CA ILE L 186 -33.35 5.99 11.89
C ILE L 186 -32.33 5.06 11.22
N PRO L 187 -31.12 5.55 11.05
CA PRO L 187 -30.05 4.80 10.41
C PRO L 187 -29.66 3.55 11.19
N MET L 188 -30.03 3.47 12.45
CA MET L 188 -29.65 2.28 13.24
C MET L 188 -30.67 1.18 13.24
N CYS L 189 -31.91 1.41 12.89
CA CYS L 189 -32.99 0.44 12.91
C CYS L 189 -32.83 -0.62 11.81
N PRO L 190 -32.97 -1.87 12.25
CA PRO L 190 -32.87 -3.05 11.39
C PRO L 190 -34.10 -3.22 10.50
N ILE L 191 -35.25 -2.69 10.91
CA ILE L 191 -36.46 -2.71 10.10
C ILE L 191 -36.32 -1.68 8.96
N VAL L 192 -35.83 -0.48 9.29
CA VAL L 192 -35.61 0.60 8.30
C VAL L 192 -34.66 -0.01 7.24
N LYS L 193 -33.55 -0.51 7.77
CA LYS L 193 -32.54 -1.19 6.96
C LYS L 193 -33.03 -2.40 6.18
N SER L 194 -34.30 -2.80 6.37
CA SER L 194 -34.77 -3.97 5.53
C SER L 194 -34.77 -3.44 4.08
N ILE L 195 -34.72 -2.12 3.99
CA ILE L 195 -34.71 -1.38 2.72
C ILE L 195 -33.28 -1.21 2.23
N ALA L 196 -32.94 -1.83 1.12
CA ALA L 196 -31.61 -1.77 0.53
C ALA L 196 -31.14 -0.42 0.02
N ASN L 197 -31.95 0.38 -0.59
CA ASN L 197 -31.58 1.70 -1.14
C ASN L 197 -31.91 2.86 -0.22
N PRO L 198 -30.90 3.69 0.05
CA PRO L 198 -31.03 4.85 0.92
C PRO L 198 -32.04 5.85 0.36
N GLU L 199 -32.17 5.80 -0.96
CA GLU L 199 -33.14 6.70 -1.63
C GLU L 199 -34.56 6.29 -1.26
N ALA L 200 -34.76 5.00 -1.10
CA ALA L 200 -36.09 4.47 -0.73
C ALA L 200 -36.44 4.88 0.71
N VAL L 201 -35.40 4.88 1.55
CA VAL L 201 -35.56 5.22 2.97
C VAL L 201 -36.06 6.65 3.15
N GLN L 202 -35.55 7.54 2.32
CA GLN L 202 -35.93 8.97 2.37
C GLN L 202 -37.41 9.19 2.10
N GLN L 203 -38.00 8.28 1.32
CA GLN L 203 -39.41 8.33 0.97
C GLN L 203 -40.26 8.10 2.23
N LEU L 204 -39.71 7.49 3.26
CA LEU L 204 -40.43 7.21 4.50
C LEU L 204 -40.31 8.27 5.60
N ILE L 205 -39.63 9.34 5.27
CA ILE L 205 -39.42 10.41 6.26
C ILE L 205 -40.32 11.61 6.07
N ALA L 206 -41.13 11.90 7.06
CA ALA L 206 -42.03 13.04 7.07
C ALA L 206 -41.17 14.30 7.35
N LYS L 207 -41.42 15.36 6.59
CA LYS L 207 -40.73 16.62 6.76
C LYS L 207 -41.53 17.64 7.58
N LEU L 208 -40.77 18.31 8.45
CA LEU L 208 -41.37 19.36 9.29
C LEU L 208 -42.01 20.36 8.30
N ASP L 209 -43.23 20.76 8.60
CA ASP L 209 -43.96 21.69 7.72
C ASP L 209 -44.50 22.88 8.52
N MET L 210 -43.70 23.91 8.64
CA MET L 210 -44.03 25.12 9.38
C MET L 210 -45.24 25.86 8.77
N ASN L 211 -45.39 25.78 7.47
CA ASN L 211 -46.47 26.40 6.71
C ASN L 211 -47.85 25.86 7.13
N ASN L 212 -47.95 24.62 7.50
CA ASN L 212 -49.22 23.97 7.87
C ASN L 212 -49.52 23.94 9.35
N ALA L 213 -48.62 24.50 10.13
CA ALA L 213 -48.72 24.53 11.58
C ALA L 213 -49.72 25.56 12.10
N ASN L 214 -50.29 25.31 13.27
CA ASN L 214 -51.18 26.29 13.90
C ASN L 214 -50.34 26.98 14.99
N PRO L 215 -50.03 28.24 14.76
CA PRO L 215 -49.23 29.04 15.70
C PRO L 215 -49.78 28.96 17.08
N MET L 216 -48.93 28.96 18.06
CA MET L 216 -49.25 28.85 19.49
C MET L 216 -50.08 27.61 19.77
N ASP L 217 -50.11 26.65 18.85
CA ASP L 217 -50.94 25.45 19.02
C ASP L 217 -50.28 24.12 18.75
N CYS L 218 -50.05 23.83 17.46
CA CYS L 218 -49.44 22.54 17.09
C CYS L 218 -48.54 22.69 15.88
N LEU L 219 -47.58 21.81 15.78
CA LEU L 219 -46.64 21.77 14.62
C LEU L 219 -47.30 20.82 13.58
N ALA L 220 -46.67 20.73 12.41
CA ALA L 220 -47.15 19.87 11.33
C ALA L 220 -46.00 19.23 10.54
N TYR L 221 -46.32 18.02 10.08
CA TYR L 221 -45.45 17.17 9.29
C TYR L 221 -46.19 16.79 8.02
N ARG L 222 -45.42 16.75 6.95
CA ARG L 222 -45.91 16.42 5.61
C ARG L 222 -45.39 15.03 5.22
N PHE L 223 -46.27 14.19 4.75
CA PHE L 223 -45.97 12.81 4.35
C PHE L 223 -46.83 12.47 3.13
N ASP L 224 -46.16 12.42 1.98
CA ASP L 224 -46.91 12.08 0.73
C ASP L 224 -46.66 10.60 0.47
N ILE L 225 -47.61 9.99 -0.20
CA ILE L 225 -47.56 8.58 -0.51
C ILE L 225 -47.80 8.33 -1.99
N VAL L 226 -46.99 7.43 -2.52
CA VAL L 226 -47.04 7.04 -3.91
C VAL L 226 -47.47 5.58 -4.08
N LEU L 227 -48.62 5.44 -4.75
CA LEU L 227 -49.14 4.09 -5.06
C LEU L 227 -48.74 3.72 -6.49
N ARG L 228 -48.87 2.43 -6.73
CA ARG L 228 -48.52 1.91 -8.07
C ARG L 228 -49.28 2.71 -9.14
N GLY L 229 -48.55 3.11 -10.18
CA GLY L 229 -49.18 3.89 -11.27
C GLY L 229 -50.24 3.04 -11.98
N GLN L 230 -51.38 3.69 -12.22
CA GLN L 230 -52.51 3.03 -12.92
C GLN L 230 -52.57 3.51 -14.35
N ARG L 231 -52.79 2.59 -15.26
CA ARG L 231 -52.90 2.89 -16.68
C ARG L 231 -53.99 2.03 -17.30
N LYS L 232 -54.44 2.53 -18.45
CA LYS L 232 -55.52 1.78 -19.19
C LYS L 232 -54.78 0.65 -19.95
N THR L 233 -55.64 -0.30 -20.29
CA THR L 233 -55.13 -1.50 -21.05
C THR L 233 -54.95 -1.02 -22.49
N HIS L 234 -54.06 -1.63 -23.20
CA HIS L 234 -53.83 -1.25 -24.62
C HIS L 234 -53.37 -2.51 -25.38
N PHE L 235 -53.84 -2.63 -26.59
CA PHE L 235 -53.57 -3.70 -27.54
C PHE L 235 -53.57 -5.07 -26.89
N GLU L 236 -54.29 -5.19 -25.81
CA GLU L 236 -54.37 -6.46 -25.07
C GLU L 236 -55.15 -7.53 -25.80
FE FE M . 21.97 -9.41 1.27
C1 BME N . 14.62 -23.52 -15.01
C2 BME N . 15.99 -23.36 -14.37
O1 BME N . 14.18 -22.26 -15.58
S2 BME N . 17.11 -22.66 -15.60
C8 3HP O . 26.11 -4.92 5.01
O1 3HP O . 26.34 -5.69 6.02
O2 3HP O . 26.95 -4.15 4.47
C7 3HP O . 24.64 -4.92 4.62
C1 3HP O . 24.33 -5.58 3.30
C2 3HP O . 24.24 -6.96 3.09
C3 3HP O . 23.88 -7.42 1.79
C4 3HP O . 23.64 -6.55 0.74
C5 3HP O . 23.77 -5.20 0.94
C6 3HP O . 24.09 -4.70 2.23
O3 3HP O . 23.81 -8.77 1.58
FE FE P . 21.78 33.84 17.88
C1 BME Q . 9.91 29.06 36.68
C2 BME Q . 11.38 29.00 36.35
O1 BME Q . 9.14 28.14 35.95
S2 BME Q . 12.07 27.34 36.45
C8 3HP R . 26.98 34.27 13.05
O1 3HP R . 27.39 35.45 13.29
O2 3HP R . 27.75 33.27 12.77
C7 3HP R . 25.47 34.17 13.02
C1 3HP R . 24.82 33.37 14.11
C2 3HP R . 24.54 33.83 15.41
C3 3HP R . 23.84 32.97 16.30
C4 3HP R . 23.42 31.68 15.92
C5 3HP R . 23.73 31.25 14.65
C6 3HP R . 24.41 32.07 13.73
O3 3HP R . 23.60 33.31 17.60
FE FE S . 28.06 26.57 -27.36
C1 BME T . 21.25 47.57 -33.91
C2 BME T . 22.51 46.81 -33.53
O1 BME T . 20.32 47.51 -32.81
S2 BME T . 23.24 47.54 -32.06
C8 3HP U . 31.91 21.36 -24.64
O1 3HP U . 32.61 20.98 -25.61
O2 3HP U . 32.39 21.50 -23.46
C7 3HP U . 30.45 21.63 -24.97
C1 3HP U . 30.05 23.09 -24.76
C2 3HP U . 30.13 24.07 -25.75
C3 3HP U . 29.69 25.38 -25.46
C4 3HP U . 29.22 25.75 -24.22
C5 3HP U . 29.17 24.79 -23.21
C6 3HP U . 29.58 23.45 -23.46
O3 3HP U . 29.79 26.36 -26.41
FE FE V . -3.70 -20.86 11.42
C1 BME W . 5.90 -10.11 29.68
C2 BME W . 5.27 -11.47 29.24
O1 BME W . 5.25 -9.09 28.92
S2 BME W . 3.67 -11.54 30.06
C8 3HP X . -7.89 -24.84 7.52
O1 3HP X . -7.07 -25.83 7.37
O2 3HP X . -9.15 -25.00 7.74
C7 3HP X . -7.27 -23.46 7.35
C1 3HP X . -7.13 -22.67 8.64
C2 3HP X . -6.07 -22.80 9.55
C3 3HP X . -5.98 -21.95 10.66
C4 3HP X . -6.95 -20.97 10.92
C5 3HP X . -7.99 -20.82 10.01
C6 3HP X . -8.10 -21.67 8.88
O3 3HP X . -4.98 -22.14 11.57
FE FE Y . -32.09 -17.46 -25.08
C1 BME Z . -15.56 -19.51 -40.90
C2 BME Z . -16.52 -20.11 -39.83
O1 BME Z . -14.59 -18.71 -40.17
S2 BME Z . -15.54 -21.39 -38.97
C8 3HP AA . -36.57 -18.68 -19.63
O1 3HP AA . -37.57 -18.87 -20.40
O2 3HP AA . -36.36 -19.40 -18.60
C7 3HP AA . -35.70 -17.48 -19.95
C1 3HP AA . -34.40 -17.77 -20.64
C2 3HP AA . -34.26 -18.10 -22.01
C3 3HP AA . -32.96 -18.31 -22.51
C4 3HP AA . -31.81 -18.19 -21.72
C5 3HP AA . -31.96 -17.86 -20.40
C6 3HP AA . -33.26 -17.68 -19.84
O3 3HP AA . -32.81 -18.65 -23.85
FE FE BA . -44.65 0.31 15.95
C1 BME CA . -59.52 15.26 7.32
C2 BME CA . -59.61 13.81 7.86
O1 BME CA . -58.87 15.28 6.05
S2 BME CA . -60.12 12.69 6.52
C8 3HP DA . -41.42 -5.54 17.79
O1 3HP DA . -41.79 -5.45 19.00
O2 3HP DA . -41.41 -6.63 17.11
C7 3HP DA . -40.93 -4.25 17.18
C1 3HP DA . -41.94 -3.56 16.27
C2 3HP DA . -43.07 -2.84 16.69
C3 3HP DA . -43.86 -2.17 15.71
C4 3HP DA . -43.55 -2.26 14.35
C5 3HP DA . -42.44 -2.97 13.95
C6 3HP DA . -41.63 -3.62 14.90
O3 3HP DA . -45.04 -1.56 16.09
#